data_9EWX
#
_entry.id   9EWX
#
_entity_poly.entity_id   1
_entity_poly.type   'polypeptide(L)'
_entity_poly.pdbx_seq_one_letter_code
;FTLIELMIVVAIIGILAAIAIPQYQNYVARSEGASALATINPLKTTVEESLSRGIAGSKIKIGTTASTATETYVGVEPDA
NKLGVIAVAIEDSGAGDITFTFQTGTSSPKNATKVITLNRTADGVWACKSTQDPMFTPKGCDN
;
_entity_poly.pdbx_strand_id   A,B,C,D,E,F,G,H,I,J,K,L,M,N,O,P,Q,R,S,T,U,V,W
#
# COMPACT_ATOMS: atom_id res chain seq x y z
N PHE A 1 18.92 -44.70 -30.17
CA PHE A 1 18.34 -45.04 -31.46
C PHE A 1 17.66 -43.83 -32.09
N THR A 2 17.98 -43.57 -33.35
CA THR A 2 17.43 -42.44 -34.08
C THR A 2 16.52 -42.94 -35.19
N LEU A 3 15.59 -42.09 -35.62
CA LEU A 3 14.70 -42.47 -36.71
C LEU A 3 15.43 -42.63 -38.02
N ILE A 4 16.51 -41.88 -38.22
CA ILE A 4 17.31 -42.07 -39.43
C ILE A 4 17.98 -43.44 -39.43
N GLU A 5 18.42 -43.91 -38.26
CA GLU A 5 18.99 -45.24 -38.15
C GLU A 5 17.99 -46.30 -38.57
N LEU A 6 16.76 -46.21 -38.08
CA LEU A 6 15.74 -47.20 -38.39
C LEU A 6 15.26 -47.11 -39.82
N MET A 7 15.18 -45.89 -40.37
CA MET A 7 14.76 -45.74 -41.76
C MET A 7 15.82 -46.28 -42.72
N ILE A 8 17.10 -46.10 -42.40
CA ILE A 8 18.15 -46.71 -43.20
C ILE A 8 18.04 -48.23 -43.15
N VAL A 9 17.74 -48.78 -41.97
CA VAL A 9 17.56 -50.23 -41.84
C VAL A 9 16.39 -50.71 -42.69
N VAL A 10 15.28 -49.97 -42.66
CA VAL A 10 14.12 -50.34 -43.46
C VAL A 10 14.45 -50.29 -44.94
N ALA A 11 15.16 -49.24 -45.38
CA ALA A 11 15.53 -49.13 -46.78
C ALA A 11 16.44 -50.27 -47.21
N ILE A 12 17.41 -50.64 -46.36
CA ILE A 12 18.31 -51.73 -46.71
C ILE A 12 17.59 -53.07 -46.68
N ILE A 13 16.59 -53.20 -45.80
CA ILE A 13 15.76 -54.41 -45.81
C ILE A 13 15.00 -54.52 -47.13
N GLY A 14 14.42 -53.41 -47.59
CA GLY A 14 13.73 -53.43 -48.87
C GLY A 14 14.65 -53.70 -50.04
N ILE A 15 15.86 -53.13 -50.00
CA ILE A 15 16.83 -53.34 -51.06
C ILE A 15 17.32 -54.79 -51.07
N LEU A 16 17.53 -55.37 -49.89
CA LEU A 16 17.98 -56.75 -49.79
C LEU A 16 16.90 -57.73 -50.22
N ALA A 17 15.64 -57.31 -50.15
CA ALA A 17 14.56 -58.03 -50.80
C ALA A 17 14.57 -57.67 -52.29
N ALA A 18 13.50 -57.99 -53.00
CA ALA A 18 13.35 -57.68 -54.42
C ALA A 18 14.39 -58.37 -55.29
N ILE A 19 15.18 -59.27 -54.75
CA ILE A 19 16.14 -60.04 -55.54
C ILE A 19 15.35 -61.01 -56.40
N ALA A 20 15.47 -60.86 -57.72
CA ALA A 20 14.70 -61.68 -58.64
C ALA A 20 15.08 -63.15 -58.51
N ILE A 21 14.08 -64.01 -58.45
CA ILE A 21 14.28 -65.45 -58.36
C ILE A 21 13.96 -66.06 -59.72
N PRO A 22 14.95 -66.57 -60.45
CA PRO A 22 14.67 -67.14 -61.77
C PRO A 22 13.95 -68.47 -61.66
N GLN A 23 13.52 -68.98 -62.81
CA GLN A 23 12.86 -70.27 -62.87
C GLN A 23 13.81 -71.38 -62.48
N TYR A 24 13.31 -72.35 -61.71
CA TYR A 24 14.13 -73.47 -61.25
C TYR A 24 13.49 -74.83 -61.46
N GLN A 25 12.19 -74.90 -61.75
CA GLN A 25 11.55 -76.20 -61.95
C GLN A 25 12.03 -76.88 -63.22
N ASN A 26 12.46 -76.10 -64.22
CA ASN A 26 12.99 -76.69 -65.44
C ASN A 26 14.25 -77.49 -65.15
N TYR A 27 15.12 -76.97 -64.29
CA TYR A 27 16.34 -77.68 -63.93
C TYR A 27 16.01 -79.00 -63.24
N VAL A 28 15.05 -78.98 -62.32
CA VAL A 28 14.67 -80.20 -61.61
C VAL A 28 14.06 -81.21 -62.57
N ALA A 29 13.21 -80.75 -63.49
CA ALA A 29 12.60 -81.67 -64.45
C ALA A 29 13.66 -82.29 -65.37
N ARG A 30 14.62 -81.49 -65.84
CA ARG A 30 15.67 -82.01 -66.69
C ARG A 30 16.54 -83.02 -65.94
N SER A 31 16.87 -82.72 -64.69
CA SER A 31 17.66 -83.65 -63.90
C SER A 31 16.89 -84.95 -63.65
N GLU A 32 15.58 -84.85 -63.40
CA GLU A 32 14.77 -86.05 -63.21
C GLU A 32 14.75 -86.90 -64.47
N GLY A 33 14.59 -86.27 -65.63
CA GLY A 33 14.62 -87.02 -66.88
C GLY A 33 15.95 -87.70 -67.11
N ALA A 34 17.06 -86.98 -66.85
CA ALA A 34 18.38 -87.58 -67.00
C ALA A 34 18.58 -88.75 -66.04
N SER A 35 18.12 -88.60 -64.79
CA SER A 35 18.26 -89.66 -63.82
C SER A 35 17.45 -90.89 -64.23
N ALA A 36 16.22 -90.69 -64.72
CA ALA A 36 15.41 -91.82 -65.17
C ALA A 36 16.06 -92.52 -66.34
N LEU A 37 16.57 -91.76 -67.32
CA LEU A 37 17.20 -92.38 -68.48
C LEU A 37 18.45 -93.15 -68.07
N ALA A 38 19.26 -92.58 -67.18
CA ALA A 38 20.44 -93.28 -66.68
C ALA A 38 20.07 -94.50 -65.84
N THR A 39 18.90 -94.50 -65.22
CA THR A 39 18.47 -95.66 -64.45
C THR A 39 18.06 -96.80 -65.37
N ILE A 40 17.29 -96.50 -66.43
CA ILE A 40 16.77 -97.57 -67.29
C ILE A 40 17.70 -97.91 -68.45
N ASN A 41 18.74 -97.11 -68.69
CA ASN A 41 19.65 -97.42 -69.80
C ASN A 41 20.40 -98.73 -69.61
N PRO A 42 21.01 -99.03 -68.45
CA PRO A 42 21.73 -100.32 -68.33
C PRO A 42 20.85 -101.54 -68.47
N LEU A 43 19.53 -101.40 -68.31
CA LEU A 43 18.64 -102.54 -68.48
C LEU A 43 18.59 -103.02 -69.92
N LYS A 44 19.03 -102.20 -70.87
CA LYS A 44 19.14 -102.66 -72.26
C LYS A 44 20.18 -103.77 -72.37
N THR A 45 21.29 -103.64 -71.66
CA THR A 45 22.33 -104.67 -71.70
C THR A 45 21.81 -106.00 -71.16
N THR A 46 21.06 -105.96 -70.05
CA THR A 46 20.55 -107.19 -69.46
C THR A 46 19.60 -107.91 -70.41
N VAL A 47 18.66 -107.17 -71.01
CA VAL A 47 17.69 -107.79 -71.90
C VAL A 47 18.37 -108.37 -73.14
N GLU A 48 19.27 -107.60 -73.74
CA GLU A 48 19.95 -108.06 -74.95
C GLU A 48 20.83 -109.28 -74.66
N GLU A 49 21.55 -109.25 -73.55
CA GLU A 49 22.39 -110.39 -73.21
C GLU A 49 21.56 -111.63 -72.92
N SER A 50 20.46 -111.48 -72.19
CA SER A 50 19.61 -112.63 -71.88
C SER A 50 19.00 -113.21 -73.14
N LEU A 51 18.56 -112.34 -74.06
CA LEU A 51 18.03 -112.83 -75.33
C LEU A 51 19.10 -113.50 -76.17
N SER A 52 20.34 -113.01 -76.10
CA SER A 52 21.43 -113.62 -76.86
C SER A 52 21.73 -115.03 -76.35
N ARG A 53 21.64 -115.24 -75.03
CA ARG A 53 21.92 -116.54 -74.45
C ARG A 53 20.75 -117.50 -74.52
N GLY A 54 19.62 -117.07 -75.08
CA GLY A 54 18.48 -117.95 -75.26
C GLY A 54 17.42 -117.88 -74.18
N ILE A 55 17.64 -117.07 -73.14
CA ILE A 55 16.62 -116.94 -72.09
C ILE A 55 15.36 -116.34 -72.68
N ALA A 56 14.21 -116.94 -72.37
CA ALA A 56 12.95 -116.48 -72.91
C ALA A 56 12.66 -115.06 -72.44
N GLY A 57 12.03 -114.28 -73.33
CA GLY A 57 11.72 -112.90 -73.00
C GLY A 57 10.78 -112.77 -71.82
N SER A 58 9.84 -113.71 -71.70
CA SER A 58 8.93 -113.70 -70.56
C SER A 58 9.63 -114.02 -69.26
N LYS A 59 10.83 -114.59 -69.32
CA LYS A 59 11.60 -114.92 -68.12
C LYS A 59 12.52 -113.80 -67.67
N ILE A 60 12.58 -112.70 -68.41
CA ILE A 60 13.40 -111.55 -68.04
C ILE A 60 12.50 -110.62 -67.21
N LYS A 61 12.69 -110.64 -65.90
CA LYS A 61 11.90 -109.84 -64.97
C LYS A 61 12.79 -108.84 -64.25
N ILE A 62 12.18 -108.03 -63.40
CA ILE A 62 12.87 -107.01 -62.63
C ILE A 62 12.75 -107.34 -61.15
N GLY A 63 13.88 -107.37 -60.46
CA GLY A 63 13.90 -107.68 -59.05
C GLY A 63 15.28 -108.09 -58.63
N THR A 64 15.45 -108.23 -57.31
CA THR A 64 16.72 -108.63 -56.72
C THR A 64 16.83 -110.13 -56.51
N THR A 65 15.84 -110.91 -56.95
CA THR A 65 15.92 -112.36 -56.85
C THR A 65 17.09 -112.88 -57.67
N ALA A 66 17.82 -113.84 -57.09
CA ALA A 66 18.99 -114.41 -57.74
C ALA A 66 18.61 -115.04 -59.08
N SER A 67 19.21 -114.54 -60.17
CA SER A 67 18.90 -115.06 -61.49
C SER A 67 19.46 -116.46 -61.65
N THR A 68 18.64 -117.37 -62.17
CA THR A 68 19.04 -118.75 -62.39
C THR A 68 19.51 -118.93 -63.83
N ALA A 69 19.74 -120.17 -64.24
CA ALA A 69 20.17 -120.43 -65.62
C ALA A 69 19.05 -120.18 -66.62
N THR A 70 17.80 -120.22 -66.17
CA THR A 70 16.66 -120.01 -67.05
C THR A 70 15.96 -118.68 -66.85
N GLU A 71 16.06 -118.09 -65.66
CA GLU A 71 15.43 -116.82 -65.35
C GLU A 71 16.50 -115.76 -65.10
N THR A 72 16.24 -114.54 -65.55
CA THR A 72 17.16 -113.42 -65.37
C THR A 72 16.43 -112.27 -64.68
N TYR A 73 17.04 -111.73 -63.64
CA TYR A 73 16.53 -110.57 -62.94
C TYR A 73 17.54 -109.43 -63.05
N VAL A 74 17.04 -108.22 -63.25
CA VAL A 74 17.92 -107.08 -63.49
C VAL A 74 18.73 -106.72 -62.26
N GLY A 75 18.34 -107.19 -61.08
CA GLY A 75 19.10 -106.95 -59.87
C GLY A 75 18.69 -105.73 -59.08
N VAL A 76 17.70 -104.97 -59.54
CA VAL A 76 17.21 -103.80 -58.81
C VAL A 76 15.71 -103.95 -58.58
N GLU A 77 15.24 -103.31 -57.51
CA GLU A 77 13.81 -103.30 -57.21
C GLU A 77 13.08 -102.40 -58.21
N PRO A 78 11.79 -102.64 -58.43
CA PRO A 78 11.03 -101.73 -59.30
C PRO A 78 11.03 -100.30 -58.79
N ASP A 79 11.02 -100.11 -57.47
CA ASP A 79 11.03 -98.80 -56.85
C ASP A 79 12.43 -98.40 -56.36
N ALA A 80 13.48 -98.94 -56.98
CA ALA A 80 14.84 -98.60 -56.58
C ALA A 80 15.10 -97.11 -56.74
N ASN A 81 14.67 -96.53 -57.85
CA ASN A 81 14.69 -95.08 -58.02
C ASN A 81 13.36 -94.52 -57.53
N LYS A 82 13.42 -93.65 -56.52
CA LYS A 82 12.20 -93.15 -55.90
C LYS A 82 11.37 -92.28 -56.83
N LEU A 83 11.94 -91.83 -57.96
CA LEU A 83 11.20 -91.00 -58.90
C LEU A 83 10.02 -91.76 -59.49
N GLY A 84 10.22 -93.02 -59.82
CA GLY A 84 9.14 -93.82 -60.38
C GLY A 84 9.55 -95.28 -60.44
N VAL A 85 8.58 -96.11 -60.84
CA VAL A 85 8.80 -97.54 -60.92
C VAL A 85 9.33 -97.90 -62.31
N ILE A 86 9.98 -99.06 -62.39
CA ILE A 86 10.53 -99.57 -63.63
C ILE A 86 9.83 -100.89 -63.95
N ALA A 87 9.35 -101.02 -65.18
CA ALA A 87 8.65 -102.21 -65.63
C ALA A 87 9.36 -102.78 -66.86
N VAL A 88 9.66 -104.08 -66.82
CA VAL A 88 10.26 -104.78 -67.94
C VAL A 88 9.26 -105.81 -68.43
N ALA A 89 8.85 -105.68 -69.69
CA ALA A 89 7.86 -106.58 -70.30
C ALA A 89 8.37 -106.96 -71.69
N ILE A 90 9.09 -108.08 -71.76
CA ILE A 90 9.68 -108.58 -73.00
C ILE A 90 8.89 -109.81 -73.42
N GLU A 91 8.45 -109.83 -74.68
CA GLU A 91 7.73 -110.98 -75.20
C GLU A 91 8.73 -112.09 -75.58
N ASP A 92 8.17 -113.28 -75.82
CA ASP A 92 9.02 -114.41 -76.18
C ASP A 92 9.70 -114.22 -77.54
N SER A 93 9.07 -113.45 -78.43
CA SER A 93 9.66 -113.18 -79.74
C SER A 93 10.84 -112.23 -79.67
N GLY A 94 11.09 -111.61 -78.52
CA GLY A 94 12.15 -110.63 -78.37
C GLY A 94 11.67 -109.20 -78.34
N ALA A 95 10.45 -108.94 -78.78
CA ALA A 95 9.89 -107.60 -78.73
C ALA A 95 9.45 -107.26 -77.32
N GLY A 96 9.69 -106.01 -76.94
CA GLY A 96 9.32 -105.56 -75.61
C GLY A 96 9.78 -104.14 -75.40
N ASP A 97 9.49 -103.64 -74.19
CA ASP A 97 9.84 -102.28 -73.82
C ASP A 97 10.19 -102.22 -72.34
N ILE A 98 11.01 -101.24 -71.98
CA ILE A 98 11.36 -100.94 -70.61
C ILE A 98 10.84 -99.54 -70.31
N THR A 99 9.96 -99.41 -69.33
CA THR A 99 9.28 -98.17 -69.03
C THR A 99 9.66 -97.65 -67.66
N PHE A 100 9.80 -96.33 -67.55
CA PHE A 100 10.01 -95.64 -66.28
C PHE A 100 8.89 -94.62 -66.13
N THR A 101 7.91 -94.93 -65.29
CA THR A 101 6.76 -94.06 -65.08
C THR A 101 6.96 -93.29 -63.78
N PHE A 102 7.04 -91.96 -63.90
CA PHE A 102 7.16 -91.12 -62.72
C PHE A 102 5.88 -91.17 -61.91
N GLN A 103 6.03 -91.26 -60.59
CA GLN A 103 4.91 -91.40 -59.67
C GLN A 103 4.64 -90.08 -58.97
N THR A 104 3.36 -89.72 -58.85
CA THR A 104 2.97 -88.53 -58.11
C THR A 104 3.27 -88.71 -56.63
N GLY A 105 3.80 -87.65 -56.01
CA GLY A 105 4.21 -87.69 -54.63
C GLY A 105 5.70 -87.83 -54.42
N THR A 106 6.45 -88.21 -55.47
CA THR A 106 7.89 -88.31 -55.39
C THR A 106 8.61 -87.71 -56.59
N SER A 107 7.88 -87.15 -57.55
CA SER A 107 8.48 -86.53 -58.72
C SER A 107 7.89 -85.15 -58.92
N SER A 108 8.62 -84.30 -59.64
CA SER A 108 8.18 -82.94 -59.87
C SER A 108 6.87 -82.93 -60.65
N PRO A 109 6.03 -81.91 -60.46
CA PRO A 109 4.73 -81.89 -61.14
C PRO A 109 4.84 -81.91 -62.66
N LYS A 110 5.90 -81.32 -63.21
CA LYS A 110 6.06 -81.32 -64.66
C LYS A 110 6.26 -82.72 -65.21
N ASN A 111 7.05 -83.55 -64.51
CA ASN A 111 7.37 -84.89 -64.96
C ASN A 111 6.45 -85.96 -64.39
N ALA A 112 5.48 -85.58 -63.55
CA ALA A 112 4.62 -86.57 -62.92
C ALA A 112 3.77 -87.30 -63.96
N THR A 113 3.61 -88.61 -63.76
CA THR A 113 2.82 -89.49 -64.61
C THR A 113 3.32 -89.53 -66.05
N LYS A 114 4.60 -89.23 -66.27
CA LYS A 114 5.21 -89.35 -67.58
C LYS A 114 5.99 -90.66 -67.69
N VAL A 115 6.08 -91.19 -68.90
CA VAL A 115 6.66 -92.50 -69.15
C VAL A 115 7.80 -92.35 -70.14
N ILE A 116 8.95 -92.94 -69.81
CA ILE A 116 10.07 -93.06 -70.73
C ILE A 116 10.17 -94.53 -71.14
N THR A 117 9.99 -94.80 -72.42
CA THR A 117 9.87 -96.16 -72.94
C THR A 117 11.06 -96.48 -73.82
N LEU A 118 11.75 -97.59 -73.52
CA LEU A 118 12.82 -98.12 -74.35
C LEU A 118 12.25 -99.30 -75.13
N ASN A 119 11.59 -98.99 -76.26
CA ASN A 119 10.93 -100.03 -77.04
C ASN A 119 11.95 -100.81 -77.85
N ARG A 120 11.81 -102.14 -77.84
CA ARG A 120 12.63 -103.04 -78.63
C ARG A 120 11.74 -103.82 -79.58
N THR A 121 12.09 -103.79 -80.87
CA THR A 121 11.33 -104.53 -81.86
C THR A 121 11.81 -105.98 -81.92
N ALA A 122 11.05 -106.80 -82.66
CA ALA A 122 11.43 -108.20 -82.82
C ALA A 122 12.72 -108.37 -83.61
N ASP A 123 13.13 -107.34 -84.34
CA ASP A 123 14.37 -107.38 -85.11
C ASP A 123 15.58 -106.90 -84.31
N GLY A 124 15.40 -106.54 -83.05
CA GLY A 124 16.51 -106.12 -82.22
C GLY A 124 16.88 -104.66 -82.31
N VAL A 125 15.96 -103.80 -82.75
CA VAL A 125 16.23 -102.37 -82.86
C VAL A 125 15.70 -101.66 -81.63
N TRP A 126 16.57 -100.91 -80.96
CA TRP A 126 16.22 -100.21 -79.73
C TRP A 126 15.87 -98.76 -80.05
N ALA A 127 14.78 -98.28 -79.47
CA ALA A 127 14.36 -96.89 -79.62
C ALA A 127 13.85 -96.38 -78.29
N CYS A 128 14.07 -95.09 -78.04
CA CYS A 128 13.63 -94.44 -76.81
C CYS A 128 12.52 -93.45 -77.13
N LYS A 129 11.39 -93.58 -76.43
CA LYS A 129 10.25 -92.70 -76.59
C LYS A 129 9.86 -92.13 -75.24
N SER A 130 9.61 -90.83 -75.19
CA SER A 130 9.27 -90.15 -73.95
C SER A 130 8.02 -89.31 -74.14
N THR A 131 7.15 -89.33 -73.13
CA THR A 131 5.91 -88.55 -73.15
C THR A 131 6.03 -87.22 -72.42
N GLN A 132 7.23 -86.86 -71.96
CA GLN A 132 7.42 -85.60 -71.25
C GLN A 132 7.35 -84.43 -72.24
N ASP A 133 7.56 -83.24 -71.72
CA ASP A 133 7.65 -82.06 -72.57
C ASP A 133 8.92 -82.13 -73.42
N PRO A 134 8.89 -81.57 -74.63
CA PRO A 134 10.09 -81.61 -75.48
C PRO A 134 11.30 -80.94 -74.85
N MET A 135 11.10 -79.90 -74.05
CA MET A 135 12.23 -79.25 -73.39
C MET A 135 12.85 -80.15 -72.34
N PHE A 136 12.03 -80.91 -71.63
CA PHE A 136 12.52 -81.79 -70.57
C PHE A 136 12.95 -83.16 -71.07
N THR A 137 12.69 -83.47 -72.33
CA THR A 137 13.04 -84.78 -72.86
C THR A 137 14.56 -84.91 -73.01
N PRO A 138 15.17 -85.94 -72.44
CA PRO A 138 16.63 -86.09 -72.57
C PRO A 138 17.03 -86.40 -74.01
N LYS A 139 18.28 -86.09 -74.31
CA LYS A 139 18.80 -86.33 -75.65
C LYS A 139 18.79 -87.81 -75.99
N GLY A 140 18.53 -88.12 -77.25
CA GLY A 140 18.49 -89.47 -77.73
C GLY A 140 17.15 -90.15 -77.59
N CYS A 141 16.16 -89.51 -76.97
CA CYS A 141 14.82 -90.04 -76.84
C CYS A 141 13.86 -89.17 -77.62
N ASP A 142 13.10 -89.78 -78.53
CA ASP A 142 12.12 -89.04 -79.30
C ASP A 142 10.93 -88.68 -78.42
N ASN A 143 10.24 -87.62 -78.81
CA ASN A 143 9.09 -87.14 -78.05
C ASN A 143 7.79 -87.34 -78.80
N PHE B 1 14.42 -33.46 -29.85
CA PHE B 1 13.76 -34.76 -29.81
C PHE B 1 12.36 -34.66 -29.21
N THR B 2 11.38 -35.22 -29.90
CA THR B 2 9.99 -35.19 -29.45
C THR B 2 9.55 -36.60 -29.10
N LEU B 3 8.51 -36.68 -28.25
CA LEU B 3 8.00 -37.98 -27.86
C LEU B 3 7.34 -38.70 -29.03
N ILE B 4 6.76 -37.96 -29.97
CA ILE B 4 6.21 -38.60 -31.16
C ILE B 4 7.31 -39.22 -32.00
N GLU B 5 8.48 -38.57 -32.07
CA GLU B 5 9.62 -39.14 -32.79
C GLU B 5 10.03 -40.48 -32.20
N LEU B 6 10.14 -40.54 -30.87
CA LEU B 6 10.57 -41.76 -30.20
C LEU B 6 9.50 -42.84 -30.25
N MET B 7 8.23 -42.46 -30.16
CA MET B 7 7.16 -43.46 -30.24
C MET B 7 7.05 -44.05 -31.64
N ILE B 8 7.28 -43.25 -32.68
CA ILE B 8 7.32 -43.79 -34.04
C ILE B 8 8.49 -44.77 -34.17
N VAL B 9 9.63 -44.44 -33.57
CA VAL B 9 10.77 -45.33 -33.61
C VAL B 9 10.45 -46.65 -32.90
N VAL B 10 9.80 -46.58 -31.75
CA VAL B 10 9.43 -47.78 -31.01
C VAL B 10 8.45 -48.63 -31.83
N ALA B 11 7.46 -47.98 -32.46
CA ALA B 11 6.51 -48.71 -33.28
C ALA B 11 7.18 -49.39 -34.46
N ILE B 12 8.11 -48.70 -35.12
CA ILE B 12 8.81 -49.29 -36.26
C ILE B 12 9.75 -50.41 -35.80
N ILE B 13 10.31 -50.28 -34.59
CA ILE B 13 11.11 -51.36 -34.03
C ILE B 13 10.25 -52.60 -33.82
N GLY B 14 9.06 -52.41 -33.26
CA GLY B 14 8.16 -53.54 -33.07
C GLY B 14 7.71 -54.16 -34.38
N ILE B 15 7.44 -53.32 -35.38
CA ILE B 15 7.01 -53.80 -36.69
C ILE B 15 8.15 -54.56 -37.37
N LEU B 16 9.38 -54.05 -37.26
CA LEU B 16 10.53 -54.70 -37.87
C LEU B 16 10.84 -56.03 -37.19
N ALA B 17 10.44 -56.18 -35.94
CA ALA B 17 10.44 -57.48 -35.28
C ALA B 17 9.21 -58.24 -35.76
N ALA B 18 8.86 -59.32 -35.08
CA ALA B 18 7.68 -60.13 -35.38
C ALA B 18 7.74 -60.78 -36.76
N ILE B 19 8.87 -60.69 -37.45
CA ILE B 19 9.03 -61.36 -38.74
C ILE B 19 9.10 -62.87 -38.48
N ALA B 20 8.15 -63.60 -39.02
CA ALA B 20 8.07 -65.03 -38.77
C ALA B 20 9.29 -65.74 -39.33
N ILE B 21 9.87 -66.63 -38.53
CA ILE B 21 11.04 -67.42 -38.92
C ILE B 21 10.57 -68.84 -39.20
N PRO B 22 10.58 -69.29 -40.46
CA PRO B 22 10.11 -70.64 -40.76
C PRO B 22 11.11 -71.69 -40.28
N GLN B 23 10.68 -72.94 -40.39
CA GLN B 23 11.53 -74.06 -40.00
C GLN B 23 12.74 -74.15 -40.93
N TYR B 24 13.90 -74.44 -40.36
CA TYR B 24 15.13 -74.55 -41.14
C TYR B 24 15.95 -75.80 -40.85
N GLN B 25 15.67 -76.53 -39.77
CA GLN B 25 16.44 -77.72 -39.47
C GLN B 25 16.17 -78.85 -40.47
N ASN B 26 14.99 -78.85 -41.09
CA ASN B 26 14.69 -79.85 -42.11
C ASN B 26 15.62 -79.70 -43.30
N TYR B 27 15.89 -78.45 -43.71
CA TYR B 27 16.79 -78.22 -44.82
C TYR B 27 18.19 -78.73 -44.51
N VAL B 28 18.67 -78.45 -43.29
CA VAL B 28 20.00 -78.90 -42.90
C VAL B 28 20.07 -80.41 -42.84
N ALA B 29 19.03 -81.06 -42.31
CA ALA B 29 19.02 -82.52 -42.24
C ALA B 29 19.01 -83.14 -43.64
N ARG B 30 18.21 -82.59 -44.55
CA ARG B 30 18.16 -83.11 -45.91
C ARG B 30 19.49 -82.93 -46.62
N SER B 31 20.13 -81.77 -46.43
CA SER B 31 21.44 -81.54 -47.03
C SER B 31 22.48 -82.48 -46.46
N GLU B 32 22.42 -82.74 -45.15
CA GLU B 32 23.36 -83.69 -44.54
C GLU B 32 23.16 -85.09 -45.10
N GLY B 33 21.91 -85.52 -45.25
CA GLY B 33 21.67 -86.82 -45.85
C GLY B 33 22.18 -86.92 -47.28
N ALA B 34 21.93 -85.88 -48.07
CA ALA B 34 22.42 -85.87 -49.45
C ALA B 34 23.95 -85.89 -49.48
N SER B 35 24.60 -85.14 -48.60
CA SER B 35 26.06 -85.12 -48.56
C SER B 35 26.62 -86.47 -48.17
N ALA B 36 26.01 -87.13 -47.18
CA ALA B 36 26.47 -88.46 -46.77
C ALA B 36 26.31 -89.46 -47.91
N LEU B 37 25.15 -89.44 -48.58
CA LEU B 37 24.93 -90.37 -49.68
C LEU B 37 25.91 -90.13 -50.81
N ALA B 38 26.16 -88.86 -51.15
CA ALA B 38 27.14 -88.54 -52.19
C ALA B 38 28.55 -88.90 -51.77
N THR B 39 28.84 -88.90 -50.46
CA THR B 39 30.16 -89.30 -49.99
C THR B 39 30.36 -90.80 -50.12
N ILE B 40 29.37 -91.61 -49.73
CA ILE B 40 29.55 -93.06 -49.74
C ILE B 40 29.14 -93.71 -51.05
N ASN B 41 28.51 -92.98 -51.97
CA ASN B 41 28.12 -93.57 -53.26
C ASN B 41 29.31 -94.01 -54.10
N PRO B 42 30.37 -93.20 -54.30
CA PRO B 42 31.48 -93.67 -55.14
C PRO B 42 32.21 -94.89 -54.58
N LEU B 43 32.06 -95.17 -53.28
CA LEU B 43 32.71 -96.36 -52.71
C LEU B 43 32.12 -97.64 -53.25
N LYS B 44 30.93 -97.59 -53.85
CA LYS B 44 30.39 -98.78 -54.52
C LYS B 44 31.25 -99.18 -55.70
N THR B 45 31.75 -98.20 -56.46
CA THR B 45 32.61 -98.50 -57.60
C THR B 45 33.90 -99.18 -57.15
N THR B 46 34.50 -98.70 -56.07
CA THR B 46 35.76 -99.28 -55.59
C THR B 46 35.57 -100.73 -55.18
N VAL B 47 34.52 -101.01 -54.40
CA VAL B 47 34.29 -102.37 -53.91
C VAL B 47 34.01 -103.31 -55.08
N GLU B 48 33.12 -102.89 -55.99
CA GLU B 48 32.76 -103.75 -57.11
C GLU B 48 33.96 -104.01 -58.02
N GLU B 49 34.75 -102.97 -58.30
CA GLU B 49 35.92 -103.16 -59.15
C GLU B 49 36.94 -104.07 -58.49
N SER B 50 37.19 -103.89 -57.19
CA SER B 50 38.15 -104.74 -56.49
C SER B 50 37.68 -106.19 -56.46
N LEU B 51 36.38 -106.41 -56.24
CA LEU B 51 35.86 -107.77 -56.27
C LEU B 51 35.95 -108.37 -57.68
N SER B 52 35.75 -107.55 -58.71
CA SER B 52 35.85 -108.04 -60.08
C SER B 52 37.27 -108.48 -60.42
N ARG B 53 38.27 -107.77 -59.91
CA ARG B 53 39.66 -108.10 -60.19
C ARG B 53 40.20 -109.21 -59.29
N GLY B 54 39.39 -109.73 -58.37
CA GLY B 54 39.80 -110.84 -57.54
C GLY B 54 40.34 -110.46 -56.17
N ILE B 55 40.44 -109.16 -55.86
CA ILE B 55 40.91 -108.76 -54.54
C ILE B 55 39.93 -109.23 -53.49
N ALA B 56 40.46 -109.84 -52.42
CA ALA B 56 39.63 -110.37 -51.36
C ALA B 56 38.83 -109.26 -50.69
N GLY B 57 37.60 -109.59 -50.30
CA GLY B 57 36.74 -108.61 -49.67
C GLY B 57 37.32 -108.08 -48.36
N SER B 58 37.99 -108.95 -47.60
CA SER B 58 38.62 -108.52 -46.37
C SER B 58 39.79 -107.58 -46.62
N LYS B 59 40.31 -107.53 -47.84
CA LYS B 59 41.43 -106.67 -48.18
C LYS B 59 40.98 -105.29 -48.68
N ILE B 60 39.68 -105.06 -48.82
CA ILE B 60 39.15 -103.77 -49.24
C ILE B 60 38.90 -102.96 -47.97
N LYS B 61 39.79 -102.02 -47.69
CA LYS B 61 39.70 -101.18 -46.51
C LYS B 61 39.53 -99.73 -46.91
N ILE B 62 39.42 -98.87 -45.90
CA ILE B 62 39.23 -97.43 -46.10
C ILE B 62 40.43 -96.70 -45.52
N GLY B 63 41.03 -95.83 -46.33
CA GLY B 63 42.19 -95.07 -45.91
C GLY B 63 42.92 -94.54 -47.11
N THR B 64 43.90 -93.68 -46.82
CA THR B 64 44.73 -93.07 -47.85
C THR B 64 46.00 -93.85 -48.13
N THR B 65 46.18 -95.01 -47.50
CA THR B 65 47.35 -95.84 -47.78
C THR B 65 47.34 -96.28 -49.23
N ALA B 66 48.51 -96.24 -49.87
CA ALA B 66 48.64 -96.62 -51.27
C ALA B 66 48.20 -98.05 -51.50
N SER B 67 47.18 -98.24 -52.34
CA SER B 67 46.68 -99.58 -52.61
C SER B 67 47.68 -100.38 -53.43
N THR B 68 47.94 -101.61 -53.00
CA THR B 68 48.87 -102.50 -53.68
C THR B 68 48.11 -103.40 -54.64
N ALA B 69 48.80 -104.39 -55.20
CA ALA B 69 48.15 -105.31 -56.12
C ALA B 69 47.18 -106.24 -55.41
N THR B 70 47.36 -106.44 -54.10
CA THR B 70 46.50 -107.33 -53.33
C THR B 70 45.55 -106.59 -52.38
N GLU B 71 45.91 -105.38 -51.96
CA GLU B 71 45.08 -104.59 -51.06
C GLU B 71 44.58 -103.35 -51.78
N THR B 72 43.34 -102.97 -51.49
CA THR B 72 42.72 -101.79 -52.09
C THR B 72 42.23 -100.87 -50.98
N TYR B 73 42.57 -99.59 -51.09
CA TYR B 73 42.10 -98.56 -50.17
C TYR B 73 41.30 -97.53 -50.96
N VAL B 74 40.19 -97.08 -50.37
CA VAL B 74 39.28 -96.18 -51.06
C VAL B 74 39.90 -94.81 -51.33
N GLY B 75 40.98 -94.47 -50.63
CA GLY B 75 41.67 -93.22 -50.87
C GLY B 75 41.24 -92.06 -50.00
N VAL B 76 40.26 -92.25 -49.12
CA VAL B 76 39.80 -91.20 -48.22
C VAL B 76 39.89 -91.69 -46.78
N GLU B 77 40.06 -90.74 -45.87
CA GLU B 77 40.09 -91.06 -44.45
C GLU B 77 38.67 -91.44 -43.98
N PRO B 78 38.58 -92.22 -42.90
CA PRO B 78 37.24 -92.50 -42.34
C PRO B 78 36.50 -91.24 -41.93
N ASP B 79 37.22 -90.24 -41.43
CA ASP B 79 36.64 -88.97 -41.01
C ASP B 79 36.82 -87.87 -42.05
N ALA B 80 36.94 -88.24 -43.33
CA ALA B 80 37.10 -87.24 -44.39
C ALA B 80 35.91 -86.29 -44.44
N ASN B 81 34.70 -86.83 -44.31
CA ASN B 81 33.50 -86.02 -44.16
C ASN B 81 33.25 -85.82 -42.67
N LYS B 82 33.26 -84.56 -42.23
CA LYS B 82 33.16 -84.27 -40.80
C LYS B 82 31.81 -84.67 -40.22
N LEU B 83 30.80 -84.91 -41.06
CA LEU B 83 29.49 -85.28 -40.57
C LEU B 83 29.54 -86.61 -39.80
N GLY B 84 30.29 -87.57 -40.32
CA GLY B 84 30.41 -88.86 -39.66
C GLY B 84 31.49 -89.69 -40.30
N VAL B 85 31.74 -90.85 -39.69
CA VAL B 85 32.79 -91.74 -40.16
C VAL B 85 32.22 -92.69 -41.20
N ILE B 86 33.10 -93.25 -42.02
CA ILE B 86 32.73 -94.22 -43.05
C ILE B 86 33.43 -95.53 -42.73
N ALA B 87 32.68 -96.62 -42.74
CA ALA B 87 33.21 -97.95 -42.46
C ALA B 87 32.91 -98.87 -43.64
N VAL B 88 33.93 -99.56 -44.12
CA VAL B 88 33.80 -100.55 -45.18
C VAL B 88 34.14 -101.91 -44.60
N ALA B 89 33.17 -102.82 -44.64
CA ALA B 89 33.33 -104.17 -44.09
C ALA B 89 32.77 -105.16 -45.12
N ILE B 90 33.64 -105.65 -46.00
CA ILE B 90 33.27 -106.59 -47.05
C ILE B 90 33.84 -107.95 -46.68
N GLU B 91 32.98 -108.97 -46.72
CA GLU B 91 33.42 -110.33 -46.44
C GLU B 91 34.11 -110.92 -47.67
N ASP B 92 34.79 -112.06 -47.45
CA ASP B 92 35.50 -112.71 -48.54
C ASP B 92 34.54 -113.24 -49.61
N SER B 93 33.31 -113.58 -49.22
CA SER B 93 32.32 -114.07 -50.17
C SER B 93 31.78 -112.97 -51.08
N GLY B 94 32.10 -111.71 -50.80
CA GLY B 94 31.59 -110.59 -51.56
C GLY B 94 30.48 -109.83 -50.86
N ALA B 95 29.86 -110.42 -49.85
CA ALA B 95 28.83 -109.74 -49.09
C ALA B 95 29.44 -108.73 -48.14
N GLY B 96 28.78 -107.59 -48.01
CA GLY B 96 29.28 -106.54 -47.13
C GLY B 96 28.39 -105.32 -47.23
N ASP B 97 28.77 -104.30 -46.47
CA ASP B 97 28.04 -103.04 -46.44
C ASP B 97 29.00 -101.88 -46.22
N ILE B 98 28.58 -100.70 -46.69
CA ILE B 98 29.30 -99.46 -46.48
C ILE B 98 28.38 -98.56 -45.66
N THR B 99 28.85 -98.15 -44.48
CA THR B 99 28.02 -97.41 -43.55
C THR B 99 28.57 -96.00 -43.33
N PHE B 100 27.67 -95.04 -43.20
CA PHE B 100 28.01 -93.66 -42.84
C PHE B 100 27.21 -93.33 -41.58
N THR B 101 27.88 -93.31 -40.44
CA THR B 101 27.26 -93.05 -39.16
C THR B 101 27.53 -91.61 -38.75
N PHE B 102 26.47 -90.81 -38.65
CA PHE B 102 26.62 -89.43 -38.20
C PHE B 102 27.05 -89.40 -36.74
N GLN B 103 28.00 -88.51 -36.43
CA GLN B 103 28.57 -88.41 -35.10
C GLN B 103 28.02 -87.18 -34.38
N THR B 104 27.68 -87.36 -33.11
CA THR B 104 27.23 -86.24 -32.29
C THR B 104 28.36 -85.25 -32.08
N GLY B 105 28.03 -83.96 -32.17
CA GLY B 105 29.01 -82.90 -32.07
C GLY B 105 29.41 -82.30 -33.40
N THR B 106 29.11 -82.96 -34.51
CA THR B 106 29.39 -82.43 -35.84
C THR B 106 28.24 -82.60 -36.81
N SER B 107 27.10 -83.15 -36.39
CA SER B 107 25.95 -83.32 -37.25
C SER B 107 24.71 -82.79 -36.54
N SER B 108 23.69 -82.46 -37.32
CA SER B 108 22.47 -81.89 -36.77
C SER B 108 21.80 -82.91 -35.84
N PRO B 109 21.08 -82.43 -34.82
CA PRO B 109 20.47 -83.37 -33.85
C PRO B 109 19.51 -84.35 -34.49
N LYS B 110 18.82 -83.96 -35.57
CA LYS B 110 17.89 -84.87 -36.22
C LYS B 110 18.62 -86.06 -36.84
N ASN B 111 19.78 -85.83 -37.45
CA ASN B 111 20.52 -86.87 -38.13
C ASN B 111 21.59 -87.52 -37.26
N ALA B 112 21.74 -87.07 -36.01
CA ALA B 112 22.81 -87.60 -35.17
C ALA B 112 22.58 -89.08 -34.86
N THR B 113 23.67 -89.84 -34.87
CA THR B 113 23.69 -91.28 -34.59
C THR B 113 22.83 -92.08 -35.57
N LYS B 114 22.61 -91.56 -36.76
CA LYS B 114 21.91 -92.30 -37.81
C LYS B 114 22.91 -92.91 -38.78
N VAL B 115 22.52 -94.03 -39.37
CA VAL B 115 23.40 -94.82 -40.22
C VAL B 115 22.77 -94.97 -41.59
N ILE B 116 23.56 -94.70 -42.64
CA ILE B 116 23.18 -94.98 -44.01
C ILE B 116 24.02 -96.15 -44.50
N THR B 117 23.36 -97.26 -44.83
CA THR B 117 24.04 -98.51 -45.13
C THR B 117 23.83 -98.87 -46.59
N LEU B 118 24.93 -99.13 -47.29
CA LEU B 118 24.90 -99.62 -48.67
C LEU B 118 25.21 -101.12 -48.62
N ASN B 119 24.19 -101.92 -48.35
CA ASN B 119 24.36 -103.35 -48.19
C ASN B 119 24.55 -104.03 -49.55
N ARG B 120 25.53 -104.93 -49.62
CA ARG B 120 25.78 -105.72 -50.82
C ARG B 120 25.64 -107.20 -50.46
N THR B 121 24.82 -107.91 -51.22
CA THR B 121 24.64 -109.33 -51.00
C THR B 121 25.74 -110.12 -51.70
N ALA B 122 25.79 -111.42 -51.41
CA ALA B 122 26.79 -112.28 -52.03
C ALA B 122 26.54 -112.44 -53.53
N ASP B 123 25.33 -112.12 -54.00
CA ASP B 123 25.00 -112.21 -55.42
C ASP B 123 25.30 -110.92 -56.17
N GLY B 124 25.82 -109.90 -55.50
CA GLY B 124 26.17 -108.66 -56.16
C GLY B 124 25.06 -107.65 -56.28
N VAL B 125 24.03 -107.73 -55.46
CA VAL B 125 22.91 -106.81 -55.50
C VAL B 125 23.13 -105.71 -54.46
N TRP B 126 23.11 -104.46 -54.91
CA TRP B 126 23.35 -103.31 -54.03
C TRP B 126 22.01 -102.73 -53.59
N ALA B 127 21.91 -102.44 -52.29
CA ALA B 127 20.72 -101.81 -51.72
C ALA B 127 21.15 -100.76 -50.70
N CYS B 128 20.37 -99.69 -50.60
CA CYS B 128 20.63 -98.62 -49.65
C CYS B 128 19.56 -98.61 -48.57
N LYS B 129 19.99 -98.64 -47.31
CA LYS B 129 19.10 -98.61 -46.17
C LYS B 129 19.52 -97.49 -45.24
N SER B 130 18.54 -96.72 -44.77
CA SER B 130 18.80 -95.57 -43.91
C SER B 130 17.91 -95.62 -42.68
N THR B 131 18.49 -95.28 -41.53
CA THR B 131 17.75 -95.27 -40.27
C THR B 131 17.25 -93.88 -39.90
N GLN B 132 17.42 -92.89 -40.77
CA GLN B 132 16.95 -91.54 -40.50
C GLN B 132 15.43 -91.48 -40.58
N ASP B 133 14.89 -90.27 -40.40
CA ASP B 133 13.46 -90.07 -40.58
C ASP B 133 13.11 -90.21 -42.06
N PRO B 134 11.89 -90.68 -42.36
CA PRO B 134 11.49 -90.82 -43.77
C PRO B 134 11.54 -89.53 -44.55
N MET B 135 11.26 -88.39 -43.91
CA MET B 135 11.32 -87.12 -44.62
C MET B 135 12.76 -86.75 -44.97
N PHE B 136 13.72 -87.07 -44.10
CA PHE B 136 15.11 -86.74 -44.32
C PHE B 136 15.85 -87.79 -45.13
N THR B 137 15.24 -88.94 -45.38
CA THR B 137 15.91 -90.00 -46.12
C THR B 137 16.08 -89.61 -47.57
N PRO B 138 17.29 -89.66 -48.12
CA PRO B 138 17.49 -89.31 -49.52
C PRO B 138 16.83 -90.32 -50.45
N LYS B 139 16.54 -89.87 -51.67
CA LYS B 139 15.88 -90.72 -52.65
C LYS B 139 16.79 -91.90 -53.00
N GLY B 140 16.16 -93.04 -53.26
CA GLY B 140 16.86 -94.26 -53.62
C GLY B 140 17.30 -95.10 -52.45
N CYS B 141 17.12 -94.62 -51.22
CA CYS B 141 17.46 -95.39 -50.02
C CYS B 141 16.18 -95.70 -49.26
N ASP B 142 15.96 -96.98 -49.00
CA ASP B 142 14.80 -97.40 -48.23
C ASP B 142 14.96 -97.01 -46.77
N ASN B 143 13.83 -96.86 -46.08
CA ASN B 143 13.86 -96.46 -44.67
C ASN B 143 13.37 -97.58 -43.78
N PHE C 1 5.73 -27.68 -23.74
CA PHE C 1 6.66 -28.74 -23.34
C PHE C 1 6.83 -28.78 -21.84
N THR C 2 6.70 -29.97 -21.26
CA THR C 2 6.82 -30.17 -19.82
C THR C 2 8.06 -30.99 -19.52
N LEU C 3 8.57 -30.85 -18.30
CA LEU C 3 9.75 -31.62 -17.91
C LEU C 3 9.45 -33.11 -17.82
N ILE C 4 8.22 -33.48 -17.49
CA ILE C 4 7.86 -34.89 -17.49
C ILE C 4 7.89 -35.45 -18.91
N GLU C 5 7.48 -34.65 -19.90
CA GLU C 5 7.55 -35.07 -21.29
C GLU C 5 8.98 -35.39 -21.69
N LEU C 6 9.91 -34.50 -21.35
CA LEU C 6 11.31 -34.66 -21.73
C LEU C 6 11.98 -35.78 -20.94
N MET C 7 11.62 -35.95 -19.67
CA MET C 7 12.20 -37.03 -18.88
C MET C 7 11.72 -38.39 -19.36
N ILE C 8 10.46 -38.50 -19.78
CA ILE C 8 9.99 -39.74 -20.39
C ILE C 8 10.75 -40.03 -21.69
N VAL C 9 11.02 -38.99 -22.48
CA VAL C 9 11.79 -39.17 -23.70
C VAL C 9 13.20 -39.65 -23.38
N VAL C 10 13.83 -39.06 -22.36
CA VAL C 10 15.18 -39.49 -21.97
C VAL C 10 15.17 -40.93 -21.50
N ALA C 11 14.17 -41.31 -20.70
CA ALA C 11 14.08 -42.68 -20.21
C ALA C 11 13.90 -43.66 -21.36
N ILE C 12 13.04 -43.31 -22.33
CA ILE C 12 12.82 -44.21 -23.47
C ILE C 12 14.04 -44.26 -24.37
N ILE C 13 14.80 -43.16 -24.45
CA ILE C 13 16.06 -43.19 -25.18
C ILE C 13 17.04 -44.15 -24.53
N GLY C 14 17.14 -44.10 -23.20
CA GLY C 14 18.01 -45.02 -22.50
C GLY C 14 17.56 -46.46 -22.63
N ILE C 15 16.25 -46.70 -22.59
CA ILE C 15 15.72 -48.05 -22.73
C ILE C 15 15.95 -48.58 -24.14
N LEU C 16 15.79 -47.72 -25.15
CA LEU C 16 16.00 -48.13 -26.54
C LEU C 16 17.46 -48.40 -26.82
N ALA C 17 18.36 -47.79 -26.04
CA ALA C 17 19.75 -48.18 -26.04
C ALA C 17 19.88 -49.45 -25.19
N ALA C 18 21.11 -49.82 -24.82
CA ALA C 18 21.40 -50.97 -23.97
C ALA C 18 20.98 -52.29 -24.61
N ILE C 19 20.58 -52.29 -25.88
CA ILE C 19 20.26 -53.51 -26.58
C ILE C 19 21.56 -54.28 -26.81
N ALA C 20 21.65 -55.48 -26.26
CA ALA C 20 22.89 -56.25 -26.33
C ALA C 20 23.18 -56.63 -27.78
N ILE C 21 24.43 -56.44 -28.19
CA ILE C 21 24.89 -56.77 -29.53
C ILE C 21 25.71 -58.05 -29.44
N PRO C 22 25.24 -59.18 -29.95
CA PRO C 22 26.00 -60.42 -29.87
C PRO C 22 27.21 -60.40 -30.78
N GLN C 23 28.04 -61.44 -30.65
CA GLN C 23 29.22 -61.57 -31.50
C GLN C 23 28.80 -61.82 -32.94
N TYR C 24 29.52 -61.19 -33.87
CA TYR C 24 29.22 -61.33 -35.29
C TYR C 24 30.43 -61.63 -36.16
N GLN C 25 31.65 -61.47 -35.65
CA GLN C 25 32.83 -61.74 -36.47
C GLN C 25 32.98 -63.23 -36.75
N ASN C 26 32.46 -64.09 -35.87
CA ASN C 26 32.50 -65.53 -36.12
C ASN C 26 31.71 -65.90 -37.36
N TYR C 27 30.54 -65.28 -37.54
CA TYR C 27 29.73 -65.55 -38.72
C TYR C 27 30.47 -65.14 -39.99
N VAL C 28 31.10 -63.97 -39.97
CA VAL C 28 31.83 -63.49 -41.14
C VAL C 28 33.02 -64.40 -41.44
N ALA C 29 33.75 -64.83 -40.41
CA ALA C 29 34.88 -65.74 -40.62
C ALA C 29 34.43 -67.07 -41.19
N ARG C 30 33.33 -67.63 -40.67
CA ARG C 30 32.83 -68.89 -41.19
C ARG C 30 32.37 -68.75 -42.64
N SER C 31 31.69 -67.66 -42.95
CA SER C 31 31.27 -67.43 -44.34
C SER C 31 32.46 -67.27 -45.27
N GLU C 32 33.51 -66.58 -44.80
CA GLU C 32 34.71 -66.42 -45.61
C GLU C 32 35.38 -67.77 -45.87
N GLY C 33 35.46 -68.61 -44.84
CA GLY C 33 36.02 -69.94 -45.04
C GLY C 33 35.22 -70.77 -46.02
N ALA C 34 33.89 -70.74 -45.89
CA ALA C 34 33.04 -71.47 -46.81
C ALA C 34 33.20 -70.95 -48.24
N SER C 35 33.27 -69.63 -48.40
CA SER C 35 33.44 -69.05 -49.74
C SER C 35 34.77 -69.45 -50.35
N ALA C 36 35.85 -69.42 -49.56
CA ALA C 36 37.15 -69.84 -50.07
C ALA C 36 37.14 -71.30 -50.48
N LEU C 37 36.56 -72.16 -49.64
CA LEU C 37 36.52 -73.59 -49.98
C LEU C 37 35.70 -73.83 -51.23
N ALA C 38 34.56 -73.15 -51.36
CA ALA C 38 33.75 -73.29 -52.57
C ALA C 38 34.44 -72.70 -53.79
N THR C 39 35.33 -71.72 -53.60
CA THR C 39 36.07 -71.17 -54.73
C THR C 39 37.13 -72.15 -55.22
N ILE C 40 37.88 -72.77 -54.30
CA ILE C 40 38.98 -73.64 -54.72
C ILE C 40 38.57 -75.10 -54.91
N ASN C 41 37.36 -75.48 -54.51
CA ASN C 41 36.92 -76.86 -54.70
C ASN C 41 36.82 -77.28 -56.16
N PRO C 42 36.21 -76.50 -57.06
CA PRO C 42 36.13 -76.95 -58.46
C PRO C 42 37.47 -77.08 -59.15
N LEU C 43 38.52 -76.45 -58.62
CA LEU C 43 39.84 -76.57 -59.22
C LEU C 43 40.40 -77.99 -59.08
N LYS C 44 39.84 -78.81 -58.18
CA LYS C 44 40.24 -80.21 -58.12
C LYS C 44 39.86 -80.95 -59.38
N THR C 45 38.68 -80.64 -59.94
CA THR C 45 38.25 -81.28 -61.17
C THR C 45 39.19 -80.94 -62.34
N THR C 46 39.60 -79.68 -62.43
CA THR C 46 40.48 -79.27 -63.53
C THR C 46 41.82 -79.99 -63.46
N VAL C 47 42.43 -80.03 -62.28
CA VAL C 47 43.74 -80.65 -62.13
C VAL C 47 43.65 -82.15 -62.42
N GLU C 48 42.65 -82.82 -61.85
CA GLU C 48 42.51 -84.26 -62.05
C GLU C 48 42.24 -84.59 -63.50
N GLU C 49 41.36 -83.82 -64.16
CA GLU C 49 41.08 -84.08 -65.56
C GLU C 49 42.31 -83.85 -66.43
N SER C 50 43.04 -82.77 -66.18
CA SER C 50 44.23 -82.48 -66.98
C SER C 50 45.29 -83.56 -66.78
N LEU C 51 45.46 -84.04 -65.55
CA LEU C 51 46.40 -85.12 -65.31
C LEU C 51 45.95 -86.41 -65.96
N SER C 52 44.64 -86.66 -66.01
CA SER C 52 44.12 -87.87 -66.65
C SER C 52 44.38 -87.85 -68.15
N ARG C 53 44.29 -86.68 -68.78
CA ARG C 53 44.50 -86.56 -70.21
C ARG C 53 45.97 -86.47 -70.59
N GLY C 54 46.88 -86.49 -69.62
CA GLY C 54 48.30 -86.47 -69.89
C GLY C 54 48.97 -85.12 -69.85
N ILE C 55 48.21 -84.04 -69.63
CA ILE C 55 48.81 -82.72 -69.54
C ILE C 55 49.76 -82.68 -68.35
N ALA C 56 50.96 -82.15 -68.57
CA ALA C 56 51.96 -82.09 -67.53
C ALA C 56 51.48 -81.22 -66.37
N GLY C 57 51.85 -81.62 -65.15
CA GLY C 57 51.44 -80.88 -63.97
C GLY C 57 51.96 -79.46 -63.97
N SER C 58 53.18 -79.25 -64.48
CA SER C 58 53.73 -77.90 -64.56
C SER C 58 52.99 -77.03 -65.57
N LYS C 59 52.21 -77.65 -66.46
CA LYS C 59 51.46 -76.91 -67.47
C LYS C 59 50.05 -76.53 -66.99
N ILE C 60 49.66 -76.95 -65.80
CA ILE C 60 48.36 -76.60 -65.24
C ILE C 60 48.55 -75.33 -64.43
N LYS C 61 48.12 -74.20 -64.99
CA LYS C 61 48.26 -72.90 -64.36
C LYS C 61 46.89 -72.31 -64.08
N ILE C 62 46.89 -71.12 -63.49
CA ILE C 62 45.67 -70.40 -63.14
C ILE C 62 45.62 -69.10 -63.94
N GLY C 63 44.51 -68.88 -64.61
CA GLY C 63 44.33 -67.67 -65.41
C GLY C 63 43.23 -67.87 -66.41
N THR C 64 42.89 -66.76 -67.06
CA THR C 64 41.84 -66.76 -68.08
C THR C 64 42.37 -66.98 -69.49
N THR C 65 43.67 -67.22 -69.64
CA THR C 65 44.24 -67.52 -70.95
C THR C 65 43.62 -68.79 -71.51
N ALA C 66 43.30 -68.76 -72.81
CA ALA C 66 42.67 -69.89 -73.47
C ALA C 66 43.55 -71.13 -73.39
N SER C 67 43.04 -72.19 -72.78
CA SER C 67 43.80 -73.41 -72.63
C SER C 67 43.98 -74.10 -73.98
N THR C 68 45.21 -74.51 -74.27
CA THR C 68 45.52 -75.18 -75.52
C THR C 68 45.49 -76.70 -75.30
N ALA C 69 45.94 -77.46 -76.30
CA ALA C 69 45.96 -78.91 -76.18
C ALA C 69 47.03 -79.38 -75.20
N THR C 70 48.05 -78.56 -74.94
CA THR C 70 49.13 -78.92 -74.03
C THR C 70 49.08 -78.16 -72.71
N GLU C 71 48.50 -76.98 -72.68
CA GLU C 71 48.40 -76.16 -71.48
C GLU C 71 46.95 -76.04 -71.04
N THR C 72 46.73 -76.06 -69.73
CA THR C 72 45.39 -75.94 -69.17
C THR C 72 45.37 -74.79 -68.18
N TYR C 73 44.37 -73.91 -68.31
CA TYR C 73 44.15 -72.81 -67.40
C TYR C 73 42.78 -72.97 -66.74
N VAL C 74 42.72 -72.70 -65.44
CA VAL C 74 41.49 -72.93 -64.69
C VAL C 74 40.36 -72.00 -65.13
N GLY C 75 40.68 -70.91 -65.82
CA GLY C 75 39.65 -70.01 -66.33
C GLY C 75 39.30 -68.86 -65.43
N VAL C 76 39.92 -68.75 -64.25
CA VAL C 76 39.67 -67.63 -63.35
C VAL C 76 40.99 -66.95 -63.02
N GLU C 77 40.90 -65.66 -62.70
CA GLU C 77 42.06 -64.90 -62.28
C GLU C 77 42.51 -65.34 -60.88
N PRO C 78 43.78 -65.16 -60.55
CA PRO C 78 44.22 -65.45 -59.18
C PRO C 78 43.47 -64.64 -58.14
N ASP C 79 43.11 -63.39 -58.46
CA ASP C 79 42.38 -62.51 -57.56
C ASP C 79 40.90 -62.44 -57.90
N ALA C 80 40.35 -63.50 -58.50
CA ALA C 80 38.93 -63.52 -58.85
C ALA C 80 38.06 -63.38 -57.61
N ASN C 81 38.41 -64.10 -56.54
CA ASN C 81 37.77 -63.91 -55.24
C ASN C 81 38.58 -62.86 -54.47
N LYS C 82 37.92 -61.77 -54.11
CA LYS C 82 38.63 -60.66 -53.48
C LYS C 82 39.16 -61.01 -52.09
N LEU C 83 38.68 -62.11 -51.50
CA LEU C 83 39.15 -62.50 -50.17
C LEU C 83 40.64 -62.82 -50.18
N GLY C 84 41.11 -63.51 -51.22
CA GLY C 84 42.51 -63.85 -51.31
C GLY C 84 42.84 -64.39 -52.68
N VAL C 85 44.13 -64.63 -52.90
CA VAL C 85 44.60 -65.13 -54.18
C VAL C 85 44.58 -66.66 -54.17
N ILE C 86 44.55 -67.25 -55.37
CA ILE C 86 44.56 -68.69 -55.55
C ILE C 86 45.84 -69.06 -56.31
N ALA C 87 46.56 -70.05 -55.81
CA ALA C 87 47.79 -70.51 -56.42
C ALA C 87 47.69 -72.00 -56.70
N VAL C 88 48.00 -72.38 -57.93
CA VAL C 88 48.02 -73.79 -58.34
C VAL C 88 49.46 -74.14 -58.69
N ALA C 89 50.03 -75.11 -57.97
CA ALA C 89 51.40 -75.55 -58.16
C ALA C 89 51.42 -77.07 -58.17
N ILE C 90 51.30 -77.66 -59.35
CA ILE C 90 51.28 -79.10 -59.53
C ILE C 90 52.59 -79.53 -60.16
N GLU C 91 53.25 -80.52 -59.55
CA GLU C 91 54.50 -81.04 -60.10
C GLU C 91 54.21 -81.98 -61.26
N ASP C 92 55.27 -82.32 -62.00
CA ASP C 92 55.12 -83.21 -63.15
C ASP C 92 54.73 -84.62 -62.72
N SER C 93 55.10 -85.02 -61.50
CA SER C 93 54.74 -86.35 -61.01
C SER C 93 53.27 -86.45 -60.63
N GLY C 94 52.54 -85.35 -60.62
CA GLY C 94 51.15 -85.33 -60.22
C GLY C 94 50.92 -84.79 -58.82
N ALA C 95 51.96 -84.71 -58.01
CA ALA C 95 51.83 -84.14 -56.67
C ALA C 95 51.77 -82.63 -56.73
N GLY C 96 50.92 -82.05 -55.89
CA GLY C 96 50.76 -80.60 -55.86
C GLY C 96 49.68 -80.22 -54.88
N ASP C 97 49.47 -78.91 -54.79
CA ASP C 97 48.47 -78.36 -53.89
C ASP C 97 47.84 -77.12 -54.50
N ILE C 98 46.61 -76.83 -54.08
CA ILE C 98 45.88 -75.63 -54.46
C ILE C 98 45.66 -74.84 -53.17
N THR C 99 46.16 -73.61 -53.13
CA THR C 99 46.13 -72.81 -51.91
C THR C 99 45.28 -71.57 -52.11
N PHE C 100 44.55 -71.19 -51.06
CA PHE C 100 43.79 -69.94 -51.02
C PHE C 100 44.28 -69.17 -49.80
N THR C 101 45.08 -68.15 -50.03
CA THR C 101 45.66 -67.35 -48.94
C THR C 101 44.88 -66.05 -48.82
N PHE C 102 44.23 -65.86 -47.67
CA PHE C 102 43.51 -64.62 -47.42
C PHE C 102 44.48 -63.45 -47.30
N GLN C 103 44.12 -62.34 -47.93
CA GLN C 103 44.97 -61.16 -47.98
C GLN C 103 44.46 -60.09 -47.01
N THR C 104 45.39 -59.47 -46.29
CA THR C 104 45.04 -58.38 -45.40
C THR C 104 44.56 -57.17 -46.21
N GLY C 105 43.50 -56.54 -45.71
CA GLY C 105 42.87 -55.44 -46.40
C GLY C 105 41.60 -55.79 -47.13
N THR C 106 41.34 -57.08 -47.34
CA THR C 106 40.10 -57.53 -47.97
C THR C 106 39.45 -58.72 -47.27
N SER C 107 40.03 -59.20 -46.17
CA SER C 107 39.48 -60.32 -45.43
C SER C 107 39.42 -59.95 -43.96
N SER C 108 38.54 -60.65 -43.22
CA SER C 108 38.36 -60.37 -41.81
C SER C 108 39.65 -60.64 -41.05
N PRO C 109 39.89 -59.91 -39.95
CA PRO C 109 41.15 -60.09 -39.21
C PRO C 109 41.37 -61.50 -38.70
N LYS C 110 40.30 -62.23 -38.38
CA LYS C 110 40.46 -63.60 -37.90
C LYS C 110 41.02 -64.51 -38.98
N ASN C 111 40.57 -64.34 -40.22
CA ASN C 111 40.99 -65.20 -41.33
C ASN C 111 42.16 -64.62 -42.13
N ALA C 112 42.65 -63.44 -41.76
CA ALA C 112 43.71 -62.82 -42.54
C ALA C 112 44.99 -63.65 -42.48
N THR C 113 45.68 -63.73 -43.62
CA THR C 113 46.94 -64.46 -43.78
C THR C 113 46.80 -65.94 -43.46
N LYS C 114 45.61 -66.50 -43.59
CA LYS C 114 45.41 -67.93 -43.42
C LYS C 114 45.34 -68.60 -44.78
N VAL C 115 45.75 -69.87 -44.83
CA VAL C 115 45.88 -70.62 -46.07
C VAL C 115 45.02 -71.88 -45.99
N ILE C 116 44.23 -72.11 -47.02
CA ILE C 116 43.49 -73.36 -47.19
C ILE C 116 44.14 -74.12 -48.33
N THR C 117 44.69 -75.29 -48.02
CA THR C 117 45.50 -76.06 -48.97
C THR C 117 44.80 -77.35 -49.34
N LEU C 118 44.65 -77.57 -50.65
CA LEU C 118 44.12 -78.84 -51.18
C LEU C 118 45.30 -79.64 -51.70
N ASN C 119 45.97 -80.35 -50.80
CA ASN C 119 47.17 -81.10 -51.15
C ASN C 119 46.81 -82.37 -51.90
N ARG C 120 47.53 -82.64 -52.98
CA ARG C 120 47.37 -83.86 -53.77
C ARG C 120 48.69 -84.61 -53.77
N THR C 121 48.64 -85.88 -53.39
CA THR C 121 49.84 -86.71 -53.39
C THR C 121 50.08 -87.28 -54.79
N ALA C 122 51.26 -87.90 -54.95
CA ALA C 122 51.60 -88.51 -56.23
C ALA C 122 50.71 -89.71 -56.55
N ASP C 123 50.04 -90.27 -55.55
CA ASP C 123 49.15 -91.40 -55.73
C ASP C 123 47.71 -90.97 -56.05
N GLY C 124 47.44 -89.67 -56.14
CA GLY C 124 46.12 -89.20 -56.47
C GLY C 124 45.16 -89.04 -55.31
N VAL C 125 45.66 -88.92 -54.09
CA VAL C 125 44.82 -88.76 -52.91
C VAL C 125 44.70 -87.28 -52.58
N TRP C 126 43.47 -86.79 -52.49
CA TRP C 126 43.20 -85.39 -52.22
C TRP C 126 42.92 -85.20 -50.73
N ALA C 127 43.54 -84.18 -50.14
CA ALA C 127 43.31 -83.84 -48.74
C ALA C 127 43.24 -82.32 -48.61
N CYS C 128 42.42 -81.85 -47.67
CA CYS C 128 42.27 -80.43 -47.41
C CYS C 128 42.86 -80.10 -46.04
N LYS C 129 43.75 -79.11 -46.01
CA LYS C 129 44.38 -78.65 -44.78
C LYS C 129 44.18 -77.14 -44.66
N SER C 130 43.81 -76.70 -43.47
CA SER C 130 43.54 -75.29 -43.22
C SER C 130 44.30 -74.83 -41.98
N THR C 131 44.85 -73.63 -42.05
CA THR C 131 45.58 -73.03 -40.94
C THR C 131 44.73 -72.08 -40.11
N GLN C 132 43.44 -71.98 -40.40
CA GLN C 132 42.56 -71.10 -39.65
C GLN C 132 42.29 -71.68 -38.25
N ASP C 133 41.46 -70.98 -37.50
CA ASP C 133 41.03 -71.50 -36.20
C ASP C 133 40.13 -72.72 -36.40
N PRO C 134 40.16 -73.67 -35.46
CA PRO C 134 39.31 -74.86 -35.61
C PRO C 134 37.83 -74.54 -35.71
N MET C 135 37.36 -73.49 -35.03
CA MET C 135 35.96 -73.11 -35.11
C MET C 135 35.60 -72.59 -36.50
N PHE C 136 36.50 -71.85 -37.13
CA PHE C 136 36.27 -71.27 -38.45
C PHE C 136 36.61 -72.22 -39.59
N THR C 137 37.23 -73.36 -39.31
CA THR C 137 37.62 -74.27 -40.36
C THR C 137 36.39 -74.95 -40.95
N PRO C 138 36.20 -74.90 -42.27
CA PRO C 138 35.04 -75.55 -42.87
C PRO C 138 35.12 -77.06 -42.74
N LYS C 139 33.95 -77.70 -42.82
CA LYS C 139 33.88 -79.15 -42.72
C LYS C 139 34.63 -79.81 -43.86
N GLY C 140 35.25 -80.95 -43.56
CA GLY C 140 36.01 -81.70 -44.54
C GLY C 140 37.45 -81.29 -44.70
N CYS C 141 37.88 -80.23 -44.02
CA CYS C 141 39.27 -79.78 -44.05
C CYS C 141 39.86 -79.95 -42.67
N ASP C 142 40.97 -80.67 -42.58
CA ASP C 142 41.66 -80.84 -41.31
C ASP C 142 42.35 -79.55 -40.91
N ASN C 143 42.56 -79.41 -39.59
CA ASN C 143 43.18 -78.20 -39.07
C ASN C 143 44.57 -78.50 -38.49
N PHE D 1 4.46 -23.11 -12.61
CA PHE D 1 5.60 -23.18 -13.51
C PHE D 1 6.64 -22.12 -13.15
N THR D 2 7.89 -22.54 -13.03
CA THR D 2 8.99 -21.65 -12.69
C THR D 2 9.94 -21.52 -13.87
N LEU D 3 10.69 -20.42 -13.89
CA LEU D 3 11.64 -20.20 -14.98
C LEU D 3 12.77 -21.21 -14.92
N ILE D 4 13.14 -21.68 -13.73
CA ILE D 4 14.16 -22.72 -13.64
C ILE D 4 13.66 -24.02 -14.26
N GLU D 5 12.37 -24.33 -14.09
CA GLU D 5 11.78 -25.51 -14.71
C GLU D 5 11.91 -25.45 -16.22
N LEU D 6 11.56 -24.30 -16.81
CA LEU D 6 11.59 -24.15 -18.26
C LEU D 6 13.01 -24.09 -18.80
N MET D 7 13.93 -23.47 -18.06
CA MET D 7 15.31 -23.42 -18.51
C MET D 7 15.97 -24.79 -18.46
N ILE D 8 15.63 -25.61 -17.46
CA ILE D 8 16.13 -26.98 -17.45
C ILE D 8 15.59 -27.75 -18.64
N VAL D 9 14.32 -27.53 -18.99
CA VAL D 9 13.72 -28.18 -20.15
C VAL D 9 14.44 -27.76 -21.43
N VAL D 10 14.74 -26.46 -21.55
CA VAL D 10 15.44 -25.97 -22.73
C VAL D 10 16.84 -26.58 -22.81
N ALA D 11 17.54 -26.65 -21.68
CA ALA D 11 18.87 -27.24 -21.67
C ALA D 11 18.84 -28.71 -22.06
N ILE D 12 17.85 -29.45 -21.54
CA ILE D 12 17.77 -30.87 -21.88
C ILE D 12 17.35 -31.05 -23.33
N ILE D 13 16.55 -30.13 -23.87
CA ILE D 13 16.22 -30.18 -25.29
C ILE D 13 17.47 -29.99 -26.13
N GLY D 14 18.31 -29.02 -25.76
CA GLY D 14 19.55 -28.82 -26.48
C GLY D 14 20.50 -29.99 -26.36
N ILE D 15 20.56 -30.60 -25.17
CA ILE D 15 21.43 -31.75 -24.97
C ILE D 15 20.93 -32.95 -25.76
N LEU D 16 19.61 -33.15 -25.80
CA LEU D 16 19.03 -34.27 -26.53
C LEU D 16 19.20 -34.09 -28.04
N ALA D 17 19.35 -32.85 -28.50
CA ALA D 17 19.80 -32.58 -29.85
C ALA D 17 21.31 -32.77 -29.89
N ALA D 18 21.95 -32.30 -30.95
CA ALA D 18 23.40 -32.36 -31.12
C ALA D 18 23.94 -33.79 -31.19
N ILE D 19 23.06 -34.78 -31.26
CA ILE D 19 23.49 -36.17 -31.42
C ILE D 19 24.04 -36.33 -32.83
N ALA D 20 25.32 -36.68 -32.92
CA ALA D 20 25.97 -36.78 -34.22
C ALA D 20 25.34 -37.88 -35.05
N ILE D 21 25.07 -37.59 -36.31
CA ILE D 21 24.49 -38.53 -37.26
C ILE D 21 25.60 -38.97 -38.21
N PRO D 22 26.06 -40.22 -38.13
CA PRO D 22 27.13 -40.67 -39.03
C PRO D 22 26.63 -40.84 -40.45
N GLN D 23 27.58 -41.09 -41.35
CA GLN D 23 27.26 -41.32 -42.75
C GLN D 23 26.45 -42.60 -42.91
N TYR D 24 25.44 -42.56 -43.77
CA TYR D 24 24.59 -43.73 -44.01
C TYR D 24 24.38 -44.05 -45.48
N GLN D 25 24.72 -43.15 -46.41
CA GLN D 25 24.52 -43.45 -47.83
C GLN D 25 25.46 -44.54 -48.32
N ASN D 26 26.63 -44.68 -47.68
CA ASN D 26 27.55 -45.75 -48.05
C ASN D 26 26.93 -47.11 -47.81
N TYR D 27 26.23 -47.27 -46.69
CA TYR D 27 25.56 -48.54 -46.39
C TYR D 27 24.51 -48.86 -47.43
N VAL D 28 23.72 -47.87 -47.83
CA VAL D 28 22.67 -48.07 -48.82
C VAL D 28 23.29 -48.43 -50.17
N ALA D 29 24.36 -47.74 -50.56
CA ALA D 29 25.01 -48.03 -51.83
C ALA D 29 25.59 -49.45 -51.84
N ARG D 30 26.24 -49.85 -50.74
CA ARG D 30 26.79 -51.20 -50.68
C ARG D 30 25.70 -52.26 -50.73
N SER D 31 24.59 -52.02 -50.02
CA SER D 31 23.48 -52.97 -50.06
C SER D 31 22.87 -53.04 -51.46
N GLU D 32 22.76 -51.90 -52.14
CA GLU D 32 22.25 -51.90 -53.51
C GLU D 32 23.16 -52.69 -54.44
N GLY D 33 24.47 -52.51 -54.31
CA GLY D 33 25.39 -53.28 -55.13
C GLY D 33 25.30 -54.77 -54.87
N ALA D 34 25.21 -55.15 -53.58
CA ALA D 34 25.07 -56.56 -53.25
C ALA D 34 23.77 -57.13 -53.79
N SER D 35 22.68 -56.37 -53.69
CA SER D 35 21.39 -56.84 -54.21
C SER D 35 21.43 -57.01 -55.72
N ALA D 36 22.04 -56.06 -56.42
CA ALA D 36 22.15 -56.19 -57.88
C ALA D 36 22.97 -57.41 -58.27
N LEU D 37 24.11 -57.61 -57.59
CA LEU D 37 24.96 -58.75 -57.91
C LEU D 37 24.24 -60.07 -57.62
N ALA D 38 23.52 -60.15 -56.50
CA ALA D 38 22.75 -61.34 -56.19
C ALA D 38 21.58 -61.53 -57.15
N THR D 39 21.08 -60.45 -57.73
CA THR D 39 20.00 -60.58 -58.72
C THR D 39 20.52 -61.15 -60.03
N ILE D 40 21.66 -60.65 -60.52
CA ILE D 40 22.15 -61.08 -61.83
C ILE D 40 23.08 -62.30 -61.76
N ASN D 41 23.50 -62.72 -60.56
CA ASN D 41 24.37 -63.88 -60.46
C ASN D 41 23.71 -65.17 -60.95
N PRO D 42 22.48 -65.52 -60.56
CA PRO D 42 21.89 -66.78 -61.04
C PRO D 42 21.68 -66.82 -62.54
N LEU D 43 21.66 -65.68 -63.22
CA LEU D 43 21.51 -65.67 -64.67
C LEU D 43 22.71 -66.28 -65.38
N LYS D 44 23.86 -66.40 -64.70
CA LYS D 44 24.99 -67.10 -65.27
C LYS D 44 24.67 -68.57 -65.48
N THR D 45 23.96 -69.19 -64.54
CA THR D 45 23.59 -70.59 -64.68
C THR D 45 22.68 -70.81 -65.89
N THR D 46 21.71 -69.91 -66.08
CA THR D 46 20.78 -70.06 -67.20
C THR D 46 21.50 -69.99 -68.54
N VAL D 47 22.37 -68.99 -68.70
CA VAL D 47 23.07 -68.80 -69.96
C VAL D 47 24.00 -69.98 -70.24
N GLU D 48 24.76 -70.39 -69.23
CA GLU D 48 25.70 -71.51 -69.42
C GLU D 48 24.97 -72.80 -69.73
N GLU D 49 23.88 -73.08 -69.01
CA GLU D 49 23.12 -74.29 -69.27
C GLU D 49 22.50 -74.28 -70.67
N SER D 50 21.94 -73.14 -71.08
CA SER D 50 21.33 -73.06 -72.39
C SER D 50 22.37 -73.22 -73.49
N LEU D 51 23.56 -72.63 -73.32
CA LEU D 51 24.62 -72.82 -74.29
C LEU D 51 25.12 -74.25 -74.31
N SER D 52 25.13 -74.92 -73.15
CA SER D 52 25.56 -76.31 -73.10
C SER D 52 24.60 -77.22 -73.86
N ARG D 53 23.31 -76.94 -73.78
CA ARG D 53 22.30 -77.75 -74.46
C ARG D 53 22.14 -77.40 -75.93
N GLY D 54 22.88 -76.42 -76.43
CA GLY D 54 22.83 -76.07 -77.84
C GLY D 54 21.91 -74.93 -78.20
N ILE D 55 21.19 -74.36 -77.24
CA ILE D 55 20.31 -73.24 -77.54
C ILE D 55 21.16 -72.06 -78.00
N ALA D 56 20.74 -71.43 -79.11
CA ALA D 56 21.48 -70.31 -79.66
C ALA D 56 21.54 -69.16 -78.67
N GLY D 57 22.67 -68.46 -78.66
CA GLY D 57 22.84 -67.34 -77.75
C GLY D 57 21.83 -66.23 -77.98
N SER D 58 21.48 -65.99 -79.25
CA SER D 58 20.47 -64.99 -79.56
C SER D 58 19.08 -65.38 -79.07
N LYS D 59 18.87 -66.66 -78.76
CA LYS D 59 17.58 -67.15 -78.28
C LYS D 59 17.46 -67.11 -76.77
N ILE D 60 18.53 -66.72 -76.05
CA ILE D 60 18.49 -66.60 -74.61
C ILE D 60 18.08 -65.17 -74.28
N LYS D 61 16.83 -64.99 -73.89
CA LYS D 61 16.27 -63.68 -73.58
C LYS D 61 15.86 -63.62 -72.12
N ILE D 62 15.36 -62.46 -71.71
CA ILE D 62 14.93 -62.22 -70.33
C ILE D 62 13.44 -61.94 -70.35
N GLY D 63 12.71 -62.67 -69.51
CA GLY D 63 11.26 -62.49 -69.43
C GLY D 63 10.63 -63.70 -68.78
N THR D 64 9.34 -63.57 -68.50
CA THR D 64 8.57 -64.63 -67.88
C THR D 64 7.87 -65.53 -68.90
N THR D 65 8.09 -65.31 -70.18
CA THR D 65 7.52 -66.17 -71.21
C THR D 65 8.03 -67.59 -71.04
N ALA D 66 7.13 -68.56 -71.20
CA ALA D 66 7.48 -69.96 -71.04
C ALA D 66 8.56 -70.38 -72.04
N SER D 67 9.70 -70.83 -71.53
CA SER D 67 10.80 -71.23 -72.41
C SER D 67 10.45 -72.51 -73.14
N THR D 68 10.69 -72.51 -74.45
CA THR D 68 10.42 -73.68 -75.29
C THR D 68 11.68 -74.50 -75.44
N ALA D 69 11.64 -75.50 -76.33
CA ALA D 69 12.82 -76.33 -76.56
C ALA D 69 13.92 -75.58 -77.28
N THR D 70 13.58 -74.51 -77.99
CA THR D 70 14.56 -73.73 -78.74
C THR D 70 14.85 -72.37 -78.11
N GLU D 71 13.92 -71.81 -77.36
CA GLU D 71 14.09 -70.51 -76.72
C GLU D 71 14.13 -70.68 -75.20
N THR D 72 14.97 -69.90 -74.55
CA THR D 72 15.11 -69.93 -73.10
C THR D 72 14.90 -68.53 -72.55
N TYR D 73 14.04 -68.43 -71.52
CA TYR D 73 13.80 -67.18 -70.81
C TYR D 73 14.20 -67.35 -69.35
N VAL D 74 14.83 -66.32 -68.79
CA VAL D 74 15.37 -66.42 -67.44
C VAL D 74 14.28 -66.54 -66.40
N GLY D 75 13.03 -66.20 -66.74
CA GLY D 75 11.92 -66.34 -65.82
C GLY D 75 11.61 -65.12 -64.99
N VAL D 76 12.35 -64.04 -65.13
CA VAL D 76 12.09 -62.80 -64.40
C VAL D 76 11.93 -61.66 -65.38
N GLU D 77 11.16 -60.65 -64.97
CA GLU D 77 10.99 -59.45 -65.77
C GLU D 77 12.28 -58.63 -65.77
N PRO D 78 12.49 -57.82 -66.81
CA PRO D 78 13.64 -56.91 -66.79
C PRO D 78 13.65 -55.98 -65.60
N ASP D 79 12.46 -55.53 -65.18
CA ASP D 79 12.32 -54.62 -64.03
C ASP D 79 11.88 -55.36 -62.76
N ALA D 80 12.22 -56.65 -62.65
CA ALA D 80 11.86 -57.42 -61.46
C ALA D 80 12.48 -56.81 -60.21
N ASN D 81 13.75 -56.42 -60.29
CA ASN D 81 14.39 -55.66 -59.23
C ASN D 81 14.20 -54.18 -59.52
N LYS D 82 13.54 -53.47 -58.60
CA LYS D 82 13.20 -52.07 -58.86
C LYS D 82 14.42 -51.17 -58.92
N LEU D 83 15.58 -51.65 -58.47
CA LEU D 83 16.79 -50.83 -58.51
C LEU D 83 17.18 -50.49 -59.94
N GLY D 84 17.06 -51.46 -60.85
CA GLY D 84 17.40 -51.22 -62.24
C GLY D 84 16.96 -52.37 -63.10
N VAL D 85 17.13 -52.20 -64.41
CA VAL D 85 16.71 -53.21 -65.37
C VAL D 85 17.87 -54.18 -65.61
N ILE D 86 17.52 -55.37 -66.09
CA ILE D 86 18.49 -56.41 -66.42
C ILE D 86 18.40 -56.69 -67.91
N ALA D 87 19.55 -56.71 -68.57
CA ALA D 87 19.62 -56.96 -70.01
C ALA D 87 20.54 -58.15 -70.26
N VAL D 88 20.06 -59.12 -71.04
CA VAL D 88 20.84 -60.28 -71.44
C VAL D 88 21.03 -60.20 -72.95
N ALA D 89 22.29 -60.13 -73.39
CA ALA D 89 22.64 -60.02 -74.80
C ALA D 89 23.78 -61.00 -75.07
N ILE D 90 23.43 -62.22 -75.47
CA ILE D 90 24.40 -63.27 -75.76
C ILE D 90 24.44 -63.48 -77.27
N GLU D 91 25.64 -63.46 -77.84
CA GLU D 91 25.82 -63.70 -79.26
C GLU D 91 25.74 -65.19 -79.57
N ASP D 92 25.61 -65.51 -80.85
CA ASP D 92 25.52 -66.91 -81.26
C ASP D 92 26.81 -67.67 -80.99
N SER D 93 27.95 -66.98 -80.98
CA SER D 93 29.23 -67.61 -80.71
C SER D 93 29.40 -67.98 -79.24
N GLY D 94 28.50 -67.53 -78.36
CA GLY D 94 28.61 -67.76 -76.95
C GLY D 94 29.08 -66.55 -76.16
N ALA D 95 29.66 -65.57 -76.83
CA ALA D 95 30.10 -64.36 -76.16
C ALA D 95 28.91 -63.46 -75.85
N GLY D 96 28.95 -62.83 -74.69
CA GLY D 96 27.87 -61.95 -74.29
C GLY D 96 28.11 -61.44 -72.88
N ASP D 97 27.15 -60.62 -72.42
CA ASP D 97 27.23 -60.03 -71.10
C ASP D 97 25.83 -59.88 -70.52
N ILE D 98 25.77 -59.87 -69.18
CA ILE D 98 24.54 -59.62 -68.45
C ILE D 98 24.77 -58.35 -67.65
N THR D 99 23.93 -57.34 -67.90
CA THR D 99 24.12 -56.02 -67.32
C THR D 99 22.96 -55.67 -66.38
N PHE D 100 23.29 -55.00 -65.29
CA PHE D 100 22.30 -54.44 -64.36
C PHE D 100 22.58 -52.94 -64.25
N THR D 101 21.75 -52.14 -64.90
CA THR D 101 21.90 -50.70 -64.93
C THR D 101 20.94 -50.07 -63.93
N PHE D 102 21.47 -49.42 -62.91
CA PHE D 102 20.64 -48.72 -61.95
C PHE D 102 19.94 -47.54 -62.61
N GLN D 103 18.66 -47.39 -62.30
CA GLN D 103 17.83 -46.34 -62.89
C GLN D 103 17.60 -45.20 -61.91
N THR D 104 17.70 -43.98 -62.42
CA THR D 104 17.44 -42.80 -61.61
C THR D 104 15.96 -42.76 -61.22
N GLY D 105 15.69 -42.41 -59.97
CA GLY D 105 14.34 -42.40 -59.44
C GLY D 105 14.00 -43.58 -58.57
N THR D 106 14.81 -44.65 -58.62
CA THR D 106 14.60 -45.82 -57.78
C THR D 106 15.88 -46.34 -57.15
N SER D 107 17.02 -45.70 -57.38
CA SER D 107 18.29 -46.11 -56.81
C SER D 107 18.97 -44.91 -56.18
N SER D 108 19.88 -45.19 -55.24
CA SER D 108 20.57 -44.12 -54.53
C SER D 108 21.41 -43.31 -55.51
N PRO D 109 21.60 -42.01 -55.22
CA PRO D 109 22.35 -41.17 -56.17
C PRO D 109 23.77 -41.65 -56.44
N LYS D 110 24.41 -42.29 -55.47
CA LYS D 110 25.77 -42.78 -55.68
C LYS D 110 25.80 -43.87 -56.73
N ASN D 111 24.82 -44.78 -56.71
CA ASN D 111 24.78 -45.91 -57.62
C ASN D 111 23.96 -45.65 -58.87
N ALA D 112 23.36 -44.47 -59.00
CA ALA D 112 22.49 -44.20 -60.14
C ALA D 112 23.29 -44.22 -61.44
N THR D 113 22.67 -44.79 -62.49
CA THR D 113 23.25 -44.89 -63.83
C THR D 113 24.56 -45.67 -63.86
N LYS D 114 24.77 -46.56 -62.89
CA LYS D 114 25.93 -47.44 -62.89
C LYS D 114 25.54 -48.82 -63.41
N VAL D 115 26.50 -49.50 -64.02
CA VAL D 115 26.27 -50.76 -64.70
C VAL D 115 27.18 -51.83 -64.09
N ILE D 116 26.59 -52.98 -63.75
CA ILE D 116 27.34 -54.16 -63.34
C ILE D 116 27.24 -55.17 -64.48
N THR D 117 28.37 -55.51 -65.08
CA THR D 117 28.41 -56.33 -66.28
C THR D 117 29.06 -57.68 -65.97
N LEU D 118 28.37 -58.76 -66.32
CA LEU D 118 28.90 -60.11 -66.23
C LEU D 118 29.29 -60.54 -67.65
N ASN D 119 30.48 -60.14 -68.07
CA ASN D 119 30.94 -60.41 -69.43
C ASN D 119 31.37 -61.87 -69.56
N ARG D 120 30.93 -62.50 -70.65
CA ARG D 120 31.32 -63.87 -70.99
C ARG D 120 32.02 -63.87 -72.34
N THR D 121 33.22 -64.44 -72.38
CA THR D 121 33.96 -64.53 -73.63
C THR D 121 33.50 -65.74 -74.43
N ALA D 122 33.98 -65.82 -75.68
CA ALA D 122 33.64 -66.94 -76.54
C ALA D 122 34.24 -68.24 -76.03
N ASP D 123 35.24 -68.18 -75.16
CA ASP D 123 35.87 -69.35 -74.59
C ASP D 123 35.20 -69.83 -73.31
N GLY D 124 34.14 -69.15 -72.87
CA GLY D 124 33.42 -69.57 -71.68
C GLY D 124 33.96 -69.05 -70.37
N VAL D 125 34.72 -67.95 -70.39
CA VAL D 125 35.29 -67.38 -69.17
C VAL D 125 34.38 -66.24 -68.70
N TRP D 126 33.94 -66.32 -67.45
CA TRP D 126 33.04 -65.34 -66.86
C TRP D 126 33.84 -64.32 -66.06
N ALA D 127 33.52 -63.04 -66.26
CA ALA D 127 34.16 -61.96 -65.51
C ALA D 127 33.10 -60.93 -65.14
N CYS D 128 33.28 -60.30 -63.98
CA CYS D 128 32.37 -59.28 -63.49
C CYS D 128 33.07 -57.92 -63.52
N LYS D 129 32.45 -56.94 -64.16
CA LYS D 129 32.97 -55.59 -64.24
C LYS D 129 31.90 -54.61 -63.76
N SER D 130 32.31 -53.66 -62.93
CA SER D 130 31.38 -52.70 -62.35
C SER D 130 31.93 -51.29 -62.54
N THR D 131 31.03 -50.36 -62.88
CA THR D 131 31.39 -48.96 -63.07
C THR D 131 31.13 -48.11 -61.83
N GLN D 132 30.73 -48.71 -60.72
CA GLN D 132 30.48 -47.97 -59.50
C GLN D 132 31.78 -47.50 -58.88
N ASP D 133 31.68 -46.85 -57.72
CA ASP D 133 32.86 -46.47 -56.97
C ASP D 133 33.55 -47.71 -56.42
N PRO D 134 34.88 -47.68 -56.29
CA PRO D 134 35.58 -48.85 -55.76
C PRO D 134 35.13 -49.25 -54.36
N MET D 135 34.73 -48.30 -53.52
CA MET D 135 34.25 -48.64 -52.19
C MET D 135 32.92 -49.38 -52.25
N PHE D 136 32.05 -49.00 -53.18
CA PHE D 136 30.73 -49.60 -53.31
C PHE D 136 30.73 -50.85 -54.18
N THR D 137 31.84 -51.15 -54.85
CA THR D 137 31.87 -52.30 -55.74
C THR D 137 31.86 -53.59 -54.92
N PRO D 138 30.94 -54.51 -55.19
CA PRO D 138 30.92 -55.77 -54.43
C PRO D 138 32.14 -56.63 -54.72
N LYS D 139 32.45 -57.50 -53.78
CA LYS D 139 33.60 -58.39 -53.92
C LYS D 139 33.42 -59.32 -55.13
N GLY D 140 34.54 -59.61 -55.79
CA GLY D 140 34.53 -60.47 -56.95
C GLY D 140 34.28 -59.78 -58.27
N CYS D 141 33.97 -58.49 -58.25
CA CYS D 141 33.76 -57.71 -59.47
C CYS D 141 34.86 -56.66 -59.57
N ASP D 142 35.56 -56.65 -60.68
CA ASP D 142 36.60 -55.65 -60.91
C ASP D 142 35.97 -54.30 -61.19
N ASN D 143 36.73 -53.25 -60.90
CA ASN D 143 36.24 -51.89 -61.09
C ASN D 143 36.98 -51.18 -62.22
N PHE E 1 8.14 -13.16 -6.84
CA PHE E 1 7.72 -13.39 -8.22
C PHE E 1 7.27 -12.10 -8.87
N THR E 2 7.81 -11.82 -10.05
CA THR E 2 7.49 -10.61 -10.80
C THR E 2 6.72 -10.97 -12.06
N LEU E 3 5.96 -10.00 -12.57
CA LEU E 3 5.19 -10.25 -13.79
C LEU E 3 6.10 -10.43 -14.99
N ILE E 4 7.27 -9.80 -15.00
CA ILE E 4 8.22 -10.02 -16.08
C ILE E 4 8.73 -11.46 -16.06
N GLU E 5 8.94 -12.02 -14.85
CA GLU E 5 9.36 -13.40 -14.73
C GLU E 5 8.33 -14.34 -15.35
N LEU E 6 7.06 -14.13 -15.05
CA LEU E 6 6.00 -15.00 -15.55
C LEU E 6 5.75 -14.79 -17.04
N MET E 7 5.88 -13.56 -17.52
CA MET E 7 5.69 -13.32 -18.95
C MET E 7 6.82 -13.92 -19.77
N ILE E 8 8.05 -13.89 -19.26
CA ILE E 8 9.14 -14.59 -19.93
C ILE E 8 8.88 -16.08 -19.97
N VAL E 9 8.35 -16.64 -18.89
CA VAL E 9 8.01 -18.07 -18.86
C VAL E 9 6.94 -18.39 -19.89
N VAL E 10 5.91 -17.54 -19.99
CA VAL E 10 4.86 -17.75 -20.96
C VAL E 10 5.41 -17.68 -22.39
N ALA E 11 6.28 -16.70 -22.65
CA ALA E 11 6.87 -16.57 -23.98
C ALA E 11 7.72 -17.79 -24.32
N ILE E 12 8.50 -18.29 -23.37
CA ILE E 12 9.34 -19.46 -23.64
C ILE E 12 8.48 -20.71 -23.78
N ILE E 13 7.35 -20.77 -23.08
CA ILE E 13 6.41 -21.88 -23.27
C ILE E 13 5.86 -21.86 -24.69
N GLY E 14 5.47 -20.68 -25.17
CA GLY E 14 4.98 -20.57 -26.53
C GLY E 14 6.04 -20.89 -27.56
N ILE E 15 7.28 -20.47 -27.32
CA ILE E 15 8.38 -20.74 -28.24
C ILE E 15 8.71 -22.23 -28.25
N LEU E 16 8.68 -22.88 -27.08
CA LEU E 16 8.97 -24.30 -26.99
C LEU E 16 7.88 -25.13 -27.64
N ALA E 17 6.67 -24.58 -27.72
CA ALA E 17 5.62 -25.16 -28.56
C ALA E 17 5.90 -24.75 -30.00
N ALA E 18 4.93 -24.93 -30.89
CA ALA E 18 5.02 -24.55 -32.30
C ALA E 18 6.11 -25.30 -33.05
N ILE E 19 6.71 -26.32 -32.43
CA ILE E 19 7.70 -27.15 -33.12
C ILE E 19 6.95 -27.99 -34.14
N ALA E 20 7.30 -27.81 -35.42
CA ALA E 20 6.58 -28.51 -36.48
C ALA E 20 6.81 -30.02 -36.38
N ILE E 21 5.72 -30.77 -36.52
CA ILE E 21 5.75 -32.23 -36.46
C ILE E 21 5.59 -32.74 -37.89
N PRO E 22 6.61 -33.31 -38.49
CA PRO E 22 6.49 -33.81 -39.87
C PRO E 22 5.62 -35.06 -39.94
N GLN E 23 5.33 -35.47 -41.17
CA GLN E 23 4.56 -36.68 -41.39
C GLN E 23 5.32 -37.91 -40.92
N TYR E 24 4.62 -38.84 -40.29
CA TYR E 24 5.23 -40.06 -39.77
C TYR E 24 4.50 -41.33 -40.14
N GLN E 25 3.26 -41.26 -40.63
CA GLN E 25 2.54 -42.48 -40.98
C GLN E 25 3.14 -43.16 -42.20
N ASN E 26 3.78 -42.39 -43.09
CA ASN E 26 4.43 -42.98 -44.24
C ASN E 26 5.55 -43.93 -43.82
N TYR E 27 6.32 -43.52 -42.81
CA TYR E 27 7.40 -44.38 -42.31
C TYR E 27 6.84 -45.69 -41.76
N VAL E 28 5.77 -45.60 -40.98
CA VAL E 28 5.15 -46.79 -40.41
C VAL E 28 4.60 -47.70 -41.49
N ALA E 29 3.94 -47.12 -42.51
CA ALA E 29 3.41 -47.92 -43.60
C ALA E 29 4.52 -48.62 -44.38
N ARG E 30 5.61 -47.90 -44.65
CA ARG E 30 6.73 -48.52 -45.37
C ARG E 30 7.36 -49.64 -44.56
N SER E 31 7.53 -49.42 -43.25
CA SER E 31 8.09 -50.46 -42.41
C SER E 31 7.18 -51.67 -42.33
N GLU E 32 5.86 -51.44 -42.28
CA GLU E 32 4.91 -52.56 -42.28
C GLU E 32 4.98 -53.35 -43.57
N GLY E 33 5.08 -52.66 -44.72
CA GLY E 33 5.22 -53.36 -45.98
C GLY E 33 6.50 -54.18 -46.05
N ALA E 34 7.62 -53.59 -45.59
CA ALA E 34 8.88 -54.32 -45.58
C ALA E 34 8.81 -55.53 -44.66
N SER E 35 8.18 -55.38 -43.49
CA SER E 35 8.05 -56.50 -42.56
C SER E 35 7.20 -57.62 -43.15
N ALA E 36 6.10 -57.26 -43.80
CA ALA E 36 5.25 -58.27 -44.43
C ALA E 36 6.01 -59.01 -45.53
N LEU E 37 6.72 -58.27 -46.38
CA LEU E 37 7.46 -58.90 -47.46
C LEU E 37 8.55 -59.82 -46.92
N ALA E 38 9.27 -59.38 -45.89
CA ALA E 38 10.28 -60.22 -45.26
C ALA E 38 9.68 -61.42 -44.56
N THR E 39 8.42 -61.32 -44.10
CA THR E 39 7.77 -62.45 -43.48
C THR E 39 7.39 -63.51 -44.50
N ILE E 40 6.82 -63.09 -45.64
CA ILE E 40 6.34 -64.07 -46.63
C ILE E 40 7.39 -64.46 -47.66
N ASN E 41 8.53 -63.77 -47.71
CA ASN E 41 9.57 -64.12 -48.67
C ASN E 41 10.14 -65.52 -48.45
N PRO E 42 10.52 -65.93 -47.23
CA PRO E 42 11.10 -67.28 -47.07
C PRO E 42 10.12 -68.40 -47.41
N LEU E 43 8.82 -68.13 -47.43
CA LEU E 43 7.86 -69.16 -47.79
C LEU E 43 7.98 -69.58 -49.25
N LYS E 44 8.63 -68.78 -50.08
CA LYS E 44 8.90 -69.19 -51.45
C LYS E 44 9.84 -70.39 -51.48
N THR E 45 10.84 -70.42 -50.60
CA THR E 45 11.76 -71.55 -50.54
C THR E 45 11.03 -72.83 -50.15
N THR E 46 10.12 -72.75 -49.18
CA THR E 46 9.41 -73.94 -48.73
C THR E 46 8.55 -74.52 -49.85
N VAL E 47 7.79 -73.68 -50.54
CA VAL E 47 6.91 -74.15 -51.60
C VAL E 47 7.71 -74.75 -52.75
N GLU E 48 8.77 -74.05 -53.17
CA GLU E 48 9.57 -74.53 -54.29
C GLU E 48 10.27 -75.85 -53.94
N GLU E 49 10.82 -75.95 -52.73
CA GLU E 49 11.48 -77.19 -52.33
C GLU E 49 10.48 -78.34 -52.24
N SER E 50 9.31 -78.10 -51.66
CA SER E 50 8.32 -79.16 -51.55
C SER E 50 7.84 -79.62 -52.92
N LEU E 51 7.64 -78.68 -53.85
CA LEU E 51 7.26 -79.06 -55.20
C LEU E 51 8.37 -79.80 -55.91
N SER E 52 9.63 -79.45 -55.64
CA SER E 52 10.75 -80.15 -56.25
C SER E 52 10.83 -81.60 -55.78
N ARG E 53 10.52 -81.85 -54.51
CA ARG E 53 10.59 -83.19 -53.94
C ARG E 53 9.35 -84.02 -54.25
N GLY E 54 8.36 -83.46 -54.94
CA GLY E 54 7.18 -84.19 -55.33
C GLY E 54 5.99 -84.05 -54.42
N ILE E 55 6.11 -83.30 -53.32
CA ILE E 55 4.98 -83.12 -52.43
C ILE E 55 3.88 -82.36 -53.17
N ALA E 56 2.66 -82.85 -53.05
CA ALA E 56 1.54 -82.23 -53.74
C ALA E 56 1.32 -80.80 -53.26
N GLY E 57 0.92 -79.94 -54.18
CA GLY E 57 0.70 -78.54 -53.83
C GLY E 57 -0.40 -78.36 -52.80
N SER E 58 -1.44 -79.19 -52.86
CA SER E 58 -2.50 -79.13 -51.88
C SER E 58 -2.04 -79.57 -50.50
N LYS E 59 -0.90 -80.26 -50.41
CA LYS E 59 -0.36 -80.72 -49.13
C LYS E 59 0.58 -79.72 -48.49
N ILE E 60 0.87 -78.60 -49.16
CA ILE E 60 1.72 -77.56 -48.61
C ILE E 60 0.82 -76.58 -47.88
N LYS E 61 0.80 -76.66 -46.55
CA LYS E 61 -0.04 -75.82 -45.71
C LYS E 61 0.84 -74.94 -44.81
N ILE E 62 0.18 -74.11 -44.02
CA ILE E 62 0.84 -73.19 -43.10
C ILE E 62 0.47 -73.57 -41.68
N GLY E 63 1.47 -73.75 -40.84
CA GLY E 63 1.24 -74.11 -39.45
C GLY E 63 2.51 -74.69 -38.85
N THR E 64 2.45 -74.89 -37.53
CA THR E 64 3.57 -75.44 -36.79
C THR E 64 3.50 -76.95 -36.65
N THR E 65 2.51 -77.60 -37.26
CA THR E 65 2.43 -79.06 -37.23
C THR E 65 3.66 -79.67 -37.89
N ALA E 66 4.19 -80.72 -37.27
CA ALA E 66 5.38 -81.39 -37.78
C ALA E 66 5.15 -81.92 -39.18
N SER E 67 5.94 -81.45 -40.14
CA SER E 67 5.79 -81.89 -41.52
C SER E 67 6.24 -83.33 -41.67
N THR E 68 5.41 -84.13 -42.35
CA THR E 68 5.70 -85.53 -42.58
C THR E 68 6.36 -85.70 -43.95
N ALA E 69 6.52 -86.95 -44.38
CA ALA E 69 7.13 -87.20 -45.69
C ALA E 69 6.20 -86.80 -46.83
N THR E 70 4.90 -86.72 -46.58
CA THR E 70 3.94 -86.36 -47.61
C THR E 70 3.36 -84.96 -47.44
N GLU E 71 3.33 -84.44 -46.22
CA GLU E 71 2.80 -83.11 -45.94
C GLU E 71 3.92 -82.19 -45.47
N THR E 72 3.84 -80.93 -45.90
CA THR E 72 4.83 -79.93 -45.53
C THR E 72 4.13 -78.74 -44.90
N TYR E 73 4.62 -78.30 -43.74
CA TYR E 73 4.14 -77.12 -43.05
C TYR E 73 5.25 -76.09 -42.96
N VAL E 74 4.91 -74.82 -43.17
CA VAL E 74 5.94 -73.78 -43.21
C VAL E 74 6.59 -73.56 -41.86
N GLY E 75 5.97 -74.03 -40.77
CA GLY E 75 6.56 -73.91 -39.46
C GLY E 75 6.16 -72.68 -38.66
N VAL E 76 5.32 -71.80 -39.22
CA VAL E 76 4.86 -70.62 -38.52
C VAL E 76 3.33 -70.61 -38.52
N GLU E 77 2.77 -69.98 -37.50
CA GLU E 77 1.33 -69.81 -37.42
C GLU E 77 0.85 -68.81 -38.47
N PRO E 78 -0.42 -68.91 -38.88
CA PRO E 78 -0.95 -67.89 -39.79
C PRO E 78 -0.88 -66.49 -39.22
N ASP E 79 -1.06 -66.35 -37.91
CA ASP E 79 -1.01 -65.05 -37.22
C ASP E 79 0.32 -64.83 -36.51
N ALA E 80 1.40 -65.45 -37.01
CA ALA E 80 2.71 -65.28 -36.39
C ALA E 80 3.15 -63.83 -36.42
N ASN E 81 2.94 -63.16 -37.55
CA ASN E 81 3.14 -61.72 -37.65
C ASN E 81 1.81 -61.03 -37.32
N LYS E 82 1.81 -60.20 -36.28
CA LYS E 82 0.56 -59.61 -35.82
C LYS E 82 -0.03 -58.62 -36.81
N LEU E 83 0.76 -58.20 -37.81
CA LEU E 83 0.24 -57.25 -38.80
C LEU E 83 -0.91 -57.85 -39.59
N GLY E 84 -0.78 -59.12 -39.97
CA GLY E 84 -1.83 -59.78 -40.73
C GLY E 84 -1.59 -61.27 -40.81
N VAL E 85 -2.55 -61.97 -41.38
CA VAL E 85 -2.46 -63.42 -41.50
C VAL E 85 -1.77 -63.78 -42.81
N ILE E 86 -1.23 -65.00 -42.87
CA ILE E 86 -0.55 -65.52 -44.04
C ILE E 86 -1.33 -66.74 -44.53
N ALA E 87 -1.63 -66.78 -45.82
CA ALA E 87 -2.37 -67.88 -46.43
C ALA E 87 -1.54 -68.47 -47.57
N VAL E 88 -1.38 -69.78 -47.55
CA VAL E 88 -0.69 -70.51 -48.61
C VAL E 88 -1.71 -71.39 -49.30
N ALA E 89 -1.91 -71.18 -50.60
CA ALA E 89 -2.88 -71.94 -51.39
C ALA E 89 -2.19 -72.33 -52.70
N ILE E 90 -1.59 -73.51 -52.73
CA ILE E 90 -0.88 -74.02 -53.90
C ILE E 90 -1.71 -75.14 -54.50
N GLU E 91 -1.96 -75.07 -55.80
CA GLU E 91 -2.70 -76.13 -56.48
C GLU E 91 -1.78 -77.32 -56.77
N ASP E 92 -2.40 -78.43 -57.16
CA ASP E 92 -1.63 -79.64 -57.45
C ASP E 92 -0.74 -79.46 -58.67
N SER E 93 -1.14 -78.59 -59.61
CA SER E 93 -0.34 -78.34 -60.80
C SER E 93 0.91 -77.52 -60.52
N GLY E 94 1.05 -76.98 -59.31
CA GLY E 94 2.15 -76.13 -58.94
C GLY E 94 1.83 -74.66 -58.91
N ALA E 95 0.72 -74.25 -59.52
CA ALA E 95 0.29 -72.86 -59.48
C ALA E 95 -0.32 -72.53 -58.13
N GLY E 96 -0.02 -71.33 -57.64
CA GLY E 96 -0.53 -70.90 -56.36
C GLY E 96 0.03 -69.54 -56.01
N ASP E 97 -0.39 -69.06 -54.84
CA ASP E 97 0.04 -67.76 -54.35
C ASP E 97 0.16 -67.79 -52.83
N ILE E 98 1.01 -66.91 -52.31
CA ILE E 98 1.18 -66.71 -50.88
C ILE E 98 0.76 -65.27 -50.59
N THR E 99 -0.25 -65.09 -49.74
CA THR E 99 -0.83 -63.79 -49.49
C THR E 99 -0.61 -63.37 -48.04
N PHE E 100 -0.36 -62.07 -47.85
CA PHE E 100 -0.27 -61.46 -46.52
C PHE E 100 -1.29 -60.33 -46.49
N THR E 101 -2.41 -60.56 -45.81
CA THR E 101 -3.50 -59.59 -45.72
C THR E 101 -3.42 -58.89 -44.38
N PHE E 102 -3.19 -57.57 -44.41
CA PHE E 102 -3.16 -56.79 -43.18
C PHE E 102 -4.55 -56.74 -42.56
N GLN E 103 -4.62 -56.90 -41.24
CA GLN E 103 -5.87 -56.95 -40.52
C GLN E 103 -6.11 -55.63 -39.78
N THR E 104 -7.35 -55.16 -39.85
CA THR E 104 -7.73 -53.95 -39.11
C THR E 104 -7.67 -54.22 -37.62
N GLY E 105 -7.14 -53.25 -36.87
CA GLY E 105 -6.95 -53.38 -35.44
C GLY E 105 -5.52 -53.69 -35.03
N THR E 106 -4.67 -54.10 -35.97
CA THR E 106 -3.27 -54.35 -35.68
C THR E 106 -2.33 -53.80 -36.73
N SER E 107 -2.83 -53.12 -37.76
CA SER E 107 -2.01 -52.54 -38.80
C SER E 107 -2.43 -51.08 -39.00
N SER E 108 -1.51 -50.30 -39.57
CA SER E 108 -1.77 -48.89 -39.78
C SER E 108 -2.93 -48.71 -40.75
N PRO E 109 -3.69 -47.61 -40.62
CA PRO E 109 -4.86 -47.43 -41.49
C PRO E 109 -4.53 -47.39 -42.97
N LYS E 110 -3.35 -46.91 -43.33
CA LYS E 110 -2.97 -46.87 -44.74
C LYS E 110 -2.82 -48.26 -45.32
N ASN E 111 -2.24 -49.19 -44.56
CA ASN E 111 -1.99 -50.55 -45.04
C ASN E 111 -3.10 -51.53 -44.66
N ALA E 112 -4.13 -51.08 -43.96
CA ALA E 112 -5.17 -52.00 -43.51
C ALA E 112 -5.92 -52.59 -44.70
N THR E 113 -6.24 -53.88 -44.59
CA THR E 113 -6.98 -54.64 -45.60
C THR E 113 -6.27 -54.67 -46.95
N LYS E 114 -4.95 -54.51 -46.96
CA LYS E 114 -4.17 -54.64 -48.18
C LYS E 114 -3.52 -56.02 -48.23
N VAL E 115 -3.30 -56.51 -49.45
CA VAL E 115 -2.82 -57.88 -49.67
C VAL E 115 -1.53 -57.81 -50.48
N ILE E 116 -0.51 -58.53 -50.02
CA ILE E 116 0.72 -58.74 -50.77
C ILE E 116 0.73 -60.18 -51.23
N THR E 117 0.72 -60.38 -52.55
CA THR E 117 0.56 -61.71 -53.14
C THR E 117 1.82 -62.12 -53.86
N LEU E 118 2.33 -63.31 -53.52
CA LEU E 118 3.47 -63.92 -54.22
C LEU E 118 2.91 -65.00 -55.13
N ASN E 119 2.46 -64.59 -56.32
CA ASN E 119 1.83 -65.51 -57.25
C ASN E 119 2.87 -66.37 -57.94
N ARG E 120 2.59 -67.67 -58.02
CA ARG E 120 3.43 -68.63 -58.72
C ARG E 120 2.63 -69.27 -59.85
N THR E 121 3.16 -69.23 -61.06
CA THR E 121 2.49 -69.85 -62.19
C THR E 121 2.83 -71.33 -62.26
N ALA E 122 2.12 -72.04 -63.13
CA ALA E 122 2.36 -73.47 -63.31
C ALA E 122 3.73 -73.74 -63.91
N ASP E 123 4.36 -72.74 -64.52
CA ASP E 123 5.69 -72.88 -65.10
C ASP E 123 6.80 -72.57 -64.11
N GLY E 124 6.48 -72.23 -62.87
CA GLY E 124 7.48 -71.96 -61.86
C GLY E 124 8.00 -70.55 -61.82
N VAL E 125 7.25 -69.59 -62.35
CA VAL E 125 7.68 -68.19 -62.35
C VAL E 125 7.04 -67.48 -61.17
N TRP E 126 7.87 -66.86 -60.33
CA TRP E 126 7.42 -66.16 -59.14
C TRP E 126 7.26 -64.68 -59.43
N ALA E 127 6.15 -64.09 -58.98
CA ALA E 127 5.89 -62.67 -59.12
C ALA E 127 5.25 -62.15 -57.86
N CYS E 128 5.56 -60.90 -57.51
CA CYS E 128 5.00 -60.26 -56.32
C CYS E 128 4.06 -59.14 -56.76
N LYS E 129 2.84 -59.18 -56.24
CA LYS E 129 1.82 -58.17 -56.51
C LYS E 129 1.29 -57.62 -55.20
N SER E 130 1.16 -56.30 -55.12
CA SER E 130 0.71 -55.63 -53.91
C SER E 130 -0.41 -54.67 -54.24
N THR E 131 -1.42 -54.62 -53.38
CA THR E 131 -2.55 -53.72 -53.53
C THR E 131 -2.41 -52.44 -52.73
N GLN E 132 -1.27 -52.22 -52.07
CA GLN E 132 -1.07 -51.03 -51.28
C GLN E 132 -0.87 -49.82 -52.21
N ASP E 133 -0.61 -48.66 -51.59
CA ASP E 133 -0.28 -47.48 -52.36
C ASP E 133 1.09 -47.65 -53.02
N PRO E 134 1.29 -47.05 -54.19
CA PRO E 134 2.60 -47.18 -54.86
C PRO E 134 3.76 -46.67 -54.02
N MET E 135 3.56 -45.64 -53.19
CA MET E 135 4.63 -45.15 -52.35
C MET E 135 5.00 -46.14 -51.26
N PHE E 136 4.00 -46.85 -50.72
CA PHE E 136 4.24 -47.81 -49.65
C PHE E 136 4.60 -49.19 -50.16
N THR E 137 4.50 -49.43 -51.46
CA THR E 137 4.79 -50.75 -52.00
C THR E 137 6.30 -51.03 -51.92
N PRO E 138 6.71 -52.14 -51.32
CA PRO E 138 8.14 -52.44 -51.26
C PRO E 138 8.72 -52.74 -52.63
N LYS E 139 10.03 -52.56 -52.73
CA LYS E 139 10.73 -52.79 -53.99
C LYS E 139 10.62 -54.26 -54.40
N GLY E 140 10.53 -54.48 -55.71
CA GLY E 140 10.41 -55.81 -56.25
C GLY E 140 9.00 -56.35 -56.36
N CYS E 141 8.01 -55.62 -55.85
CA CYS E 141 6.62 -56.02 -55.95
C CYS E 141 5.88 -55.01 -56.82
N ASP E 142 5.22 -55.51 -57.86
CA ASP E 142 4.44 -54.64 -58.72
C ASP E 142 3.17 -54.18 -58.01
N ASN E 143 2.64 -53.04 -58.44
CA ASN E 143 1.47 -52.48 -57.82
C ASN E 143 0.27 -52.50 -58.78
N PHE F 1 4.87 -1.50 -6.65
CA PHE F 1 4.10 -2.73 -6.78
C PHE F 1 2.65 -2.51 -6.37
N THR F 2 1.73 -2.93 -7.22
CA THR F 2 0.30 -2.79 -6.97
C THR F 2 -0.34 -4.15 -6.75
N LEU F 3 -1.48 -4.15 -6.06
CA LEU F 3 -2.18 -5.41 -5.81
C LEU F 3 -2.72 -6.02 -7.09
N ILE F 4 -3.08 -5.18 -8.06
CA ILE F 4 -3.52 -5.70 -9.35
C ILE F 4 -2.37 -6.41 -10.06
N GLU F 5 -1.15 -5.88 -9.93
CA GLU F 5 0.02 -6.54 -10.52
C GLU F 5 0.21 -7.93 -9.95
N LEU F 6 0.11 -8.06 -8.63
CA LEU F 6 0.32 -9.34 -7.97
C LEU F 6 -0.82 -10.30 -8.22
N MET F 7 -2.06 -9.80 -8.29
CA MET F 7 -3.19 -10.67 -8.56
C MET F 7 -3.16 -11.20 -9.99
N ILE F 8 -2.71 -10.39 -10.95
CA ILE F 8 -2.52 -10.88 -12.31
C ILE F 8 -1.45 -11.97 -12.33
N VAL F 9 -0.37 -11.78 -11.56
CA VAL F 9 0.67 -12.79 -11.48
C VAL F 9 0.12 -14.09 -10.90
N VAL F 10 -0.69 -13.99 -9.84
CA VAL F 10 -1.28 -15.18 -9.23
C VAL F 10 -2.20 -15.89 -10.22
N ALA F 11 -3.01 -15.12 -10.94
CA ALA F 11 -3.92 -15.72 -11.92
C ALA F 11 -3.15 -16.42 -13.04
N ILE F 12 -2.07 -15.80 -13.51
CA ILE F 12 -1.28 -16.43 -14.58
C ILE F 12 -0.52 -17.63 -14.05
N ILE F 13 -0.13 -17.62 -12.77
CA ILE F 13 0.47 -18.80 -12.17
C ILE F 13 -0.52 -19.95 -12.14
N GLY F 14 -1.76 -19.66 -11.74
CA GLY F 14 -2.79 -20.69 -11.73
C GLY F 14 -3.11 -21.21 -13.13
N ILE F 15 -3.14 -20.31 -14.11
CA ILE F 15 -3.42 -20.70 -15.49
C ILE F 15 -2.29 -21.55 -16.05
N LEU F 16 -1.04 -21.18 -15.74
CA LEU F 16 0.12 -21.92 -16.21
C LEU F 16 0.20 -23.29 -15.56
N ALA F 17 -0.38 -23.45 -14.39
CA ALA F 17 -0.61 -24.76 -13.80
C ALA F 17 -1.83 -25.37 -14.49
N ALA F 18 -2.38 -26.44 -13.92
CA ALA F 18 -3.57 -27.11 -14.42
C ALA F 18 -3.38 -27.70 -15.81
N ILE F 19 -2.16 -27.71 -16.34
CA ILE F 19 -1.88 -28.35 -17.62
C ILE F 19 -2.00 -29.85 -17.43
N ALA F 20 -2.93 -30.47 -18.15
CA ALA F 20 -3.18 -31.90 -17.97
C ALA F 20 -1.96 -32.70 -18.40
N ILE F 21 -1.60 -33.68 -17.57
CA ILE F 21 -0.48 -34.57 -17.83
C ILE F 21 -1.04 -35.92 -18.25
N PRO F 22 -0.89 -36.32 -19.51
CA PRO F 22 -1.43 -37.61 -19.95
C PRO F 22 -0.63 -38.77 -19.39
N GLN F 23 -1.16 -39.97 -19.61
CA GLN F 23 -0.48 -41.18 -19.17
C GLN F 23 0.82 -41.36 -19.93
N TYR F 24 1.86 -41.79 -19.22
CA TYR F 24 3.18 -42.01 -19.82
C TYR F 24 3.82 -43.34 -19.50
N GLN F 25 3.31 -44.08 -18.49
CA GLN F 25 3.92 -45.36 -18.15
C GLN F 25 3.68 -46.40 -19.24
N ASN F 26 2.60 -46.26 -20.01
CA ASN F 26 2.36 -47.19 -21.11
C ASN F 26 3.46 -47.09 -22.16
N TYR F 27 3.91 -45.87 -22.46
CA TYR F 27 4.98 -45.68 -23.43
C TYR F 27 6.26 -46.35 -22.94
N VAL F 28 6.59 -46.17 -21.67
CA VAL F 28 7.79 -46.77 -21.11
C VAL F 28 7.70 -48.29 -21.13
N ALA F 29 6.55 -48.84 -20.77
CA ALA F 29 6.38 -50.29 -20.78
C ALA F 29 6.51 -50.84 -22.19
N ARG F 30 5.90 -50.19 -23.18
CA ARG F 30 6.01 -50.64 -24.56
C ARG F 30 7.44 -50.58 -25.06
N SER F 31 8.15 -49.50 -24.73
CA SER F 31 9.55 -49.38 -25.13
C SER F 31 10.40 -50.46 -24.47
N GLU F 32 10.13 -50.76 -23.20
CA GLU F 32 10.87 -51.81 -22.51
C GLU F 32 10.62 -53.17 -23.16
N GLY F 33 9.38 -53.46 -23.51
CA GLY F 33 9.09 -54.71 -24.20
C GLY F 33 9.79 -54.81 -25.54
N ALA F 34 9.76 -53.71 -26.31
CA ALA F 34 10.44 -53.71 -27.60
C ALA F 34 11.94 -53.89 -27.43
N SER F 35 12.54 -53.24 -26.43
CA SER F 35 13.96 -53.37 -26.19
C SER F 35 14.32 -54.79 -25.79
N ALA F 36 13.52 -55.42 -24.93
CA ALA F 36 13.78 -56.80 -24.53
C ALA F 36 13.69 -57.74 -25.73
N LEU F 37 12.65 -57.57 -26.56
CA LEU F 37 12.50 -58.44 -27.72
C LEU F 37 13.65 -58.25 -28.70
N ALA F 38 14.07 -57.00 -28.93
CA ALA F 38 15.21 -56.76 -29.80
C ALA F 38 16.52 -57.27 -29.20
N THR F 39 16.60 -57.36 -27.87
CA THR F 39 17.80 -57.91 -27.24
C THR F 39 17.87 -59.42 -27.43
N ILE F 40 16.75 -60.12 -27.22
CA ILE F 40 16.79 -61.58 -27.29
C ILE F 40 16.52 -62.15 -28.67
N ASN F 41 16.09 -61.31 -29.62
CA ASN F 41 15.84 -61.82 -30.97
C ASN F 41 17.09 -62.35 -31.67
N PRO F 42 18.23 -61.65 -31.68
CA PRO F 42 19.41 -62.19 -32.37
C PRO F 42 19.92 -63.49 -31.78
N LEU F 43 19.58 -63.81 -30.53
CA LEU F 43 20.01 -65.07 -29.94
C LEU F 43 19.38 -66.28 -30.63
N LYS F 44 18.30 -66.09 -31.39
CA LYS F 44 17.74 -67.18 -32.17
C LYS F 44 18.72 -67.64 -33.25
N THR F 45 19.42 -66.68 -33.87
CA THR F 45 20.40 -67.03 -34.90
C THR F 45 21.54 -67.86 -34.31
N THR F 46 22.02 -67.47 -33.13
CA THR F 46 23.14 -68.20 -32.52
C THR F 46 22.75 -69.64 -32.21
N VAL F 47 21.59 -69.84 -31.60
CA VAL F 47 21.16 -71.18 -31.22
C VAL F 47 20.94 -72.05 -32.46
N GLU F 48 20.25 -71.50 -33.46
CA GLU F 48 19.97 -72.27 -34.67
C GLU F 48 21.25 -72.62 -35.41
N GLU F 49 22.17 -71.66 -35.54
CA GLU F 49 23.43 -71.95 -36.22
C GLU F 49 24.25 -72.98 -35.46
N SER F 50 24.32 -72.87 -34.14
CA SER F 50 25.09 -73.84 -33.36
C SER F 50 24.48 -75.24 -33.46
N LEU F 51 23.15 -75.34 -33.44
CA LEU F 51 22.51 -76.63 -33.62
C LEU F 51 22.73 -77.18 -35.02
N SER F 52 22.77 -76.30 -36.02
CA SER F 52 23.02 -76.76 -37.39
C SER F 52 24.41 -77.33 -37.54
N ARG F 53 25.40 -76.74 -36.87
CA ARG F 53 26.78 -77.21 -36.97
C ARG F 53 27.06 -78.39 -36.06
N GLY F 54 26.09 -78.87 -35.30
CA GLY F 54 26.27 -80.03 -34.47
C GLY F 54 26.63 -79.76 -33.03
N ILE F 55 26.81 -78.50 -32.64
CA ILE F 55 27.13 -78.19 -31.25
C ILE F 55 25.97 -78.61 -30.36
N ALA F 56 26.28 -79.30 -29.27
CA ALA F 56 25.25 -79.78 -28.37
C ALA F 56 24.48 -78.61 -27.76
N GLY F 57 23.18 -78.83 -27.56
CA GLY F 57 22.34 -77.78 -27.00
C GLY F 57 22.77 -77.38 -25.61
N SER F 58 23.24 -78.33 -24.81
CA SER F 58 23.73 -78.02 -23.47
C SER F 58 25.00 -77.19 -23.50
N LYS F 59 25.70 -77.17 -24.64
CA LYS F 59 26.93 -76.40 -24.78
C LYS F 59 26.71 -74.98 -25.27
N ILE F 60 25.46 -74.61 -25.56
CA ILE F 60 25.13 -73.26 -25.99
C ILE F 60 24.78 -72.46 -24.74
N LYS F 61 25.70 -71.63 -24.28
CA LYS F 61 25.54 -70.84 -23.08
C LYS F 61 25.56 -69.35 -23.43
N ILE F 62 25.39 -68.52 -22.41
CA ILE F 62 25.37 -67.07 -22.55
C ILE F 62 26.55 -66.49 -21.78
N GLY F 63 27.34 -65.66 -22.45
CA GLY F 63 28.49 -65.04 -21.83
C GLY F 63 29.45 -64.54 -22.89
N THR F 64 30.44 -63.81 -22.42
CA THR F 64 31.46 -63.24 -23.30
C THR F 64 32.69 -64.14 -23.44
N THR F 65 32.67 -65.33 -22.85
CA THR F 65 33.77 -66.27 -23.01
C THR F 65 33.92 -66.67 -24.47
N ALA F 66 35.18 -66.73 -24.93
CA ALA F 66 35.46 -67.06 -26.32
C ALA F 66 34.92 -68.43 -26.68
N SER F 67 34.02 -68.48 -27.66
CA SER F 67 33.43 -69.75 -28.07
C SER F 67 34.46 -70.61 -28.77
N THR F 68 34.53 -71.88 -28.38
CA THR F 68 35.46 -72.83 -28.97
C THR F 68 34.76 -73.62 -30.07
N ALA F 69 35.43 -74.66 -30.58
CA ALA F 69 34.82 -75.48 -31.63
C ALA F 69 33.68 -76.32 -31.10
N THR F 70 33.65 -76.58 -29.80
CA THR F 70 32.60 -77.40 -29.20
C THR F 70 31.61 -76.60 -28.36
N GLU F 71 32.01 -75.45 -27.83
CA GLU F 71 31.15 -74.61 -27.02
C GLU F 71 30.87 -73.30 -27.74
N THR F 72 29.65 -72.81 -27.60
CA THR F 72 29.24 -71.55 -28.22
C THR F 72 28.70 -70.62 -27.14
N TYR F 73 29.17 -69.38 -27.14
CA TYR F 73 28.67 -68.34 -26.24
C TYR F 73 28.10 -67.20 -27.07
N VAL F 74 26.96 -66.66 -26.62
CA VAL F 74 26.26 -65.65 -27.39
C VAL F 74 27.05 -64.35 -27.50
N GLY F 75 28.05 -64.15 -26.65
CA GLY F 75 28.88 -62.96 -26.71
C GLY F 75 28.44 -61.79 -25.86
N VAL F 76 27.33 -61.92 -25.13
CA VAL F 76 26.86 -60.85 -24.25
C VAL F 76 26.69 -61.41 -22.85
N GLU F 77 26.82 -60.52 -21.86
CA GLU F 77 26.60 -60.89 -20.48
C GLU F 77 25.12 -61.14 -20.22
N PRO F 78 24.78 -61.94 -19.22
CA PRO F 78 23.36 -62.10 -18.86
C PRO F 78 22.70 -60.79 -18.49
N ASP F 79 23.44 -59.89 -17.85
CA ASP F 79 22.93 -58.58 -17.44
C ASP F 79 23.36 -57.46 -18.40
N ALA F 80 23.62 -57.80 -19.66
CA ALA F 80 24.03 -56.79 -20.63
C ALA F 80 22.96 -55.72 -20.80
N ASN F 81 21.69 -56.13 -20.88
CA ASN F 81 20.58 -55.20 -20.85
C ASN F 81 20.14 -55.03 -19.40
N LYS F 82 20.21 -53.80 -18.90
CA LYS F 82 19.93 -53.56 -17.49
C LYS F 82 18.47 -53.82 -17.11
N LEU F 83 17.59 -53.93 -18.10
CA LEU F 83 16.18 -54.19 -17.81
C LEU F 83 15.99 -55.53 -17.12
N GLY F 84 16.71 -56.55 -17.58
CA GLY F 84 16.60 -57.87 -16.98
C GLY F 84 17.69 -58.78 -17.50
N VAL F 85 17.73 -59.98 -16.92
CA VAL F 85 18.75 -60.96 -17.28
C VAL F 85 18.23 -61.81 -18.43
N ILE F 86 19.17 -62.42 -19.16
CA ILE F 86 18.87 -63.31 -20.27
C ILE F 86 19.37 -64.70 -19.93
N ALA F 87 18.52 -65.71 -20.10
CA ALA F 87 18.87 -67.09 -19.82
C ALA F 87 18.65 -67.93 -21.07
N VAL F 88 19.67 -68.71 -21.44
CA VAL F 88 19.59 -69.63 -22.56
C VAL F 88 19.71 -71.04 -22.01
N ALA F 89 18.67 -71.86 -22.23
CA ALA F 89 18.63 -73.24 -21.74
C ALA F 89 18.12 -74.11 -22.88
N ILE F 90 19.06 -74.67 -23.65
CA ILE F 90 18.75 -75.52 -24.79
C ILE F 90 19.12 -76.95 -24.42
N GLU F 91 18.18 -77.87 -24.62
CA GLU F 91 18.44 -79.28 -24.36
C GLU F 91 19.24 -79.89 -25.51
N ASP F 92 19.76 -81.10 -25.26
CA ASP F 92 20.55 -81.78 -26.28
C ASP F 92 19.71 -82.17 -27.48
N SER F 93 18.41 -82.39 -27.29
CA SER F 93 17.53 -82.74 -28.39
C SER F 93 17.24 -81.56 -29.30
N GLY F 94 17.63 -80.35 -28.92
CA GLY F 94 17.34 -79.16 -29.69
C GLY F 94 16.22 -78.31 -29.11
N ALA F 95 15.41 -78.87 -28.23
CA ALA F 95 14.35 -78.11 -27.59
C ALA F 95 14.92 -77.21 -26.51
N GLY F 96 14.37 -76.01 -26.41
CA GLY F 96 14.83 -75.05 -25.43
C GLY F 96 14.10 -73.73 -25.59
N ASP F 97 14.46 -72.79 -24.72
CA ASP F 97 13.86 -71.47 -24.73
C ASP F 97 14.88 -70.43 -24.33
N ILE F 98 14.65 -69.20 -24.78
CA ILE F 98 15.46 -68.04 -24.42
C ILE F 98 14.52 -67.08 -23.69
N THR F 99 14.85 -66.76 -22.44
CA THR F 99 13.97 -65.98 -21.58
C THR F 99 14.62 -64.65 -21.23
N PHE F 100 13.81 -63.59 -21.17
CA PHE F 100 14.23 -62.28 -20.69
C PHE F 100 13.30 -61.91 -19.54
N THR F 101 13.80 -62.01 -18.32
CA THR F 101 13.01 -61.73 -17.12
C THR F 101 13.37 -60.34 -16.60
N PHE F 102 12.39 -59.44 -16.61
CA PHE F 102 12.62 -58.10 -16.08
C PHE F 102 12.83 -58.16 -14.57
N GLN F 103 13.81 -57.40 -14.10
CA GLN F 103 14.18 -57.40 -12.69
C GLN F 103 13.66 -56.15 -12.00
N THR F 104 13.13 -56.34 -10.79
CA THR F 104 12.68 -55.21 -9.99
C THR F 104 13.86 -54.35 -9.57
N GLY F 105 13.67 -53.03 -9.64
CA GLY F 105 14.72 -52.09 -9.36
C GLY F 105 15.37 -51.48 -10.58
N THR F 106 15.16 -52.07 -11.75
CA THR F 106 15.69 -51.52 -13.00
C THR F 106 14.67 -51.52 -14.14
N SER F 107 13.45 -51.97 -13.91
CA SER F 107 12.40 -52.00 -14.92
C SER F 107 11.14 -51.36 -14.36
N SER F 108 10.28 -50.89 -15.27
CA SER F 108 9.06 -50.23 -14.86
C SER F 108 8.17 -51.20 -14.09
N PRO F 109 7.36 -50.69 -13.15
CA PRO F 109 6.52 -51.59 -12.33
C PRO F 109 5.57 -52.45 -13.14
N LYS F 110 5.09 -51.94 -14.28
CA LYS F 110 4.17 -52.73 -15.11
C LYS F 110 4.86 -53.97 -15.67
N ASN F 111 6.11 -53.83 -16.11
CA ASN F 111 6.85 -54.92 -16.74
C ASN F 111 7.71 -55.70 -15.75
N ALA F 112 7.73 -55.33 -14.48
CA ALA F 112 8.60 -55.99 -13.52
C ALA F 112 8.19 -57.45 -13.33
N THR F 113 9.19 -58.32 -13.22
CA THR F 113 9.01 -59.76 -13.01
C THR F 113 8.24 -60.43 -14.14
N LYS F 114 8.25 -59.84 -15.33
CA LYS F 114 7.63 -60.47 -16.50
C LYS F 114 8.70 -61.15 -17.35
N VAL F 115 8.29 -62.20 -18.05
CA VAL F 115 9.20 -63.04 -18.80
C VAL F 115 8.77 -63.08 -20.26
N ILE F 116 9.71 -62.85 -21.17
CA ILE F 116 9.51 -63.04 -22.60
C ILE F 116 10.29 -64.27 -23.02
N THR F 117 9.59 -65.29 -23.49
CA THR F 117 10.16 -66.59 -23.76
C THR F 117 10.14 -66.88 -25.25
N LEU F 118 11.31 -67.22 -25.81
CA LEU F 118 11.42 -67.67 -27.20
C LEU F 118 11.58 -69.18 -27.17
N ASN F 119 10.44 -69.89 -27.10
CA ASN F 119 10.45 -71.33 -26.99
C ASN F 119 10.77 -71.97 -28.34
N ARG F 120 11.66 -72.96 -28.33
CA ARG F 120 11.99 -73.74 -29.51
C ARG F 120 11.67 -75.20 -29.26
N THR F 121 10.89 -75.80 -30.16
CA THR F 121 10.55 -77.20 -30.04
C THR F 121 11.65 -78.07 -30.62
N ALA F 122 11.53 -79.39 -30.39
CA ALA F 122 12.51 -80.32 -30.92
C ALA F 122 12.47 -80.40 -32.43
N ASP F 123 11.38 -79.94 -33.05
CA ASP F 123 11.25 -79.94 -34.50
C ASP F 123 11.77 -78.65 -35.15
N GLY F 124 12.29 -77.72 -34.35
CA GLY F 124 12.86 -76.51 -34.90
C GLY F 124 11.88 -75.37 -35.12
N VAL F 125 10.74 -75.39 -34.45
CA VAL F 125 9.74 -74.34 -34.59
C VAL F 125 9.92 -73.32 -33.49
N TRP F 126 10.08 -72.05 -33.86
CA TRP F 126 10.30 -70.97 -32.91
C TRP F 126 8.98 -70.27 -32.62
N ALA F 127 8.72 -70.02 -31.34
CA ALA F 127 7.53 -69.29 -30.91
C ALA F 127 7.90 -68.33 -29.79
N CYS F 128 7.23 -67.19 -29.74
CA CYS F 128 7.46 -66.19 -28.71
C CYS F 128 6.25 -66.11 -27.79
N LYS F 129 6.48 -66.23 -26.49
CA LYS F 129 5.45 -66.14 -25.48
C LYS F 129 5.83 -65.11 -24.44
N SER F 130 4.88 -64.26 -24.08
CA SER F 130 5.12 -63.17 -23.14
C SER F 130 4.07 -63.18 -22.05
N THR F 131 4.50 -62.95 -20.81
CA THR F 131 3.60 -62.90 -19.66
C THR F 131 3.19 -61.48 -19.30
N GLN F 132 3.57 -60.48 -20.09
CA GLN F 132 3.20 -59.10 -19.81
C GLN F 132 1.72 -58.88 -20.10
N ASP F 133 1.29 -57.64 -19.93
CA ASP F 133 -0.07 -57.27 -20.30
C ASP F 133 -0.23 -57.31 -21.82
N PRO F 134 -1.42 -57.65 -22.31
CA PRO F 134 -1.63 -57.70 -23.76
C PRO F 134 -1.34 -56.38 -24.47
N MET F 135 -1.60 -55.25 -23.81
CA MET F 135 -1.31 -53.97 -24.43
C MET F 135 0.19 -53.74 -24.57
N PHE F 136 0.97 -54.18 -23.59
CA PHE F 136 2.42 -53.99 -23.60
C PHE F 136 3.16 -55.09 -24.35
N THR F 137 2.48 -56.16 -24.75
CA THR F 137 3.15 -57.26 -25.42
C THR F 137 3.56 -56.83 -26.83
N PRO F 138 4.83 -56.99 -27.20
CA PRO F 138 5.25 -56.61 -28.55
C PRO F 138 4.63 -57.51 -29.61
N LYS F 139 4.57 -56.98 -30.83
CA LYS F 139 3.98 -57.72 -31.93
C LYS F 139 4.81 -58.98 -32.22
N GLY F 140 4.11 -60.03 -32.62
CA GLY F 140 4.73 -61.30 -32.93
C GLY F 140 4.92 -62.24 -31.76
N CYS F 141 4.61 -61.79 -30.55
CA CYS F 141 4.70 -62.63 -29.35
C CYS F 141 3.30 -62.84 -28.80
N ASP F 142 2.92 -64.10 -28.63
CA ASP F 142 1.62 -64.41 -28.06
C ASP F 142 1.62 -64.10 -26.56
N ASN F 143 0.43 -63.85 -26.04
CA ASN F 143 0.28 -63.51 -24.63
C ASN F 143 -0.44 -64.61 -23.86
N PHE G 1 -4.03 4.89 -1.49
CA PHE G 1 -3.27 3.73 -1.03
C PHE G 1 -3.33 3.63 0.49
N THR G 2 -3.67 2.43 0.98
CA THR G 2 -3.76 2.17 2.41
C THR G 2 -2.67 1.21 2.83
N LEU G 3 -2.33 1.25 4.12
CA LEU G 3 -1.30 0.35 4.64
C LEU G 3 -1.75 -1.09 4.60
N ILE G 4 -3.05 -1.35 4.73
CA ILE G 4 -3.54 -2.72 4.62
C ILE G 4 -3.37 -3.22 3.19
N GLU G 5 -3.54 -2.35 2.19
CA GLU G 5 -3.31 -2.73 0.81
C GLU G 5 -1.87 -3.17 0.60
N LEU G 6 -0.92 -2.39 1.10
CA LEU G 6 0.49 -2.69 0.92
C LEU G 6 0.93 -3.90 1.73
N MET G 7 0.37 -4.08 2.93
CA MET G 7 0.73 -5.25 3.73
C MET G 7 0.19 -6.53 3.12
N ILE G 8 -1.00 -6.48 2.52
CA ILE G 8 -1.49 -7.65 1.79
C ILE G 8 -0.58 -7.97 0.61
N VAL G 9 -0.10 -6.94 -0.08
CA VAL G 9 0.82 -7.14 -1.20
C VAL G 9 2.11 -7.79 -0.71
N VAL G 10 2.63 -7.31 0.42
CA VAL G 10 3.87 -7.87 0.97
C VAL G 10 3.65 -9.33 1.35
N ALA G 11 2.51 -9.63 1.99
CA ALA G 11 2.22 -11.00 2.39
C ALA G 11 2.10 -11.91 1.17
N ILE G 12 1.45 -11.44 0.11
CA ILE G 12 1.30 -12.27 -1.08
C ILE G 12 2.63 -12.42 -1.80
N ILE G 13 3.49 -11.41 -1.72
CA ILE G 13 4.84 -11.52 -2.28
C ILE G 13 5.62 -12.61 -1.55
N GLY G 14 5.53 -12.62 -0.21
CA GLY G 14 6.20 -13.65 0.57
C GLY G 14 5.64 -15.04 0.29
N ILE G 15 4.32 -15.13 0.14
CA ILE G 15 3.68 -16.42 -0.15
C ILE G 15 4.07 -16.91 -1.54
N LEU G 16 4.13 -16.00 -2.51
CA LEU G 16 4.49 -16.37 -3.88
C LEU G 16 5.95 -16.79 -3.96
N ALA G 17 6.78 -16.32 -3.04
CA ALA G 17 8.12 -16.85 -2.85
C ALA G 17 8.00 -18.15 -2.06
N ALA G 18 9.11 -18.65 -1.55
CA ALA G 18 9.16 -19.86 -0.74
C ALA G 18 8.71 -21.10 -1.49
N ILE G 19 8.51 -21.01 -2.80
CA ILE G 19 8.18 -22.19 -3.60
C ILE G 19 9.41 -23.06 -3.69
N ALA G 20 9.31 -24.29 -3.18
CA ALA G 20 10.46 -25.17 -3.13
C ALA G 20 10.92 -25.53 -4.55
N ILE G 21 12.23 -25.46 -4.76
CA ILE G 21 12.84 -25.78 -6.04
C ILE G 21 13.52 -27.14 -5.90
N PRO G 22 13.01 -28.19 -6.53
CA PRO G 22 13.64 -29.52 -6.40
C PRO G 22 14.96 -29.58 -7.15
N GLN G 23 15.65 -30.71 -6.95
CA GLN G 23 16.91 -30.93 -7.63
C GLN G 23 16.69 -31.07 -9.12
N TYR G 24 17.60 -30.49 -9.91
CA TYR G 24 17.49 -30.54 -11.37
C TYR G 24 18.78 -30.94 -12.07
N GLN G 25 19.93 -30.93 -11.39
CA GLN G 25 21.18 -31.29 -12.05
C GLN G 25 21.22 -32.78 -12.38
N ASN G 26 20.50 -33.60 -11.62
CA ASN G 26 20.45 -35.03 -11.94
C ASN G 26 19.80 -35.27 -13.30
N TYR G 27 18.74 -34.53 -13.60
CA TYR G 27 18.08 -34.66 -14.90
C TYR G 27 19.03 -34.29 -16.03
N VAL G 28 19.77 -33.19 -15.86
CA VAL G 28 20.71 -32.75 -16.89
C VAL G 28 21.82 -33.77 -17.07
N ALA G 29 22.35 -34.31 -15.96
CA ALA G 29 23.41 -35.31 -16.07
C ALA G 29 22.91 -36.57 -16.77
N ARG G 30 21.71 -37.03 -16.43
CA ARG G 30 21.16 -38.22 -17.07
C ARG G 30 20.94 -37.98 -18.56
N SER G 31 20.41 -36.81 -18.93
CA SER G 31 20.21 -36.50 -20.34
C SER G 31 21.55 -36.42 -21.08
N GLU G 32 22.57 -35.85 -20.44
CA GLU G 32 23.90 -35.79 -21.07
C GLU G 32 24.45 -37.19 -21.30
N GLY G 33 24.31 -38.08 -20.31
CA GLY G 33 24.76 -39.44 -20.49
C GLY G 33 24.04 -40.16 -21.62
N ALA G 34 22.71 -39.98 -21.68
CA ALA G 34 21.94 -40.59 -22.75
C ALA G 34 22.35 -40.04 -24.11
N SER G 35 22.57 -38.72 -24.19
CA SER G 35 22.98 -38.13 -25.46
C SER G 35 24.34 -38.63 -25.90
N ALA G 36 25.29 -38.75 -24.96
CA ALA G 36 26.61 -39.27 -25.31
C ALA G 36 26.52 -40.71 -25.79
N LEU G 37 25.75 -41.54 -25.09
CA LEU G 37 25.62 -42.94 -25.49
C LEU G 37 24.96 -43.06 -26.87
N ALA G 38 23.92 -42.26 -27.12
CA ALA G 38 23.29 -42.26 -28.43
C ALA G 38 24.19 -41.70 -29.51
N THR G 39 25.15 -40.84 -29.15
CA THR G 39 26.09 -40.32 -30.13
C THR G 39 27.11 -41.38 -30.53
N ILE G 40 27.66 -42.11 -29.54
CA ILE G 40 28.72 -43.07 -29.85
C ILE G 40 28.20 -44.47 -30.17
N ASN G 41 26.91 -44.74 -29.96
CA ASN G 41 26.37 -46.06 -30.27
C ASN G 41 26.45 -46.41 -31.76
N PRO G 42 26.04 -45.54 -32.70
CA PRO G 42 26.12 -45.93 -34.12
C PRO G 42 27.53 -46.17 -34.61
N LEU G 43 28.55 -45.67 -33.91
CA LEU G 43 29.93 -45.91 -34.32
C LEU G 43 30.32 -47.38 -34.18
N LYS G 44 29.56 -48.17 -33.42
CA LYS G 44 29.80 -49.60 -33.36
C LYS G 44 29.54 -50.24 -34.71
N THR G 45 28.49 -49.80 -35.41
CA THR G 45 28.19 -50.35 -36.73
C THR G 45 29.31 -50.07 -37.72
N THR G 46 29.85 -48.85 -37.70
CA THR G 46 30.91 -48.49 -38.63
C THR G 46 32.15 -49.35 -38.42
N VAL G 47 32.58 -49.49 -37.17
CA VAL G 47 33.78 -50.26 -36.87
C VAL G 47 33.60 -51.73 -37.24
N GLU G 48 32.46 -52.31 -36.85
CA GLU G 48 32.21 -53.72 -37.14
C GLU G 48 32.13 -53.97 -38.63
N GLU G 49 31.43 -53.09 -39.37
CA GLU G 49 31.32 -53.27 -40.81
C GLU G 49 32.69 -53.12 -41.49
N SER G 50 33.48 -52.14 -41.08
CA SER G 50 34.79 -51.95 -41.69
C SER G 50 35.70 -53.14 -41.40
N LEU G 51 35.65 -53.68 -40.18
CA LEU G 51 36.44 -54.86 -39.87
C LEU G 51 35.96 -56.07 -40.65
N SER G 52 34.64 -56.17 -40.88
CA SER G 52 34.11 -57.30 -41.66
C SER G 52 34.59 -57.25 -43.10
N ARG G 53 34.70 -56.06 -43.68
CA ARG G 53 35.13 -55.91 -45.06
C ARG G 53 36.64 -55.95 -45.22
N GLY G 54 37.39 -56.10 -44.14
CA GLY G 54 38.83 -56.23 -44.21
C GLY G 54 39.61 -54.96 -44.00
N ILE G 55 38.93 -53.82 -43.83
CA ILE G 55 39.64 -52.57 -43.59
C ILE G 55 40.42 -52.66 -42.28
N ALA G 56 41.68 -52.25 -42.31
CA ALA G 56 42.53 -52.33 -41.13
C ALA G 56 41.97 -51.46 -40.01
N GLY G 57 42.12 -51.95 -38.77
CA GLY G 57 41.61 -51.21 -37.63
C GLY G 57 42.26 -49.85 -37.47
N SER G 58 43.56 -49.75 -37.80
CA SER G 58 44.25 -48.47 -37.74
C SER G 58 43.75 -47.49 -38.79
N LYS G 59 43.05 -47.98 -39.81
CA LYS G 59 42.52 -47.14 -40.88
C LYS G 59 41.11 -46.63 -40.58
N ILE G 60 40.51 -47.06 -39.48
CA ILE G 60 39.18 -46.60 -39.09
C ILE G 60 39.37 -45.38 -38.19
N LYS G 61 39.14 -44.20 -38.75
CA LYS G 61 39.31 -42.95 -38.05
C LYS G 61 37.98 -42.22 -37.93
N ILE G 62 38.02 -41.06 -37.29
CA ILE G 62 36.83 -40.24 -37.07
C ILE G 62 37.02 -38.90 -37.79
N GLY G 63 36.04 -38.54 -38.60
CA GLY G 63 36.11 -37.30 -39.35
C GLY G 63 35.15 -37.33 -40.51
N THR G 64 35.01 -36.18 -41.15
CA THR G 64 34.12 -36.04 -42.30
C THR G 64 34.83 -36.25 -43.62
N THR G 65 36.10 -36.63 -43.61
CA THR G 65 36.82 -36.93 -44.84
C THR G 65 36.17 -38.10 -45.56
N ALA G 66 36.05 -37.99 -46.88
CA ALA G 66 35.41 -39.03 -47.68
C ALA G 66 36.16 -40.35 -47.54
N SER G 67 35.46 -41.38 -47.06
CA SER G 67 36.07 -42.68 -46.87
C SER G 67 36.37 -43.33 -48.22
N THR G 68 37.58 -43.85 -48.35
CA THR G 68 38.01 -44.51 -49.58
C THR G 68 37.81 -46.02 -49.45
N ALA G 69 38.32 -46.78 -50.41
CA ALA G 69 38.17 -48.23 -50.36
C ALA G 69 39.04 -48.85 -49.27
N THR G 70 40.08 -48.14 -48.83
CA THR G 70 40.97 -48.66 -47.79
C THR G 70 40.82 -47.95 -46.46
N GLU G 71 40.35 -46.70 -46.45
CA GLU G 71 40.16 -45.93 -45.23
C GLU G 71 38.68 -45.68 -45.00
N THR G 72 38.27 -45.72 -43.73
CA THR G 72 36.88 -45.48 -43.36
C THR G 72 36.83 -44.37 -42.32
N TYR G 73 35.96 -43.39 -42.55
CA TYR G 73 35.71 -42.31 -41.61
C TYR G 73 34.26 -42.36 -41.17
N VAL G 74 34.03 -42.12 -39.87
CA VAL G 74 32.68 -42.25 -39.32
C VAL G 74 31.73 -41.20 -39.85
N GLY G 75 32.25 -40.12 -40.45
CA GLY G 75 31.40 -39.10 -41.04
C GLY G 75 31.04 -37.95 -40.14
N VAL G 76 31.49 -37.94 -38.89
CA VAL G 76 31.22 -36.85 -37.96
C VAL G 76 32.53 -36.32 -37.42
N GLU G 77 32.52 -35.04 -37.05
CA GLU G 77 33.68 -34.43 -36.44
C GLU G 77 33.87 -34.96 -35.02
N PRO G 78 35.11 -34.92 -34.51
CA PRO G 78 35.31 -35.30 -33.10
C PRO G 78 34.50 -34.46 -32.13
N ASP G 79 34.32 -33.18 -32.44
CA ASP G 79 33.55 -32.26 -31.61
C ASP G 79 32.14 -32.03 -32.15
N ALA G 80 31.59 -33.00 -32.88
CA ALA G 80 30.24 -32.85 -33.42
C ALA G 80 29.22 -32.68 -32.31
N ASN G 81 29.34 -33.46 -31.23
CA ASN G 81 28.55 -33.26 -30.03
C ASN G 81 29.33 -32.34 -29.10
N LYS G 82 28.74 -31.18 -28.78
CA LYS G 82 29.46 -30.18 -27.99
C LYS G 82 29.74 -30.63 -26.57
N LEU G 83 29.08 -31.70 -26.10
CA LEU G 83 29.31 -32.19 -24.74
C LEU G 83 30.74 -32.65 -24.57
N GLY G 84 31.29 -33.34 -25.57
CA GLY G 84 32.66 -33.83 -25.48
C GLY G 84 33.11 -34.36 -26.81
N VAL G 85 34.40 -34.72 -26.86
CA VAL G 85 35.00 -35.22 -28.09
C VAL G 85 34.83 -36.73 -28.16
N ILE G 86 34.92 -37.27 -29.37
CA ILE G 86 34.81 -38.70 -29.63
C ILE G 86 36.14 -39.16 -30.22
N ALA G 87 36.69 -40.24 -29.67
CA ALA G 87 37.95 -40.81 -30.13
C ALA G 87 37.74 -42.26 -30.51
N VAL G 88 38.19 -42.64 -31.70
CA VAL G 88 38.13 -44.02 -32.17
C VAL G 88 39.55 -44.50 -32.33
N ALA G 89 39.91 -45.55 -31.59
CA ALA G 89 41.26 -46.13 -31.61
C ALA G 89 41.12 -47.64 -31.69
N ILE G 90 41.12 -48.17 -32.91
CA ILE G 90 40.98 -49.60 -33.17
C ILE G 90 42.33 -50.13 -33.62
N GLU G 91 42.80 -51.20 -32.99
CA GLU G 91 44.05 -51.83 -33.38
C GLU G 91 43.85 -52.70 -34.61
N ASP G 92 44.96 -53.12 -35.21
CA ASP G 92 44.90 -53.94 -36.41
C ASP G 92 44.31 -55.32 -36.12
N SER G 93 44.46 -55.80 -34.88
CA SER G 93 43.90 -57.11 -34.51
C SER G 93 42.40 -57.06 -34.35
N GLY G 94 41.78 -55.89 -34.39
CA GLY G 94 40.36 -55.75 -34.18
C GLY G 94 39.98 -55.24 -32.80
N ALA G 95 40.89 -55.30 -31.84
CA ALA G 95 40.63 -54.77 -30.51
C ALA G 95 40.72 -53.24 -30.51
N GLY G 96 39.82 -52.61 -29.76
CA GLY G 96 39.81 -51.17 -29.69
C GLY G 96 38.64 -50.72 -28.85
N ASP G 97 38.53 -49.40 -28.72
CA ASP G 97 37.48 -48.77 -27.95
C ASP G 97 37.07 -47.45 -28.57
N ILE G 98 35.83 -47.05 -28.31
CA ILE G 98 35.28 -45.77 -28.72
C ILE G 98 34.95 -45.01 -27.44
N THR G 99 35.55 -43.85 -27.26
CA THR G 99 35.43 -43.09 -26.03
C THR G 99 34.75 -41.76 -26.28
N PHE G 100 33.90 -41.35 -25.34
CA PHE G 100 33.28 -40.03 -25.32
C PHE G 100 33.66 -39.36 -24.01
N THR G 101 34.58 -38.41 -24.06
CA THR G 101 35.07 -37.72 -22.88
C THR G 101 34.40 -36.36 -22.80
N PHE G 102 33.62 -36.14 -21.74
CA PHE G 102 32.99 -34.85 -21.54
C PHE G 102 34.04 -33.79 -21.23
N GLN G 103 33.89 -32.62 -21.83
CA GLN G 103 34.85 -31.54 -21.69
C GLN G 103 34.31 -30.47 -20.76
N THR G 104 35.19 -29.97 -19.89
CA THR G 104 34.83 -28.87 -19.00
C THR G 104 34.58 -27.60 -19.80
N GLY G 105 33.53 -26.88 -19.43
CA GLY G 105 33.12 -25.69 -20.14
C GLY G 105 31.93 -25.88 -21.05
N THR G 106 31.58 -27.13 -21.37
CA THR G 106 30.41 -27.42 -22.18
C THR G 106 29.55 -28.56 -21.64
N SER G 107 29.92 -29.15 -20.51
CA SER G 107 29.16 -30.23 -19.90
C SER G 107 28.92 -29.91 -18.43
N SER G 108 27.89 -30.54 -17.87
CA SER G 108 27.52 -30.29 -16.49
C SER G 108 28.66 -30.73 -15.56
N PRO G 109 28.81 -30.07 -14.41
CA PRO G 109 29.93 -30.41 -13.51
C PRO G 109 29.94 -31.85 -13.05
N LYS G 110 28.77 -32.47 -12.91
CA LYS G 110 28.72 -33.86 -12.49
C LYS G 110 29.34 -34.79 -13.53
N ASN G 111 29.09 -34.53 -14.81
CA ASN G 111 29.58 -35.38 -15.89
C ASN G 111 30.89 -34.91 -16.49
N ALA G 112 31.45 -33.80 -16.00
CA ALA G 112 32.67 -33.26 -16.58
C ALA G 112 33.83 -34.22 -16.39
N THR G 113 34.67 -34.33 -17.42
CA THR G 113 35.87 -35.18 -17.44
C THR G 113 35.54 -36.65 -17.22
N LYS G 114 34.33 -37.08 -17.55
CA LYS G 114 33.96 -38.48 -17.48
C LYS G 114 34.03 -39.10 -18.87
N VAL G 115 34.31 -40.40 -18.92
CA VAL G 115 34.55 -41.11 -20.17
C VAL G 115 33.58 -42.26 -20.27
N ILE G 116 32.92 -42.38 -21.42
CA ILE G 116 32.09 -43.54 -21.76
C ILE G 116 32.83 -44.32 -22.83
N THR G 117 33.22 -45.55 -22.51
CA THR G 117 34.07 -46.36 -23.37
C THR G 117 33.30 -47.56 -23.91
N LEU G 118 33.32 -47.72 -25.23
CA LEU G 118 32.76 -48.90 -25.89
C LEU G 118 33.92 -49.80 -26.28
N ASN G 119 34.38 -50.61 -25.33
CA ASN G 119 35.54 -51.47 -25.56
C ASN G 119 35.17 -52.67 -26.41
N ARG G 120 36.00 -52.96 -27.40
CA ARG G 120 35.85 -54.13 -28.26
C ARG G 120 37.08 -55.02 -28.11
N THR G 121 36.85 -56.29 -27.81
CA THR G 121 37.94 -57.23 -27.69
C THR G 121 38.33 -57.78 -29.06
N ALA G 122 39.45 -58.50 -29.10
CA ALA G 122 39.92 -59.10 -30.35
C ALA G 122 38.97 -60.19 -30.84
N ASP G 123 38.11 -60.72 -29.97
CA ASP G 123 37.14 -61.74 -30.34
C ASP G 123 35.82 -61.15 -30.83
N GLY G 124 35.69 -59.83 -30.88
CA GLY G 124 34.49 -59.21 -31.39
C GLY G 124 33.39 -58.99 -30.36
N VAL G 125 33.72 -58.97 -29.07
CA VAL G 125 32.73 -58.77 -28.03
C VAL G 125 32.72 -57.30 -27.64
N TRP G 126 31.54 -56.69 -27.69
CA TRP G 126 31.37 -55.28 -27.38
C TRP G 126 30.90 -55.12 -25.95
N ALA G 127 31.52 -54.19 -25.23
CA ALA G 127 31.13 -53.87 -23.85
C ALA G 127 31.19 -52.37 -23.66
N CYS G 128 30.29 -51.85 -22.82
CA CYS G 128 30.23 -50.43 -22.50
C CYS G 128 30.65 -50.22 -21.05
N LYS G 129 31.62 -49.32 -20.85
CA LYS G 129 32.11 -48.98 -19.52
C LYS G 129 32.05 -47.47 -19.35
N SER G 130 31.55 -47.03 -18.20
CA SER G 130 31.38 -45.61 -17.92
C SER G 130 32.00 -45.27 -16.56
N THR G 131 32.67 -44.13 -16.50
CA THR G 131 33.29 -43.66 -15.27
C THR G 131 32.41 -42.66 -14.52
N GLN G 132 31.19 -42.41 -14.98
CA GLN G 132 30.31 -41.47 -14.30
C GLN G 132 29.80 -42.08 -13.00
N ASP G 133 28.93 -41.33 -12.33
CA ASP G 133 28.27 -41.84 -11.14
C ASP G 133 27.29 -42.95 -11.52
N PRO G 134 27.09 -43.93 -10.64
CA PRO G 134 26.16 -45.02 -10.97
C PRO G 134 24.74 -44.55 -11.25
N MET G 135 24.29 -43.48 -10.59
CA MET G 135 22.95 -42.96 -10.85
C MET G 135 22.86 -42.36 -12.25
N PHE G 136 23.91 -41.69 -12.71
CA PHE G 136 23.92 -41.05 -14.01
C PHE G 136 24.33 -41.97 -15.14
N THR G 137 24.79 -43.18 -14.82
CA THR G 137 25.25 -44.09 -15.87
C THR G 137 24.05 -44.61 -16.66
N PRO G 138 24.07 -44.50 -17.98
CA PRO G 138 22.94 -45.01 -18.77
C PRO G 138 22.86 -46.52 -18.72
N LYS G 139 21.65 -47.03 -18.99
CA LYS G 139 21.42 -48.46 -18.97
C LYS G 139 22.26 -49.16 -20.04
N GLY G 140 22.72 -50.37 -19.71
CA GLY G 140 23.53 -51.16 -20.61
C GLY G 140 25.01 -50.89 -20.54
N CYS G 141 25.45 -49.91 -19.76
CA CYS G 141 26.85 -49.60 -19.58
C CYS G 141 27.23 -49.88 -18.12
N ASP G 142 28.24 -50.72 -17.93
CA ASP G 142 28.72 -51.01 -16.58
C ASP G 142 29.47 -49.81 -16.01
N ASN G 143 29.49 -49.73 -14.69
CA ASN G 143 30.14 -48.62 -14.01
C ASN G 143 31.39 -49.08 -13.27
N PHE H 1 -6.39 9.13 9.63
CA PHE H 1 -5.15 8.98 8.90
C PHE H 1 -4.08 9.91 9.44
N THR H 2 -2.90 9.36 9.72
CA THR H 2 -1.78 10.11 10.26
C THR H 2 -0.66 10.20 9.23
N LEU H 3 0.18 11.22 9.37
CA LEU H 3 1.30 11.37 8.44
C LEU H 3 2.31 10.26 8.59
N ILE H 4 2.46 9.70 9.80
CA ILE H 4 3.36 8.57 9.98
C ILE H 4 2.83 7.34 9.23
N GLU H 5 1.49 7.16 9.21
CA GLU H 5 0.90 6.07 8.45
C GLU H 5 1.24 6.18 6.98
N LEU H 6 1.09 7.37 6.41
CA LEU H 6 1.35 7.58 4.98
C LEU H 6 2.83 7.51 4.66
N MET H 7 3.69 8.00 5.55
CA MET H 7 5.12 7.93 5.30
C MET H 7 5.63 6.50 5.36
N ILE H 8 5.07 5.68 6.26
CA ILE H 8 5.42 4.27 6.27
C ILE H 8 4.98 3.60 4.97
N VAL H 9 3.80 3.97 4.46
CA VAL H 9 3.33 3.42 3.20
C VAL H 9 4.27 3.82 2.06
N VAL H 10 4.69 5.08 2.04
CA VAL H 10 5.61 5.54 1.00
C VAL H 10 6.94 4.80 1.08
N ALA H 11 7.45 4.62 2.30
CA ALA H 11 8.72 3.90 2.47
C ALA H 11 8.59 2.45 2.01
N ILE H 12 7.48 1.79 2.33
CA ILE H 12 7.30 0.41 1.91
C ILE H 12 7.08 0.31 0.41
N ILE H 13 6.46 1.34 -0.18
CA ILE H 13 6.33 1.38 -1.64
C ILE H 13 7.71 1.47 -2.29
N GLY H 14 8.57 2.34 -1.75
CA GLY H 14 9.92 2.44 -2.28
C GLY H 14 10.73 1.17 -2.10
N ILE H 15 10.56 0.51 -0.95
CA ILE H 15 11.27 -0.73 -0.67
C ILE H 15 10.78 -1.85 -1.60
N LEU H 16 9.46 -1.90 -1.82
CA LEU H 16 8.90 -2.92 -2.69
C LEU H 16 9.29 -2.71 -4.14
N ALA H 17 9.62 -1.48 -4.51
CA ALA H 17 10.28 -1.20 -5.78
C ALA H 17 11.76 -1.54 -5.62
N ALA H 18 12.60 -1.10 -6.55
CA ALA H 18 14.05 -1.31 -6.52
C ALA H 18 14.43 -2.78 -6.59
N ILE H 19 13.49 -3.68 -6.83
CA ILE H 19 13.81 -5.09 -7.00
C ILE H 19 14.53 -5.25 -8.32
N ALA H 20 15.77 -5.73 -8.26
CA ALA H 20 16.59 -5.84 -9.46
C ALA H 20 15.99 -6.84 -10.43
N ILE H 21 15.93 -6.47 -11.69
CA ILE H 21 15.40 -7.31 -12.76
C ILE H 21 16.59 -7.83 -13.56
N PRO H 22 16.91 -9.12 -13.50
CA PRO H 22 18.05 -9.64 -14.25
C PRO H 22 17.74 -9.71 -15.74
N GLN H 23 18.78 -10.02 -16.51
CA GLN H 23 18.65 -10.16 -17.94
C GLN H 23 17.75 -11.35 -18.28
N TYR H 24 16.90 -11.18 -19.28
CA TYR H 24 15.98 -12.23 -19.69
C TYR H 24 15.95 -12.48 -21.19
N GLN H 25 16.50 -11.59 -22.02
CA GLN H 25 16.48 -11.80 -23.46
C GLN H 25 17.37 -12.96 -23.87
N ASN H 26 18.42 -13.25 -23.08
CA ASN H 26 19.27 -14.40 -23.39
C ASN H 26 18.50 -15.69 -23.31
N TYR H 27 17.63 -15.82 -22.30
CA TYR H 27 16.82 -17.03 -22.16
C TYR H 27 15.90 -17.20 -23.37
N VAL H 28 15.26 -16.11 -23.79
CA VAL H 28 14.36 -16.18 -24.95
C VAL H 28 15.12 -16.54 -26.21
N ALA H 29 16.30 -15.94 -26.40
CA ALA H 29 17.10 -16.26 -27.59
C ALA H 29 17.53 -17.72 -27.59
N ARG H 30 17.98 -18.23 -26.44
CA ARG H 30 18.39 -19.63 -26.36
C ARG H 30 17.21 -20.56 -26.62
N SER H 31 16.04 -20.25 -26.07
CA SER H 31 14.87 -21.07 -26.32
C SER H 31 14.46 -21.04 -27.78
N GLU H 32 14.56 -19.86 -28.42
CA GLU H 32 14.25 -19.76 -29.84
C GLU H 32 15.20 -20.60 -30.68
N GLY H 33 16.50 -20.55 -30.35
CA GLY H 33 17.45 -21.39 -31.07
C GLY H 33 17.17 -22.87 -30.91
N ALA H 34 16.87 -23.29 -29.68
CA ALA H 34 16.54 -24.69 -29.43
C ALA H 34 15.28 -25.11 -30.18
N SER H 35 14.27 -24.24 -30.19
CA SER H 35 13.03 -24.55 -30.90
C SER H 35 13.27 -24.67 -32.40
N ALA H 36 14.07 -23.77 -32.97
CA ALA H 36 14.37 -23.85 -34.40
C ALA H 36 15.13 -25.12 -34.73
N LEU H 37 16.13 -25.47 -33.91
CA LEU H 37 16.89 -26.68 -34.17
C LEU H 37 16.02 -27.93 -34.05
N ALA H 38 15.14 -27.97 -33.05
CA ALA H 38 14.22 -29.09 -32.91
C ALA H 38 13.19 -29.12 -34.03
N THR H 39 12.87 -27.98 -34.63
CA THR H 39 11.95 -27.96 -35.76
C THR H 39 12.59 -28.53 -37.02
N ILE H 40 13.84 -28.13 -37.30
CA ILE H 40 14.48 -28.56 -38.55
C ILE H 40 15.25 -29.86 -38.42
N ASN H 41 15.46 -30.37 -37.20
CA ASN H 41 16.19 -31.63 -37.05
C ASN H 41 15.49 -32.82 -37.68
N PRO H 42 14.18 -33.05 -37.48
CA PRO H 42 13.55 -34.22 -38.11
C PRO H 42 13.56 -34.19 -39.63
N LEU H 43 13.74 -33.02 -40.23
CA LEU H 43 13.81 -32.95 -41.70
C LEU H 43 15.03 -33.65 -42.26
N LYS H 44 16.05 -33.90 -41.43
CA LYS H 44 17.18 -34.70 -41.88
C LYS H 44 16.76 -36.13 -42.21
N THR H 45 15.86 -36.69 -41.41
CA THR H 45 15.39 -38.05 -41.67
C THR H 45 14.64 -38.12 -43.00
N THR H 46 13.80 -37.12 -43.28
CA THR H 46 13.02 -37.14 -44.52
C THR H 46 13.94 -37.08 -45.74
N VAL H 47 14.91 -36.17 -45.73
CA VAL H 47 15.80 -36.01 -46.88
C VAL H 47 16.64 -37.28 -47.08
N GLU H 48 17.21 -37.81 -46.00
CA GLU H 48 18.06 -38.99 -46.11
C GLU H 48 17.25 -40.20 -46.59
N GLU H 49 16.06 -40.39 -46.05
CA GLU H 49 15.23 -41.51 -46.47
C GLU H 49 14.82 -41.38 -47.94
N SER H 50 14.43 -40.16 -48.36
CA SER H 50 14.03 -39.98 -49.75
C SER H 50 15.21 -40.21 -50.70
N LEU H 51 16.40 -39.74 -50.31
CA LEU H 51 17.57 -40.00 -51.14
C LEU H 51 17.93 -41.48 -51.18
N SER H 52 17.71 -42.19 -50.06
CA SER H 52 17.99 -43.62 -50.03
C SER H 52 17.07 -44.40 -50.96
N ARG H 53 15.80 -43.98 -51.04
CA ARG H 53 14.83 -44.66 -51.89
C ARG H 53 14.92 -44.24 -53.36
N GLY H 54 15.81 -43.32 -53.70
CA GLY H 54 16.01 -42.93 -55.08
C GLY H 54 15.27 -41.68 -55.51
N ILE H 55 14.46 -41.08 -54.63
CA ILE H 55 13.76 -39.85 -54.99
C ILE H 55 14.76 -38.75 -55.27
N ALA H 56 14.57 -38.04 -56.38
CA ALA H 56 15.49 -36.99 -56.77
C ALA H 56 15.51 -35.89 -55.72
N GLY H 57 16.70 -35.31 -55.52
CA GLY H 57 16.83 -34.25 -54.53
C GLY H 57 15.98 -33.03 -54.85
N SER H 58 15.84 -32.72 -56.13
CA SER H 58 14.99 -31.59 -56.53
C SER H 58 13.51 -31.87 -56.26
N LYS H 59 13.14 -33.13 -56.05
CA LYS H 59 11.75 -33.49 -55.79
C LYS H 59 11.42 -33.50 -54.30
N ILE H 60 12.40 -33.25 -53.43
CA ILE H 60 12.18 -33.18 -52.00
C ILE H 60 11.86 -31.73 -51.65
N LYS H 61 10.59 -31.44 -51.44
CA LYS H 61 10.12 -30.09 -51.14
C LYS H 61 9.51 -30.05 -49.74
N ILE H 62 9.07 -28.85 -49.35
CA ILE H 62 8.47 -28.62 -48.04
C ILE H 62 7.02 -28.19 -48.24
N GLY H 63 6.12 -28.87 -47.55
CA GLY H 63 4.71 -28.56 -47.66
C GLY H 63 3.87 -29.72 -47.17
N THR H 64 2.57 -29.46 -47.07
CA THR H 64 1.63 -30.47 -46.62
C THR H 64 0.99 -31.25 -47.77
N THR H 65 1.42 -31.00 -49.00
CA THR H 65 0.91 -31.76 -50.14
C THR H 65 1.26 -33.23 -49.98
N ALA H 66 0.30 -34.09 -50.31
CA ALA H 66 0.49 -35.54 -50.18
C ALA H 66 1.65 -36.02 -51.04
N SER H 67 2.66 -36.60 -50.40
CA SER H 67 3.83 -37.08 -51.13
C SER H 67 3.47 -38.29 -51.98
N THR H 68 3.90 -38.27 -53.23
CA THR H 68 3.64 -39.35 -54.16
C THR H 68 4.83 -40.31 -54.19
N ALA H 69 4.82 -41.26 -55.12
CA ALA H 69 5.93 -42.20 -55.22
C ALA H 69 7.20 -41.54 -55.74
N THR H 70 7.06 -40.41 -56.44
CA THR H 70 8.21 -39.71 -56.99
C THR H 70 8.53 -38.41 -56.27
N GLU H 71 7.56 -37.78 -55.62
CA GLU H 71 7.77 -36.53 -54.90
C GLU H 71 7.57 -36.77 -53.41
N THR H 72 8.38 -36.10 -52.60
CA THR H 72 8.31 -36.20 -51.15
C THR H 72 8.14 -34.81 -50.55
N TYR H 73 7.17 -34.67 -49.66
CA TYR H 73 6.94 -33.42 -48.92
C TYR H 73 7.12 -33.70 -47.44
N VAL H 74 7.76 -32.76 -46.74
CA VAL H 74 8.09 -32.96 -45.33
C VAL H 74 6.84 -33.00 -44.46
N GLY H 75 5.70 -32.52 -44.95
CA GLY H 75 4.46 -32.59 -44.20
C GLY H 75 4.14 -31.37 -43.36
N VAL H 76 5.01 -30.36 -43.34
CA VAL H 76 4.76 -29.14 -42.58
C VAL H 76 4.86 -27.95 -43.52
N GLU H 77 4.13 -26.88 -43.17
CA GLU H 77 4.20 -25.65 -43.93
C GLU H 77 5.55 -24.96 -43.71
N PRO H 78 5.98 -24.13 -44.66
CA PRO H 78 7.21 -23.36 -44.43
C PRO H 78 7.13 -22.47 -43.21
N ASP H 79 5.94 -21.92 -42.93
CA ASP H 79 5.72 -21.05 -41.77
C ASP H 79 5.04 -21.79 -40.62
N ALA H 80 5.23 -23.11 -40.53
CA ALA H 80 4.63 -23.87 -39.44
C ALA H 80 5.12 -23.39 -38.08
N ASN H 81 6.42 -23.12 -37.97
CA ASN H 81 6.97 -22.48 -36.78
C ASN H 81 6.97 -20.97 -37.02
N LYS H 82 6.25 -20.23 -36.17
CA LYS H 82 6.09 -18.80 -36.39
C LYS H 82 7.40 -18.02 -36.24
N LEU H 83 8.43 -18.64 -35.66
CA LEU H 83 9.70 -17.94 -35.49
C LEU H 83 10.32 -17.59 -36.84
N GLY H 84 10.25 -18.51 -37.79
CA GLY H 84 10.80 -18.25 -39.11
C GLY H 84 10.37 -19.32 -40.09
N VAL H 85 10.74 -19.12 -41.34
CA VAL H 85 10.38 -20.05 -42.41
C VAL H 85 11.46 -21.11 -42.53
N ILE H 86 11.07 -22.25 -43.12
CA ILE H 86 11.97 -23.37 -43.36
C ILE H 86 12.07 -23.58 -44.87
N ALA H 87 13.29 -23.69 -45.37
CA ALA H 87 13.54 -23.90 -46.79
C ALA H 87 14.38 -25.16 -46.97
N VAL H 88 13.92 -26.03 -47.86
CA VAL H 88 14.64 -27.26 -48.20
C VAL H 88 15.05 -27.15 -49.66
N ALA H 89 16.36 -27.19 -49.92
CA ALA H 89 16.92 -27.07 -51.27
C ALA H 89 17.98 -28.14 -51.42
N ILE H 90 17.58 -29.30 -51.94
CA ILE H 90 18.48 -30.43 -52.14
C ILE H 90 18.71 -30.59 -53.64
N GLU H 91 19.98 -30.67 -54.03
CA GLU H 91 20.33 -30.87 -55.42
C GLU H 91 20.15 -32.34 -55.81
N ASP H 92 20.19 -32.59 -57.12
CA ASP H 92 20.02 -33.96 -57.61
C ASP H 92 21.18 -34.85 -57.20
N SER H 93 22.37 -34.28 -57.01
CA SER H 93 23.53 -35.06 -56.58
C SER H 93 23.45 -35.49 -55.13
N GLY H 94 22.48 -34.99 -54.36
CA GLY H 94 22.36 -35.28 -52.96
C GLY H 94 22.83 -34.17 -52.05
N ALA H 95 23.60 -33.22 -52.57
CA ALA H 95 24.05 -32.07 -51.79
C ALA H 95 22.92 -31.07 -51.61
N GLY H 96 22.85 -30.49 -50.42
CA GLY H 96 21.80 -29.53 -50.12
C GLY H 96 21.89 -29.10 -48.68
N ASP H 97 20.97 -28.21 -48.32
CA ASP H 97 20.90 -27.68 -46.97
C ASP H 97 19.46 -27.41 -46.57
N ILE H 98 19.21 -27.44 -45.27
CA ILE H 98 17.92 -27.09 -44.69
C ILE H 98 18.14 -25.88 -43.82
N THR H 99 17.45 -24.79 -44.11
CA THR H 99 17.68 -23.51 -43.44
C THR H 99 16.44 -23.08 -42.67
N PHE H 100 16.67 -22.50 -41.50
CA PHE H 100 15.62 -21.88 -40.69
C PHE H 100 16.02 -20.42 -40.47
N THR H 101 15.37 -19.51 -41.19
CA THR H 101 15.67 -18.09 -41.12
C THR H 101 14.63 -17.40 -40.24
N PHE H 102 15.08 -16.86 -39.11
CA PHE H 102 14.18 -16.12 -38.23
C PHE H 102 13.70 -14.84 -38.93
N GLN H 103 12.40 -14.56 -38.80
CA GLN H 103 11.78 -13.42 -39.44
C GLN H 103 11.53 -12.31 -38.44
N THR H 104 11.82 -11.08 -38.87
CA THR H 104 11.54 -9.91 -38.04
C THR H 104 10.04 -9.73 -37.87
N GLY H 105 9.63 -9.40 -36.64
CA GLY H 105 8.23 -9.27 -36.31
C GLY H 105 7.65 -10.46 -35.56
N THR H 106 8.35 -11.59 -35.56
CA THR H 106 7.92 -12.77 -34.81
C THR H 106 9.03 -13.45 -34.03
N SER H 107 10.25 -12.91 -34.07
CA SER H 107 11.39 -13.48 -33.35
C SER H 107 12.08 -12.38 -32.56
N SER H 108 12.81 -12.78 -31.53
CA SER H 108 13.49 -11.82 -30.68
C SER H 108 14.54 -11.05 -31.48
N PRO H 109 14.81 -9.79 -31.11
CA PRO H 109 15.77 -8.99 -31.90
C PRO H 109 17.15 -9.60 -31.99
N LYS H 110 17.58 -10.35 -30.97
CA LYS H 110 18.90 -10.97 -31.01
C LYS H 110 18.98 -12.03 -32.11
N ASN H 111 17.93 -12.82 -32.27
CA ASN H 111 17.91 -13.91 -33.24
C ASN H 111 17.31 -13.52 -34.58
N ALA H 112 16.85 -12.28 -34.73
CA ALA H 112 16.18 -11.88 -35.96
C ALA H 112 17.15 -11.93 -37.14
N THR H 113 16.65 -12.39 -38.29
CA THR H 113 17.39 -12.51 -39.54
C THR H 113 18.61 -13.42 -39.42
N LYS H 114 18.59 -14.36 -38.48
CA LYS H 114 19.66 -15.34 -38.37
C LYS H 114 19.21 -16.65 -39.01
N VAL H 115 20.19 -17.41 -39.52
CA VAL H 115 19.93 -18.62 -40.28
C VAL H 115 20.63 -19.78 -39.61
N ILE H 116 19.90 -20.88 -39.42
CA ILE H 116 20.46 -22.16 -38.97
C ILE H 116 20.42 -23.10 -40.16
N THR H 117 21.59 -23.53 -40.61
CA THR H 117 21.72 -24.31 -41.84
C THR H 117 22.19 -25.72 -41.52
N LEU H 118 21.46 -26.71 -42.01
CA LEU H 118 21.84 -28.12 -41.93
C LEU H 118 22.38 -28.53 -43.28
N ASN H 119 23.66 -28.25 -43.52
CA ASN H 119 24.28 -28.50 -44.81
C ASN H 119 24.58 -29.99 -44.97
N ARG H 120 24.25 -30.54 -46.14
CA ARG H 120 24.55 -31.92 -46.48
C ARG H 120 25.44 -31.94 -47.71
N THR H 121 26.56 -32.63 -47.63
CA THR H 121 27.46 -32.74 -48.76
C THR H 121 27.02 -33.88 -49.68
N ALA H 122 27.66 -33.94 -50.85
CA ALA H 122 27.34 -35.00 -51.80
C ALA H 122 27.73 -36.37 -51.29
N ASP H 123 28.60 -36.44 -50.29
CA ASP H 123 29.02 -37.70 -49.70
C ASP H 123 28.13 -38.15 -48.55
N GLY H 124 27.09 -37.39 -48.22
CA GLY H 124 26.17 -37.77 -47.16
C GLY H 124 26.57 -37.35 -45.77
N VAL H 125 27.42 -36.35 -45.63
CA VAL H 125 27.86 -35.88 -44.32
C VAL H 125 27.01 -34.69 -43.92
N TRP H 126 26.39 -34.77 -42.74
CA TRP H 126 25.51 -33.72 -42.24
C TRP H 126 26.28 -32.82 -41.29
N ALA H 127 26.12 -31.50 -41.45
CA ALA H 127 26.74 -30.52 -40.57
C ALA H 127 25.74 -29.40 -40.29
N CYS H 128 25.81 -28.84 -39.10
CA CYS H 128 24.95 -27.74 -38.69
C CYS H 128 25.77 -26.47 -38.54
N LYS H 129 25.34 -25.41 -39.21
CA LYS H 129 26.00 -24.12 -39.15
C LYS H 129 24.98 -23.06 -38.78
N SER H 130 25.34 -22.19 -37.84
CA SER H 130 24.45 -21.15 -37.35
C SER H 130 25.14 -19.80 -37.39
N THR H 131 24.40 -18.77 -37.80
CA THR H 131 24.91 -17.40 -37.86
C THR H 131 24.56 -16.58 -36.64
N GLN H 132 23.95 -17.19 -35.62
CA GLN H 132 23.59 -16.46 -34.41
C GLN H 132 24.84 -16.15 -33.59
N ASP H 133 24.63 -15.54 -32.43
CA ASP H 133 25.72 -15.31 -31.50
C ASP H 133 26.20 -16.65 -30.92
N PRO H 134 27.49 -16.75 -30.61
CA PRO H 134 28.00 -18.01 -30.05
C PRO H 134 27.32 -18.42 -28.75
N MET H 135 26.89 -17.46 -27.93
CA MET H 135 26.20 -17.80 -26.70
C MET H 135 24.82 -18.39 -26.98
N PHE H 136 24.13 -17.89 -28.00
CA PHE H 136 22.80 -18.35 -28.34
C PHE H 136 22.80 -19.55 -29.27
N THR H 137 23.95 -19.94 -29.79
CA THR H 137 24.01 -21.06 -30.72
C THR H 137 23.76 -22.37 -29.98
N PRO H 138 22.81 -23.18 -30.42
CA PRO H 138 22.54 -24.46 -29.75
C PRO H 138 23.72 -25.42 -29.91
N LYS H 139 23.80 -26.37 -28.98
CA LYS H 139 24.86 -27.35 -29.01
C LYS H 139 24.77 -28.21 -30.26
N GLY H 140 25.94 -28.59 -30.78
CA GLY H 140 26.02 -29.40 -31.97
C GLY H 140 26.03 -28.64 -33.27
N CYS H 141 25.84 -27.32 -33.23
CA CYS H 141 25.89 -26.49 -34.43
C CYS H 141 27.08 -25.55 -34.32
N ASP H 142 27.94 -25.57 -35.33
CA ASP H 142 29.09 -24.68 -35.36
C ASP H 142 28.63 -23.25 -35.65
N ASN H 143 29.45 -22.29 -35.21
CA ASN H 143 29.12 -20.90 -35.39
C ASN H 143 30.09 -20.22 -36.35
N PHE I 1 -2.59 18.43 16.36
CA PHE I 1 -2.83 18.30 14.93
C PHE I 1 -3.05 19.66 14.29
N THR I 2 -2.33 19.93 13.20
CA THR I 2 -2.43 21.19 12.49
C THR I 2 -3.05 20.96 11.11
N LEU I 3 -3.62 22.02 10.56
CA LEU I 3 -4.23 21.92 9.23
C LEU I 3 -3.18 21.67 8.16
N ILE I 4 -1.97 22.19 8.35
CA ILE I 4 -0.90 21.91 7.40
C ILE I 4 -0.53 20.43 7.42
N GLU I 5 -0.56 19.81 8.61
CA GLU I 5 -0.29 18.37 8.71
C GLU I 5 -1.31 17.57 7.90
N LEU I 6 -2.59 17.90 8.04
CA LEU I 6 -3.64 17.17 7.36
C LEU I 6 -3.65 17.46 5.86
N MET I 7 -3.34 18.69 5.47
CA MET I 7 -3.30 19.01 4.04
C MET I 7 -2.13 18.32 3.36
N ILE I 8 -0.99 18.19 4.03
CA ILE I 8 0.12 17.42 3.47
C ILE I 8 -0.28 15.96 3.32
N VAL I 9 -1.02 15.42 4.29
CA VAL I 9 -1.49 14.04 4.20
C VAL I 9 -2.42 13.88 3.01
N VAL I 10 -3.34 14.83 2.82
CA VAL I 10 -4.26 14.76 1.69
C VAL I 10 -3.51 14.83 0.36
N ALA I 11 -2.52 15.72 0.28
CA ALA I 11 -1.74 15.84 -0.94
C ALA I 11 -0.97 14.56 -1.24
N ILE I 12 -0.38 13.94 -0.21
CA ILE I 12 0.37 12.71 -0.42
C ILE I 12 -0.58 11.57 -0.75
N ILE I 13 -1.80 11.59 -0.21
CA ILE I 13 -2.80 10.59 -0.59
C ILE I 13 -3.13 10.72 -2.07
N GLY I 14 -3.34 11.95 -2.53
CA GLY I 14 -3.62 12.16 -3.94
C GLY I 14 -2.46 11.77 -4.84
N ILE I 15 -1.24 12.07 -4.39
CA ILE I 15 -0.05 11.71 -5.17
C ILE I 15 0.13 10.20 -5.22
N LEU I 16 -0.12 9.52 -4.10
CA LEU I 16 0.01 8.06 -4.05
C LEU I 16 -1.06 7.37 -4.88
N ALA I 17 -2.18 8.05 -5.11
CA ALA I 17 -3.14 7.62 -6.11
C ALA I 17 -2.62 8.05 -7.47
N ALA I 18 -3.48 8.01 -8.49
CA ALA I 18 -3.14 8.43 -9.84
C ALA I 18 -2.05 7.59 -10.48
N ILE I 19 -1.63 6.51 -9.85
CA ILE I 19 -0.65 5.61 -10.44
C ILE I 19 -1.31 4.87 -11.59
N ALA I 20 -0.79 5.07 -12.80
CA ALA I 20 -1.39 4.50 -13.99
C ALA I 20 -1.34 2.98 -13.93
N ILE I 21 -2.46 2.34 -14.25
CA ILE I 21 -2.58 0.89 -14.28
C ILE I 21 -2.60 0.45 -15.74
N PRO I 22 -1.55 -0.21 -16.23
CA PRO I 22 -1.53 -0.63 -17.63
C PRO I 22 -2.49 -1.78 -17.88
N GLN I 23 -2.63 -2.12 -19.16
CA GLN I 23 -3.49 -3.22 -19.55
C GLN I 23 -2.92 -4.55 -19.04
N TYR I 24 -3.79 -5.41 -18.57
CA TYR I 24 -3.37 -6.72 -18.04
C TYR I 24 -4.17 -7.90 -18.58
N GLN I 25 -5.32 -7.67 -19.22
CA GLN I 25 -6.10 -8.79 -19.74
C GLN I 25 -5.40 -9.48 -20.90
N ASN I 26 -4.56 -8.75 -21.64
CA ASN I 26 -3.82 -9.36 -22.73
C ASN I 26 -2.86 -10.43 -22.20
N TYR I 27 -2.21 -10.16 -21.07
CA TYR I 27 -1.30 -11.13 -20.48
C TYR I 27 -2.06 -12.39 -20.08
N VAL I 28 -3.22 -12.23 -19.46
CA VAL I 28 -4.03 -13.37 -19.03
C VAL I 28 -4.49 -14.17 -20.24
N ALA I 29 -4.94 -13.49 -21.29
CA ALA I 29 -5.40 -14.19 -22.49
C ALA I 29 -4.26 -14.98 -23.14
N ARG I 30 -3.08 -14.36 -23.24
CA ARG I 30 -1.93 -15.06 -23.82
C ARG I 30 -1.52 -16.26 -22.99
N SER I 31 -1.53 -16.12 -21.66
CA SER I 31 -1.19 -17.25 -20.81
C SER I 31 -2.23 -18.36 -20.92
N GLU I 32 -3.51 -18.00 -21.05
CA GLU I 32 -4.55 -19.01 -21.23
C GLU I 32 -4.36 -19.76 -22.54
N GLY I 33 -4.05 -19.03 -23.62
CA GLY I 33 -3.79 -19.70 -24.88
C GLY I 33 -2.61 -20.63 -24.82
N ALA I 34 -1.52 -20.19 -24.19
CA ALA I 34 -0.35 -21.03 -24.04
C ALA I 34 -0.67 -22.27 -23.20
N SER I 35 -1.43 -22.11 -22.12
CA SER I 35 -1.79 -23.24 -21.28
C SER I 35 -2.66 -24.24 -22.04
N ALA I 36 -3.62 -23.74 -22.82
CA ALA I 36 -4.45 -24.64 -23.61
C ALA I 36 -3.64 -25.41 -24.64
N LEU I 37 -2.74 -24.71 -25.33
CA LEU I 37 -1.92 -25.38 -26.34
C LEU I 37 -1.01 -26.42 -25.70
N ALA I 38 -0.41 -26.09 -24.56
CA ALA I 38 0.42 -27.06 -23.85
C ALA I 38 -0.40 -28.22 -23.30
N THR I 39 -1.68 -28.00 -23.01
CA THR I 39 -2.53 -29.09 -22.55
C THR I 39 -2.86 -30.06 -23.67
N ILE I 40 -3.21 -29.55 -24.85
CA ILE I 40 -3.64 -30.42 -25.93
C ILE I 40 -2.49 -30.87 -26.84
N ASN I 41 -1.30 -30.30 -26.69
CA ASN I 41 -0.17 -30.73 -27.52
C ASN I 41 0.23 -32.18 -27.30
N PRO I 42 0.39 -32.69 -26.06
CA PRO I 42 0.80 -34.09 -25.90
C PRO I 42 -0.22 -35.09 -26.42
N LEU I 43 -1.48 -34.69 -26.61
CA LEU I 43 -2.48 -35.60 -27.15
C LEU I 43 -2.19 -35.97 -28.60
N LYS I 44 -1.35 -35.20 -29.29
CA LYS I 44 -0.93 -35.60 -30.63
C LYS I 44 -0.13 -36.88 -30.60
N THR I 45 0.73 -37.04 -29.60
CA THR I 45 1.53 -38.26 -29.47
C THR I 45 0.63 -39.48 -29.26
N THR I 46 -0.39 -39.35 -28.40
CA THR I 46 -1.27 -40.47 -28.13
C THR I 46 -2.01 -40.92 -29.38
N VAL I 47 -2.59 -39.96 -30.12
CA VAL I 47 -3.36 -40.31 -31.32
C VAL I 47 -2.45 -40.94 -32.36
N GLU I 48 -1.29 -40.34 -32.61
CA GLU I 48 -0.38 -40.86 -33.63
C GLU I 48 0.12 -42.25 -33.26
N GLU I 49 0.48 -42.46 -31.99
CA GLU I 49 0.96 -43.77 -31.57
C GLU I 49 -0.14 -44.81 -31.68
N SER I 50 -1.36 -44.48 -31.26
CA SER I 50 -2.46 -45.43 -31.34
C SER I 50 -2.78 -45.79 -32.78
N LEU I 51 -2.75 -44.80 -33.68
CA LEU I 51 -2.98 -45.07 -35.09
C LEU I 51 -1.84 -45.92 -35.68
N SER I 52 -0.61 -45.70 -35.21
CA SER I 52 0.51 -46.49 -35.70
C SER I 52 0.39 -47.96 -35.30
N ARG I 53 -0.12 -48.22 -34.10
CA ARG I 53 -0.27 -49.59 -33.62
C ARG I 53 -1.53 -50.26 -34.13
N GLY I 54 -2.34 -49.58 -34.92
CA GLY I 54 -3.52 -50.17 -35.51
C GLY I 54 -4.82 -49.94 -34.76
N ILE I 55 -4.78 -49.27 -33.61
CA ILE I 55 -6.01 -48.98 -32.87
C ILE I 55 -6.91 -48.10 -33.72
N ALA I 56 -8.18 -48.46 -33.80
CA ALA I 56 -9.13 -47.70 -34.61
C ALA I 56 -9.26 -46.28 -34.08
N GLY I 57 -9.45 -45.34 -35.00
CA GLY I 57 -9.57 -43.95 -34.61
C GLY I 57 -10.78 -43.69 -33.73
N SER I 58 -11.87 -44.40 -33.98
CA SER I 58 -13.06 -44.27 -33.15
C SER I 58 -12.85 -44.81 -31.74
N LYS I 59 -11.81 -45.62 -31.53
CA LYS I 59 -11.50 -46.19 -30.23
C LYS I 59 -10.57 -45.31 -29.40
N ILE I 60 -10.08 -44.21 -29.97
CA ILE I 60 -9.21 -43.27 -29.25
C ILE I 60 -10.12 -42.24 -28.60
N LYS I 61 -10.32 -42.37 -27.29
CA LYS I 61 -11.19 -41.47 -26.54
C LYS I 61 -10.38 -40.74 -25.49
N ILE I 62 -11.06 -39.87 -24.74
CA ILE I 62 -10.44 -39.07 -23.70
C ILE I 62 -11.05 -39.46 -22.35
N GLY I 63 -10.19 -39.76 -21.39
CA GLY I 63 -10.65 -40.16 -20.08
C GLY I 63 -9.55 -40.89 -19.34
N THR I 64 -9.81 -41.13 -18.06
CA THR I 64 -8.87 -41.83 -17.19
C THR I 64 -9.10 -43.33 -17.15
N THR I 65 -10.05 -43.84 -17.92
CA THR I 65 -10.28 -45.28 -17.98
C THR I 65 -9.04 -45.99 -18.49
N ALA I 66 -8.70 -47.11 -17.86
CA ALA I 66 -7.52 -47.89 -18.24
C ALA I 66 -7.60 -48.34 -19.69
N SER I 67 -6.63 -47.91 -20.50
CA SER I 67 -6.63 -48.28 -21.91
C SER I 67 -6.31 -49.76 -22.08
N THR I 68 -7.11 -50.43 -22.90
CA THR I 68 -6.92 -51.86 -23.17
C THR I 68 -6.10 -52.03 -24.44
N ALA I 69 -5.99 -53.27 -24.92
CA ALA I 69 -5.24 -53.53 -26.14
C ALA I 69 -5.94 -53.00 -27.37
N THR I 70 -7.26 -52.78 -27.29
CA THR I 70 -8.02 -52.28 -28.43
C THR I 70 -8.49 -50.85 -28.26
N GLU I 71 -8.63 -50.37 -27.03
CA GLU I 71 -9.07 -49.01 -26.75
C GLU I 71 -7.95 -48.23 -26.10
N THR I 72 -7.84 -46.95 -26.45
CA THR I 72 -6.81 -46.07 -25.89
C THR I 72 -7.49 -44.84 -25.30
N TYR I 73 -7.11 -44.50 -24.08
CA TYR I 73 -7.58 -43.31 -23.40
C TYR I 73 -6.40 -42.41 -23.10
N VAL I 74 -6.57 -41.10 -23.29
CA VAL I 74 -5.47 -40.16 -23.13
C VAL I 74 -5.00 -40.06 -21.69
N GLY I 75 -5.79 -40.51 -20.73
CA GLY I 75 -5.39 -40.51 -19.35
C GLY I 75 -5.78 -39.27 -18.55
N VAL I 76 -6.44 -38.30 -19.16
CA VAL I 76 -6.88 -37.10 -18.48
C VAL I 76 -8.38 -36.93 -18.68
N GLU I 77 -9.03 -36.28 -17.71
CA GLU I 77 -10.44 -35.97 -17.83
C GLU I 77 -10.67 -34.89 -18.87
N PRO I 78 -11.86 -34.83 -19.46
CA PRO I 78 -12.16 -33.73 -20.39
C PRO I 78 -12.03 -32.36 -19.74
N ASP I 79 -12.39 -32.26 -18.45
CA ASP I 79 -12.31 -31.02 -17.71
C ASP I 79 -11.08 -30.96 -16.80
N ALA I 80 -10.00 -31.67 -17.18
CA ALA I 80 -8.79 -31.65 -16.37
C ALA I 80 -8.21 -30.24 -16.28
N ASN I 81 -8.19 -29.52 -17.38
CA ASN I 81 -7.85 -28.11 -17.37
C ASN I 81 -9.13 -27.31 -17.21
N LYS I 82 -9.21 -26.53 -16.12
CA LYS I 82 -10.44 -25.81 -15.80
C LYS I 82 -10.78 -24.73 -16.82
N LEU I 83 -9.82 -24.35 -17.68
CA LEU I 83 -10.09 -23.32 -18.68
C LEU I 83 -11.17 -23.77 -19.66
N GLY I 84 -11.12 -25.04 -20.07
CA GLY I 84 -12.11 -25.55 -21.00
C GLY I 84 -12.00 -27.05 -21.12
N VAL I 85 -12.93 -27.63 -21.87
CA VAL I 85 -12.98 -29.07 -22.06
C VAL I 85 -12.14 -29.44 -23.28
N ILE I 86 -11.72 -30.71 -23.31
CA ILE I 86 -10.94 -31.26 -24.41
C ILE I 86 -11.76 -32.37 -25.06
N ALA I 87 -11.87 -32.32 -26.38
CA ALA I 87 -12.61 -33.31 -27.14
C ALA I 87 -11.70 -33.94 -28.19
N VAL I 88 -11.67 -35.27 -28.23
CA VAL I 88 -10.91 -36.02 -29.22
C VAL I 88 -11.90 -36.78 -30.08
N ALA I 89 -11.89 -36.49 -31.38
CA ALA I 89 -12.81 -37.11 -32.34
C ALA I 89 -11.98 -37.51 -33.57
N ILE I 90 -11.50 -38.75 -33.57
CA ILE I 90 -10.68 -39.29 -34.66
C ILE I 90 -11.53 -40.30 -35.42
N GLU I 91 -11.58 -40.15 -36.74
CA GLU I 91 -12.31 -41.08 -37.57
C GLU I 91 -11.48 -42.35 -37.79
N ASP I 92 -12.14 -43.39 -38.32
CA ASP I 92 -11.46 -44.65 -38.56
C ASP I 92 -10.40 -44.52 -39.65
N SER I 93 -10.57 -43.58 -40.57
CA SER I 93 -9.59 -43.37 -41.63
C SER I 93 -8.32 -42.69 -41.13
N GLY I 94 -8.30 -42.21 -39.89
CA GLY I 94 -7.17 -41.50 -39.34
C GLY I 94 -7.36 -40.00 -39.27
N ALA I 95 -8.34 -39.46 -40.00
CA ALA I 95 -8.62 -38.04 -39.95
C ALA I 95 -9.39 -37.70 -38.67
N GLY I 96 -9.05 -36.55 -38.10
CA GLY I 96 -9.68 -36.11 -36.88
C GLY I 96 -9.06 -34.84 -36.38
N ASP I 97 -9.59 -34.36 -35.25
CA ASP I 97 -9.10 -33.14 -34.64
C ASP I 97 -9.21 -33.24 -33.13
N ILE I 98 -8.36 -32.47 -32.45
CA ILE I 98 -8.38 -32.35 -31.00
C ILE I 98 -8.69 -30.88 -30.70
N THR I 99 -9.78 -30.64 -29.97
CA THR I 99 -10.27 -29.29 -29.74
C THR I 99 -10.21 -28.96 -28.26
N PHE I 100 -9.87 -27.70 -27.96
CA PHE I 100 -9.92 -27.16 -26.61
C PHE I 100 -10.82 -25.93 -26.66
N THR I 101 -12.04 -26.07 -26.15
CA THR I 101 -13.02 -25.00 -26.16
C THR I 101 -13.07 -24.35 -24.78
N PHE I 102 -12.71 -23.07 -24.71
CA PHE I 102 -12.78 -22.34 -23.45
C PHE I 102 -14.24 -22.18 -23.03
N GLN I 103 -14.50 -22.38 -21.75
CA GLN I 103 -15.85 -22.32 -21.20
C GLN I 103 -16.06 -21.02 -20.43
N THR I 104 -17.23 -20.41 -20.64
CA THR I 104 -17.58 -19.21 -19.90
C THR I 104 -17.77 -19.54 -18.43
N GLY I 105 -17.25 -18.66 -17.57
CA GLY I 105 -17.28 -18.87 -16.14
C GLY I 105 -15.97 -19.32 -15.55
N THR I 106 -15.04 -19.80 -16.37
CA THR I 106 -13.73 -20.20 -15.92
C THR I 106 -12.59 -19.70 -16.80
N SER I 107 -12.88 -18.94 -17.85
CA SER I 107 -11.86 -18.40 -18.73
C SER I 107 -12.10 -16.91 -18.92
N SER I 108 -11.04 -16.20 -19.30
CA SER I 108 -11.13 -14.77 -19.47
C SER I 108 -12.12 -14.42 -20.59
N PRO I 109 -12.78 -13.27 -20.51
CA PRO I 109 -13.80 -12.93 -21.52
C PRO I 109 -13.25 -12.88 -22.93
N LYS I 110 -11.98 -12.50 -23.10
CA LYS I 110 -11.40 -12.44 -24.44
C LYS I 110 -11.32 -13.82 -25.07
N ASN I 111 -10.94 -14.83 -24.29
CA ASN I 111 -10.77 -16.19 -24.79
C ASN I 111 -12.00 -17.06 -24.63
N ALA I 112 -13.07 -16.54 -24.05
CA ALA I 112 -14.25 -17.36 -23.80
C ALA I 112 -14.89 -17.82 -25.11
N THR I 113 -15.33 -19.08 -25.12
CA THR I 113 -16.00 -19.71 -26.26
C THR I 113 -15.10 -19.78 -27.49
N LYS I 114 -13.79 -19.76 -27.31
CA LYS I 114 -12.85 -19.92 -28.42
C LYS I 114 -12.34 -21.35 -28.45
N VAL I 115 -12.00 -21.81 -29.65
CA VAL I 115 -11.63 -23.19 -29.89
C VAL I 115 -10.24 -23.24 -30.50
N ILE I 116 -9.37 -24.08 -29.95
CA ILE I 116 -8.06 -24.38 -30.52
C ILE I 116 -8.13 -25.81 -31.06
N THR I 117 -7.98 -25.95 -32.38
CA THR I 117 -8.19 -27.23 -33.05
C THR I 117 -6.87 -27.74 -33.61
N LEU I 118 -6.53 -28.99 -33.27
CA LEU I 118 -5.38 -29.68 -33.83
C LEU I 118 -5.90 -30.67 -34.87
N ASN I 119 -6.14 -30.16 -36.09
CA ASN I 119 -6.71 -30.97 -37.14
C ASN I 119 -5.67 -31.92 -37.73
N ARG I 120 -6.06 -33.18 -37.92
CA ARG I 120 -5.22 -34.19 -38.55
C ARG I 120 -5.92 -34.70 -39.80
N THR I 121 -5.22 -34.65 -40.93
CA THR I 121 -5.78 -35.17 -42.17
C THR I 121 -5.58 -36.67 -42.27
N ALA I 122 -6.23 -37.26 -43.27
CA ALA I 122 -6.10 -38.71 -43.49
C ALA I 122 -4.68 -39.09 -43.91
N ASP I 123 -3.89 -38.15 -44.37
CA ASP I 123 -2.51 -38.40 -44.77
C ASP I 123 -1.52 -38.23 -43.63
N GLY I 124 -1.99 -37.92 -42.43
CA GLY I 124 -1.11 -37.79 -41.28
C GLY I 124 -0.47 -36.44 -41.09
N VAL I 125 -1.04 -35.39 -41.66
CA VAL I 125 -0.48 -34.05 -41.53
C VAL I 125 -1.21 -33.31 -40.40
N TRP I 126 -0.46 -32.81 -39.44
CA TRP I 126 -1.00 -32.12 -38.27
C TRP I 126 -0.97 -30.62 -38.50
N ALA I 127 -2.07 -29.95 -38.19
CA ALA I 127 -2.16 -28.50 -38.29
C ALA I 127 -2.93 -27.97 -37.09
N CYS I 128 -2.55 -26.77 -36.64
CA CYS I 128 -3.21 -26.12 -35.51
C CYS I 128 -3.98 -24.90 -36.01
N LYS I 129 -5.25 -24.83 -35.67
CA LYS I 129 -6.11 -23.71 -36.03
C LYS I 129 -6.77 -23.16 -34.77
N SER I 130 -6.78 -21.83 -34.64
CA SER I 130 -7.33 -21.18 -33.47
C SER I 130 -8.30 -20.09 -33.90
N THR I 131 -9.41 -19.97 -33.18
CA THR I 131 -10.41 -18.95 -33.44
C THR I 131 -10.27 -17.72 -32.56
N GLN I 132 -9.21 -17.66 -31.74
CA GLN I 132 -9.01 -16.52 -30.87
C GLN I 132 -8.57 -15.30 -31.69
N ASP I 133 -8.29 -14.20 -30.99
CA ASP I 133 -7.74 -13.03 -31.64
C ASP I 133 -6.31 -13.32 -32.11
N PRO I 134 -5.88 -12.69 -33.21
CA PRO I 134 -4.51 -12.93 -33.70
C PRO I 134 -3.44 -12.58 -32.69
N MET I 135 -3.66 -11.56 -31.85
CA MET I 135 -2.68 -11.22 -30.84
C MET I 135 -2.57 -12.29 -29.76
N PHE I 136 -3.69 -12.90 -29.39
CA PHE I 136 -3.71 -13.93 -28.35
C PHE I 136 -3.41 -15.33 -28.89
N THR I 137 -3.34 -15.50 -30.20
CA THR I 137 -3.11 -16.83 -30.76
C THR I 137 -1.67 -17.25 -30.50
N PRO I 138 -1.45 -18.43 -29.91
CA PRO I 138 -0.08 -18.88 -29.65
C PRO I 138 0.66 -19.18 -30.95
N LYS I 139 1.98 -19.13 -30.85
CA LYS I 139 2.83 -19.39 -32.02
C LYS I 139 2.63 -20.81 -32.53
N GLY I 140 2.70 -20.97 -33.84
CA GLY I 140 2.54 -22.26 -34.47
C GLY I 140 1.11 -22.65 -34.79
N CYS I 141 0.13 -21.85 -34.39
CA CYS I 141 -1.26 -22.09 -34.69
C CYS I 141 -1.76 -20.99 -35.60
N ASP I 142 -2.32 -21.36 -36.74
CA ASP I 142 -2.88 -20.38 -37.67
C ASP I 142 -4.19 -19.82 -37.11
N ASN I 143 -4.53 -18.62 -37.55
CA ASN I 143 -5.73 -17.95 -37.07
C ASN I 143 -6.77 -17.83 -38.18
N PHE J 1 -4.80 30.35 16.75
CA PHE J 1 -5.66 29.21 16.45
C PHE J 1 -7.13 29.58 16.67
N THR J 2 -7.96 29.28 15.68
CA THR J 2 -9.38 29.57 15.72
C THR J 2 -10.17 28.27 15.78
N LEU J 3 -11.40 28.35 16.31
CA LEU J 3 -12.24 27.17 16.39
C LEU J 3 -12.65 26.68 15.00
N ILE J 4 -12.78 27.58 14.04
CA ILE J 4 -13.09 27.16 12.68
C ILE J 4 -11.92 26.36 12.10
N GLU J 5 -10.68 26.75 12.43
CA GLU J 5 -9.52 26.00 11.97
C GLU J 5 -9.55 24.57 12.49
N LEU J 6 -9.84 24.41 13.78
CA LEU J 6 -9.85 23.09 14.39
C LEU J 6 -11.04 22.26 13.93
N MET J 7 -12.20 22.89 13.72
CA MET J 7 -13.36 22.15 13.24
C MET J 7 -13.17 21.69 11.81
N ILE J 8 -12.51 22.49 10.97
CA ILE J 8 -12.19 22.03 9.62
C ILE J 8 -11.23 20.83 9.68
N VAL J 9 -10.27 20.88 10.61
CA VAL J 9 -9.34 19.76 10.78
C VAL J 9 -10.09 18.50 11.21
N VAL J 10 -11.04 18.64 12.14
CA VAL J 10 -11.82 17.50 12.60
C VAL J 10 -12.66 16.93 11.46
N ALA J 11 -13.28 17.81 10.67
CA ALA J 11 -14.08 17.35 9.54
C ALA J 11 -13.23 16.62 8.51
N ILE J 12 -12.03 17.14 8.23
CA ILE J 12 -11.16 16.47 7.25
C ILE J 12 -10.62 15.17 7.81
N ILE J 13 -10.43 15.10 9.13
CA ILE J 13 -10.02 13.83 9.75
C ILE J 13 -11.12 12.80 9.57
N GLY J 14 -12.37 13.20 9.81
CA GLY J 14 -13.48 12.28 9.62
C GLY J 14 -13.65 11.86 8.17
N ILE J 15 -13.45 12.79 7.25
CA ILE J 15 -13.57 12.49 5.82
C ILE J 15 -12.44 11.55 5.38
N LEU J 16 -11.22 11.77 5.89
CA LEU J 16 -10.09 10.93 5.53
C LEU J 16 -10.24 9.53 6.11
N ALA J 17 -11.00 9.39 7.19
CA ALA J 17 -11.44 8.09 7.66
C ALA J 17 -12.60 7.64 6.78
N ALA J 18 -13.32 6.60 7.21
CA ALA J 18 -14.50 6.09 6.50
C ALA J 18 -14.16 5.53 5.13
N ILE J 19 -12.89 5.41 4.78
CA ILE J 19 -12.49 4.81 3.52
C ILE J 19 -12.77 3.31 3.61
N ALA J 20 -13.66 2.83 2.73
CA ALA J 20 -14.07 1.43 2.79
C ALA J 20 -12.88 0.52 2.50
N ILE J 21 -12.74 -0.52 3.31
CA ILE J 21 -11.68 -1.51 3.17
C ILE J 21 -12.31 -2.78 2.60
N PRO J 22 -12.01 -3.15 1.36
CA PRO J 22 -12.61 -4.35 0.79
C PRO J 22 -12.02 -5.61 1.39
N GLN J 23 -12.62 -6.74 1.02
CA GLN J 23 -12.13 -8.03 1.49
C GLN J 23 -10.76 -8.32 0.91
N TYR J 24 -9.87 -8.89 1.73
CA TYR J 24 -8.52 -9.21 1.31
C TYR J 24 -8.07 -10.62 1.66
N GLN J 25 -8.78 -11.33 2.54
CA GLN J 25 -8.36 -12.68 2.89
C GLN J 25 -8.53 -13.65 1.73
N ASN J 26 -9.47 -13.37 0.81
CA ASN J 26 -9.65 -14.23 -0.36
C ASN J 26 -8.40 -14.20 -1.23
N TYR J 27 -7.80 -13.02 -1.40
CA TYR J 27 -6.59 -12.92 -2.20
C TYR J 27 -5.46 -13.72 -1.57
N VAL J 28 -5.30 -13.63 -0.26
CA VAL J 28 -4.25 -14.37 0.44
C VAL J 28 -4.49 -15.87 0.32
N ALA J 29 -5.73 -16.31 0.48
CA ALA J 29 -6.04 -17.73 0.37
C ALA J 29 -5.76 -18.25 -1.04
N ARG J 30 -6.15 -17.49 -2.06
CA ARG J 30 -5.90 -17.90 -3.44
C ARG J 30 -4.40 -17.96 -3.73
N SER J 31 -3.65 -16.97 -3.25
CA SER J 31 -2.20 -17.00 -3.45
C SER J 31 -1.56 -18.17 -2.73
N GLU J 32 -2.04 -18.50 -1.52
CA GLU J 32 -1.52 -19.65 -0.80
C GLU J 32 -1.79 -20.95 -1.54
N GLY J 33 -3.01 -21.09 -2.09
CA GLY J 33 -3.31 -22.28 -2.87
C GLY J 33 -2.44 -22.39 -4.10
N ALA J 34 -2.25 -21.28 -4.82
CA ALA J 34 -1.39 -21.28 -5.99
C ALA J 34 0.05 -21.63 -5.62
N SER J 35 0.55 -21.09 -4.51
CA SER J 35 1.91 -21.37 -4.09
C SER J 35 2.07 -22.85 -3.72
N ALA J 36 1.09 -23.41 -3.00
CA ALA J 36 1.16 -24.83 -2.66
C ALA J 36 1.15 -25.71 -3.90
N LEU J 37 0.26 -25.40 -4.86
CA LEU J 37 0.20 -26.20 -6.07
C LEU J 37 1.49 -26.09 -6.87
N ALA J 38 2.05 -24.89 -6.98
CA ALA J 38 3.33 -24.73 -7.66
C ALA J 38 4.48 -25.40 -6.92
N THR J 39 4.37 -25.55 -5.60
CA THR J 39 5.39 -26.24 -4.83
C THR J 39 5.35 -27.74 -5.08
N ILE J 40 4.16 -28.34 -5.08
CA ILE J 40 4.06 -29.79 -5.20
C ILE J 40 3.93 -30.26 -6.65
N ASN J 41 3.73 -29.36 -7.60
CA ASN J 41 3.63 -29.77 -9.01
C ASN J 41 4.91 -30.40 -9.54
N PRO J 42 6.10 -29.83 -9.36
CA PRO J 42 7.31 -30.48 -9.91
C PRO J 42 7.60 -31.84 -9.32
N LEU J 43 7.04 -32.17 -8.16
CA LEU J 43 7.26 -33.49 -7.58
C LEU J 43 6.63 -34.60 -8.41
N LYS J 44 5.69 -34.26 -9.30
CA LYS J 44 5.15 -35.26 -10.22
C LYS J 44 6.23 -35.76 -11.16
N THR J 45 7.10 -34.87 -11.63
CA THR J 45 8.17 -35.28 -12.52
C THR J 45 9.13 -36.24 -11.83
N THR J 46 9.48 -35.96 -10.58
CA THR J 46 10.42 -36.82 -9.86
C THR J 46 9.85 -38.22 -9.68
N VAL J 47 8.59 -38.32 -9.25
CA VAL J 47 7.98 -39.63 -9.01
C VAL J 47 7.86 -40.41 -10.31
N GLU J 48 7.38 -39.76 -11.37
CA GLU J 48 7.21 -40.44 -12.64
C GLU J 48 8.54 -40.90 -13.22
N GLU J 49 9.56 -40.04 -13.15
CA GLU J 49 10.87 -40.42 -13.67
C GLU J 49 11.47 -41.57 -12.87
N SER J 50 11.35 -41.52 -11.54
CA SER J 50 11.90 -42.60 -10.71
C SER J 50 11.19 -43.91 -10.98
N LEU J 51 9.86 -43.88 -11.14
CA LEU J 51 9.13 -45.09 -11.48
C LEU J 51 9.49 -45.60 -12.87
N SER J 52 9.77 -44.69 -13.81
CA SER J 52 10.15 -45.11 -15.15
C SER J 52 11.51 -45.83 -15.14
N ARG J 53 12.44 -45.38 -14.30
CA ARG J 53 13.76 -45.97 -14.23
C ARG J 53 13.80 -47.22 -13.36
N GLY J 54 12.68 -47.62 -12.76
CA GLY J 54 12.62 -48.83 -11.98
C GLY J 54 12.80 -48.67 -10.49
N ILE J 55 13.05 -47.44 -10.02
CA ILE J 55 13.19 -47.22 -8.58
C ILE J 55 11.87 -47.54 -7.89
N ALA J 56 11.96 -48.31 -6.80
CA ALA J 56 10.76 -48.71 -6.08
C ALA J 56 10.03 -47.50 -5.52
N GLY J 57 8.70 -47.58 -5.52
CA GLY J 57 7.90 -46.48 -5.03
C GLY J 57 8.15 -46.17 -3.57
N SER J 58 8.41 -47.20 -2.76
CA SER J 58 8.73 -47.00 -1.35
C SER J 58 10.08 -46.31 -1.16
N LYS J 59 10.92 -46.31 -2.19
CA LYS J 59 12.23 -45.67 -2.12
C LYS J 59 12.21 -44.21 -2.55
N ILE J 60 11.07 -43.71 -3.00
CA ILE J 60 10.93 -42.31 -3.39
C ILE J 60 10.48 -41.54 -2.16
N LYS J 61 11.42 -40.82 -1.54
CA LYS J 61 11.15 -40.07 -0.33
C LYS J 61 11.37 -38.58 -0.59
N ILE J 62 11.14 -37.77 0.45
CA ILE J 62 11.29 -36.33 0.37
C ILE J 62 12.38 -35.90 1.33
N GLY J 63 13.34 -35.13 0.82
CA GLY J 63 14.44 -34.67 1.63
C GLY J 63 15.59 -34.22 0.75
N THR J 64 16.57 -33.61 1.39
CA THR J 64 17.76 -33.13 0.69
C THR J 64 18.89 -34.14 0.67
N THR J 65 18.68 -35.35 1.19
CA THR J 65 19.69 -36.39 1.14
C THR J 65 20.02 -36.73 -0.31
N ALA J 66 21.31 -36.91 -0.59
CA ALA J 66 21.76 -37.21 -1.94
C ALA J 66 21.15 -38.50 -2.44
N SER J 67 20.40 -38.42 -3.54
CA SER J 67 19.75 -39.60 -4.10
C SER J 67 20.78 -40.55 -4.70
N THR J 68 20.67 -41.83 -4.37
CA THR J 68 21.58 -42.85 -4.86
C THR J 68 20.97 -43.52 -6.10
N ALA J 69 21.61 -44.60 -6.57
CA ALA J 69 21.09 -45.30 -7.74
C ALA J 69 19.79 -46.05 -7.42
N THR J 70 19.55 -46.36 -6.14
CA THR J 70 18.35 -47.08 -5.74
C THR J 70 17.33 -46.21 -5.01
N GLU J 71 17.77 -45.14 -4.36
CA GLU J 71 16.88 -44.24 -3.64
C GLU J 71 16.84 -42.89 -4.32
N THR J 72 15.67 -42.27 -4.32
CA THR J 72 15.48 -40.95 -4.92
C THR J 72 14.86 -40.01 -3.90
N TYR J 73 15.46 -38.84 -3.75
CA TYR J 73 14.95 -37.78 -2.88
C TYR J 73 14.61 -36.57 -3.73
N VAL J 74 13.48 -35.93 -3.40
CA VAL J 74 12.99 -34.81 -4.21
C VAL J 74 13.92 -33.60 -4.14
N GLY J 75 14.79 -33.53 -3.14
CA GLY J 75 15.74 -32.45 -3.02
C GLY J 75 15.29 -31.28 -2.18
N VAL J 76 14.09 -31.31 -1.62
CA VAL J 76 13.60 -30.24 -0.76
C VAL J 76 13.17 -30.82 0.57
N GLU J 77 13.25 -29.99 1.61
CA GLU J 77 12.79 -30.40 2.92
C GLU J 77 11.28 -30.49 2.96
N PRO J 78 10.72 -31.29 3.86
CA PRO J 78 9.26 -31.32 4.01
C PRO J 78 8.68 -29.96 4.35
N ASP J 79 9.40 -29.17 5.14
CA ASP J 79 8.96 -27.83 5.53
C ASP J 79 9.64 -26.74 4.72
N ALA J 80 10.05 -27.04 3.48
CA ALA J 80 10.69 -26.04 2.64
C ALA J 80 9.76 -24.86 2.38
N ASN J 81 8.49 -25.13 2.10
CA ASN J 81 7.47 -24.10 2.03
C ASN J 81 6.85 -23.94 3.40
N LYS J 82 6.96 -22.75 3.98
CA LYS J 82 6.51 -22.53 5.35
C LYS J 82 4.99 -22.65 5.50
N LEU J 83 4.25 -22.64 4.39
CA LEU J 83 2.80 -22.75 4.47
C LEU J 83 2.39 -24.09 5.05
N GLY J 84 3.06 -25.16 4.64
CA GLY J 84 2.73 -26.48 5.15
C GLY J 84 3.79 -27.48 4.75
N VAL J 85 3.64 -28.70 5.26
CA VAL J 85 4.59 -29.76 4.98
C VAL J 85 4.17 -30.51 3.73
N ILE J 86 5.13 -31.19 3.11
CA ILE J 86 4.91 -32.00 1.92
C ILE J 86 5.22 -33.44 2.26
N ALA J 87 4.31 -34.35 1.91
CA ALA J 87 4.49 -35.77 2.17
C ALA J 87 4.37 -36.54 0.86
N VAL J 88 5.34 -37.40 0.59
CA VAL J 88 5.34 -38.27 -0.59
C VAL J 88 5.24 -39.70 -0.09
N ALA J 89 4.17 -40.39 -0.50
CA ALA J 89 3.91 -41.78 -0.10
C ALA J 89 3.50 -42.55 -1.34
N ILE J 90 4.48 -43.16 -2.00
CA ILE J 90 4.25 -43.94 -3.22
C ILE J 90 4.42 -45.41 -2.88
N GLU J 91 3.45 -46.23 -3.26
CA GLU J 91 3.53 -47.66 -3.04
C GLU J 91 4.42 -48.31 -4.10
N ASP J 92 4.78 -49.57 -3.84
CA ASP J 92 5.64 -50.30 -4.77
C ASP J 92 4.95 -50.55 -6.10
N SER J 93 3.61 -50.64 -6.11
CA SER J 93 2.87 -50.85 -7.34
C SER J 93 2.83 -49.62 -8.22
N GLY J 94 3.29 -48.46 -7.73
CA GLY J 94 3.23 -47.22 -8.46
C GLY J 94 2.13 -46.28 -8.00
N ALA J 95 1.15 -46.79 -7.27
CA ALA J 95 0.08 -45.95 -6.73
C ALA J 95 0.57 -45.15 -5.55
N GLY J 96 0.13 -43.91 -5.46
CA GLY J 96 0.54 -43.04 -4.37
C GLY J 96 -0.03 -41.66 -4.57
N ASP J 97 0.29 -40.79 -3.61
CA ASP J 97 -0.17 -39.41 -3.63
C ASP J 97 0.88 -38.49 -3.02
N ILE J 98 0.85 -37.23 -3.44
CA ILE J 98 1.69 -36.18 -2.91
C ILE J 98 0.76 -35.16 -2.26
N THR J 99 0.93 -34.92 -0.97
CA THR J 99 0.03 -34.08 -0.20
C THR J 99 0.74 -32.85 0.32
N PHE J 100 0.04 -31.72 0.32
CA PHE J 100 0.51 -30.47 0.91
C PHE J 100 -0.54 -30.05 1.94
N THR J 101 -0.23 -30.25 3.21
CA THR J 101 -1.15 -29.94 4.31
C THR J 101 -0.74 -28.62 4.94
N PHE J 102 -1.62 -27.61 4.84
CA PHE J 102 -1.34 -26.33 5.46
C PHE J 102 -1.35 -26.47 6.98
N GLN J 103 -0.38 -25.84 7.63
CA GLN J 103 -0.22 -25.93 9.08
C GLN J 103 -0.70 -24.67 9.76
N THR J 104 -1.43 -24.84 10.86
CA THR J 104 -1.88 -23.71 11.65
C THR J 104 -0.69 -22.99 12.28
N GLY J 105 -0.74 -21.66 12.26
CA GLY J 105 0.35 -20.84 12.73
C GLY J 105 1.22 -20.25 11.65
N THR J 106 1.13 -20.77 10.43
CA THR J 106 1.87 -20.24 9.30
C THR J 106 1.05 -20.09 8.04
N SER J 107 -0.24 -20.42 8.06
CA SER J 107 -1.12 -20.29 6.91
C SER J 107 -2.38 -19.55 7.33
N SER J 108 -3.05 -18.96 6.33
CA SER J 108 -4.25 -18.19 6.60
C SER J 108 -5.33 -19.09 7.19
N PRO J 109 -6.22 -18.54 8.03
CA PRO J 109 -7.24 -19.38 8.67
C PRO J 109 -8.15 -20.09 7.69
N LYS J 110 -8.41 -19.50 6.52
CA LYS J 110 -9.26 -20.15 5.54
C LYS J 110 -8.63 -21.43 5.01
N ASN J 111 -7.32 -21.41 4.76
CA ASN J 111 -6.62 -22.55 4.18
C ASN J 111 -5.99 -23.46 5.23
N ALA J 112 -6.11 -23.13 6.51
CA ALA J 112 -5.46 -23.92 7.55
C ALA J 112 -6.03 -25.33 7.61
N THR J 113 -5.15 -26.31 7.81
CA THR J 113 -5.49 -27.73 7.91
C THR J 113 -6.16 -28.27 6.65
N LYS J 114 -5.92 -27.65 5.50
CA LYS J 114 -6.42 -28.15 4.23
C LYS J 114 -5.32 -28.90 3.51
N VAL J 115 -5.72 -29.88 2.69
CA VAL J 115 -4.78 -30.79 2.03
C VAL J 115 -5.01 -30.71 0.53
N ILE J 116 -3.92 -30.55 -0.22
CA ILE J 116 -3.94 -30.66 -1.68
C ILE J 116 -3.23 -31.95 -2.04
N THR J 117 -3.95 -32.87 -2.66
CA THR J 117 -3.47 -34.22 -2.92
C THR J 117 -3.31 -34.45 -4.42
N LEU J 118 -2.12 -34.88 -4.82
CA LEU J 118 -1.84 -35.28 -6.20
C LEU J 118 -1.84 -36.80 -6.24
N ASN J 119 -3.03 -37.39 -6.36
CA ASN J 119 -3.18 -38.83 -6.33
C ASN J 119 -2.75 -39.45 -7.65
N ARG J 120 -1.96 -40.52 -7.57
CA ARG J 120 -1.54 -41.28 -8.73
C ARG J 120 -2.03 -42.71 -8.61
N THR J 121 -2.73 -43.19 -9.64
CA THR J 121 -3.23 -44.55 -9.65
C THR J 121 -2.14 -45.51 -10.11
N ALA J 122 -2.41 -46.81 -9.97
CA ALA J 122 -1.47 -47.82 -10.41
C ALA J 122 -1.30 -47.84 -11.92
N ASP J 123 -2.23 -47.24 -12.65
CA ASP J 123 -2.15 -47.16 -14.11
C ASP J 123 -1.42 -45.93 -14.60
N GLY J 124 -0.92 -45.08 -13.69
CA GLY J 124 -0.17 -43.91 -14.10
C GLY J 124 -1.00 -42.67 -14.39
N VAL J 125 -2.22 -42.59 -13.88
CA VAL J 125 -3.08 -41.44 -14.12
C VAL J 125 -2.97 -40.49 -12.94
N TRP J 126 -2.63 -39.24 -13.22
CA TRP J 126 -2.45 -38.22 -12.19
C TRP J 126 -3.73 -37.40 -12.05
N ALA J 127 -4.14 -37.16 -10.80
CA ALA J 127 -5.30 -36.34 -10.50
C ALA J 127 -4.99 -35.47 -9.30
N CYS J 128 -5.56 -34.27 -9.27
CA CYS J 128 -5.39 -33.33 -8.17
C CYS J 128 -6.71 -33.16 -7.43
N LYS J 129 -6.66 -33.36 -6.12
CA LYS J 129 -7.83 -33.21 -5.26
C LYS J 129 -7.49 -32.26 -4.13
N SER J 130 -8.40 -31.33 -3.85
CA SER J 130 -8.19 -30.31 -2.83
C SER J 130 -9.39 -30.26 -1.90
N THR J 131 -9.12 -30.11 -0.60
CA THR J 131 -10.16 -30.02 0.41
C THR J 131 -10.49 -28.58 0.79
N GLN J 132 -9.89 -27.59 0.11
CA GLN J 132 -10.16 -26.20 0.42
C GLN J 132 -11.56 -25.81 -0.07
N ASP J 133 -11.89 -24.54 0.10
CA ASP J 133 -13.14 -24.02 -0.44
C ASP J 133 -13.08 -23.99 -1.96
N PRO J 134 -14.22 -24.17 -2.63
CA PRO J 134 -14.21 -24.15 -4.10
C PRO J 134 -13.70 -22.85 -4.69
N MET J 135 -13.94 -21.72 -4.01
CA MET J 135 -13.43 -20.44 -4.51
C MET J 135 -11.92 -20.37 -4.43
N PHE J 136 -11.34 -20.93 -3.38
CA PHE J 136 -9.89 -20.89 -3.17
C PHE J 136 -9.16 -22.03 -3.86
N THR J 137 -9.88 -23.00 -4.41
CA THR J 137 -9.23 -24.14 -5.05
C THR J 137 -8.58 -23.71 -6.35
N PRO J 138 -7.29 -23.98 -6.56
CA PRO J 138 -6.65 -23.59 -7.81
C PRO J 138 -7.19 -24.38 -8.99
N LYS J 139 -7.03 -23.80 -10.18
CA LYS J 139 -7.50 -24.43 -11.40
C LYS J 139 -6.78 -25.76 -11.63
N GLY J 140 -7.52 -26.72 -12.18
CA GLY J 140 -6.98 -28.03 -12.46
C GLY J 140 -7.05 -29.02 -11.33
N CYS J 141 -7.48 -28.59 -10.15
CA CYS J 141 -7.66 -29.48 -9.01
C CYS J 141 -9.14 -29.57 -8.66
N ASP J 142 -9.66 -30.79 -8.61
CA ASP J 142 -11.05 -30.98 -8.24
C ASP J 142 -11.24 -30.74 -6.76
N ASN J 143 -12.46 -30.38 -6.39
CA ASN J 143 -12.77 -30.09 -5.00
C ASN J 143 -13.71 -31.14 -4.40
N PHE K 1 -13.67 37.43 20.88
CA PHE K 1 -13.11 36.20 21.38
C PHE K 1 -13.39 36.02 22.87
N THR K 2 -13.90 34.86 23.25
CA THR K 2 -14.25 34.56 24.63
C THR K 2 -13.31 33.47 25.15
N LEU K 3 -13.17 33.43 26.49
CA LEU K 3 -12.32 32.41 27.09
C LEU K 3 -12.89 31.01 26.91
N ILE K 4 -14.22 30.89 26.85
CA ILE K 4 -14.82 29.59 26.59
C ILE K 4 -14.48 29.12 25.18
N GLU K 5 -14.43 30.05 24.21
CA GLU K 5 -14.03 29.70 22.86
C GLU K 5 -12.63 29.11 22.83
N LEU K 6 -11.70 29.77 23.50
CA LEU K 6 -10.31 29.34 23.50
C LEU K 6 -10.12 28.06 24.31
N MET K 7 -10.85 27.89 25.41
CA MET K 7 -10.73 26.67 26.19
C MET K 7 -11.30 25.47 25.44
N ILE K 8 -12.38 25.67 24.68
CA ILE K 8 -12.87 24.58 23.83
C ILE K 8 -11.83 24.21 22.77
N VAL K 9 -11.17 25.22 22.20
CA VAL K 9 -10.12 24.95 21.22
C VAL K 9 -8.98 24.17 21.85
N VAL K 10 -8.58 24.54 23.07
CA VAL K 10 -7.50 23.83 23.75
C VAL K 10 -7.91 22.39 24.03
N ALA K 11 -9.15 22.18 24.48
CA ALA K 11 -9.62 20.83 24.76
C ALA K 11 -9.66 19.99 23.49
N ILE K 12 -10.10 20.57 22.39
CA ILE K 12 -10.16 19.81 21.13
C ILE K 12 -8.76 19.55 20.60
N ILE K 13 -7.81 20.47 20.86
CA ILE K 13 -6.43 20.22 20.49
C ILE K 13 -5.87 19.03 21.27
N GLY K 14 -6.15 18.99 22.57
CA GLY K 14 -5.71 17.87 23.38
C GLY K 14 -6.36 16.55 22.96
N ILE K 15 -7.64 16.60 22.62
CA ILE K 15 -8.35 15.40 22.19
C ILE K 15 -7.82 14.92 20.83
N LEU K 16 -7.53 15.86 19.92
CA LEU K 16 -7.01 15.49 18.61
C LEU K 16 -5.60 14.93 18.71
N ALA K 17 -4.87 15.29 19.76
CA ALA K 17 -3.64 14.61 20.10
C ALA K 17 -3.99 13.30 20.80
N ALA K 18 -3.02 12.66 21.44
CA ALA K 18 -3.21 11.43 22.19
C ALA K 18 -3.65 10.27 21.32
N ILE K 19 -3.67 10.43 20.00
CA ILE K 19 -3.99 9.33 19.09
C ILE K 19 -2.85 8.34 19.13
N ALA K 20 -3.14 7.10 19.56
CA ALA K 20 -2.10 6.11 19.72
C ALA K 20 -1.48 5.76 18.37
N ILE K 21 -0.15 5.70 18.35
CA ILE K 21 0.61 5.36 17.15
C ILE K 21 1.12 3.94 17.32
N PRO K 22 0.61 2.97 16.56
CA PRO K 22 1.07 1.59 16.71
C PRO K 22 2.47 1.41 16.15
N GLN K 23 3.02 0.22 16.39
CA GLN K 23 4.34 -0.12 15.89
C GLN K 23 4.33 -0.18 14.37
N TYR K 24 5.38 0.33 13.74
CA TYR K 24 5.49 0.35 12.29
C TYR K 24 6.83 -0.15 11.76
N GLN K 25 7.85 -0.29 12.59
CA GLN K 25 9.14 -0.76 12.09
C GLN K 25 9.09 -2.22 11.69
N ASN K 26 8.19 -3.00 12.30
CA ASN K 26 8.04 -4.40 11.90
C ASN K 26 7.58 -4.52 10.46
N TYR K 27 6.65 -3.66 10.04
CA TYR K 27 6.18 -3.68 8.66
C TYR K 27 7.32 -3.36 7.70
N VAL K 28 8.13 -2.35 8.03
CA VAL K 28 9.24 -1.98 7.16
C VAL K 28 10.27 -3.09 7.09
N ALA K 29 10.57 -3.73 8.23
CA ALA K 29 11.53 -4.84 8.22
C ALA K 29 11.03 -6.01 7.39
N ARG K 30 9.74 -6.35 7.54
CA ARG K 30 9.19 -7.45 6.76
C ARG K 30 9.20 -7.13 5.27
N SER K 31 8.86 -5.90 4.90
CA SER K 31 8.90 -5.52 3.50
C SER K 31 10.31 -5.55 2.95
N GLU K 32 11.29 -5.12 3.76
CA GLU K 32 12.69 -5.18 3.33
C GLU K 32 13.14 -6.61 3.11
N GLY K 33 12.77 -7.51 4.01
CA GLY K 33 13.11 -8.92 3.83
C GLY K 33 12.48 -9.50 2.57
N ALA K 34 11.20 -9.19 2.34
CA ALA K 34 10.53 -9.68 1.14
C ALA K 34 11.18 -9.12 -0.13
N SER K 35 11.55 -7.84 -0.11
CA SER K 35 12.20 -7.23 -1.26
C SER K 35 13.55 -7.86 -1.54
N ALA K 36 14.34 -8.12 -0.48
CA ALA K 36 15.63 -8.75 -0.66
C ALA K 36 15.48 -10.16 -1.23
N LEU K 37 14.54 -10.94 -0.69
CA LEU K 37 14.32 -12.28 -1.18
C LEU K 37 13.86 -12.29 -2.64
N ALA K 38 12.95 -11.37 -3.00
CA ALA K 38 12.52 -11.26 -4.38
C ALA K 38 13.63 -10.77 -5.29
N THR K 39 14.59 -10.01 -4.76
CA THR K 39 15.72 -9.56 -5.57
C THR K 39 16.68 -10.71 -5.86
N ILE K 40 17.00 -11.52 -4.85
CA ILE K 40 18.00 -12.58 -5.06
C ILE K 40 17.40 -13.90 -5.52
N ASN K 41 16.07 -14.04 -5.51
CA ASN K 41 15.46 -15.29 -5.97
C ASN K 41 15.71 -15.58 -7.44
N PRO K 42 15.53 -14.65 -8.38
CA PRO K 42 15.78 -14.98 -9.80
C PRO K 42 17.22 -15.36 -10.10
N LEU K 43 18.17 -14.99 -9.23
CA LEU K 43 19.56 -15.36 -9.46
C LEU K 43 19.79 -16.86 -9.35
N LYS K 44 18.85 -17.59 -8.74
CA LYS K 44 18.94 -19.05 -8.72
C LYS K 44 18.82 -19.62 -10.13
N THR K 45 17.93 -19.03 -10.94
CA THR K 45 17.77 -19.50 -12.32
C THR K 45 19.03 -19.30 -13.12
N THR K 46 19.68 -18.14 -12.96
CA THR K 46 20.90 -17.86 -13.72
C THR K 46 22.01 -18.85 -13.38
N VAL K 47 22.23 -19.09 -12.09
CA VAL K 47 23.30 -19.99 -11.66
C VAL K 47 23.03 -21.41 -12.14
N GLU K 48 21.80 -21.89 -11.94
CA GLU K 48 21.46 -23.25 -12.33
C GLU K 48 21.57 -23.43 -13.84
N GLU K 49 21.08 -22.47 -14.62
CA GLU K 49 21.16 -22.58 -16.07
C GLU K 49 22.61 -22.55 -16.54
N SER K 50 23.43 -21.65 -15.97
CA SER K 50 24.83 -21.59 -16.37
C SER K 50 25.57 -22.88 -16.03
N LEU K 51 25.29 -23.45 -14.85
CA LEU K 51 25.91 -24.72 -14.50
C LEU K 51 25.42 -25.85 -15.40
N SER K 52 24.16 -25.81 -15.82
CA SER K 52 23.64 -26.83 -16.72
C SER K 52 24.32 -26.79 -18.08
N ARG K 53 24.62 -25.59 -18.57
CA ARG K 53 25.26 -25.44 -19.87
C ARG K 53 26.77 -25.63 -19.82
N GLY K 54 27.33 -25.89 -18.65
CA GLY K 54 28.75 -26.16 -18.52
C GLY K 54 29.61 -24.99 -18.15
N ILE K 55 29.04 -23.79 -18.00
CA ILE K 55 29.82 -22.63 -17.61
C ILE K 55 30.39 -22.86 -16.21
N ALA K 56 31.67 -22.58 -16.04
CA ALA K 56 32.33 -22.80 -14.76
C ALA K 56 31.70 -21.92 -13.68
N GLY K 57 31.63 -22.46 -12.46
CA GLY K 57 31.03 -21.72 -11.36
C GLY K 57 31.79 -20.44 -11.05
N SER K 58 33.11 -20.47 -11.18
CA SER K 58 33.90 -19.27 -10.96
C SER K 58 33.66 -18.20 -12.02
N LYS K 59 33.08 -18.58 -13.16
CA LYS K 59 32.79 -17.64 -14.24
C LYS K 59 31.42 -17.01 -14.12
N ILE K 60 30.62 -17.41 -13.13
CA ILE K 60 29.29 -16.83 -12.90
C ILE K 60 29.48 -15.67 -11.93
N LYS K 61 29.45 -14.44 -12.46
CA LYS K 61 29.64 -13.25 -11.66
C LYS K 61 28.37 -12.39 -11.71
N ILE K 62 28.42 -11.27 -11.00
CA ILE K 62 27.30 -10.33 -10.92
C ILE K 62 27.74 -9.01 -11.53
N GLY K 63 26.92 -8.51 -12.46
CA GLY K 63 27.22 -7.26 -13.12
C GLY K 63 26.44 -7.14 -14.41
N THR K 64 26.50 -5.96 -15.00
CA THR K 64 25.81 -5.69 -16.25
C THR K 64 26.68 -5.92 -17.47
N THR K 65 27.90 -6.43 -17.29
CA THR K 65 28.75 -6.76 -18.43
C THR K 65 28.10 -7.83 -19.29
N ALA K 66 28.18 -7.65 -20.60
CA ALA K 66 27.58 -8.59 -21.54
C ALA K 66 28.15 -9.98 -21.36
N SER K 67 27.29 -10.96 -21.04
CA SER K 67 27.74 -12.32 -20.83
C SER K 67 28.17 -12.94 -22.15
N THR K 68 29.33 -13.59 -22.15
CA THR K 68 29.86 -14.24 -23.33
C THR K 68 29.50 -15.72 -23.31
N ALA K 69 30.07 -16.50 -24.23
CA ALA K 69 29.78 -17.93 -24.28
C ALA K 69 30.41 -18.67 -23.11
N THR K 70 31.45 -18.09 -22.50
CA THR K 70 32.13 -18.73 -21.37
C THR K 70 31.85 -18.06 -20.04
N GLU K 71 31.51 -16.78 -20.03
CA GLU K 71 31.22 -16.04 -18.81
C GLU K 71 29.75 -15.64 -18.78
N THR K 72 29.16 -15.69 -17.59
CA THR K 72 27.77 -15.32 -17.40
C THR K 72 27.66 -14.25 -16.32
N TYR K 73 26.94 -13.18 -16.62
CA TYR K 73 26.66 -12.11 -15.67
C TYR K 73 25.16 -12.02 -15.43
N VAL K 74 24.77 -11.81 -14.17
CA VAL K 74 23.36 -11.82 -13.82
C VAL K 74 22.60 -10.66 -14.43
N GLY K 75 23.30 -9.62 -14.89
CA GLY K 75 22.66 -8.49 -15.55
C GLY K 75 22.27 -7.34 -14.64
N VAL K 76 22.54 -7.43 -13.34
CA VAL K 76 22.24 -6.35 -12.41
C VAL K 76 23.51 -5.98 -11.66
N GLU K 77 23.58 -4.73 -11.23
CA GLU K 77 24.69 -4.26 -10.43
C GLU K 77 24.62 -4.86 -9.03
N PRO K 78 25.76 -4.97 -8.35
CA PRO K 78 25.72 -5.43 -6.94
C PRO K 78 24.86 -4.54 -6.05
N ASP K 79 24.86 -3.23 -6.32
CA ASP K 79 24.07 -2.27 -5.56
C ASP K 79 22.78 -1.87 -6.27
N ALA K 80 22.25 -2.75 -7.12
CA ALA K 80 21.01 -2.45 -7.84
C ALA K 80 19.86 -2.21 -6.87
N ASN K 81 19.76 -3.04 -5.84
CA ASN K 81 18.82 -2.80 -4.75
C ASN K 81 19.54 -2.00 -3.67
N LYS K 82 19.02 -0.80 -3.38
CA LYS K 82 19.71 0.09 -2.45
C LYS K 82 19.74 -0.45 -1.03
N LEU K 83 18.93 -1.46 -0.71
CA LEU K 83 18.91 -2.02 0.64
C LEU K 83 20.25 -2.64 0.99
N GLY K 84 20.86 -3.34 0.05
CA GLY K 84 22.15 -3.97 0.29
C GLY K 84 22.75 -4.50 -0.99
N VAL K 85 23.97 -4.99 -0.88
CA VAL K 85 24.69 -5.50 -2.03
C VAL K 85 24.39 -6.98 -2.20
N ILE K 86 24.60 -7.48 -3.42
CA ILE K 86 24.40 -8.87 -3.76
C ILE K 86 25.74 -9.46 -4.19
N ALA K 87 26.10 -10.60 -3.61
CA ALA K 87 27.35 -11.29 -3.93
C ALA K 87 27.05 -12.69 -4.40
N VAL K 88 27.63 -13.07 -5.54
CA VAL K 88 27.51 -14.41 -6.09
C VAL K 88 28.89 -15.04 -6.07
N ALA K 89 29.03 -16.14 -5.34
CA ALA K 89 30.31 -16.85 -5.19
C ALA K 89 30.03 -18.35 -5.38
N ILE K 90 30.16 -18.82 -6.62
CA ILE K 90 29.92 -20.23 -6.96
C ILE K 90 31.27 -20.87 -7.25
N GLU K 91 31.52 -22.01 -6.61
CA GLU K 91 32.75 -22.74 -6.85
C GLU K 91 32.64 -23.54 -8.15
N ASP K 92 33.80 -24.05 -8.61
CA ASP K 92 33.82 -24.82 -9.84
C ASP K 92 33.06 -26.14 -9.71
N SER K 93 32.98 -26.68 -8.50
CA SER K 93 32.26 -27.93 -8.27
C SER K 93 30.75 -27.75 -8.32
N GLY K 94 30.26 -26.51 -8.39
CA GLY K 94 28.85 -26.22 -8.37
C GLY K 94 28.32 -25.74 -7.03
N ALA K 95 29.08 -25.91 -5.96
CA ALA K 95 28.69 -25.42 -4.66
C ALA K 95 28.92 -23.91 -4.57
N GLY K 96 27.99 -23.23 -3.91
CA GLY K 96 28.10 -21.79 -3.76
C GLY K 96 26.88 -21.24 -3.07
N ASP K 97 26.88 -19.92 -2.90
CA ASP K 97 25.79 -19.23 -2.24
C ASP K 97 25.60 -17.85 -2.85
N ILE K 98 24.39 -17.34 -2.75
CA ILE K 98 24.03 -15.99 -3.17
C ILE K 98 23.59 -15.25 -1.91
N THR K 99 24.28 -14.16 -1.58
CA THR K 99 24.05 -13.44 -0.34
C THR K 99 23.54 -12.04 -0.61
N PHE K 100 22.63 -11.58 0.23
CA PHE K 100 22.13 -10.20 0.21
C PHE K 100 22.37 -9.63 1.60
N THR K 101 23.39 -8.78 1.72
CA THR K 101 23.77 -8.18 3.00
C THR K 101 23.23 -6.77 3.07
N PHE K 102 22.32 -6.51 4.01
CA PHE K 102 21.80 -5.17 4.19
C PHE K 102 22.90 -4.24 4.69
N GLN K 103 22.96 -3.04 4.13
CA GLN K 103 23.98 -2.06 4.46
C GLN K 103 23.42 -0.98 5.37
N THR K 104 24.20 -0.61 6.38
CA THR K 104 23.83 0.49 7.27
C THR K 104 23.82 1.80 6.50
N GLY K 105 22.80 2.62 6.77
CA GLY K 105 22.62 3.87 6.06
C GLY K 105 21.57 3.83 4.99
N THR K 106 21.15 2.65 4.56
CA THR K 106 20.08 2.51 3.57
C THR K 106 19.05 1.44 3.93
N SER K 107 19.19 0.78 5.07
CA SER K 107 18.24 -0.23 5.51
C SER K 107 17.82 0.05 6.94
N SER K 108 16.67 -0.49 7.32
CA SER K 108 16.13 -0.26 8.65
C SER K 108 17.08 -0.84 9.70
N PRO K 109 17.12 -0.25 10.90
CA PRO K 109 18.06 -0.73 11.92
C PRO K 109 17.86 -2.19 12.31
N LYS K 110 16.63 -2.69 12.24
CA LYS K 110 16.37 -4.09 12.58
C LYS K 110 17.05 -5.03 11.59
N ASN K 111 17.02 -4.70 10.30
CA ASN K 111 17.57 -5.55 9.27
C ASN K 111 19.00 -5.19 8.89
N ALA K 112 19.59 -4.17 9.50
CA ALA K 112 20.93 -3.74 9.12
C ALA K 112 21.95 -4.81 9.43
N THR K 113 22.91 -4.97 8.52
CA THR K 113 24.00 -5.94 8.63
C THR K 113 23.52 -7.39 8.71
N LYS K 114 22.32 -7.67 8.20
CA LYS K 114 21.82 -9.03 8.14
C LYS K 114 22.02 -9.60 6.74
N VAL K 115 22.19 -10.91 6.67
CA VAL K 115 22.53 -11.60 5.44
C VAL K 115 21.48 -12.65 5.13
N ILE K 116 20.98 -12.65 3.90
CA ILE K 116 20.10 -13.70 3.39
C ILE K 116 20.91 -14.52 2.39
N THR K 117 21.11 -15.80 2.69
CA THR K 117 22.01 -16.65 1.93
C THR K 117 21.22 -17.75 1.22
N LEU K 118 21.41 -17.86 -0.09
CA LEU K 118 20.84 -18.94 -0.89
C LEU K 118 21.95 -19.94 -1.15
N ASN K 119 22.18 -20.83 -0.19
CA ASN K 119 23.27 -21.79 -0.29
C ASN K 119 22.91 -22.92 -1.26
N ARG K 120 23.85 -23.26 -2.14
CA ARG K 120 23.70 -24.38 -3.06
C ARG K 120 24.81 -25.39 -2.80
N THR K 121 24.41 -26.64 -2.59
CA THR K 121 25.39 -27.70 -2.37
C THR K 121 25.92 -28.23 -3.69
N ALA K 122 26.95 -29.06 -3.61
CA ALA K 122 27.53 -29.66 -4.81
C ALA K 122 26.56 -30.63 -5.49
N ASP K 123 25.54 -31.09 -4.78
CA ASP K 123 24.54 -31.98 -5.34
C ASP K 123 23.37 -31.26 -5.98
N GLY K 124 23.38 -29.93 -5.98
CA GLY K 124 22.33 -29.16 -6.60
C GLY K 124 21.12 -28.87 -5.75
N VAL K 125 21.26 -28.93 -4.42
CA VAL K 125 20.15 -28.67 -3.51
C VAL K 125 20.22 -27.22 -3.05
N TRP K 126 19.13 -26.49 -3.25
CA TRP K 126 19.05 -25.08 -2.89
C TRP K 126 18.40 -24.92 -1.52
N ALA K 127 19.00 -24.09 -0.67
CA ALA K 127 18.44 -23.79 0.64
C ALA K 127 18.62 -22.31 0.93
N CYS K 128 17.67 -21.73 1.66
CA CYS K 128 17.70 -20.33 2.04
C CYS K 128 17.93 -20.21 3.53
N LYS K 129 18.94 -19.43 3.92
CA LYS K 129 19.26 -19.20 5.32
C LYS K 129 19.33 -17.69 5.56
N SER K 130 18.71 -17.24 6.65
CA SER K 130 18.64 -15.82 6.98
C SER K 130 19.09 -15.61 8.42
N THR K 131 19.85 -14.55 8.64
CA THR K 131 20.32 -14.19 9.97
C THR K 131 19.46 -13.13 10.64
N GLN K 132 18.34 -12.74 10.03
CA GLN K 132 17.47 -11.75 10.61
C GLN K 132 16.71 -12.33 11.80
N ASP K 133 15.83 -11.52 12.38
CA ASP K 133 14.96 -12.01 13.44
C ASP K 133 13.96 -13.00 12.86
N PRO K 134 13.54 -14.00 13.66
CA PRO K 134 12.55 -14.97 13.15
C PRO K 134 11.25 -14.33 12.69
N MET K 135 10.81 -13.24 13.34
CA MET K 135 9.58 -12.59 12.91
C MET K 135 9.75 -11.92 11.55
N PHE K 136 10.92 -11.36 11.29
CA PHE K 136 11.18 -10.67 10.03
C PHE K 136 11.66 -11.59 8.92
N THR K 137 11.95 -12.85 9.23
CA THR K 137 12.45 -13.77 8.22
C THR K 137 11.34 -14.12 7.25
N PRO K 138 11.56 -13.96 5.95
CA PRO K 138 10.51 -14.31 4.98
C PRO K 138 10.27 -15.82 4.94
N LYS K 139 9.09 -16.18 4.47
CA LYS K 139 8.72 -17.59 4.40
C LYS K 139 9.63 -18.33 3.42
N GLY K 140 9.91 -19.58 3.74
CA GLY K 140 10.76 -20.41 2.92
C GLY K 140 12.24 -20.31 3.21
N CYS K 141 12.64 -19.41 4.10
CA CYS K 141 14.03 -19.27 4.50
C CYS K 141 14.17 -19.64 5.97
N ASP K 142 15.06 -20.58 6.26
CA ASP K 142 15.30 -20.97 7.64
C ASP K 142 16.07 -19.87 8.37
N ASN K 143 15.92 -19.86 9.69
CA ASN K 143 16.57 -18.84 10.51
C ASN K 143 17.64 -19.46 11.40
N PHE L 1 -17.21 41.46 31.76
CA PHE L 1 -15.88 41.21 31.19
C PHE L 1 -14.82 42.00 31.93
N THR L 2 -13.75 41.32 32.35
CA THR L 2 -12.66 41.93 33.08
C THR L 2 -11.40 41.92 32.22
N LEU L 3 -10.48 42.85 32.54
CA LEU L 3 -9.23 42.92 31.78
C LEU L 3 -8.37 41.69 32.02
N ILE L 4 -8.47 41.08 33.21
CA ILE L 4 -7.72 39.85 33.45
C ILE L 4 -8.26 38.73 32.57
N GLU L 5 -9.58 38.69 32.35
CA GLU L 5 -10.16 37.69 31.45
C GLU L 5 -9.60 37.82 30.05
N LEU L 6 -9.54 39.06 29.53
CA LEU L 6 -9.06 39.28 28.18
C LEU L 6 -7.56 39.07 28.05
N MET L 7 -6.80 39.43 29.08
CA MET L 7 -5.36 39.22 29.04
C MET L 7 -5.01 37.74 29.10
N ILE L 8 -5.77 36.96 29.86
CA ILE L 8 -5.57 35.50 29.84
C ILE L 8 -5.87 34.94 28.46
N VAL L 9 -6.93 35.46 27.81
CA VAL L 9 -7.26 35.01 26.47
C VAL L 9 -6.13 35.35 25.50
N VAL L 10 -5.58 36.56 25.61
CA VAL L 10 -4.49 36.96 24.73
C VAL L 10 -3.26 36.08 24.96
N ALA L 11 -2.95 35.79 26.22
CA ALA L 11 -1.81 34.93 26.53
C ALA L 11 -2.00 33.53 25.98
N ILE L 12 -3.21 32.98 26.11
CA ILE L 12 -3.46 31.63 25.60
C ILE L 12 -3.48 31.63 24.07
N ILE L 13 -3.89 32.74 23.45
CA ILE L 13 -3.80 32.85 21.99
C ILE L 13 -2.34 32.82 21.56
N GLY L 14 -1.48 33.57 22.26
CA GLY L 14 -0.07 33.55 21.94
C GLY L 14 0.57 32.19 22.16
N ILE L 15 0.17 31.51 23.24
CA ILE L 15 0.71 30.19 23.54
C ILE L 15 0.24 29.17 22.50
N LEU L 16 -1.02 29.26 22.09
CA LEU L 16 -1.55 28.34 21.09
C LEU L 16 -0.93 28.58 19.72
N ALA L 17 -0.42 29.78 19.47
CA ALA L 17 0.44 30.03 18.33
C ALA L 17 1.84 29.52 18.69
N ALA L 18 2.84 29.91 17.90
CA ALA L 18 4.24 29.55 18.12
C ALA L 18 4.49 28.05 18.04
N ILE L 19 3.50 27.27 17.61
CA ILE L 19 3.70 25.84 17.42
C ILE L 19 4.59 25.65 16.21
N ALA L 20 5.76 25.04 16.41
CA ALA L 20 6.73 24.89 15.34
C ALA L 20 6.18 23.99 14.24
N ILE L 21 6.34 24.43 13.00
CA ILE L 21 5.89 23.69 11.82
C ILE L 21 7.13 23.07 11.17
N PRO L 22 7.30 21.76 11.21
CA PRO L 22 8.49 21.14 10.60
C PRO L 22 8.40 21.17 9.09
N GLN L 23 9.51 20.77 8.46
CA GLN L 23 9.57 20.70 7.01
C GLN L 23 8.62 19.64 6.49
N TYR L 24 7.93 19.94 5.38
CA TYR L 24 6.99 19.01 4.78
C TYR L 24 7.16 18.82 3.29
N GLN L 25 7.91 19.69 2.60
CA GLN L 25 8.08 19.52 1.16
C GLN L 25 8.91 18.30 0.82
N ASN L 26 9.79 17.87 1.73
CA ASN L 26 10.57 16.65 1.48
C ASN L 26 9.65 15.44 1.39
N TYR L 27 8.64 15.37 2.25
CA TYR L 27 7.70 14.25 2.21
C TYR L 27 6.95 14.22 0.88
N VAL L 28 6.50 15.39 0.42
CA VAL L 28 5.78 15.47 -0.84
C VAL L 28 6.68 15.08 -2.00
N ALA L 29 7.93 15.55 -2.00
CA ALA L 29 8.85 15.20 -3.07
C ALA L 29 9.13 13.69 -3.10
N ARG L 30 9.34 13.09 -1.92
CA ARG L 30 9.60 11.66 -1.86
C ARG L 30 8.39 10.87 -2.34
N SER L 31 7.19 11.28 -1.94
CA SER L 31 5.98 10.60 -2.40
C SER L 31 5.80 10.74 -3.89
N GLU L 32 6.12 11.92 -4.44
CA GLU L 32 6.03 12.11 -5.90
C GLU L 32 7.01 11.21 -6.63
N GLY L 33 8.24 11.10 -6.13
CA GLY L 33 9.19 10.20 -6.75
C GLY L 33 8.75 8.75 -6.69
N ALA L 34 8.23 8.32 -5.55
CA ALA L 34 7.74 6.95 -5.43
C ALA L 34 6.56 6.71 -6.37
N SER L 35 5.65 7.67 -6.48
CA SER L 35 4.50 7.52 -7.37
C SER L 35 4.95 7.43 -8.83
N ALA L 36 5.91 8.28 -9.23
CA ALA L 36 6.40 8.21 -10.60
C ALA L 36 7.08 6.88 -10.89
N LEU L 37 7.91 6.39 -9.96
CA LEU L 37 8.58 5.12 -10.17
C LEU L 37 7.58 3.98 -10.25
N ALA L 38 6.56 3.98 -9.38
CA ALA L 38 5.52 2.97 -9.44
C ALA L 38 4.68 3.08 -10.70
N THR L 39 4.56 4.28 -11.27
CA THR L 39 3.82 4.44 -12.51
C THR L 39 4.58 3.86 -13.70
N ILE L 40 5.89 4.13 -13.79
CA ILE L 40 6.65 3.69 -14.95
C ILE L 40 7.28 2.31 -14.78
N ASN L 41 7.25 1.74 -13.58
CA ASN L 41 7.82 0.40 -13.38
C ASN L 41 7.10 -0.68 -14.18
N PRO L 42 5.77 -0.79 -14.18
CA PRO L 42 5.12 -1.86 -14.95
C PRO L 42 5.35 -1.77 -16.45
N LEU L 43 5.74 -0.60 -16.97
CA LEU L 43 6.02 -0.48 -18.39
C LEU L 43 7.24 -1.27 -18.81
N LYS L 44 8.09 -1.68 -17.86
CA LYS L 44 9.20 -2.57 -18.19
C LYS L 44 8.69 -3.92 -18.66
N THR L 45 7.63 -4.44 -18.02
CA THR L 45 7.07 -5.71 -18.42
C THR L 45 6.52 -5.66 -19.84
N THR L 46 5.83 -4.58 -20.19
CA THR L 46 5.25 -4.45 -21.53
C THR L 46 6.34 -4.44 -22.60
N VAL L 47 7.39 -3.64 -22.39
CA VAL L 47 8.45 -3.54 -23.39
C VAL L 47 9.18 -4.86 -23.54
N GLU L 48 9.52 -5.50 -22.42
CA GLU L 48 10.26 -6.76 -22.47
C GLU L 48 9.41 -7.86 -23.12
N GLU L 49 8.13 -7.94 -22.77
CA GLU L 49 7.27 -8.95 -23.37
C GLU L 49 7.10 -8.72 -24.87
N SER L 50 6.89 -7.46 -25.28
CA SER L 50 6.72 -7.17 -26.70
C SER L 50 7.99 -7.49 -27.48
N LEU L 51 9.16 -7.17 -26.91
CA LEU L 51 10.41 -7.51 -27.57
C LEU L 51 10.61 -9.03 -27.64
N SER L 52 10.17 -9.75 -26.61
CA SER L 52 10.29 -11.20 -26.61
C SER L 52 9.45 -11.84 -27.70
N ARG L 53 8.26 -11.29 -27.95
CA ARG L 53 7.36 -11.82 -28.96
C ARG L 53 7.70 -11.36 -30.37
N GLY L 54 8.73 -10.53 -30.53
CA GLY L 54 9.16 -10.11 -31.84
C GLY L 54 8.62 -8.77 -32.30
N ILE L 55 7.76 -8.12 -31.52
CA ILE L 55 7.24 -6.82 -31.91
C ILE L 55 8.38 -5.82 -31.98
N ALA L 56 8.42 -5.05 -33.07
CA ALA L 56 9.49 -4.09 -33.27
C ALA L 56 9.47 -3.03 -32.16
N GLY L 57 10.66 -2.58 -31.77
CA GLY L 57 10.76 -1.59 -30.72
C GLY L 57 10.09 -0.28 -31.08
N SER L 58 10.17 0.11 -32.36
CA SER L 58 9.50 1.32 -32.81
C SER L 58 7.98 1.20 -32.77
N LYS L 59 7.46 -0.03 -32.69
CA LYS L 59 6.02 -0.26 -32.64
C LYS L 59 5.48 -0.28 -31.22
N ILE L 60 6.33 -0.17 -30.21
CA ILE L 60 5.90 -0.13 -28.81
C ILE L 60 5.69 1.33 -28.45
N LYS L 61 4.43 1.75 -28.39
CA LYS L 61 4.07 3.12 -28.09
C LYS L 61 3.27 3.17 -26.80
N ILE L 62 2.90 4.39 -26.41
CA ILE L 62 2.14 4.64 -25.19
C ILE L 62 0.79 5.22 -25.57
N GLY L 63 -0.28 4.63 -25.05
CA GLY L 63 -1.62 5.09 -25.35
C GLY L 63 -2.62 4.00 -25.05
N THR L 64 -3.90 4.39 -25.11
CA THR L 64 -5.00 3.48 -24.85
C THR L 64 -5.53 2.81 -26.12
N THR L 65 -4.90 3.07 -27.27
CA THR L 65 -5.30 2.41 -28.51
C THR L 65 -5.13 0.90 -28.39
N ALA L 66 -6.12 0.15 -28.89
CA ALA L 66 -6.10 -1.30 -28.81
C ALA L 66 -4.87 -1.87 -29.52
N SER L 67 -4.03 -2.58 -28.78
CA SER L 67 -2.82 -3.15 -29.36
C SER L 67 -3.17 -4.28 -30.31
N THR L 68 -2.57 -4.26 -31.50
CA THR L 68 -2.79 -5.28 -32.50
C THR L 68 -1.70 -6.35 -32.40
N ALA L 69 -1.67 -7.25 -33.38
CA ALA L 69 -0.66 -8.31 -33.38
C ALA L 69 0.73 -7.76 -33.68
N THR L 70 0.81 -6.60 -34.33
CA THR L 70 2.09 -5.99 -34.68
C THR L 70 2.44 -4.78 -33.84
N GLU L 71 1.45 -4.08 -33.31
CA GLU L 71 1.66 -2.89 -32.50
C GLU L 71 1.22 -3.15 -31.06
N THR L 72 1.97 -2.60 -30.10
CA THR L 72 1.68 -2.76 -28.69
C THR L 72 1.56 -1.37 -28.05
N TYR L 73 0.49 -1.16 -27.30
CA TYR L 73 0.28 0.06 -26.53
C TYR L 73 0.21 -0.28 -25.06
N VAL L 74 0.84 0.56 -24.22
CA VAL L 74 0.93 0.26 -22.80
C VAL L 74 -0.43 0.32 -22.11
N GLY L 75 -1.43 0.93 -22.74
CA GLY L 75 -2.77 0.97 -22.18
C GLY L 75 -3.08 2.18 -21.32
N VAL L 76 -2.13 3.09 -21.13
CA VAL L 76 -2.37 4.30 -20.35
C VAL L 76 -2.02 5.51 -21.20
N GLU L 77 -2.67 6.63 -20.90
CA GLU L 77 -2.38 7.89 -21.57
C GLU L 77 -1.02 8.41 -21.13
N PRO L 78 -0.37 9.23 -21.95
CA PRO L 78 0.89 9.86 -21.51
C PRO L 78 0.72 10.71 -20.27
N ASP L 79 -0.44 11.37 -20.13
CA ASP L 79 -0.74 12.21 -18.97
C ASP L 79 -1.65 11.50 -17.96
N ALA L 80 -1.60 10.17 -17.92
CA ALA L 80 -2.43 9.43 -16.98
C ALA L 80 -2.10 9.80 -15.54
N ASN L 81 -0.81 9.93 -15.23
CA ASN L 81 -0.38 10.46 -13.95
C ASN L 81 -0.20 11.97 -14.09
N LYS L 82 -0.95 12.75 -13.32
CA LYS L 82 -0.94 14.19 -13.47
C LYS L 82 0.40 14.82 -13.11
N LEU L 83 1.26 14.08 -12.41
CA LEU L 83 2.56 14.62 -12.03
C LEU L 83 3.41 14.96 -13.25
N GLY L 84 3.39 14.10 -14.26
CA GLY L 84 4.15 14.34 -15.46
C GLY L 84 3.77 13.36 -16.55
N VAL L 85 4.34 13.57 -17.72
CA VAL L 85 4.04 12.74 -18.87
C VAL L 85 5.01 11.56 -18.90
N ILE L 86 4.61 10.50 -19.61
CA ILE L 86 5.41 9.31 -19.78
C ILE L 86 5.72 9.14 -21.26
N ALA L 87 6.98 8.92 -21.59
CA ALA L 87 7.42 8.73 -22.96
C ALA L 87 8.14 7.40 -23.10
N VAL L 88 7.73 6.61 -24.09
CA VAL L 88 8.36 5.34 -24.40
C VAL L 88 9.00 5.47 -25.77
N ALA L 89 10.32 5.29 -25.84
CA ALA L 89 11.08 5.40 -27.08
C ALA L 89 12.05 4.23 -27.15
N ILE L 90 11.61 3.15 -27.77
CA ILE L 90 12.41 1.93 -27.91
C ILE L 90 12.85 1.81 -29.37
N GLU L 91 14.14 1.61 -29.57
CA GLU L 91 14.67 1.42 -30.91
C GLU L 91 14.41 0.00 -31.40
N ASP L 92 14.61 -0.21 -32.70
CA ASP L 92 14.38 -1.52 -33.29
C ASP L 92 15.37 -2.55 -32.76
N SER L 93 16.56 -2.12 -32.38
CA SER L 93 17.57 -3.03 -31.84
C SER L 93 17.23 -3.51 -30.43
N GLY L 94 16.22 -2.94 -29.79
CA GLY L 94 15.86 -3.27 -28.43
C GLY L 94 16.31 -2.25 -27.40
N ALA L 95 17.23 -1.36 -27.76
CA ALA L 95 17.67 -0.31 -26.86
C ALA L 95 16.64 0.80 -26.79
N GLY L 96 16.44 1.33 -25.60
CA GLY L 96 15.48 2.39 -25.39
C GLY L 96 15.39 2.76 -23.94
N ASP L 97 14.51 3.72 -23.65
CA ASP L 97 14.31 4.20 -22.30
C ASP L 97 12.86 4.62 -22.11
N ILE L 98 12.42 4.55 -20.85
CA ILE L 98 11.09 5.01 -20.46
C ILE L 98 11.31 6.16 -19.48
N THR L 99 10.79 7.33 -19.82
CA THR L 99 11.03 8.54 -19.05
C THR L 99 9.75 9.08 -18.44
N PHE L 100 9.86 9.60 -17.23
CA PHE L 100 8.77 10.28 -16.54
C PHE L 100 9.27 11.68 -16.19
N THR L 101 8.83 12.68 -16.94
CA THR L 101 9.25 14.06 -16.75
C THR L 101 8.17 14.82 -15.98
N PHE L 102 8.51 15.28 -14.79
CA PHE L 102 7.56 16.06 -14.00
C PHE L 102 7.31 17.41 -14.68
N GLN L 103 6.06 17.82 -14.73
CA GLN L 103 5.65 19.04 -15.39
C GLN L 103 5.37 20.15 -14.38
N THR L 104 5.83 21.35 -14.69
CA THR L 104 5.56 22.50 -13.85
C THR L 104 4.08 22.84 -13.88
N GLY L 105 3.52 23.16 -12.71
CA GLY L 105 2.11 23.43 -12.58
C GLY L 105 1.32 22.28 -11.98
N THR L 106 1.88 21.07 -11.93
CA THR L 106 1.23 19.93 -11.33
C THR L 106 2.14 19.10 -10.44
N SER L 107 3.41 19.50 -10.27
CA SER L 107 4.35 18.79 -9.43
C SER L 107 5.03 19.79 -8.49
N SER L 108 5.56 19.26 -7.39
CA SER L 108 6.20 20.11 -6.40
C SER L 108 7.42 20.80 -7.01
N PRO L 109 7.77 22.00 -6.52
CA PRO L 109 8.90 22.73 -7.13
C PRO L 109 10.22 21.97 -7.06
N LYS L 110 10.42 21.15 -6.02
CA LYS L 110 11.66 20.39 -5.91
C LYS L 110 11.79 19.38 -7.04
N ASN L 111 10.70 18.71 -7.40
CA ASN L 111 10.72 17.67 -8.41
C ASN L 111 10.36 18.17 -9.80
N ALA L 112 10.05 19.46 -9.96
CA ALA L 112 9.62 19.98 -11.24
C ALA L 112 10.74 19.87 -12.28
N THR L 113 10.37 19.51 -13.50
CA THR L 113 11.28 19.37 -14.64
C THR L 113 12.37 18.33 -14.40
N LYS L 114 12.12 17.36 -13.52
CA LYS L 114 13.04 16.25 -13.32
C LYS L 114 12.57 15.02 -14.08
N VAL L 115 13.53 14.20 -14.49
CA VAL L 115 13.27 13.05 -15.35
C VAL L 115 13.74 11.78 -14.65
N ILE L 116 12.89 10.77 -14.62
CA ILE L 116 13.25 9.43 -14.16
C ILE L 116 13.29 8.53 -15.39
N THR L 117 14.47 8.00 -15.70
CA THR L 117 14.70 7.26 -16.94
C THR L 117 14.97 5.80 -16.63
N LEU L 118 14.22 4.91 -17.28
CA LEU L 118 14.45 3.47 -17.21
C LEU L 118 15.14 3.06 -18.51
N ASN L 119 16.46 3.22 -18.54
CA ASN L 119 17.23 2.94 -19.74
C ASN L 119 17.40 1.44 -19.93
N ARG L 120 17.19 0.98 -21.16
CA ARG L 120 17.40 -0.42 -21.54
C ARG L 120 18.45 -0.48 -22.64
N THR L 121 19.48 -1.29 -22.41
CA THR L 121 20.53 -1.45 -23.41
C THR L 121 20.11 -2.49 -24.45
N ALA L 122 20.90 -2.58 -25.52
CA ALA L 122 20.62 -3.56 -26.57
C ALA L 122 20.80 -5.00 -26.08
N ASP L 123 21.50 -5.20 -24.96
CA ASP L 123 21.69 -6.52 -24.39
C ASP L 123 20.61 -6.91 -23.41
N GLY L 124 19.61 -6.05 -23.19
CA GLY L 124 18.51 -6.37 -22.31
C GLY L 124 18.74 -6.06 -20.85
N VAL L 125 19.66 -5.16 -20.52
CA VAL L 125 19.95 -4.79 -19.14
C VAL L 125 19.17 -3.52 -18.80
N TRP L 126 18.37 -3.59 -17.74
CA TRP L 126 17.54 -2.47 -17.30
C TRP L 126 18.25 -1.69 -16.20
N ALA L 127 18.25 -0.37 -16.32
CA ALA L 127 18.82 0.50 -15.30
C ALA L 127 17.92 1.71 -15.11
N CYS L 128 17.86 2.22 -13.89
CA CYS L 128 17.06 3.39 -13.55
C CYS L 128 17.98 4.56 -13.22
N LYS L 129 17.76 5.68 -13.88
CA LYS L 129 18.53 6.89 -13.65
C LYS L 129 17.57 8.05 -13.37
N SER L 130 17.88 8.83 -12.36
CA SER L 130 17.04 9.94 -11.94
C SER L 130 17.86 11.21 -11.81
N THR L 131 17.28 12.32 -12.27
CA THR L 131 17.93 13.62 -12.18
C THR L 131 17.49 14.44 -10.97
N GLN L 132 16.68 13.85 -10.09
CA GLN L 132 16.22 14.57 -8.91
C GLN L 132 17.36 14.71 -7.90
N ASP L 133 17.04 15.30 -6.75
CA ASP L 133 18.01 15.37 -5.66
C ASP L 133 18.26 13.98 -5.10
N PRO L 134 19.47 13.72 -4.60
CA PRO L 134 19.76 12.39 -4.04
C PRO L 134 18.86 12.00 -2.89
N MET L 135 18.42 12.97 -2.08
CA MET L 135 17.52 12.66 -0.97
C MET L 135 16.15 12.23 -1.49
N PHE L 136 15.67 12.85 -2.57
CA PHE L 136 14.36 12.54 -3.12
C PHE L 136 14.38 11.38 -4.09
N THR L 137 15.56 10.90 -4.48
CA THR L 137 15.63 9.81 -5.45
C THR L 137 15.15 8.51 -4.82
N PRO L 138 14.20 7.82 -5.44
CA PRO L 138 13.72 6.55 -4.88
C PRO L 138 14.79 5.48 -4.92
N LYS L 139 14.64 4.49 -4.04
CA LYS L 139 15.60 3.40 -3.97
C LYS L 139 15.61 2.61 -5.28
N GLY L 140 16.80 2.12 -5.65
CA GLY L 140 16.98 1.35 -6.85
C GLY L 140 17.24 2.16 -8.09
N CYS L 141 17.18 3.50 -8.01
CA CYS L 141 17.49 4.37 -9.14
C CYS L 141 18.74 5.17 -8.81
N ASP L 142 19.73 5.09 -9.69
CA ASP L 142 20.95 5.86 -9.50
C ASP L 142 20.69 7.34 -9.77
N ASN L 143 21.53 8.18 -9.17
CA ASN L 143 21.37 9.61 -9.32
C ASN L 143 22.53 10.22 -10.11
N PHE M 1 -13.49 50.05 39.47
CA PHE M 1 -13.53 49.99 38.01
C PHE M 1 -13.52 51.40 37.42
N THR M 2 -12.63 51.63 36.46
CA THR M 2 -12.49 52.93 35.81
C THR M 2 -12.92 52.81 34.36
N LEU M 3 -13.31 53.94 33.78
CA LEU M 3 -13.72 53.95 32.38
C LEU M 3 -12.55 53.65 31.45
N ILE M 4 -11.33 54.02 31.84
CA ILE M 4 -10.17 53.66 31.03
C ILE M 4 -9.96 52.15 31.02
N GLU M 5 -10.22 51.49 32.16
CA GLU M 5 -10.12 50.04 32.23
C GLU M 5 -11.08 49.39 31.24
N LEU M 6 -12.33 49.84 31.22
CA LEU M 6 -13.33 49.25 30.35
C LEU M 6 -13.10 49.59 28.88
N MET M 7 -12.62 50.80 28.60
CA MET M 7 -12.33 51.16 27.21
C MET M 7 -11.15 50.38 26.66
N ILE M 8 -10.14 50.12 27.49
CA ILE M 8 -9.04 49.25 27.06
C ILE M 8 -9.56 47.85 26.77
N VAL M 9 -10.47 47.35 27.60
CA VAL M 9 -11.06 46.04 27.36
C VAL M 9 -11.83 46.01 26.05
N VAL M 10 -12.61 47.07 25.78
CA VAL M 10 -13.36 47.14 24.54
C VAL M 10 -12.43 47.18 23.33
N ALA M 11 -11.35 47.97 23.44
CA ALA M 11 -10.39 48.05 22.35
C ALA M 11 -9.72 46.71 22.09
N ILE M 12 -9.35 45.99 23.16
CA ILE M 12 -8.70 44.70 22.99
C ILE M 12 -9.69 43.66 22.47
N ILE M 13 -10.98 43.80 22.82
CA ILE M 13 -12.00 42.93 22.26
C ILE M 13 -12.11 43.15 20.77
N GLY M 14 -12.12 44.41 20.34
CA GLY M 14 -12.16 44.71 18.92
C GLY M 14 -10.93 44.23 18.18
N ILE M 15 -9.76 44.37 18.80
CA ILE M 15 -8.52 43.93 18.18
C ILE M 15 -8.48 42.41 18.08
N LEU M 16 -8.96 41.71 19.11
CA LEU M 16 -8.98 40.25 19.11
C LEU M 16 -9.98 39.72 18.09
N ALA M 17 -10.98 40.51 17.75
CA ALA M 17 -11.83 40.22 16.60
C ALA M 17 -11.08 40.65 15.35
N ALA M 18 -11.77 40.74 14.22
CA ALA M 18 -11.21 41.18 12.95
C ALA M 18 -10.12 40.25 12.43
N ILE M 19 -9.91 39.10 13.05
CA ILE M 19 -8.94 38.13 12.57
C ILE M 19 -9.51 37.52 11.28
N ALA M 20 -8.79 37.70 10.19
CA ALA M 20 -9.27 37.24 8.89
C ALA M 20 -9.38 35.72 8.87
N ILE M 21 -10.49 35.22 8.37
CA ILE M 21 -10.75 33.79 8.24
C ILE M 21 -10.59 33.41 6.78
N PRO M 22 -9.56 32.67 6.41
CA PRO M 22 -9.37 32.30 5.00
C PRO M 22 -10.40 31.26 4.55
N GLN M 23 -10.39 31.00 3.25
CA GLN M 23 -11.29 30.00 2.68
C GLN M 23 -10.93 28.61 3.19
N TYR M 24 -11.95 27.82 3.50
CA TYR M 24 -11.74 26.47 4.01
C TYR M 24 -12.56 25.40 3.31
N GLN M 25 -13.57 25.76 2.52
CA GLN M 25 -14.38 24.76 1.84
C GLN M 25 -13.60 24.05 0.75
N ASN M 26 -12.59 24.71 0.18
CA ASN M 26 -11.75 24.06 -0.83
C ASN M 26 -11.00 22.88 -0.24
N TYR M 27 -10.49 23.04 0.99
CA TYR M 27 -9.78 21.95 1.66
C TYR M 27 -10.71 20.76 1.87
N VAL M 28 -11.93 21.02 2.33
CA VAL M 28 -12.89 19.95 2.58
C VAL M 28 -13.26 19.25 1.28
N ALA M 29 -13.48 20.02 0.21
CA ALA M 29 -13.82 19.42 -1.07
C ALA M 29 -12.68 18.56 -1.60
N ARG M 30 -11.45 19.04 -1.49
CA ARG M 30 -10.30 18.25 -1.96
C ARG M 30 -10.14 16.97 -1.13
N SER M 31 -10.32 17.07 0.19
CA SER M 31 -10.24 15.88 1.02
C SER M 31 -11.34 14.89 0.69
N GLU M 32 -12.55 15.39 0.42
CA GLU M 32 -13.65 14.50 0.04
C GLU M 32 -13.35 13.79 -1.28
N GLY M 33 -12.81 14.51 -2.26
CA GLY M 33 -12.44 13.88 -3.51
C GLY M 33 -11.37 12.82 -3.33
N ALA M 34 -10.36 13.12 -2.52
CA ALA M 34 -9.30 12.14 -2.25
C ALA M 34 -9.86 10.92 -1.54
N SER M 35 -10.75 11.13 -0.58
CA SER M 35 -11.34 10.00 0.14
C SER M 35 -12.19 9.13 -0.78
N ALA M 36 -12.97 9.75 -1.66
CA ALA M 36 -13.77 8.98 -2.61
C ALA M 36 -12.89 8.17 -3.54
N LEU M 37 -11.83 8.80 -4.08
CA LEU M 37 -10.94 8.09 -4.99
C LEU M 37 -10.24 6.93 -4.28
N ALA M 38 -9.79 7.15 -3.04
CA ALA M 38 -9.17 6.07 -2.29
C ALA M 38 -10.17 4.99 -1.91
N THR M 39 -11.46 5.33 -1.81
CA THR M 39 -12.47 4.31 -1.52
C THR M 39 -12.72 3.43 -2.73
N ILE M 40 -12.85 4.03 -3.92
CA ILE M 40 -13.20 3.24 -5.10
C ILE M 40 -11.98 2.71 -5.86
N ASN M 41 -10.77 3.14 -5.51
CA ASN M 41 -9.59 2.62 -6.20
C ASN M 41 -9.37 1.13 -5.99
N PRO M 42 -9.44 0.57 -4.78
CA PRO M 42 -9.20 -0.87 -4.63
C PRO M 42 -10.22 -1.74 -5.35
N LEU M 43 -11.40 -1.20 -5.68
CA LEU M 43 -12.39 -1.97 -6.41
C LEU M 43 -11.93 -2.31 -7.83
N LYS M 44 -10.92 -1.63 -8.35
CA LYS M 44 -10.36 -2.00 -9.64
C LYS M 44 -9.70 -3.38 -9.56
N THR M 45 -9.02 -3.66 -8.45
CA THR M 45 -8.37 -4.96 -8.28
C THR M 45 -9.41 -6.08 -8.26
N THR M 46 -10.53 -5.87 -7.56
CA THR M 46 -11.54 -6.91 -7.46
C THR M 46 -12.13 -7.23 -8.84
N VAL M 47 -12.50 -6.19 -9.60
CA VAL M 47 -13.11 -6.40 -10.90
C VAL M 47 -12.13 -7.09 -11.85
N GLU M 48 -10.89 -6.60 -11.90
CA GLU M 48 -9.90 -7.18 -12.81
C GLU M 48 -9.60 -8.63 -12.44
N GLU M 49 -9.44 -8.92 -11.15
CA GLU M 49 -9.17 -10.29 -10.73
C GLU M 49 -10.35 -11.21 -11.05
N SER M 50 -11.57 -10.76 -10.79
CA SER M 50 -12.73 -11.59 -11.08
C SER M 50 -12.87 -11.85 -12.57
N LEU M 51 -12.62 -10.84 -13.40
CA LEU M 51 -12.66 -11.04 -14.84
C LEU M 51 -11.55 -11.97 -15.30
N SER M 52 -10.37 -11.91 -14.66
CA SER M 52 -9.28 -12.79 -15.03
C SER M 52 -9.60 -14.25 -14.73
N ARG M 53 -10.31 -14.50 -13.62
CA ARG M 53 -10.66 -15.86 -13.24
C ARG M 53 -11.89 -16.39 -13.96
N GLY M 54 -12.51 -15.58 -14.82
CA GLY M 54 -13.64 -16.02 -15.60
C GLY M 54 -15.00 -15.69 -15.03
N ILE M 55 -15.06 -15.07 -13.86
CA ILE M 55 -16.35 -14.69 -13.28
C ILE M 55 -17.02 -13.67 -14.20
N ALA M 56 -18.30 -13.90 -14.48
CA ALA M 56 -19.05 -13.01 -15.36
C ALA M 56 -19.12 -11.61 -14.79
N GLY M 57 -19.06 -10.62 -15.68
CA GLY M 57 -19.12 -9.23 -15.24
C GLY M 57 -20.40 -8.89 -14.51
N SER M 58 -21.52 -9.47 -14.96
CA SER M 58 -22.80 -9.25 -14.29
C SER M 58 -22.83 -9.86 -12.90
N LYS M 59 -21.92 -10.78 -12.59
CA LYS M 59 -21.87 -11.43 -11.29
C LYS M 59 -20.98 -10.69 -10.30
N ILE M 60 -20.31 -9.62 -10.73
CA ILE M 60 -19.47 -8.82 -9.84
C ILE M 60 -20.35 -7.72 -9.27
N LYS M 61 -20.76 -7.87 -8.02
CA LYS M 61 -21.63 -6.92 -7.34
C LYS M 61 -20.91 -6.32 -6.15
N ILE M 62 -21.61 -5.42 -5.47
CA ILE M 62 -21.07 -4.72 -4.30
C ILE M 62 -21.91 -5.10 -3.09
N GLY M 63 -21.23 -5.53 -2.02
CA GLY M 63 -21.92 -5.92 -0.81
C GLY M 63 -21.01 -6.79 0.03
N THR M 64 -21.47 -7.05 1.25
CA THR M 64 -20.74 -7.87 2.20
C THR M 64 -21.13 -9.34 2.13
N THR M 65 -22.00 -9.72 1.20
CA THR M 65 -22.37 -11.13 1.04
C THR M 65 -21.13 -11.95 0.66
N ALA M 66 -21.01 -13.13 1.28
CA ALA M 66 -19.87 -14.00 1.03
C ALA M 66 -19.78 -14.38 -0.44
N SER M 67 -18.67 -14.03 -1.08
CA SER M 67 -18.50 -14.34 -2.49
C SER M 67 -18.30 -15.84 -2.69
N THR M 68 -19.03 -16.40 -3.66
CA THR M 68 -18.95 -17.81 -3.97
C THR M 68 -17.98 -18.03 -5.12
N ALA M 69 -17.92 -19.25 -5.64
CA ALA M 69 -17.03 -19.56 -6.75
C ALA M 69 -17.49 -18.89 -8.04
N THR M 70 -18.77 -18.55 -8.15
CA THR M 70 -19.31 -17.92 -9.35
C THR M 70 -19.65 -16.46 -9.18
N GLU M 71 -19.93 -16.01 -7.95
CA GLU M 71 -20.27 -14.63 -7.67
C GLU M 71 -19.17 -13.99 -6.81
N THR M 72 -18.89 -12.72 -7.08
CA THR M 72 -17.88 -11.97 -6.34
C THR M 72 -18.50 -10.70 -5.79
N TYR M 73 -18.28 -10.46 -4.50
CA TYR M 73 -18.72 -9.24 -3.84
C TYR M 73 -17.50 -8.49 -3.31
N VAL M 74 -17.53 -7.16 -3.47
CA VAL M 74 -16.37 -6.35 -3.11
C VAL M 74 -16.10 -6.36 -1.61
N GLY M 75 -17.08 -6.76 -0.79
CA GLY M 75 -16.88 -6.85 0.64
C GLY M 75 -17.26 -5.62 1.43
N VAL M 76 -17.72 -4.55 0.77
CA VAL M 76 -18.14 -3.34 1.47
C VAL M 76 -19.57 -3.00 1.06
N GLU M 77 -20.28 -2.33 1.95
CA GLU M 77 -21.62 -1.87 1.66
C GLU M 77 -21.58 -0.72 0.65
N PRO M 78 -22.67 -0.52 -0.09
CA PRO M 78 -22.72 0.64 -0.99
C PRO M 78 -22.56 1.96 -0.26
N ASP M 79 -23.08 2.05 0.97
CA ASP M 79 -22.99 3.25 1.78
C ASP M 79 -21.90 3.14 2.85
N ALA M 80 -20.87 2.33 2.60
CA ALA M 80 -19.78 2.19 3.56
C ALA M 80 -19.08 3.52 3.82
N ASN M 81 -18.83 4.29 2.76
CA ASN M 81 -18.35 5.65 2.89
C ASN M 81 -19.56 6.58 2.93
N LYS M 82 -19.72 7.33 4.02
CA LYS M 82 -20.91 8.15 4.20
C LYS M 82 -20.98 9.29 3.21
N LEU M 83 -19.89 9.61 2.52
CA LEU M 83 -19.91 10.70 1.55
C LEU M 83 -20.87 10.41 0.40
N GLY M 84 -20.88 9.16 -0.07
CA GLY M 84 -21.78 8.78 -1.15
C GLY M 84 -21.80 7.29 -1.34
N VAL M 85 -22.66 6.84 -2.24
CA VAL M 85 -22.82 5.42 -2.51
C VAL M 85 -21.86 5.01 -3.61
N ILE M 86 -21.56 3.71 -3.66
CA ILE M 86 -20.68 3.12 -4.66
C ILE M 86 -21.51 2.14 -5.48
N ALA M 87 -21.41 2.24 -6.80
CA ALA M 87 -22.13 1.36 -7.71
C ALA M 87 -21.15 0.68 -8.65
N VAL M 88 -21.25 -0.64 -8.76
CA VAL M 88 -20.42 -1.43 -9.66
C VAL M 88 -21.36 -2.04 -10.70
N ALA M 89 -21.13 -1.70 -11.97
CA ALA M 89 -21.94 -2.19 -13.08
C ALA M 89 -21.00 -2.63 -14.20
N ILE M 90 -20.64 -3.91 -14.19
CA ILE M 90 -19.74 -4.49 -15.18
C ILE M 90 -20.55 -5.37 -16.11
N GLU M 91 -20.40 -5.17 -17.42
CA GLU M 91 -21.08 -5.99 -18.39
C GLU M 91 -20.37 -7.33 -18.56
N ASP M 92 -21.05 -8.27 -19.24
CA ASP M 92 -20.46 -9.58 -19.44
C ASP M 92 -19.25 -9.53 -20.36
N SER M 93 -19.19 -8.54 -21.25
CA SER M 93 -18.05 -8.39 -22.15
C SER M 93 -16.80 -7.87 -21.44
N GLY M 94 -16.92 -7.45 -20.18
CA GLY M 94 -15.82 -6.88 -19.43
C GLY M 94 -15.87 -5.37 -19.32
N ALA M 95 -16.67 -4.70 -20.15
CA ALA M 95 -16.82 -3.27 -20.06
C ALA M 95 -17.71 -2.89 -18.89
N GLY M 96 -17.36 -1.81 -18.22
CA GLY M 96 -18.12 -1.36 -17.07
C GLY M 96 -17.45 -0.17 -16.42
N ASP M 97 -18.08 0.30 -15.36
CA ASP M 97 -17.58 1.46 -14.62
C ASP M 97 -17.91 1.30 -13.14
N ILE M 98 -17.09 1.95 -12.31
CA ILE M 98 -17.31 2.03 -10.87
C ILE M 98 -17.52 3.50 -10.54
N THR M 99 -18.67 3.83 -9.97
CA THR M 99 -19.06 5.21 -9.73
C THR M 99 -19.19 5.48 -8.25
N PHE M 100 -18.77 6.68 -7.83
CA PHE M 100 -18.95 7.18 -6.47
C PHE M 100 -19.72 8.50 -6.59
N THR M 101 -21.00 8.46 -6.26
CA THR M 101 -21.86 9.64 -6.35
C THR M 101 -22.05 10.23 -4.97
N PHE M 102 -21.58 11.45 -4.77
CA PHE M 102 -21.75 12.14 -3.51
C PHE M 102 -23.24 12.44 -3.29
N GLN M 103 -23.70 12.22 -2.06
CA GLN M 103 -25.10 12.40 -1.70
C GLN M 103 -25.29 13.69 -0.91
N THR M 104 -26.34 14.42 -1.24
CA THR M 104 -26.69 15.62 -0.50
C THR M 104 -27.11 15.26 0.91
N GLY M 105 -26.65 16.05 1.88
CA GLY M 105 -26.90 15.79 3.28
C GLY M 105 -25.74 15.17 4.02
N THR M 106 -24.76 14.64 3.31
CA THR M 106 -23.57 14.07 3.93
C THR M 106 -22.27 14.49 3.25
N SER M 107 -22.33 15.31 2.21
CA SER M 107 -21.15 15.78 1.51
C SER M 107 -21.21 17.29 1.37
N SER M 108 -20.04 17.90 1.18
CA SER M 108 -19.96 19.34 1.07
C SER M 108 -20.73 19.83 -0.16
N PRO M 109 -21.29 21.04 -0.10
CA PRO M 109 -22.10 21.53 -1.23
C PRO M 109 -21.35 21.58 -2.55
N LYS M 110 -20.05 21.82 -2.52
CA LYS M 110 -19.27 21.88 -3.76
C LYS M 110 -19.24 20.51 -4.44
N ASN M 111 -19.08 19.44 -3.67
CA ASN M 111 -18.96 18.09 -4.22
C ASN M 111 -20.30 17.35 -4.27
N ALA M 112 -21.39 17.95 -3.82
CA ALA M 112 -22.66 17.25 -3.79
C ALA M 112 -23.14 16.91 -5.19
N THR M 113 -23.70 15.71 -5.33
CA THR M 113 -24.26 15.20 -6.59
C THR M 113 -23.20 15.09 -7.69
N LYS M 114 -21.93 14.97 -7.32
CA LYS M 114 -20.87 14.75 -8.29
C LYS M 114 -20.50 13.27 -8.33
N VAL M 115 -20.04 12.83 -9.50
CA VAL M 115 -19.77 11.42 -9.74
C VAL M 115 -18.32 11.25 -10.16
N ILE M 116 -17.62 10.31 -9.53
CA ILE M 116 -16.29 9.89 -9.94
C ILE M 116 -16.41 8.50 -10.55
N THR M 117 -16.08 8.39 -11.83
CA THR M 117 -16.32 7.17 -12.60
C THR M 117 -14.99 6.54 -13.00
N LEU M 118 -14.84 5.26 -12.68
CA LEU M 118 -13.68 4.46 -13.11
C LEU M 118 -14.14 3.59 -14.26
N ASN M 119 -14.15 4.15 -15.47
CA ASN M 119 -14.65 3.45 -16.64
C ASN M 119 -13.63 2.42 -17.13
N ARG M 120 -14.11 1.22 -17.44
CA ARG M 120 -13.29 0.16 -17.99
C ARG M 120 -13.85 -0.23 -19.36
N THR M 121 -12.98 -0.23 -20.37
CA THR M 121 -13.40 -0.62 -21.70
C THR M 121 -13.35 -2.13 -21.85
N ALA M 122 -13.90 -2.61 -22.97
CA ALA M 122 -13.87 -4.05 -23.24
C ALA M 122 -12.47 -4.57 -23.48
N ASP M 123 -11.52 -3.69 -23.77
CA ASP M 123 -10.13 -4.07 -23.98
C ASP M 123 -9.30 -4.07 -22.71
N GLY M 124 -9.91 -3.75 -21.56
CA GLY M 124 -9.20 -3.76 -20.31
C GLY M 124 -8.47 -2.49 -19.95
N VAL M 125 -8.84 -1.36 -20.53
CA VAL M 125 -8.18 -0.09 -20.26
C VAL M 125 -8.99 0.66 -19.21
N TRP M 126 -8.33 1.05 -18.13
CA TRP M 126 -8.97 1.74 -17.02
C TRP M 126 -8.76 3.24 -17.16
N ALA M 127 -9.82 4.02 -16.96
CA ALA M 127 -9.75 5.47 -17.00
C ALA M 127 -10.63 6.03 -15.90
N CYS M 128 -10.21 7.16 -15.33
CA CYS M 128 -10.95 7.84 -14.27
C CYS M 128 -11.51 9.16 -14.81
N LYS M 129 -12.82 9.34 -14.64
CA LYS M 129 -13.50 10.56 -15.07
C LYS M 129 -14.27 11.13 -13.89
N SER M 130 -14.17 12.44 -13.70
CA SER M 130 -14.82 13.11 -12.58
C SER M 130 -15.60 14.31 -13.08
N THR M 131 -16.78 14.52 -12.52
CA THR M 131 -17.64 15.64 -12.87
C THR M 131 -17.49 16.81 -11.90
N GLN M 132 -16.57 16.74 -10.95
CA GLN M 132 -16.38 17.82 -10.00
C GLN M 132 -15.71 19.01 -10.68
N ASP M 133 -15.43 20.04 -9.88
CA ASP M 133 -14.68 21.18 -10.39
C ASP M 133 -13.24 20.76 -10.67
N PRO M 134 -12.59 21.38 -11.66
CA PRO M 134 -11.20 21.01 -11.96
C PRO M 134 -10.25 21.20 -10.79
N MET M 135 -10.49 22.21 -9.94
CA MET M 135 -9.63 22.42 -8.78
C MET M 135 -9.79 21.29 -7.77
N PHE M 136 -11.01 20.78 -7.59
CA PHE M 136 -11.28 19.73 -6.63
C PHE M 136 -11.04 18.34 -7.18
N THR M 137 -10.81 18.20 -8.47
CA THR M 137 -10.62 16.89 -9.07
C THR M 137 -9.29 16.30 -8.62
N PRO M 138 -9.27 15.08 -8.08
CA PRO M 138 -8.01 14.48 -7.66
C PRO M 138 -7.13 14.16 -8.85
N LYS M 139 -5.83 14.06 -8.57
CA LYS M 139 -4.85 13.76 -9.62
C LYS M 139 -5.12 12.38 -10.21
N GLY M 140 -4.86 12.27 -11.52
CA GLY M 140 -5.06 11.02 -12.23
C GLY M 140 -6.45 10.81 -12.77
N CYS M 141 -7.40 11.68 -12.46
CA CYS M 141 -8.76 11.60 -12.98
C CYS M 141 -9.02 12.80 -13.89
N ASP M 142 -9.43 12.52 -15.12
CA ASP M 142 -9.74 13.59 -16.05
C ASP M 142 -11.05 14.25 -15.66
N ASN M 143 -11.21 15.51 -16.08
CA ASN M 143 -12.40 16.27 -15.73
C ASN M 143 -13.24 16.56 -16.97
N PHE N 1 -14.48 62.12 40.15
CA PHE N 1 -15.40 61.10 39.68
C PHE N 1 -16.84 61.60 39.70
N THR N 2 -17.55 61.43 38.59
CA THR N 2 -18.92 61.87 38.46
C THR N 2 -19.84 60.66 38.34
N LEU N 3 -21.11 60.86 38.68
CA LEU N 3 -22.08 59.77 38.59
C LEU N 3 -22.32 59.38 37.14
N ILE N 4 -22.23 60.32 36.20
CA ILE N 4 -22.37 59.98 34.80
C ILE N 4 -21.22 59.09 34.34
N GLU N 5 -20.01 59.33 34.86
CA GLU N 5 -18.86 58.48 34.54
C GLU N 5 -19.12 57.05 34.97
N LEU N 6 -19.61 56.86 36.20
CA LEU N 6 -19.84 55.53 36.73
C LEU N 6 -21.03 54.85 36.06
N MET N 7 -22.07 55.61 35.72
CA MET N 7 -23.21 55.02 35.06
C MET N 7 -22.87 54.58 33.64
N ILE N 8 -22.02 55.34 32.94
CA ILE N 8 -21.55 54.90 31.63
C ILE N 8 -20.74 53.62 31.77
N VAL N 9 -19.92 53.52 32.82
CA VAL N 9 -19.15 52.30 33.06
C VAL N 9 -20.07 51.12 33.31
N VAL N 10 -21.12 51.33 34.11
CA VAL N 10 -22.06 50.25 34.40
C VAL N 10 -22.78 49.82 33.13
N ALA N 11 -23.19 50.79 32.30
CA ALA N 11 -23.86 50.46 31.04
C ALA N 11 -22.95 49.68 30.11
N ILE N 12 -21.68 50.08 30.01
CA ILE N 12 -20.76 49.37 29.14
C ILE N 12 -20.42 47.99 29.71
N ILE N 13 -20.43 47.85 31.03
CA ILE N 13 -20.26 46.53 31.64
C ILE N 13 -21.42 45.62 31.25
N GLY N 14 -22.64 46.15 31.34
CA GLY N 14 -23.79 45.35 30.94
C GLY N 14 -23.79 45.01 29.46
N ILE N 15 -23.36 45.95 28.62
CA ILE N 15 -23.31 45.71 27.19
C ILE N 15 -22.23 44.68 26.86
N LEU N 16 -21.09 44.75 27.53
CA LEU N 16 -20.00 43.81 27.30
C LEU N 16 -20.36 42.41 27.79
N ALA N 17 -21.29 42.32 28.73
CA ALA N 17 -21.92 41.04 29.07
C ALA N 17 -22.98 40.76 28.02
N ALA N 18 -23.85 39.79 28.28
CA ALA N 18 -24.95 39.42 27.40
C ALA N 18 -24.48 38.89 26.06
N ILE N 19 -23.19 38.65 25.88
CA ILE N 19 -22.68 38.05 24.66
C ILE N 19 -23.12 36.60 24.63
N ALA N 20 -23.90 36.23 23.62
CA ALA N 20 -24.46 34.89 23.54
C ALA N 20 -23.34 33.86 23.37
N ILE N 21 -23.42 32.79 24.15
CA ILE N 21 -22.45 31.70 24.10
C ILE N 21 -23.11 30.53 23.39
N PRO N 22 -22.69 30.18 22.17
CA PRO N 22 -23.31 29.07 21.46
C PRO N 22 -22.94 27.73 22.07
N GLN N 23 -23.59 26.69 21.57
CA GLN N 23 -23.31 25.33 22.03
C GLN N 23 -21.89 24.92 21.64
N TYR N 24 -21.20 24.23 22.55
CA TYR N 24 -19.84 23.79 22.30
C TYR N 24 -19.59 22.33 22.63
N GLN N 25 -20.49 21.66 23.36
CA GLN N 25 -20.25 20.26 23.70
C GLN N 25 -20.36 19.36 22.47
N ASN N 26 -21.12 19.77 21.46
CA ASN N 26 -21.20 18.99 20.24
C ASN N 26 -19.85 18.92 19.54
N TYR N 27 -19.12 20.03 19.52
CA TYR N 27 -17.79 20.04 18.91
C TYR N 27 -16.86 19.08 19.63
N VAL N 28 -16.88 19.11 20.97
CA VAL N 28 -16.02 18.24 21.75
C VAL N 28 -16.38 16.78 21.53
N ALA N 29 -17.69 16.47 21.50
CA ALA N 29 -18.11 15.09 21.27
C ALA N 29 -17.68 14.60 19.89
N ARG N 30 -17.84 15.44 18.86
CA ARG N 30 -17.43 15.06 17.52
C ARG N 30 -15.92 14.85 17.44
N SER N 31 -15.15 15.72 18.07
CA SER N 31 -13.70 15.56 18.07
C SER N 31 -13.29 14.29 18.81
N GLU N 32 -13.97 13.98 19.92
CA GLU N 32 -13.68 12.75 20.65
C GLU N 32 -13.97 11.52 19.80
N GLY N 33 -15.10 11.53 19.09
CA GLY N 33 -15.40 10.41 18.21
C GLY N 33 -14.38 10.25 17.10
N ALA N 34 -13.97 11.37 16.49
CA ALA N 34 -12.96 11.30 15.44
C ALA N 34 -11.63 10.79 15.99
N SER N 35 -11.24 11.25 17.18
CA SER N 35 -10.00 10.80 17.79
C SER N 35 -10.04 9.31 18.10
N ALA N 36 -11.16 8.82 18.63
CA ALA N 36 -11.28 7.39 18.91
C ALA N 36 -11.20 6.57 17.63
N LEU N 37 -11.90 7.00 16.59
CA LEU N 37 -11.88 6.26 15.33
C LEU N 37 -10.47 6.26 14.73
N ALA N 38 -9.79 7.40 14.76
CA ALA N 38 -8.42 7.45 14.28
C ALA N 38 -7.45 6.64 15.14
N THR N 39 -7.78 6.46 16.42
CA THR N 39 -6.94 5.62 17.28
C THR N 39 -7.10 4.15 16.95
N ILE N 40 -8.34 3.68 16.76
CA ILE N 40 -8.55 2.25 16.54
C ILE N 40 -8.52 1.85 15.07
N ASN N 41 -8.49 2.81 14.14
CA ASN N 41 -8.43 2.45 12.72
C ASN N 41 -7.15 1.72 12.34
N PRO N 42 -5.95 2.15 12.72
CA PRO N 42 -4.75 1.41 12.31
C PRO N 42 -4.67 0.00 12.85
N LEU N 43 -5.43 -0.32 13.92
CA LEU N 43 -5.42 -1.68 14.45
C LEU N 43 -6.04 -2.67 13.48
N LYS N 44 -6.80 -2.21 12.49
CA LYS N 44 -7.30 -3.10 11.45
C LYS N 44 -6.15 -3.69 10.64
N THR N 45 -5.14 -2.87 10.35
CA THR N 45 -3.98 -3.36 9.59
C THR N 45 -3.24 -4.44 10.36
N THR N 46 -3.05 -4.25 11.66
CA THR N 46 -2.33 -5.23 12.47
C THR N 46 -3.05 -6.57 12.48
N VAL N 47 -4.35 -6.55 12.73
CA VAL N 47 -5.12 -7.80 12.82
C VAL N 47 -5.13 -8.52 11.47
N GLU N 48 -5.38 -7.77 10.40
CA GLU N 48 -5.44 -8.39 9.07
C GLU N 48 -4.09 -8.95 8.66
N GLU N 49 -3.00 -8.22 8.91
CA GLU N 49 -1.69 -8.72 8.57
C GLU N 49 -1.32 -9.95 9.38
N SER N 50 -1.62 -9.94 10.69
CA SER N 50 -1.31 -11.10 11.52
C SER N 50 -2.10 -12.32 11.09
N LEU N 51 -3.38 -12.13 10.74
CA LEU N 51 -4.17 -13.25 10.25
C LEU N 51 -3.66 -13.74 8.91
N SER N 52 -3.17 -12.84 8.05
CA SER N 52 -2.63 -13.25 6.76
C SER N 52 -1.37 -14.10 6.92
N ARG N 53 -0.54 -13.77 7.91
CA ARG N 53 0.70 -14.52 8.14
C ARG N 53 0.49 -15.79 8.93
N GLY N 54 -0.74 -16.09 9.35
CA GLY N 54 -1.04 -17.32 10.05
C GLY N 54 -1.06 -17.22 11.55
N ILE N 55 -0.77 -16.05 12.13
CA ILE N 55 -0.81 -15.90 13.57
C ILE N 55 -2.23 -16.12 14.06
N ALA N 56 -2.39 -16.92 15.11
CA ALA N 56 -3.71 -17.22 15.63
C ALA N 56 -4.40 -15.97 16.14
N GLY N 57 -5.71 -15.91 15.95
CA GLY N 57 -6.46 -14.74 16.38
C GLY N 57 -6.39 -14.52 17.88
N SER N 58 -6.35 -15.60 18.66
CA SER N 58 -6.22 -15.49 20.10
C SER N 58 -4.86 -14.95 20.52
N LYS N 59 -3.87 -14.99 19.63
CA LYS N 59 -2.53 -14.51 19.91
C LYS N 59 -2.34 -13.04 19.56
N ILE N 60 -3.35 -12.40 18.97
CA ILE N 60 -3.29 -10.98 18.64
C ILE N 60 -3.83 -10.21 19.84
N LYS N 61 -2.94 -9.62 20.62
CA LYS N 61 -3.30 -8.89 21.82
C LYS N 61 -2.90 -7.43 21.67
N ILE N 62 -3.19 -6.64 22.70
CA ILE N 62 -2.90 -5.21 22.72
C ILE N 62 -1.91 -4.95 23.85
N GLY N 63 -0.82 -4.26 23.52
CA GLY N 63 0.19 -3.95 24.49
C GLY N 63 1.49 -3.59 23.81
N THR N 64 2.44 -3.11 24.61
CA THR N 64 3.76 -2.73 24.12
C THR N 64 4.77 -3.86 24.20
N THR N 65 4.36 -5.05 24.62
CA THR N 65 5.26 -6.20 24.66
C THR N 65 5.77 -6.52 23.26
N ALA N 66 7.06 -6.82 23.15
CA ALA N 66 7.67 -7.12 21.86
C ALA N 66 7.01 -8.32 21.20
N SER N 67 6.43 -8.12 20.02
CA SER N 67 5.77 -9.20 19.32
C SER N 67 6.77 -10.22 18.82
N THR N 68 6.48 -11.50 19.07
CA THR N 68 7.35 -12.59 18.64
C THR N 68 6.87 -13.14 17.31
N ALA N 69 7.45 -14.26 16.88
CA ALA N 69 7.03 -14.86 15.61
C ALA N 69 5.64 -15.48 15.70
N THR N 70 5.19 -15.80 16.91
CA THR N 70 3.88 -16.42 17.10
C THR N 70 2.86 -15.48 17.73
N GLU N 71 3.30 -14.48 18.49
CA GLU N 71 2.41 -13.52 19.13
C GLU N 71 2.60 -12.15 18.53
N THR N 72 1.50 -11.41 18.38
CA THR N 72 1.54 -10.06 17.83
C THR N 72 0.88 -9.10 18.81
N TYR N 73 1.57 -7.99 19.10
CA TYR N 73 1.04 -6.92 19.95
C TYR N 73 0.94 -5.65 19.12
N VAL N 74 -0.15 -4.91 19.32
CA VAL N 74 -0.40 -3.72 18.51
C VAL N 74 0.61 -2.61 18.79
N GLY N 75 1.34 -2.68 19.89
CA GLY N 75 2.37 -1.71 20.19
C GLY N 75 1.93 -0.52 21.02
N VAL N 76 0.65 -0.44 21.40
CA VAL N 76 0.15 0.63 22.24
C VAL N 76 -0.52 0.05 23.47
N GLU N 77 -0.52 0.83 24.56
CA GLU N 77 -1.19 0.42 25.77
C GLU N 77 -2.70 0.49 25.58
N PRO N 78 -3.45 -0.29 26.36
CA PRO N 78 -4.93 -0.16 26.30
C PRO N 78 -5.41 1.24 26.63
N ASP N 79 -4.73 1.92 27.55
CA ASP N 79 -5.09 3.28 27.96
C ASP N 79 -4.20 4.33 27.30
N ALA N 80 -3.64 4.03 26.12
CA ALA N 80 -2.79 4.99 25.42
C ALA N 80 -3.55 6.26 25.10
N ASN N 81 -4.79 6.14 24.63
CA ASN N 81 -5.68 7.28 24.47
C ASN N 81 -6.48 7.45 25.75
N LYS N 82 -6.33 8.61 26.40
CA LYS N 82 -6.95 8.81 27.71
C LYS N 82 -8.47 8.84 27.63
N LEU N 83 -9.05 8.99 26.43
CA LEU N 83 -10.50 9.02 26.30
C LEU N 83 -11.13 7.71 26.75
N GLY N 84 -10.51 6.59 26.39
CA GLY N 84 -11.03 5.29 26.77
C GLY N 84 -10.02 4.20 26.46
N VAL N 85 -10.38 2.98 26.88
CA VAL N 85 -9.50 1.84 26.69
C VAL N 85 -9.81 1.18 25.35
N ILE N 86 -8.84 0.43 24.84
CA ILE N 86 -8.97 -0.30 23.59
C ILE N 86 -8.85 -1.78 23.90
N ALA N 87 -9.79 -2.57 23.37
CA ALA N 87 -9.79 -4.01 23.58
C ALA N 87 -9.80 -4.71 22.22
N VAL N 88 -8.89 -5.67 22.06
CA VAL N 88 -8.80 -6.47 20.85
C VAL N 88 -9.12 -7.92 21.24
N ALA N 89 -10.17 -8.47 20.65
CA ALA N 89 -10.62 -9.83 20.94
C ALA N 89 -10.92 -10.51 19.62
N ILE N 90 -9.93 -11.20 19.06
CA ILE N 90 -10.05 -11.90 17.80
C ILE N 90 -10.07 -13.40 18.08
N GLU N 91 -11.07 -14.09 17.52
CA GLU N 91 -11.16 -15.53 17.68
C GLU N 91 -10.20 -16.23 16.72
N ASP N 92 -10.01 -17.53 16.96
CA ASP N 92 -9.09 -18.31 16.12
C ASP N 92 -9.61 -18.43 14.69
N SER N 93 -10.93 -18.39 14.50
CA SER N 93 -11.50 -18.47 13.17
C SER N 93 -11.29 -17.19 12.35
N GLY N 94 -10.81 -16.13 12.97
CA GLY N 94 -10.63 -14.86 12.31
C GLY N 94 -11.69 -13.82 12.64
N ALA N 95 -12.81 -14.25 13.20
CA ALA N 95 -13.85 -13.32 13.62
C ALA N 95 -13.46 -12.63 14.92
N GLY N 96 -13.78 -11.35 15.00
CA GLY N 96 -13.45 -10.58 16.18
C GLY N 96 -13.85 -9.13 15.99
N ASP N 97 -13.59 -8.34 17.02
CA ASP N 97 -13.90 -6.92 17.01
C ASP N 97 -12.86 -6.14 17.80
N ILE N 98 -12.71 -4.87 17.44
CA ILE N 98 -11.85 -3.93 18.14
C ILE N 98 -12.76 -2.84 18.70
N THR N 99 -12.76 -2.67 20.02
CA THR N 99 -13.67 -1.77 20.69
C THR N 99 -12.92 -0.65 21.37
N PHE N 100 -13.51 0.55 21.33
CA PHE N 100 -13.00 1.72 22.06
C PHE N 100 -14.15 2.20 22.95
N THR N 101 -14.05 1.93 24.24
CA THR N 101 -15.08 2.29 25.20
C THR N 101 -14.63 3.55 25.95
N PHE N 102 -15.37 4.63 25.79
CA PHE N 102 -15.07 5.86 26.52
C PHE N 102 -15.31 5.66 28.01
N GLN N 103 -14.39 6.17 28.82
CA GLN N 103 -14.44 6.00 30.26
C GLN N 103 -14.91 7.29 30.93
N THR N 104 -15.78 7.15 31.92
CA THR N 104 -16.24 8.29 32.70
C THR N 104 -15.08 8.86 33.52
N GLY N 105 -15.00 10.18 33.56
CA GLY N 105 -13.91 10.87 34.24
C GLY N 105 -12.84 11.39 33.31
N THR N 106 -12.80 10.94 32.05
CA THR N 106 -11.85 11.43 31.07
C THR N 106 -12.47 11.72 29.71
N SER N 107 -13.78 11.52 29.55
CA SER N 107 -14.46 11.79 28.30
C SER N 107 -15.68 12.64 28.56
N SER N 108 -16.14 13.33 27.53
CA SER N 108 -17.29 14.21 27.66
C SER N 108 -18.54 13.42 28.04
N PRO N 109 -19.47 14.03 28.78
CA PRO N 109 -20.66 13.27 29.22
C PRO N 109 -21.48 12.70 28.09
N LYS N 110 -21.51 13.36 26.93
CA LYS N 110 -22.27 12.84 25.81
C LYS N 110 -21.70 11.52 25.30
N ASN N 111 -20.37 11.41 25.24
CA ASN N 111 -19.70 10.22 24.72
C ASN N 111 -19.33 9.22 25.78
N ALA N 112 -19.60 9.51 27.06
CA ALA N 112 -19.19 8.61 28.13
C ALA N 112 -19.90 7.27 28.02
N THR N 113 -19.16 6.19 28.30
CA THR N 113 -19.64 4.82 28.27
C THR N 113 -20.18 4.40 26.91
N LYS N 114 -19.71 5.04 25.84
CA LYS N 114 -20.07 4.64 24.49
C LYS N 114 -18.95 3.80 23.89
N VAL N 115 -19.33 2.90 22.98
CA VAL N 115 -18.41 1.92 22.40
C VAL N 115 -18.40 2.07 20.89
N ILE N 116 -17.21 2.15 20.31
CA ILE N 116 -17.02 2.10 18.87
C ILE N 116 -16.40 0.75 18.53
N THR N 117 -17.12 -0.05 17.77
CA THR N 117 -16.73 -1.44 17.51
C THR N 117 -16.38 -1.62 16.04
N LEU N 118 -15.19 -2.17 15.79
CA LEU N 118 -14.77 -2.54 14.44
C LEU N 118 -14.91 -4.06 14.32
N ASN N 119 -16.13 -4.50 14.00
CA ASN N 119 -16.41 -5.93 13.95
C ASN N 119 -15.86 -6.53 12.67
N ARG N 120 -15.21 -7.68 12.80
CA ARG N 120 -14.69 -8.44 11.67
C ARG N 120 -15.35 -9.81 11.64
N THR N 121 -15.92 -10.17 10.50
CA THR N 121 -16.55 -11.48 10.36
C THR N 121 -15.50 -12.52 10.00
N ALA N 122 -15.93 -13.80 10.04
CA ALA N 122 -15.03 -14.89 9.69
C ALA N 122 -14.65 -14.86 8.21
N ASP N 123 -15.40 -14.14 7.38
CA ASP N 123 -15.10 -14.02 5.96
C ASP N 123 -14.19 -12.85 5.64
N GLY N 124 -13.75 -12.10 6.65
CA GLY N 124 -12.84 -11.00 6.43
C GLY N 124 -13.48 -9.67 6.09
N VAL N 125 -14.75 -9.48 6.42
CA VAL N 125 -15.45 -8.24 6.13
C VAL N 125 -15.42 -7.35 7.36
N TRP N 126 -14.92 -6.12 7.19
CA TRP N 126 -14.78 -5.17 8.28
C TRP N 126 -15.99 -4.23 8.29
N ALA N 127 -16.55 -4.01 9.48
CA ALA N 127 -17.65 -3.07 9.64
C ALA N 127 -17.44 -2.28 10.93
N CYS N 128 -17.88 -1.03 10.93
CA CYS N 128 -17.77 -0.15 12.10
C CYS N 128 -19.15 0.12 12.66
N LYS N 129 -19.33 -0.13 13.95
CA LYS N 129 -20.59 0.11 14.64
C LYS N 129 -20.33 0.98 15.86
N SER N 130 -21.17 1.99 16.06
CA SER N 130 -21.01 2.94 17.15
C SER N 130 -22.32 3.08 17.90
N THR N 131 -22.23 3.15 19.23
CA THR N 131 -23.39 3.32 20.09
C THR N 131 -23.62 4.77 20.49
N GLN N 132 -22.85 5.71 19.96
CA GLN N 132 -23.02 7.11 20.29
C GLN N 132 -24.28 7.66 19.64
N ASP N 133 -24.50 8.95 19.83
CA ASP N 133 -25.61 9.62 19.16
C ASP N 133 -25.32 9.70 17.66
N PRO N 134 -26.37 9.67 16.82
CA PRO N 134 -26.14 9.75 15.37
C PRO N 134 -25.43 11.00 14.93
N MET N 135 -25.65 12.13 15.63
CA MET N 135 -24.95 13.37 15.26
C MET N 135 -23.47 13.27 15.57
N PHE N 136 -23.10 12.61 16.66
CA PHE N 136 -21.71 12.49 17.07
C PHE N 136 -20.99 11.31 16.42
N THR N 137 -21.72 10.44 15.73
CA THR N 137 -21.10 9.27 15.13
C THR N 137 -20.23 9.68 13.95
N PRO N 138 -18.96 9.28 13.92
CA PRO N 138 -18.10 9.64 12.79
C PRO N 138 -18.55 8.95 11.51
N LYS N 139 -18.16 9.57 10.39
CA LYS N 139 -18.52 9.02 9.09
C LYS N 139 -17.90 7.64 8.89
N GLY N 140 -18.64 6.79 8.18
CA GLY N 140 -18.19 5.44 7.91
C GLY N 140 -18.52 4.42 8.97
N CYS N 141 -19.09 4.84 10.09
CA CYS N 141 -19.50 3.94 11.16
C CYS N 141 -21.02 4.00 11.29
N ASP N 142 -21.67 2.84 11.20
CA ASP N 142 -23.11 2.78 11.35
C ASP N 142 -23.49 2.99 12.82
N ASN N 143 -24.71 3.45 13.03
CA ASN N 143 -25.19 3.73 14.38
C ASN N 143 -26.30 2.77 14.78
N PHE O 1 -23.18 69.94 43.38
CA PHE O 1 -22.82 68.62 43.88
C PHE O 1 -23.34 68.43 45.31
N THR O 2 -24.02 67.31 45.54
CA THR O 2 -24.58 66.99 46.85
C THR O 2 -23.86 65.79 47.44
N LEU O 3 -23.90 65.68 48.77
CA LEU O 3 -23.26 64.57 49.44
C LEU O 3 -23.94 63.25 49.10
N ILE O 4 -25.24 63.27 48.85
CA ILE O 4 -25.92 62.04 48.44
C ILE O 4 -25.44 61.60 47.07
N GLU O 5 -25.14 62.55 46.16
CA GLU O 5 -24.60 62.22 44.86
C GLU O 5 -23.27 61.49 45.00
N LEU O 6 -22.38 62.01 45.84
CA LEU O 6 -21.05 61.44 46.02
C LEU O 6 -21.10 60.10 46.77
N MET O 7 -22.01 59.98 47.74
CA MET O 7 -22.14 58.72 48.46
C MET O 7 -22.70 57.62 47.57
N ILE O 8 -23.63 57.95 46.68
CA ILE O 8 -24.10 56.97 45.71
C ILE O 8 -22.96 56.54 44.80
N VAL O 9 -22.11 57.48 44.38
CA VAL O 9 -20.97 57.15 43.55
C VAL O 9 -20.01 56.22 44.28
N VAL O 10 -19.76 56.50 45.57
CA VAL O 10 -18.87 55.66 46.36
C VAL O 10 -19.46 54.25 46.50
N ALA O 11 -20.77 54.17 46.76
CA ALA O 11 -21.42 52.87 46.90
C ALA O 11 -21.34 52.08 45.60
N ILE O 12 -21.56 52.74 44.46
CA ILE O 12 -21.51 52.05 43.18
C ILE O 12 -20.07 51.66 42.83
N ILE O 13 -19.10 52.45 43.27
CA ILE O 13 -17.69 52.09 43.10
C ILE O 13 -17.39 50.82 43.88
N GLY O 14 -17.85 50.75 45.13
CA GLY O 14 -17.64 49.55 45.92
C GLY O 14 -18.35 48.34 45.35
N ILE O 15 -19.56 48.53 44.82
CA ILE O 15 -20.31 47.43 44.23
C ILE O 15 -19.64 46.95 42.95
N LEU O 16 -19.13 47.88 42.14
CA LEU O 16 -18.46 47.52 40.90
C LEU O 16 -17.15 46.82 41.16
N ALA O 17 -16.55 47.05 42.32
CA ALA O 17 -15.45 46.23 42.80
C ALA O 17 -16.03 44.94 43.37
N ALA O 18 -15.23 44.18 44.10
CA ALA O 18 -15.65 42.95 44.76
C ALA O 18 -16.08 41.87 43.77
N ILE O 19 -15.87 42.08 42.47
CA ILE O 19 -16.16 41.06 41.47
C ILE O 19 -15.15 39.95 41.62
N ALA O 20 -15.63 38.75 41.94
CA ALA O 20 -14.72 37.63 42.19
C ALA O 20 -13.95 37.27 40.93
N ILE O 21 -12.64 37.08 41.08
CA ILE O 21 -11.75 36.70 39.99
C ILE O 21 -11.41 35.23 40.15
N PRO O 22 -11.90 34.35 39.28
CA PRO O 22 -11.60 32.93 39.41
C PRO O 22 -10.16 32.62 39.05
N GLN O 23 -9.77 31.37 39.31
CA GLN O 23 -8.43 30.92 38.97
C GLN O 23 -8.22 30.92 37.47
N TYR O 24 -7.05 31.35 37.03
CA TYR O 24 -6.72 31.40 35.60
C TYR O 24 -5.38 30.78 35.24
N GLN O 25 -4.50 30.52 36.20
CA GLN O 25 -3.21 29.92 35.87
C GLN O 25 -3.35 28.49 35.39
N ASN O 26 -4.40 27.79 35.81
CA ASN O 26 -4.62 26.43 35.33
C ASN O 26 -4.87 26.42 33.83
N TYR O 27 -5.64 27.38 33.34
CA TYR O 27 -5.91 27.48 31.91
C TYR O 27 -4.62 27.70 31.13
N VAL O 28 -3.77 28.61 31.62
CA VAL O 28 -2.51 28.90 30.95
C VAL O 28 -1.61 27.67 30.96
N ALA O 29 -1.53 26.97 32.09
CA ALA O 29 -0.70 25.78 32.17
C ALA O 29 -1.19 24.69 31.21
N ARG O 30 -2.50 24.48 31.15
CA ARG O 30 -3.05 23.48 30.24
C ARG O 30 -2.78 23.85 28.79
N SER O 31 -2.94 25.13 28.44
CA SER O 31 -2.66 25.56 27.07
C SER O 31 -1.19 25.40 26.74
N GLU O 32 -0.30 25.69 27.70
CA GLU O 32 1.12 25.51 27.47
C GLU O 32 1.46 24.04 27.24
N GLY O 33 0.87 23.14 28.03
CA GLY O 33 1.10 21.72 27.81
C GLY O 33 0.61 21.26 26.46
N ALA O 34 -0.58 21.71 26.07
CA ALA O 34 -1.11 21.35 24.76
C ALA O 34 -0.23 21.88 23.64
N SER O 35 0.25 23.11 23.77
CA SER O 35 1.11 23.70 22.75
C SER O 35 2.43 22.94 22.64
N ALA O 36 3.02 22.56 23.78
CA ALA O 36 4.26 21.79 23.74
C ALA O 36 4.04 20.44 23.09
N LEU O 37 2.96 19.75 23.45
CA LEU O 37 2.70 18.44 22.86
C LEU O 37 2.46 18.55 21.36
N ALA O 38 1.71 19.57 20.93
CA ALA O 38 1.50 19.77 19.50
C ALA O 38 2.77 20.19 18.78
N THR O 39 3.72 20.82 19.50
CA THR O 39 4.98 21.17 18.87
C THR O 39 5.86 19.94 18.66
N ILE O 40 5.95 19.06 19.65
CA ILE O 40 6.85 17.92 19.53
C ILE O 40 6.20 16.68 18.92
N ASN O 41 4.87 16.68 18.74
CA ASN O 41 4.22 15.53 18.13
C ASN O 41 4.66 15.26 16.70
N PRO O 42 4.71 16.26 15.79
CA PRO O 42 5.13 15.95 14.41
C PRO O 42 6.55 15.44 14.29
N LEU O 43 7.39 15.67 15.30
CA LEU O 43 8.76 15.15 15.25
C LEU O 43 8.81 13.64 15.32
N LYS O 44 7.74 12.99 15.75
CA LYS O 44 7.68 11.53 15.69
C LYS O 44 7.71 11.03 14.26
N THR O 45 7.01 11.74 13.36
CA THR O 45 7.00 11.35 11.95
C THR O 45 8.39 11.45 11.35
N THR O 46 9.12 12.52 11.66
CA THR O 46 10.46 12.70 11.10
C THR O 46 11.40 11.58 11.54
N VAL O 47 11.41 11.27 12.84
CA VAL O 47 12.32 10.25 13.36
C VAL O 47 11.98 8.89 12.78
N GLU O 48 10.68 8.54 12.76
CA GLU O 48 10.28 7.23 12.26
C GLU O 48 10.58 7.10 10.78
N GLU O 49 10.30 8.14 9.99
CA GLU O 49 10.59 8.08 8.56
C GLU O 49 12.09 7.98 8.30
N SER O 50 12.90 8.75 9.03
CA SER O 50 14.34 8.68 8.83
C SER O 50 14.89 7.31 9.21
N LEU O 51 14.39 6.73 10.30
CA LEU O 51 14.82 5.39 10.67
C LEU O 51 14.37 4.35 9.66
N SER O 52 13.19 4.54 9.05
CA SER O 52 12.70 3.61 8.04
C SER O 52 13.58 3.64 6.79
N ARG O 53 14.07 4.82 6.42
CA ARG O 53 14.91 4.95 5.23
C ARG O 53 16.36 4.60 5.48
N GLY O 54 16.72 4.23 6.71
CA GLY O 54 18.07 3.81 7.02
C GLY O 54 18.98 4.87 7.57
N ILE O 55 18.51 6.12 7.70
CA ILE O 55 19.34 7.17 8.27
C ILE O 55 19.66 6.82 9.72
N ALA O 56 20.94 6.96 10.08
CA ALA O 56 21.37 6.63 11.43
C ALA O 56 20.68 7.52 12.46
N GLY O 57 20.37 6.94 13.62
CA GLY O 57 19.70 7.70 14.66
C GLY O 57 20.52 8.88 15.14
N SER O 58 21.84 8.72 15.20
CA SER O 58 22.72 9.82 15.60
C SER O 58 22.74 10.95 14.57
N LYS O 59 22.29 10.68 13.34
CA LYS O 59 22.26 11.68 12.29
C LYS O 59 20.94 12.46 12.25
N ILE O 60 19.98 12.10 13.09
CA ILE O 60 18.70 12.81 13.15
C ILE O 60 18.85 13.90 14.20
N LYS O 61 19.02 15.14 13.74
CA LYS O 61 19.22 16.28 14.61
C LYS O 61 18.06 17.27 14.44
N ILE O 62 18.12 18.36 15.21
CA ILE O 62 17.10 19.39 15.19
C ILE O 62 17.73 20.69 14.71
N GLY O 63 17.13 21.31 13.71
CA GLY O 63 17.63 22.55 13.16
C GLY O 63 17.06 22.78 11.78
N THR O 64 17.34 23.99 11.28
CA THR O 64 16.87 24.38 9.96
C THR O 64 17.87 24.09 8.86
N THR O 65 19.00 23.47 9.18
CA THR O 65 19.97 23.09 8.16
C THR O 65 19.35 22.13 7.16
N ALA O 66 19.65 22.35 5.88
CA ALA O 66 19.09 21.52 4.82
C ALA O 66 19.49 20.05 4.99
N SER O 67 18.50 19.18 5.14
CA SER O 67 18.79 17.76 5.34
C SER O 67 19.33 17.14 4.06
N THR O 68 20.41 16.39 4.20
CA THR O 68 21.05 15.73 3.06
C THR O 68 20.54 14.30 2.95
N ALA O 69 21.16 13.51 2.08
CA ALA O 69 20.74 12.11 1.92
C ALA O 69 21.11 11.26 3.13
N THR O 70 22.10 11.70 3.91
CA THR O 70 22.54 10.96 5.08
C THR O 70 22.14 11.59 6.39
N GLU O 71 21.93 12.91 6.43
CA GLU O 71 21.54 13.63 7.64
C GLU O 71 20.13 14.18 7.48
N THR O 72 19.36 14.15 8.56
CA THR O 72 18.00 14.65 8.58
C THR O 72 17.85 15.68 9.69
N TYR O 73 17.29 16.83 9.35
CA TYR O 73 16.99 17.88 10.30
C TYR O 73 15.48 18.12 10.32
N VAL O 74 14.94 18.32 11.52
CA VAL O 74 13.49 18.44 11.67
C VAL O 74 12.95 19.71 11.02
N GLY O 75 13.80 20.69 10.72
CA GLY O 75 13.38 21.89 10.05
C GLY O 75 12.99 23.04 10.95
N VAL O 76 13.04 22.87 12.27
CA VAL O 76 12.73 23.94 13.20
C VAL O 76 13.90 24.15 14.15
N GLU O 77 14.02 25.37 14.64
CA GLU O 77 15.05 25.69 15.63
C GLU O 77 14.71 25.04 16.97
N PRO O 78 15.72 24.79 17.81
CA PRO O 78 15.44 24.29 19.15
C PRO O 78 14.55 25.22 19.95
N ASP O 79 14.71 26.53 19.77
CA ASP O 79 13.92 27.54 20.45
C ASP O 79 12.80 28.10 19.59
N ALA O 80 12.31 27.31 18.62
CA ALA O 80 11.23 27.77 17.76
C ALA O 80 9.98 28.09 18.56
N ASN O 81 9.64 27.24 19.52
CA ASN O 81 8.58 27.54 20.49
C ASN O 81 9.21 28.21 21.69
N LYS O 82 8.78 29.44 21.98
CA LYS O 82 9.41 30.22 23.04
C LYS O 82 9.17 29.62 24.42
N LEU O 83 8.22 28.70 24.56
CA LEU O 83 7.95 28.10 25.86
C LEU O 83 9.17 27.31 26.37
N GLY O 84 9.83 26.59 25.49
CA GLY O 84 11.00 25.82 25.88
C GLY O 84 11.72 25.29 24.67
N VAL O 85 12.87 24.67 24.92
CA VAL O 85 13.70 24.13 23.85
C VAL O 85 13.27 22.69 23.57
N ILE O 86 13.61 22.22 22.36
CA ILE O 86 13.32 20.87 21.92
C ILE O 86 14.65 20.18 21.66
N ALA O 87 14.80 18.97 22.22
CA ALA O 87 16.01 18.18 22.05
C ALA O 87 15.65 16.82 21.47
N VAL O 88 16.35 16.43 20.40
CA VAL O 88 16.18 15.13 19.76
C VAL O 88 17.48 14.36 19.95
N ALA O 89 17.40 13.22 20.63
CA ALA O 89 18.56 12.37 20.91
C ALA O 89 18.17 10.93 20.61
N ILE O 90 18.43 10.49 19.39
CA ILE O 90 18.11 9.14 18.94
C ILE O 90 19.42 8.36 18.81
N GLU O 91 19.46 7.18 19.41
CA GLU O 91 20.63 6.32 19.30
C GLU O 91 20.64 5.59 17.96
N ASP O 92 21.79 4.99 17.65
CA ASP O 92 21.92 4.27 16.39
C ASP O 92 21.02 3.03 16.35
N SER O 93 20.72 2.45 17.50
CA SER O 93 19.84 1.28 17.55
C SER O 93 18.39 1.63 17.30
N GLY O 94 18.03 2.91 17.23
CA GLY O 94 16.67 3.34 17.06
C GLY O 94 16.01 3.84 18.34
N ALA O 95 16.58 3.53 19.49
CA ALA O 95 16.04 4.02 20.76
C ALA O 95 16.41 5.48 20.95
N GLY O 96 15.47 6.24 21.51
CA GLY O 96 15.69 7.65 21.75
C GLY O 96 14.45 8.29 22.29
N ASP O 97 14.56 9.59 22.53
CA ASP O 97 13.45 10.37 23.07
C ASP O 97 13.50 11.79 22.51
N ILE O 98 12.32 12.42 22.47
CA ILE O 98 12.19 13.82 22.08
C ILE O 98 11.63 14.55 23.29
N THR O 99 12.37 15.54 23.77
CA THR O 99 12.03 16.23 25.01
C THR O 99 11.71 17.70 24.74
N PHE O 100 10.73 18.21 25.46
CA PHE O 100 10.38 19.64 25.46
C PHE O 100 10.47 20.13 26.90
N THR O 101 11.54 20.86 27.21
CA THR O 101 11.79 21.36 28.56
C THR O 101 11.39 22.83 28.62
N PHE O 102 10.38 23.14 29.44
CA PHE O 102 9.97 24.52 29.61
C PHE O 102 11.07 25.30 30.32
N GLN O 103 11.32 26.51 29.84
CA GLN O 103 12.39 27.37 30.36
C GLN O 103 11.81 28.47 31.23
N THR O 104 12.47 28.71 32.36
CA THR O 104 12.07 29.80 33.25
C THR O 104 12.31 31.14 32.57
N GLY O 105 11.35 32.05 32.72
CA GLY O 105 11.40 33.34 32.07
C GLY O 105 10.51 33.46 30.86
N THR O 106 10.04 32.34 30.30
CA THR O 106 9.12 32.35 29.17
C THR O 106 7.96 31.39 29.33
N SER O 107 7.85 30.67 30.44
CA SER O 107 6.77 29.74 30.67
C SER O 107 6.16 30.01 32.05
N SER O 108 4.92 29.59 32.23
CA SER O 108 4.22 29.82 33.48
C SER O 108 4.95 29.10 34.63
N PRO O 109 4.87 29.64 35.85
CA PRO O 109 5.59 29.02 36.96
C PRO O 109 5.20 27.58 37.23
N LYS O 110 3.94 27.21 36.97
CA LYS O 110 3.51 25.84 37.20
C LYS O 110 4.23 24.87 36.27
N ASN O 111 4.41 25.25 35.01
CA ASN O 111 5.03 24.38 34.01
C ASN O 111 6.52 24.60 33.85
N ALA O 112 7.11 25.54 34.60
CA ALA O 112 8.53 25.84 34.44
C ALA O 112 9.39 24.64 34.84
N THR O 113 10.44 24.42 34.06
CA THR O 113 11.42 23.34 34.27
C THR O 113 10.78 21.95 34.21
N LYS O 114 9.65 21.82 33.52
CA LYS O 114 9.03 20.53 33.32
C LYS O 114 9.38 19.99 31.93
N VAL O 115 9.42 18.67 31.81
CA VAL O 115 9.88 18.00 30.60
C VAL O 115 8.77 17.08 30.10
N ILE O 116 8.47 17.18 28.81
CA ILE O 116 7.58 16.25 28.12
C ILE O 116 8.44 15.39 27.20
N THR O 117 8.47 14.09 27.47
CA THR O 117 9.38 13.17 26.79
C THR O 117 8.59 12.20 25.92
N LEU O 118 8.96 12.12 24.65
CA LEU O 118 8.41 11.13 23.72
C LEU O 118 9.44 10.02 23.55
N ASN O 119 9.44 9.08 24.49
CA ASN O 119 10.44 8.02 24.49
C ASN O 119 10.11 6.98 23.43
N ARG O 120 11.13 6.57 22.68
CA ARG O 120 11.02 5.52 21.69
C ARG O 120 11.96 4.38 22.05
N THR O 121 11.42 3.17 22.13
CA THR O 121 12.23 2.01 22.43
C THR O 121 12.90 1.47 21.16
N ALA O 122 13.83 0.53 21.35
CA ALA O 122 14.51 -0.07 20.21
C ALA O 122 13.57 -0.91 19.35
N ASP O 123 12.41 -1.28 19.88
CA ASP O 123 11.42 -2.05 19.14
C ASP O 123 10.43 -1.17 18.38
N GLY O 124 10.57 0.14 18.45
CA GLY O 124 9.70 1.04 17.72
C GLY O 124 8.42 1.43 18.42
N VAL O 125 8.36 1.30 19.74
CA VAL O 125 7.16 1.64 20.50
C VAL O 125 7.30 3.05 21.04
N TRP O 126 6.33 3.91 20.74
CA TRP O 126 6.34 5.30 21.15
C TRP O 126 5.51 5.46 22.42
N ALA O 127 6.06 6.20 23.39
CA ALA O 127 5.36 6.50 24.62
C ALA O 127 5.63 7.95 25.02
N CYS O 128 4.64 8.59 25.63
CA CYS O 128 4.76 9.97 26.08
C CYS O 128 4.77 10.00 27.60
N LYS O 129 5.78 10.65 28.17
CA LYS O 129 5.92 10.80 29.62
C LYS O 129 6.09 12.28 29.94
N SER O 130 5.38 12.75 30.96
CA SER O 130 5.40 14.15 31.35
C SER O 130 5.65 14.26 32.85
N THR O 131 6.48 15.22 33.23
CA THR O 131 6.78 15.49 34.62
C THR O 131 5.94 16.59 35.23
N GLN O 132 4.97 17.13 34.49
CA GLN O 132 4.12 18.19 35.00
C GLN O 132 3.14 17.63 36.03
N ASP O 133 2.26 18.51 36.52
CA ASP O 133 1.21 18.07 37.42
C ASP O 133 0.21 17.22 36.65
N PRO O 134 -0.43 16.25 37.32
CA PRO O 134 -1.42 15.41 36.63
C PRO O 134 -2.57 16.19 36.03
N MET O 135 -2.98 17.28 36.66
CA MET O 135 -4.07 18.09 36.10
C MET O 135 -3.64 18.79 34.82
N PHE O 136 -2.39 19.24 34.76
CA PHE O 136 -1.88 19.96 33.59
C PHE O 136 -1.35 19.02 32.51
N THR O 137 -1.22 17.73 32.79
CA THR O 137 -0.67 16.81 31.82
C THR O 137 -1.65 16.60 30.67
N PRO O 138 -1.24 16.80 29.42
CA PRO O 138 -2.16 16.59 28.29
C PRO O 138 -2.53 15.12 28.14
N LYS O 139 -3.68 14.90 27.51
CA LYS O 139 -4.16 13.55 27.29
C LYS O 139 -3.20 12.75 26.41
N GLY O 140 -3.09 11.46 26.71
CA GLY O 140 -2.22 10.58 25.97
C GLY O 140 -0.79 10.51 26.47
N CYS O 141 -0.43 11.34 27.46
CA CYS O 141 0.89 11.32 28.06
C CYS O 141 0.77 10.87 29.51
N ASP O 142 1.51 9.84 29.87
CA ASP O 142 1.51 9.36 31.25
C ASP O 142 2.27 10.34 32.15
N ASN O 143 1.93 10.33 33.42
CA ASN O 143 2.54 11.24 34.38
C ASN O 143 3.41 10.48 35.38
N PHE P 1 -27.95 73.94 53.64
CA PHE P 1 -26.59 73.58 53.27
C PHE P 1 -25.58 74.24 54.20
N THR P 2 -24.66 73.43 54.73
CA THR P 2 -23.64 73.90 55.64
C THR P 2 -22.27 73.81 54.98
N LEU P 3 -21.34 74.62 55.47
CA LEU P 3 -19.98 74.60 54.91
C LEU P 3 -19.28 73.28 55.20
N ILE P 4 -19.61 72.63 56.34
CA ILE P 4 -19.03 71.32 56.62
C ILE P 4 -19.54 70.30 55.60
N GLU P 5 -20.80 70.41 55.19
CA GLU P 5 -21.33 69.51 54.17
C GLU P 5 -20.55 69.63 52.87
N LEU P 6 -20.31 70.86 52.43
CA LEU P 6 -19.62 71.10 51.18
C LEU P 6 -18.13 70.75 51.26
N MET P 7 -17.51 70.98 52.41
CA MET P 7 -16.10 70.62 52.57
C MET P 7 -15.91 69.12 52.59
N ILE P 8 -16.84 68.38 53.20
CA ILE P 8 -16.78 66.92 53.14
C ILE P 8 -16.92 66.44 51.69
N VAL P 9 -17.82 67.08 50.93
CA VAL P 9 -17.98 66.74 49.52
C VAL P 9 -16.70 67.00 48.75
N VAL P 10 -16.05 68.13 49.01
CA VAL P 10 -14.81 68.45 48.31
C VAL P 10 -13.73 67.44 48.67
N ALA P 11 -13.63 67.08 49.96
CA ALA P 11 -12.63 66.10 50.38
C ALA P 11 -12.88 64.75 49.73
N ILE P 12 -14.14 64.32 49.65
CA ILE P 12 -14.44 63.03 49.03
C ILE P 12 -14.22 63.08 47.52
N ILE P 13 -14.42 64.25 46.91
CA ILE P 13 -14.11 64.41 45.50
C ILE P 13 -12.62 64.24 45.27
N GLY P 14 -11.81 64.87 46.13
CA GLY P 14 -10.37 64.72 46.01
C GLY P 14 -9.90 63.30 46.26
N ILE P 15 -10.52 62.63 47.24
CA ILE P 15 -10.16 61.24 47.53
C ILE P 15 -10.55 60.32 46.39
N LEU P 16 -11.72 60.56 45.79
CA LEU P 16 -12.19 59.73 44.69
C LEU P 16 -11.35 59.95 43.44
N ALA P 17 -10.70 61.11 43.33
CA ALA P 17 -9.66 61.32 42.35
C ALA P 17 -8.38 60.66 42.87
N ALA P 18 -7.24 60.97 42.25
CA ALA P 18 -5.93 60.46 42.66
C ALA P 18 -5.82 58.95 42.53
N ILE P 19 -6.80 58.28 41.93
CA ILE P 19 -6.71 56.86 41.69
C ILE P 19 -5.66 56.62 40.61
N ALA P 20 -4.61 55.90 40.96
CA ALA P 20 -3.51 55.68 40.03
C ALA P 20 -3.97 54.89 38.82
N ILE P 21 -3.58 55.35 37.64
CA ILE P 21 -3.91 54.71 36.37
C ILE P 21 -2.66 54.00 35.87
N PRO P 22 -2.62 52.67 35.86
CA PRO P 22 -1.42 51.96 35.41
C PRO P 22 -1.27 52.06 33.89
N GLN P 23 -0.13 51.57 33.42
CA GLN P 23 0.14 51.56 31.99
C GLN P 23 -0.81 50.61 31.28
N TYR P 24 -1.29 51.02 30.10
CA TYR P 24 -2.23 50.22 29.33
C TYR P 24 -1.85 50.08 27.86
N GLN P 25 -0.92 50.87 27.34
CA GLN P 25 -0.56 50.76 25.93
C GLN P 25 0.20 49.47 25.65
N ASN P 26 0.89 48.92 26.66
CA ASN P 26 1.57 47.64 26.47
C ASN P 26 0.57 46.53 26.17
N TYR P 27 -0.56 46.53 26.88
CA TYR P 27 -1.58 45.51 26.63
C TYR P 27 -2.12 45.61 25.21
N VAL P 28 -2.39 46.83 24.75
CA VAL P 28 -2.91 47.04 23.41
C VAL P 28 -1.88 46.60 22.36
N ALA P 29 -0.61 46.94 22.58
CA ALA P 29 0.43 46.53 21.63
C ALA P 29 0.57 45.02 21.58
N ARG P 30 0.55 44.36 22.74
CA ARG P 30 0.66 42.90 22.75
C ARG P 30 -0.55 42.25 22.07
N SER P 31 -1.75 42.78 22.30
CA SER P 31 -2.93 42.23 21.65
C SER P 31 -2.87 42.45 20.14
N GLU P 32 -2.36 43.60 19.70
CA GLU P 32 -2.22 43.87 18.27
C GLU P 32 -1.23 42.90 17.64
N GLY P 33 -0.11 42.64 18.30
CA GLY P 33 0.85 41.68 17.79
C GLY P 33 0.27 40.28 17.69
N ALA P 34 -0.46 39.86 18.73
CA ALA P 34 -1.09 38.55 18.70
C ALA P 34 -2.13 38.45 17.59
N SER P 35 -2.93 39.51 17.40
CA SER P 35 -3.92 39.51 16.34
C SER P 35 -3.27 39.44 14.96
N ALA P 36 -2.20 40.20 14.76
CA ALA P 36 -1.51 40.14 13.47
C ALA P 36 -0.94 38.75 13.21
N LEU P 37 -0.30 38.16 14.22
CA LEU P 37 0.28 36.82 14.04
C LEU P 37 -0.81 35.80 13.76
N ALA P 38 -1.94 35.87 14.48
CA ALA P 38 -3.05 34.96 14.21
C ALA P 38 -3.69 35.21 12.85
N THR P 39 -3.60 36.44 12.34
CA THR P 39 -4.13 36.72 11.01
C THR P 39 -3.25 36.11 9.92
N ILE P 40 -1.93 36.25 10.03
CA ILE P 40 -1.04 35.78 8.97
C ILE P 40 -0.59 34.34 9.15
N ASN P 41 -0.85 33.72 10.31
CA ASN P 41 -0.45 32.33 10.51
C ASN P 41 -1.13 31.35 9.56
N PRO P 42 -2.46 31.38 9.36
CA PRO P 42 -3.08 30.41 8.45
C PRO P 42 -2.62 30.55 7.01
N LEU P 43 -2.04 31.68 6.62
CA LEU P 43 -1.54 31.83 5.26
C LEU P 43 -0.35 30.93 4.97
N LYS P 44 0.31 30.41 6.02
CA LYS P 44 1.36 29.42 5.81
C LYS P 44 0.80 28.15 5.20
N THR P 45 -0.39 27.72 5.65
CA THR P 45 -1.01 26.52 5.10
C THR P 45 -1.32 26.69 3.62
N THR P 46 -1.85 27.85 3.24
CA THR P 46 -2.20 28.08 1.84
C THR P 46 -0.97 28.02 0.93
N VAL P 47 0.10 28.70 1.33
CA VAL P 47 1.31 28.74 0.51
C VAL P 47 1.91 27.35 0.39
N GLU P 48 2.03 26.64 1.52
CA GLU P 48 2.65 25.32 1.50
C GLU P 48 1.81 24.33 0.69
N GLU P 49 0.49 24.37 0.84
CA GLU P 49 -0.37 23.48 0.06
C GLU P 49 -0.29 23.78 -1.43
N SER P 50 -0.31 25.07 -1.79
CA SER P 50 -0.24 25.43 -3.20
C SER P 50 1.10 25.02 -3.81
N LEU P 51 2.19 25.19 -3.06
CA LEU P 51 3.50 24.75 -3.55
C LEU P 51 3.56 23.22 -3.66
N SER P 52 2.89 22.52 -2.75
CA SER P 52 2.89 21.05 -2.81
C SER P 52 2.15 20.55 -4.04
N ARG P 53 1.07 21.23 -4.43
CA ARG P 53 0.29 20.82 -5.59
C ARG P 53 0.88 21.30 -6.91
N GLY P 54 1.99 22.03 -6.88
CA GLY P 54 2.66 22.47 -8.09
C GLY P 54 2.32 23.86 -8.56
N ILE P 55 1.41 24.57 -7.87
CA ILE P 55 1.08 25.93 -8.26
C ILE P 55 2.31 26.81 -8.11
N ALA P 56 2.59 27.62 -9.14
CA ALA P 56 3.76 28.47 -9.13
C ALA P 56 3.68 29.48 -7.99
N GLY P 57 4.84 29.78 -7.40
CA GLY P 57 4.86 30.73 -6.29
C GLY P 57 4.38 32.11 -6.68
N SER P 58 4.69 32.53 -7.91
CA SER P 58 4.22 33.82 -8.39
C SER P 58 2.71 33.85 -8.57
N LYS P 59 2.06 32.69 -8.64
CA LYS P 59 0.62 32.60 -8.81
C LYS P 59 -0.14 32.58 -7.49
N ILE P 60 0.57 32.57 -6.35
CA ILE P 60 -0.06 32.59 -5.04
C ILE P 60 -0.19 34.04 -4.63
N LYS P 61 -1.40 34.59 -4.73
CA LYS P 61 -1.67 35.98 -4.42
C LYS P 61 -2.64 36.06 -3.26
N ILE P 62 -2.96 37.30 -2.85
CA ILE P 62 -3.86 37.57 -1.75
C ILE P 62 -5.08 38.31 -2.29
N GLY P 63 -6.26 37.79 -1.97
CA GLY P 63 -7.50 38.41 -2.42
C GLY P 63 -8.63 37.42 -2.34
N THR P 64 -9.83 37.94 -2.56
CA THR P 64 -11.04 37.13 -2.52
C THR P 64 -11.44 36.57 -3.88
N THR P 65 -10.63 36.80 -4.91
CA THR P 65 -10.90 36.24 -6.23
C THR P 65 -10.89 34.72 -6.16
N ALA P 66 -11.86 34.09 -6.84
CA ALA P 66 -11.98 32.65 -6.84
C ALA P 66 -10.72 31.98 -7.39
N SER P 67 -10.08 31.16 -6.58
CA SER P 67 -8.85 30.50 -7.01
C SER P 67 -9.17 29.44 -8.05
N THR P 68 -8.38 29.44 -9.14
CA THR P 68 -8.55 28.50 -10.22
C THR P 68 -7.60 27.32 -10.02
N ALA P 69 -7.51 26.45 -11.03
CA ALA P 69 -6.61 25.31 -10.93
C ALA P 69 -5.15 25.72 -11.00
N THR P 70 -4.85 26.89 -11.56
CA THR P 70 -3.49 27.37 -11.69
C THR P 70 -3.16 28.52 -10.75
N GLU P 71 -4.15 29.30 -10.33
CA GLU P 71 -3.95 30.43 -9.44
C GLU P 71 -4.62 30.15 -8.10
N THR P 72 -3.96 30.58 -7.02
CA THR P 72 -4.49 30.41 -5.67
C THR P 72 -4.57 31.76 -4.98
N TYR P 73 -5.72 32.05 -4.38
CA TYR P 73 -5.91 33.26 -3.59
C TYR P 73 -6.24 32.87 -2.17
N VAL P 74 -5.67 33.61 -1.21
CA VAL P 74 -5.83 33.25 0.20
C VAL P 74 -7.26 33.42 0.68
N GLY P 75 -8.09 34.16 -0.04
CA GLY P 75 -9.48 34.31 0.31
C GLY P 75 -9.81 35.51 1.18
N VAL P 76 -8.82 36.32 1.55
CA VAL P 76 -9.06 37.51 2.35
C VAL P 76 -8.47 38.71 1.63
N GLU P 77 -9.05 39.88 1.90
CA GLU P 77 -8.54 41.12 1.34
C GLU P 77 -7.21 41.48 2.01
N PRO P 78 -6.37 42.27 1.32
CA PRO P 78 -5.15 42.75 1.98
C PRO P 78 -5.43 43.56 3.22
N ASP P 79 -6.52 44.33 3.23
CA ASP P 79 -6.92 45.15 4.37
C ASP P 79 -8.02 44.50 5.20
N ALA P 80 -8.10 43.17 5.18
CA ALA P 80 -9.13 42.48 5.95
C ALA P 80 -8.99 42.77 7.44
N ASN P 81 -7.76 42.74 7.95
CA ASN P 81 -7.47 43.18 9.30
C ASN P 81 -7.13 44.67 9.26
N LYS P 82 -7.92 45.49 9.96
CA LYS P 82 -7.74 46.94 9.87
C LYS P 82 -6.42 47.40 10.48
N LEU P 83 -5.74 46.55 11.24
CA LEU P 83 -4.47 46.95 11.84
C LEU P 83 -3.43 47.24 10.78
N GLY P 84 -3.38 46.43 9.73
CA GLY P 84 -2.42 46.64 8.66
C GLY P 84 -2.73 45.74 7.48
N VAL P 85 -1.97 45.95 6.42
CA VAL P 85 -2.17 45.19 5.18
C VAL P 85 -1.32 43.93 5.23
N ILE P 86 -1.71 42.94 4.43
CA ILE P 86 -1.01 41.67 4.31
C ILE P 86 -0.50 41.53 2.89
N ALA P 87 0.77 41.20 2.74
CA ALA P 87 1.39 41.03 1.43
C ALA P 87 1.99 39.63 1.33
N VAL P 88 1.67 38.93 0.25
CA VAL P 88 2.22 37.60 -0.03
C VAL P 88 3.06 37.72 -1.28
N ALA P 89 4.35 37.42 -1.17
CA ALA P 89 5.30 37.50 -2.29
C ALA P 89 6.14 36.24 -2.27
N ILE P 90 5.71 35.22 -3.01
CA ILE P 90 6.39 33.95 -3.10
C ILE P 90 7.03 33.84 -4.47
N GLU P 91 8.33 33.51 -4.50
CA GLU P 91 9.03 33.33 -5.77
C GLU P 91 8.71 31.96 -6.36
N ASP P 92 9.08 31.79 -7.62
CA ASP P 92 8.82 30.53 -8.30
C ASP P 92 9.62 29.38 -7.70
N SER P 93 10.78 29.67 -7.11
CA SER P 93 11.59 28.64 -6.49
C SER P 93 11.02 28.15 -5.17
N GLY P 94 9.97 28.79 -4.66
CA GLY P 94 9.39 28.45 -3.38
C GLY P 94 9.77 29.38 -2.24
N ALA P 95 10.82 30.17 -2.42
CA ALA P 95 11.21 31.14 -1.41
C ALA P 95 10.28 32.35 -1.43
N GLY P 96 9.97 32.86 -0.25
CA GLY P 96 9.08 33.99 -0.14
C GLY P 96 8.82 34.31 1.31
N ASP P 97 8.01 35.35 1.51
CA ASP P 97 7.64 35.80 2.84
C ASP P 97 6.23 36.35 2.85
N ILE P 98 5.59 36.28 4.02
CA ILE P 98 4.27 36.86 4.25
C ILE P 98 4.45 37.94 5.30
N THR P 99 4.10 39.18 4.96
CA THR P 99 4.35 40.33 5.80
C THR P 99 3.03 40.96 6.25
N PHE P 100 3.01 41.42 7.50
CA PHE P 100 1.90 42.18 8.05
C PHE P 100 2.48 43.51 8.55
N THR P 101 2.24 44.58 7.80
CA THR P 101 2.77 45.89 8.13
C THR P 101 1.66 46.73 8.75
N PHE P 102 1.84 47.10 10.02
CA PHE P 102 0.88 47.96 10.69
C PHE P 102 0.87 49.34 10.06
N GLN P 103 -0.33 49.88 9.86
CA GLN P 103 -0.51 51.17 9.20
C GLN P 103 -0.84 52.25 10.22
N THR P 104 -0.22 53.41 10.05
CA THR P 104 -0.50 54.55 10.89
C THR P 104 -1.93 55.03 10.67
N GLY P 105 -2.62 55.37 11.75
CA GLY P 105 -4.01 55.76 11.70
C GLY P 105 -4.99 54.69 12.11
N THR P 106 -4.55 53.43 12.18
CA THR P 106 -5.39 52.34 12.62
C THR P 106 -4.70 51.39 13.59
N SER P 107 -3.44 51.65 13.95
CA SER P 107 -2.71 50.81 14.89
C SER P 107 -2.09 51.69 15.96
N SER P 108 -1.78 51.08 17.11
CA SER P 108 -1.22 51.82 18.22
C SER P 108 0.14 52.41 17.84
N PRO P 109 0.52 53.54 18.42
CA PRO P 109 1.80 54.18 18.03
C PRO P 109 3.00 53.29 18.25
N LYS P 110 2.98 52.41 19.26
CA LYS P 110 4.11 51.53 19.51
C LYS P 110 4.31 50.55 18.36
N ASN P 111 3.22 50.01 17.81
CA ASN P 111 3.30 49.01 16.76
C ASN P 111 3.20 49.60 15.36
N ALA P 112 3.04 50.92 15.23
CA ALA P 112 2.86 51.53 13.92
C ALA P 112 4.11 51.35 13.07
N THR P 113 3.89 51.07 11.77
CA THR P 113 4.94 50.89 10.78
C THR P 113 5.88 49.73 11.12
N LYS P 114 5.41 48.76 11.90
CA LYS P 114 6.18 47.56 12.18
C LYS P 114 5.73 46.42 11.29
N VAL P 115 6.64 45.51 10.98
CA VAL P 115 6.41 44.43 10.03
C VAL P 115 6.65 43.09 10.73
N ILE P 116 5.71 42.18 10.58
CA ILE P 116 5.87 40.79 11.00
C ILE P 116 6.01 39.94 9.76
N THR P 117 7.17 39.30 9.59
CA THR P 117 7.52 38.59 8.37
C THR P 117 7.60 37.09 8.63
N LEU P 118 6.86 36.32 7.84
CA LEU P 118 6.95 34.86 7.86
C LEU P 118 7.78 34.43 6.66
N ASN P 119 9.10 34.46 6.82
CA ASN P 119 10.02 34.15 5.73
C ASN P 119 10.07 32.65 5.49
N ARG P 120 10.00 32.26 4.22
CA ARG P 120 10.13 30.87 3.81
C ARG P 120 11.33 30.74 2.88
N THR P 121 12.23 29.82 3.20
CA THR P 121 13.40 29.59 2.35
C THR P 121 13.04 28.64 1.21
N ALA P 122 13.97 28.50 0.26
CA ALA P 122 13.76 27.60 -0.86
C ALA P 122 13.73 26.14 -0.43
N ASP P 123 14.23 25.83 0.77
CA ASP P 123 14.22 24.47 1.28
C ASP P 123 12.96 24.15 2.08
N GLY P 124 12.03 25.09 2.19
CA GLY P 124 10.79 24.86 2.90
C GLY P 124 10.81 25.09 4.38
N VAL P 125 11.76 25.89 4.89
CA VAL P 125 11.86 26.16 6.31
C VAL P 125 11.17 27.49 6.59
N TRP P 126 10.22 27.47 7.53
CA TRP P 126 9.44 28.65 7.90
C TRP P 126 10.06 29.30 9.13
N ALA P 127 10.19 30.63 9.09
CA ALA P 127 10.69 31.39 10.21
C ALA P 127 9.88 32.68 10.34
N CYS P 128 9.70 33.14 11.57
CA CYS P 128 8.96 34.37 11.85
C CYS P 128 9.93 35.42 12.37
N LYS P 129 9.92 36.60 11.74
CA LYS P 129 10.75 37.71 12.14
C LYS P 129 9.88 38.94 12.34
N SER P 130 10.10 39.66 13.44
CA SER P 130 9.31 40.83 13.78
C SER P 130 10.22 42.00 14.09
N THR P 131 9.84 43.18 13.63
CA THR P 131 10.58 44.41 13.87
C THR P 131 10.04 45.21 15.05
N GLN P 132 9.06 44.69 15.77
CA GLN P 132 8.50 45.39 16.91
C GLN P 132 9.48 45.38 18.08
N ASP P 133 9.06 45.95 19.20
CA ASP P 133 9.85 45.89 20.41
C ASP P 133 9.88 44.44 20.94
N PRO P 134 10.98 44.05 21.59
CA PRO P 134 11.05 42.68 22.11
C PRO P 134 9.95 42.35 23.10
N MET P 135 9.49 43.33 23.89
CA MET P 135 8.40 43.06 24.83
C MET P 135 7.09 42.79 24.10
N PHE P 136 6.84 43.49 23.00
CA PHE P 136 5.61 43.35 22.24
C PHE P 136 5.67 42.23 21.22
N THR P 137 6.82 41.64 20.99
CA THR P 137 6.95 40.59 19.99
C THR P 137 6.26 39.33 20.47
N PRO P 138 5.34 38.75 19.68
CA PRO P 138 4.67 37.52 20.10
C PRO P 138 5.63 36.35 20.15
N LYS P 139 5.25 35.35 20.95
CA LYS P 139 6.08 34.16 21.10
C LYS P 139 6.22 33.42 19.77
N GLY P 140 7.40 32.84 19.55
CA GLY P 140 7.68 32.10 18.35
C GLY P 140 8.20 32.93 17.20
N CYS P 141 8.26 34.25 17.35
CA CYS P 141 8.81 35.13 16.33
C CYS P 141 10.07 35.79 16.86
N ASP P 142 11.17 35.64 16.14
CA ASP P 142 12.42 36.28 16.54
C ASP P 142 12.35 37.78 16.31
N ASN P 143 13.15 38.51 17.07
CA ASN P 143 13.15 39.97 16.99
C ASN P 143 14.48 40.48 16.41
N PHE Q 1 -24.49 81.76 62.44
CA PHE Q 1 -24.32 81.77 61.00
C PHE Q 1 -24.08 83.19 60.49
N THR Q 2 -23.04 83.35 59.68
CA THR Q 2 -22.68 84.65 59.13
C THR Q 2 -22.90 84.63 57.62
N LEU Q 3 -23.08 85.84 57.05
CA LEU Q 3 -23.28 85.94 55.61
C LEU Q 3 -22.03 85.54 54.84
N ILE Q 4 -20.85 85.77 55.42
CA ILE Q 4 -19.62 85.32 54.76
C ILE Q 4 -19.56 83.81 54.72
N GLU Q 5 -20.06 83.13 55.76
CA GLU Q 5 -20.11 81.67 55.76
C GLU Q 5 -20.97 81.16 54.62
N LEU Q 6 -22.15 81.74 54.44
CA LEU Q 6 -23.08 81.30 53.41
C LEU Q 6 -22.60 81.67 52.02
N MET Q 7 -21.96 82.83 51.87
CA MET Q 7 -21.44 83.21 50.56
C MET Q 7 -20.27 82.33 50.14
N ILE Q 8 -19.42 81.93 51.08
CA ILE Q 8 -18.37 80.97 50.76
C ILE Q 8 -18.97 79.65 50.33
N VAL Q 9 -20.05 79.22 50.99
CA VAL Q 9 -20.72 77.98 50.61
C VAL Q 9 -21.29 78.09 49.20
N VAL Q 10 -21.90 79.23 48.89
CA VAL Q 10 -22.46 79.43 47.55
C VAL Q 10 -21.35 79.42 46.50
N ALA Q 11 -20.23 80.08 46.79
CA ALA Q 11 -19.12 80.10 45.85
C ALA Q 11 -18.56 78.70 45.63
N ILE Q 12 -18.42 77.91 46.69
CA ILE Q 12 -17.89 76.56 46.55
C ILE Q 12 -18.89 75.67 45.84
N ILE Q 13 -20.19 75.92 46.02
CA ILE Q 13 -21.21 75.18 45.27
C ILE Q 13 -21.07 75.48 43.78
N GLY Q 14 -20.89 76.75 43.44
CA GLY Q 14 -20.71 77.10 42.03
C GLY Q 14 -19.43 76.52 41.45
N ILE Q 15 -18.35 76.52 42.25
CA ILE Q 15 -17.08 75.96 41.78
C ILE Q 15 -17.18 74.46 41.60
N LEU Q 16 -17.88 73.78 42.52
CA LEU Q 16 -18.04 72.33 42.44
C LEU Q 16 -18.92 71.94 41.27
N ALA Q 17 -19.79 72.85 40.83
CA ALA Q 17 -20.48 72.69 39.55
C ALA Q 17 -19.51 73.09 38.45
N ALA Q 18 -20.02 73.29 37.24
CA ALA Q 18 -19.23 73.72 36.08
C ALA Q 18 -18.18 72.70 35.67
N ILE Q 19 -18.18 71.52 36.26
CA ILE Q 19 -17.26 70.46 35.86
C ILE Q 19 -17.67 69.97 34.48
N ALA Q 20 -16.79 70.12 33.51
CA ALA Q 20 -17.13 69.75 32.14
C ALA Q 20 -17.38 68.26 32.02
N ILE Q 21 -18.45 67.90 31.34
CA ILE Q 21 -18.83 66.52 31.11
C ILE Q 21 -18.50 66.18 29.65
N PRO Q 22 -17.50 65.34 29.40
CA PRO Q 22 -17.15 65.01 28.01
C PRO Q 22 -18.19 64.10 27.37
N GLN Q 23 -18.02 63.89 26.07
CA GLN Q 23 -18.92 63.02 25.33
C GLN Q 23 -18.77 61.58 25.82
N TYR Q 24 -19.91 60.88 25.93
CA TYR Q 24 -19.91 59.50 26.39
C TYR Q 24 -20.71 58.55 25.52
N GLN Q 25 -21.56 59.05 24.62
CA GLN Q 25 -22.35 58.16 23.78
C GLN Q 25 -21.49 57.42 22.77
N ASN Q 26 -20.35 57.99 22.39
CA ASN Q 26 -19.44 57.29 21.48
C ASN Q 26 -18.91 56.01 22.11
N TYR Q 27 -18.58 56.08 23.40
CA TYR Q 27 -18.08 54.89 24.10
C TYR Q 27 -19.14 53.80 24.12
N VAL Q 28 -20.39 54.18 24.42
CA VAL Q 28 -21.47 53.20 24.47
C VAL Q 28 -21.72 52.60 23.10
N ALA Q 29 -21.70 53.43 22.05
CA ALA Q 29 -21.91 52.91 20.70
C ALA Q 29 -20.79 51.95 20.30
N ARG Q 30 -19.54 52.29 20.60
CA ARG Q 30 -18.43 51.41 20.27
C ARG Q 30 -18.52 50.09 21.03
N SER Q 31 -18.88 50.15 22.31
CA SER Q 31 -19.04 48.93 23.09
C SER Q 31 -20.18 48.08 22.56
N GLU Q 32 -21.28 48.71 22.14
CA GLU Q 32 -22.39 47.96 21.55
C GLU Q 32 -21.98 47.27 20.26
N GLY Q 33 -21.23 47.97 19.41
CA GLY Q 33 -20.75 47.35 18.19
C GLY Q 33 -19.83 46.18 18.46
N ALA Q 34 -18.90 46.34 19.42
CA ALA Q 34 -18.00 45.25 19.78
C ALA Q 34 -18.78 44.06 20.34
N SER Q 35 -19.78 44.32 21.18
CA SER Q 35 -20.58 43.25 21.75
C SER Q 35 -21.36 42.50 20.67
N ALA Q 36 -21.94 43.24 19.73
CA ALA Q 36 -22.67 42.59 18.64
C ALA Q 36 -21.74 41.73 17.79
N LEU Q 37 -20.56 42.26 17.44
CA LEU Q 37 -19.62 41.50 16.64
C LEU Q 37 -19.16 40.25 17.38
N ALA Q 38 -18.87 40.37 18.67
CA ALA Q 38 -18.48 39.20 19.45
C ALA Q 38 -19.63 38.22 19.62
N THR Q 39 -20.86 38.69 19.56
CA THR Q 39 -22.00 37.78 19.65
C THR Q 39 -22.17 36.97 18.37
N ILE Q 40 -22.05 37.62 17.20
CA ILE Q 40 -22.31 36.92 15.95
C ILE Q 40 -21.06 36.29 15.35
N ASN Q 41 -19.87 36.58 15.88
CA ASN Q 41 -18.65 35.97 15.34
C ASN Q 41 -18.62 34.45 15.50
N PRO Q 42 -18.92 33.85 16.66
CA PRO Q 42 -18.85 32.39 16.76
C PRO Q 42 -19.83 31.67 15.86
N LEU Q 43 -20.89 32.34 15.38
CA LEU Q 43 -21.84 31.70 14.48
C LEU Q 43 -21.22 31.36 13.14
N LYS Q 44 -20.08 31.97 12.80
CA LYS Q 44 -19.36 31.58 11.59
C LYS Q 44 -18.87 30.15 11.68
N THR Q 45 -18.38 29.75 12.86
CA THR Q 45 -17.91 28.39 13.05
C THR Q 45 -19.04 27.37 12.87
N THR Q 46 -20.22 27.67 13.41
CA THR Q 46 -21.33 26.75 13.31
C THR Q 46 -21.75 26.55 11.85
N VAL Q 47 -21.89 27.64 11.11
CA VAL Q 47 -22.33 27.56 9.71
C VAL Q 47 -21.29 26.81 8.88
N GLU Q 48 -20.02 27.15 9.04
CA GLU Q 48 -18.97 26.51 8.25
C GLU Q 48 -18.87 25.03 8.57
N GLU Q 49 -18.93 24.67 9.86
CA GLU Q 49 -18.86 23.27 10.23
C GLU Q 49 -20.05 22.49 9.70
N SER Q 50 -21.25 23.05 9.81
CA SER Q 50 -22.44 22.37 9.32
C SER Q 50 -22.39 22.18 7.81
N LEU Q 51 -21.91 23.19 7.09
CA LEU Q 51 -21.77 23.05 5.64
C LEU Q 51 -20.70 22.02 5.29
N SER Q 52 -19.63 21.94 6.10
CA SER Q 52 -18.58 20.96 5.84
C SER Q 52 -19.10 19.53 6.01
N ARG Q 53 -19.97 19.31 6.99
CA ARG Q 53 -20.51 17.98 7.25
C ARG Q 53 -21.67 17.62 6.34
N GLY Q 54 -22.07 18.52 5.44
CA GLY Q 54 -23.12 18.22 4.48
C GLY Q 54 -24.50 18.68 4.87
N ILE Q 55 -24.68 19.26 6.06
CA ILE Q 55 -25.99 19.75 6.46
C ILE Q 55 -26.42 20.87 5.52
N ALA Q 56 -27.67 20.79 5.05
CA ALA Q 56 -28.17 21.77 4.11
C ALA Q 56 -28.19 23.17 4.75
N GLY Q 57 -27.91 24.18 3.93
CA GLY Q 57 -27.88 25.54 4.43
C GLY Q 57 -29.22 25.99 4.98
N SER Q 58 -30.32 25.55 4.35
CA SER Q 58 -31.65 25.88 4.84
C SER Q 58 -31.96 25.22 6.18
N LYS Q 59 -31.19 24.19 6.56
CA LYS Q 59 -31.39 23.50 7.82
C LYS Q 59 -30.59 24.10 8.97
N ILE Q 60 -29.76 25.11 8.70
CA ILE Q 60 -28.98 25.79 9.73
C ILE Q 60 -29.82 26.95 10.23
N LYS Q 61 -30.43 26.79 11.40
CA LYS Q 61 -31.29 27.80 11.99
C LYS Q 61 -30.70 28.28 13.31
N ILE Q 62 -31.39 29.22 13.94
CA ILE Q 62 -30.96 29.82 15.20
C ILE Q 62 -32.00 29.48 16.26
N GLY Q 63 -31.54 28.95 17.38
CA GLY Q 63 -32.42 28.58 18.47
C GLY Q 63 -31.74 27.58 19.38
N THR Q 64 -32.40 27.32 20.51
CA THR Q 64 -31.90 26.40 21.50
C THR Q 64 -32.42 24.98 21.31
N THR Q 65 -33.18 24.73 20.25
CA THR Q 65 -33.65 23.38 19.96
C THR Q 65 -32.47 22.45 19.72
N ALA Q 66 -32.56 21.24 20.28
CA ALA Q 66 -31.48 20.26 20.15
C ALA Q 66 -31.21 19.93 18.69
N SER Q 67 -29.99 20.19 18.23
CA SER Q 67 -29.64 19.91 16.84
C SER Q 67 -29.57 18.41 16.59
N THR Q 68 -30.20 17.97 15.50
CA THR Q 68 -30.22 16.56 15.14
C THR Q 68 -29.11 16.29 14.13
N ALA Q 69 -29.11 15.09 13.55
CA ALA Q 69 -28.10 14.75 12.57
C ALA Q 69 -28.29 15.50 11.26
N THR Q 70 -29.51 15.97 10.99
CA THR Q 70 -29.81 16.70 9.76
C THR Q 70 -30.02 18.19 9.96
N GLU Q 71 -30.43 18.61 11.16
CA GLU Q 71 -30.66 20.01 11.47
C GLU Q 71 -29.65 20.50 12.50
N THR Q 72 -29.20 21.74 12.33
CA THR Q 72 -28.24 22.34 13.25
C THR Q 72 -28.81 23.65 13.77
N TYR Q 73 -28.76 23.83 15.10
CA TYR Q 73 -29.16 25.06 15.75
C TYR Q 73 -27.97 25.66 16.48
N VAL Q 74 -27.84 26.98 16.40
CA VAL Q 74 -26.67 27.65 16.96
C VAL Q 74 -26.62 27.55 18.48
N GLY Q 75 -27.75 27.23 19.13
CA GLY Q 75 -27.78 27.07 20.56
C GLY Q 75 -28.14 28.30 21.36
N VAL Q 76 -28.39 29.43 20.70
CA VAL Q 76 -28.79 30.65 21.39
C VAL Q 76 -30.10 31.16 20.80
N GLU Q 77 -30.86 31.87 21.62
CA GLU Q 77 -32.10 32.47 21.17
C GLU Q 77 -31.80 33.64 20.23
N PRO Q 78 -32.74 33.99 19.35
CA PRO Q 78 -32.54 35.19 18.52
C PRO Q 78 -32.36 36.45 19.35
N ASP Q 79 -33.05 36.55 20.48
CA ASP Q 79 -32.96 37.70 21.37
C ASP Q 79 -32.05 37.44 22.58
N ALA Q 80 -31.07 36.54 22.43
CA ALA Q 80 -30.16 36.24 23.52
C ALA Q 80 -29.38 37.48 23.94
N ASN Q 81 -28.90 38.26 22.97
CA ASN Q 81 -28.31 39.56 23.25
C ASN Q 81 -29.42 40.61 23.16
N LYS Q 82 -29.66 41.32 24.26
CA LYS Q 82 -30.78 42.26 24.32
C LYS Q 82 -30.59 43.44 23.38
N LEU Q 83 -29.38 43.66 22.87
CA LEU Q 83 -29.15 44.78 21.96
C LEU Q 83 -29.95 44.64 20.68
N GLY Q 84 -30.02 43.42 20.15
CA GLY Q 84 -30.78 43.19 18.93
C GLY Q 84 -30.91 41.70 18.66
N VAL Q 85 -31.69 41.40 17.62
CA VAL Q 85 -31.94 40.01 17.27
C VAL Q 85 -30.88 39.53 16.29
N ILE Q 86 -30.71 38.21 16.21
CA ILE Q 86 -29.76 37.57 15.31
C ILE Q 86 -30.54 36.71 14.34
N ALA Q 87 -30.25 36.86 13.04
CA ALA Q 87 -30.91 36.10 12.00
C ALA Q 87 -29.87 35.36 11.18
N VAL Q 88 -30.08 34.06 10.99
CA VAL Q 88 -29.21 33.22 10.17
C VAL Q 88 -30.04 32.75 8.98
N ALA Q 89 -29.60 33.10 7.77
CA ALA Q 89 -30.29 32.75 6.53
C ALA Q 89 -29.24 32.26 5.54
N ILE Q 90 -29.01 30.95 5.53
CA ILE Q 90 -28.04 30.32 4.65
C ILE Q 90 -28.79 29.55 3.56
N GLU Q 91 -28.43 29.80 2.31
CA GLU Q 91 -29.04 29.08 1.20
C GLU Q 91 -28.44 27.69 1.06
N ASP Q 92 -29.11 26.86 0.26
CA ASP Q 92 -28.63 25.49 0.06
C ASP Q 92 -27.30 25.45 -0.66
N SER Q 93 -27.00 26.46 -1.49
CA SER Q 93 -25.74 26.53 -2.21
C SER Q 93 -24.57 26.88 -1.31
N GLY Q 94 -24.83 27.27 -0.06
CA GLY Q 94 -23.80 27.69 0.87
C GLY Q 94 -23.71 29.19 1.06
N ALA Q 95 -24.30 29.97 0.16
CA ALA Q 95 -24.33 31.42 0.30
C ALA Q 95 -25.34 31.83 1.35
N GLY Q 96 -24.98 32.84 2.13
CA GLY Q 96 -25.85 33.33 3.18
C GLY Q 96 -25.17 34.41 3.97
N ASP Q 97 -25.91 34.92 4.96
CA ASP Q 97 -25.40 35.97 5.83
C ASP Q 97 -25.97 35.81 7.24
N ILE Q 98 -25.22 36.32 8.20
CA ILE Q 98 -25.63 36.37 9.60
C ILE Q 98 -25.74 37.84 9.97
N THR Q 99 -26.93 38.27 10.39
CA THR Q 99 -27.20 39.67 10.64
C THR Q 99 -27.52 39.90 12.11
N PHE Q 100 -27.05 41.03 12.64
CA PHE Q 100 -27.38 41.49 13.98
C PHE Q 100 -27.99 42.88 13.84
N THR Q 101 -29.30 42.98 13.97
CA THR Q 101 -30.01 44.24 13.82
C THR Q 101 -30.35 44.80 15.20
N PHE Q 102 -29.79 45.95 15.52
CA PHE Q 102 -30.09 46.60 16.79
C PHE Q 102 -31.54 47.06 16.82
N GLN Q 103 -32.20 46.84 17.94
CA GLN Q 103 -33.61 47.15 18.11
C GLN Q 103 -33.79 48.41 18.93
N THR Q 104 -34.71 49.27 18.49
CA THR Q 104 -35.04 50.47 19.24
C THR Q 104 -35.70 50.11 20.56
N GLY Q 105 -35.30 50.81 21.63
CA GLY Q 105 -35.79 50.52 22.95
C GLY Q 105 -34.82 49.75 23.82
N THR Q 106 -33.79 49.14 23.22
CA THR Q 106 -32.76 48.44 23.98
C THR Q 106 -31.35 48.73 23.51
N SER Q 107 -31.17 49.60 22.51
CA SER Q 107 -29.85 49.97 22.01
C SER Q 107 -29.75 51.49 21.95
N SER Q 108 -28.51 51.97 21.96
CA SER Q 108 -28.27 53.40 21.94
C SER Q 108 -28.82 54.01 20.65
N PRO Q 109 -29.24 55.28 20.68
CA PRO Q 109 -29.83 55.89 19.48
C PRO Q 109 -28.89 55.90 18.29
N LYS Q 110 -27.59 56.01 18.51
CA LYS Q 110 -26.64 56.03 17.40
C LYS Q 110 -26.64 54.69 16.65
N ASN Q 111 -26.70 53.58 17.39
CA ASN Q 111 -26.65 52.26 16.80
C ASN Q 111 -28.02 51.66 16.51
N ALA Q 112 -29.10 52.36 16.83
CA ALA Q 112 -30.43 51.80 16.65
C ALA Q 112 -30.73 51.56 15.17
N THR Q 113 -31.39 50.44 14.89
CA THR Q 113 -31.79 50.02 13.54
C THR Q 113 -30.60 49.85 12.60
N LYS Q 114 -29.41 49.59 13.14
CA LYS Q 114 -28.25 49.29 12.32
C LYS Q 114 -28.03 47.78 12.25
N VAL Q 115 -27.45 47.33 11.15
CA VAL Q 115 -27.29 45.92 10.86
C VAL Q 115 -25.81 45.61 10.64
N ILE Q 116 -25.32 44.58 11.31
CA ILE Q 116 -23.98 44.04 11.08
C ILE Q 116 -24.15 42.69 10.38
N THR Q 117 -23.66 42.59 9.15
CA THR Q 117 -23.89 41.44 8.30
C THR Q 117 -22.59 40.69 8.06
N LEU Q 118 -22.61 39.38 8.33
CA LEU Q 118 -21.49 38.49 8.02
C LEU Q 118 -21.86 37.71 6.77
N ASN Q 119 -21.64 38.33 5.62
CA ASN Q 119 -22.03 37.72 4.34
C ASN Q 119 -21.05 36.62 3.95
N ARG Q 120 -21.60 35.48 3.52
CA ARG Q 120 -20.82 34.36 3.02
C ARG Q 120 -21.20 34.08 1.58
N THR Q 121 -20.22 34.04 0.71
CA THR Q 121 -20.47 33.74 -0.70
C THR Q 121 -20.54 32.24 -0.92
N ALA Q 122 -20.97 31.86 -2.12
CA ALA Q 122 -21.04 30.44 -2.46
C ALA Q 122 -19.68 29.78 -2.53
N ASP Q 123 -18.61 30.56 -2.63
CA ASP Q 123 -17.25 30.05 -2.67
C ASP Q 123 -16.62 29.92 -1.30
N GLY Q 124 -17.36 30.26 -0.23
CA GLY Q 124 -16.85 30.13 1.11
C GLY Q 124 -16.05 31.29 1.63
N VAL Q 125 -16.21 32.48 1.06
CA VAL Q 125 -15.48 33.66 1.49
C VAL Q 125 -16.35 34.46 2.46
N TRP Q 126 -15.82 34.72 3.65
CA TRP Q 126 -16.55 35.44 4.69
C TRP Q 126 -16.17 36.92 4.65
N ALA Q 127 -17.18 37.79 4.73
CA ALA Q 127 -16.96 39.23 4.79
C ALA Q 127 -17.93 39.83 5.79
N CYS Q 128 -17.48 40.90 6.46
CA CYS Q 128 -18.30 41.61 7.44
C CYS Q 128 -18.65 42.99 6.91
N LYS Q 129 -19.93 43.31 6.89
CA LYS Q 129 -20.42 44.60 6.44
C LYS Q 129 -21.30 45.20 7.52
N SER Q 130 -21.10 46.49 7.80
CA SER Q 130 -21.83 47.18 8.85
C SER Q 130 -22.40 48.48 8.31
N THR Q 131 -23.63 48.78 8.71
CA THR Q 131 -24.32 50.01 8.30
C THR Q 131 -24.20 51.13 9.33
N GLN Q 132 -23.44 50.91 10.41
CA GLN Q 132 -23.28 51.93 11.43
C GLN Q 132 -22.40 53.07 10.92
N ASP Q 133 -22.14 54.03 11.79
CA ASP Q 133 -21.21 55.10 11.46
C ASP Q 133 -19.80 54.54 11.37
N PRO Q 134 -18.95 55.13 10.51
CA PRO Q 134 -17.57 54.63 10.39
C PRO Q 134 -16.80 54.68 11.69
N MET Q 135 -17.07 55.67 12.55
CA MET Q 135 -16.36 55.74 13.84
C MET Q 135 -16.77 54.60 14.76
N PHE Q 136 -18.05 54.22 14.73
CA PHE Q 136 -18.57 53.16 15.59
C PHE Q 136 -18.39 51.77 15.00
N THR Q 137 -17.98 51.67 13.74
CA THR Q 137 -17.84 50.36 13.11
C THR Q 137 -16.65 49.62 13.71
N PRO Q 138 -16.84 48.39 14.19
CA PRO Q 138 -15.71 47.63 14.75
C PRO Q 138 -14.70 47.27 13.68
N LYS Q 139 -13.48 47.02 14.13
CA LYS Q 139 -12.39 46.66 13.22
C LYS Q 139 -12.70 45.35 12.52
N GLY Q 140 -12.27 45.25 11.27
CA GLY Q 140 -12.49 44.06 10.47
C GLY Q 140 -13.80 44.02 9.73
N CYS Q 141 -14.69 44.98 9.93
CA CYS Q 141 -15.96 45.06 9.23
C CYS Q 141 -15.96 46.31 8.37
N ASP Q 142 -16.21 46.13 7.07
CA ASP Q 142 -16.28 47.26 6.16
C ASP Q 142 -17.56 48.04 6.40
N ASN Q 143 -17.53 49.32 6.03
CA ASN Q 143 -18.68 50.19 6.24
C ASN Q 143 -19.30 50.61 4.91
N PHE R 1 -24.48 93.81 63.62
CA PHE R 1 -25.41 92.91 62.96
C PHE R 1 -26.79 93.55 62.82
N THR R 2 -27.33 93.50 61.60
CA THR R 2 -28.62 94.08 61.30
C THR R 2 -29.62 92.98 60.97
N LEU R 3 -30.91 93.29 61.16
CA LEU R 3 -31.94 92.31 60.86
C LEU R 3 -32.01 92.01 59.38
N ILE R 4 -31.69 92.98 58.52
CA ILE R 4 -31.65 92.71 57.09
C ILE R 4 -30.54 91.72 56.76
N GLU R 5 -29.40 91.82 57.46
CA GLU R 5 -28.31 90.87 57.25
C GLU R 5 -28.77 89.45 57.57
N LEU R 6 -29.44 89.27 58.70
CA LEU R 6 -29.88 87.94 59.12
C LEU R 6 -31.02 87.42 58.26
N MET R 7 -31.92 88.29 57.81
CA MET R 7 -33.01 87.85 56.95
C MET R 7 -32.50 87.44 55.58
N ILE R 8 -31.48 88.14 55.05
CA ILE R 8 -30.87 87.70 53.80
C ILE R 8 -30.22 86.33 53.99
N VAL R 9 -29.57 86.10 55.14
CA VAL R 9 -28.97 84.81 55.41
C VAL R 9 -30.03 83.72 55.47
N VAL R 10 -31.16 84.00 56.13
CA VAL R 10 -32.24 83.02 56.21
C VAL R 10 -32.80 82.72 54.83
N ALA R 11 -32.98 83.75 54.00
CA ALA R 11 -33.49 83.55 52.65
C ALA R 11 -32.54 82.71 51.82
N ILE R 12 -31.24 82.98 51.92
CA ILE R 12 -30.26 82.21 51.15
C ILE R 12 -30.15 80.79 51.69
N ILE R 13 -30.37 80.59 52.99
CA ILE R 13 -30.41 79.24 53.54
C ILE R 13 -31.59 78.47 52.95
N GLY R 14 -32.75 79.11 52.88
CA GLY R 14 -33.90 78.47 52.29
C GLY R 14 -33.72 78.18 50.81
N ILE R 15 -33.09 79.11 50.09
CA ILE R 15 -32.84 78.91 48.66
C ILE R 15 -31.83 77.80 48.44
N LEU R 16 -30.79 77.72 49.27
CA LEU R 16 -29.78 76.68 49.14
C LEU R 16 -30.35 75.31 49.50
N ALA R 17 -31.40 75.28 50.30
CA ALA R 17 -32.20 74.07 50.47
C ALA R 17 -33.12 73.92 49.26
N ALA R 18 -34.11 73.05 49.35
CA ALA R 18 -35.09 72.84 48.30
C ALA R 18 -34.49 72.31 47.01
N ILE R 19 -33.21 71.94 47.01
CA ILE R 19 -32.58 71.34 45.84
C ILE R 19 -33.16 69.95 45.67
N ALA R 20 -33.81 69.71 44.53
CA ALA R 20 -34.47 68.42 44.32
C ALA R 20 -33.46 67.30 44.25
N ILE R 21 -33.75 66.21 44.94
CA ILE R 21 -32.90 65.03 44.99
C ILE R 21 -33.56 63.96 44.11
N PRO R 22 -32.99 63.62 42.96
CA PRO R 22 -33.61 62.60 42.10
C PRO R 22 -33.46 61.21 42.69
N GLN R 23 -34.13 60.26 42.04
CA GLN R 23 -34.05 58.87 42.47
C GLN R 23 -32.64 58.33 42.26
N TYR R 24 -32.17 57.54 43.22
CA TYR R 24 -30.82 56.97 43.15
C TYR R 24 -30.77 55.48 43.44
N GLN R 25 -31.82 54.87 43.99
CA GLN R 25 -31.78 53.44 44.28
C GLN R 25 -31.79 52.61 43.01
N ASN R 26 -32.35 53.14 41.92
CA ASN R 26 -32.33 52.42 40.66
C ASN R 26 -30.90 52.23 40.16
N TYR R 27 -30.07 53.26 40.31
CA TYR R 27 -28.67 53.15 39.89
C TYR R 27 -27.95 52.08 40.69
N VAL R 28 -28.17 52.06 42.01
CA VAL R 28 -27.53 51.08 42.87
C VAL R 28 -27.99 49.67 42.51
N ALA R 29 -29.29 49.49 42.27
CA ALA R 29 -29.80 48.18 41.91
C ALA R 29 -29.24 47.71 40.58
N ARG R 30 -29.16 48.59 39.60
CA ARG R 30 -28.59 48.22 38.29
C ARG R 30 -27.12 47.86 38.43
N SER R 31 -26.36 48.62 39.21
CA SER R 31 -24.96 48.31 39.40
C SER R 31 -24.79 46.99 40.13
N GLU R 32 -25.65 46.70 41.11
CA GLU R 32 -25.59 45.42 41.80
C GLU R 32 -25.87 44.26 40.86
N GLY R 33 -26.87 44.41 40.00
CA GLY R 33 -27.15 43.37 39.03
C GLY R 33 -26.00 43.14 38.06
N ALA R 34 -25.40 44.23 37.58
CA ALA R 34 -24.25 44.11 36.69
C ALA R 34 -23.08 43.44 37.40
N SER R 35 -22.83 43.81 38.65
CA SER R 35 -21.74 43.21 39.41
C SER R 35 -21.96 41.73 39.62
N ALA R 36 -23.19 41.33 39.96
CA ALA R 36 -23.49 39.92 40.14
C ALA R 36 -23.30 39.14 38.85
N LEU R 37 -23.80 39.68 37.73
CA LEU R 37 -23.66 39.00 36.45
C LEU R 37 -22.20 38.87 36.06
N ALA R 38 -21.41 39.92 36.27
CA ALA R 38 -19.98 39.85 35.98
C ALA R 38 -19.24 38.91 36.92
N THR R 39 -19.77 38.72 38.13
CA THR R 39 -19.15 37.77 39.06
C THR R 39 -19.41 36.33 38.63
N ILE R 40 -20.64 36.01 38.24
CA ILE R 40 -20.96 34.62 37.91
C ILE R 40 -20.74 34.27 36.45
N ASN R 41 -20.49 35.25 35.59
CA ASN R 41 -20.25 34.95 34.17
C ASN R 41 -19.01 34.09 33.94
N PRO R 42 -17.84 34.39 34.51
CA PRO R 42 -16.67 33.54 34.23
C PRO R 42 -16.81 32.11 34.71
N LEU R 43 -17.74 31.84 35.63
CA LEU R 43 -17.94 30.46 36.09
C LEU R 43 -18.52 29.58 34.99
N LYS R 44 -19.07 30.16 33.93
CA LYS R 44 -19.49 29.35 32.78
C LYS R 44 -18.30 28.69 32.11
N THR R 45 -17.18 29.40 32.00
CA THR R 45 -15.98 28.83 31.40
C THR R 45 -15.46 27.65 32.21
N THR R 46 -15.45 27.78 33.53
CA THR R 46 -14.95 26.69 34.37
C THR R 46 -15.79 25.43 34.22
N VAL R 47 -17.12 25.58 34.28
CA VAL R 47 -18.00 24.41 34.18
C VAL R 47 -17.88 23.76 32.82
N GLU R 48 -17.90 24.56 31.75
CA GLU R 48 -17.82 24.01 30.41
C GLU R 48 -16.48 23.32 30.16
N GLU R 49 -15.39 23.93 30.61
CA GLU R 49 -14.08 23.31 30.43
C GLU R 49 -13.97 22.02 31.23
N SER R 50 -14.45 22.01 32.47
CA SER R 50 -14.38 20.79 33.27
C SER R 50 -15.21 19.67 32.67
N LEU R 51 -16.40 20.01 32.15
CA LEU R 51 -17.22 19.00 31.49
C LEU R 51 -16.57 18.50 30.20
N SER R 52 -15.87 19.39 29.49
CA SER R 52 -15.19 18.98 28.27
C SER R 52 -14.06 17.99 28.56
N ARG R 53 -13.35 18.19 29.67
CA ARG R 53 -12.24 17.32 30.02
C ARG R 53 -12.68 16.04 30.72
N GLY R 54 -13.98 15.86 30.94
CA GLY R 54 -14.50 14.64 31.51
C GLY R 54 -14.73 14.68 33.01
N ILE R 55 -14.41 15.79 33.68
CA ILE R 55 -14.66 15.88 35.12
C ILE R 55 -16.15 15.80 35.38
N ALA R 56 -16.53 14.97 36.34
CA ALA R 56 -17.94 14.79 36.66
C ALA R 56 -18.57 16.09 37.13
N GLY R 57 -19.83 16.29 36.76
CA GLY R 57 -20.52 17.51 37.14
C GLY R 57 -20.64 17.67 38.65
N SER R 58 -20.84 16.56 39.36
CA SER R 58 -20.91 16.61 40.82
C SER R 58 -19.58 16.98 41.44
N LYS R 59 -18.48 16.87 40.71
CA LYS R 59 -17.16 17.20 41.21
C LYS R 59 -16.77 18.65 40.96
N ILE R 60 -17.62 19.42 40.27
CA ILE R 60 -17.36 20.83 40.03
C ILE R 60 -18.01 21.61 41.18
N LYS R 61 -17.18 22.06 42.11
CA LYS R 61 -17.65 22.79 43.28
C LYS R 61 -17.09 24.21 43.27
N ILE R 62 -17.46 24.98 44.29
CA ILE R 62 -17.03 26.36 44.44
C ILE R 62 -16.19 26.49 45.70
N GLY R 63 -15.01 27.07 45.57
CA GLY R 63 -14.12 27.23 46.70
C GLY R 63 -12.71 27.48 46.22
N THR R 64 -11.86 27.82 47.18
CA THR R 64 -10.45 28.09 46.89
C THR R 64 -9.57 26.85 47.07
N THR R 65 -10.15 25.69 47.35
CA THR R 65 -9.38 24.46 47.46
C THR R 65 -8.72 24.15 46.12
N ALA R 66 -7.45 23.72 46.18
CA ALA R 66 -6.68 23.41 44.99
C ALA R 66 -7.35 22.31 44.18
N SER R 67 -7.72 22.61 42.94
CA SER R 67 -8.39 21.64 42.10
C SER R 67 -7.42 20.53 41.69
N THR R 68 -7.86 19.29 41.82
CA THR R 68 -7.05 18.13 41.47
C THR R 68 -7.39 17.69 40.05
N ALA R 69 -6.86 16.52 39.64
CA ALA R 69 -7.14 16.02 38.30
C ALA R 69 -8.58 15.54 38.17
N THR R 70 -9.24 15.23 39.28
CA THR R 70 -10.61 14.74 39.25
C THR R 70 -11.63 15.75 39.77
N GLU R 71 -11.20 16.68 40.63
CA GLU R 71 -12.08 17.69 41.19
C GLU R 71 -11.67 19.07 40.70
N THR R 72 -12.66 19.92 40.45
CA THR R 72 -12.41 21.29 39.97
C THR R 72 -13.11 22.27 40.91
N TYR R 73 -12.37 23.28 41.34
CA TYR R 73 -12.91 24.36 42.15
C TYR R 73 -12.76 25.67 41.40
N VAL R 74 -13.79 26.52 41.48
CA VAL R 74 -13.80 27.75 40.71
C VAL R 74 -12.73 28.74 41.18
N GLY R 75 -12.19 28.56 42.38
CA GLY R 75 -11.13 29.41 42.88
C GLY R 75 -11.58 30.59 43.69
N VAL R 76 -12.88 30.79 43.89
CA VAL R 76 -13.39 31.89 44.70
C VAL R 76 -14.29 31.32 45.79
N GLU R 77 -14.36 32.05 46.91
CA GLU R 77 -15.25 31.67 47.99
C GLU R 77 -16.71 31.90 47.59
N PRO R 78 -17.64 31.18 48.22
CA PRO R 78 -19.06 31.46 47.95
C PRO R 78 -19.45 32.89 48.28
N ASP R 79 -18.85 33.46 49.32
CA ASP R 79 -19.13 34.82 49.75
C ASP R 79 -18.05 35.80 49.28
N ALA R 80 -17.37 35.49 48.17
CA ALA R 80 -16.33 36.39 47.66
C ALA R 80 -16.91 37.75 47.30
N ASN R 81 -18.08 37.76 46.66
CA ASN R 81 -18.81 39.00 46.43
C ASN R 81 -19.77 39.20 47.60
N LYS R 82 -19.60 40.31 48.31
CA LYS R 82 -20.39 40.53 49.53
C LYS R 82 -21.87 40.72 49.24
N LEU R 83 -22.25 40.97 47.98
CA LEU R 83 -23.66 41.16 47.64
C LEU R 83 -24.47 39.90 47.92
N GLY R 84 -23.91 38.74 47.60
CA GLY R 84 -24.61 37.49 47.83
C GLY R 84 -23.69 36.31 47.61
N VAL R 85 -24.21 35.13 47.91
CA VAL R 85 -23.43 33.91 47.78
C VAL R 85 -23.60 33.34 46.38
N ILE R 86 -22.64 32.51 45.98
CA ILE R 86 -22.66 31.84 44.68
C ILE R 86 -22.72 30.35 44.92
N ALA R 87 -23.65 29.68 44.23
CA ALA R 87 -23.83 28.24 44.35
C ALA R 87 -23.70 27.60 42.98
N VAL R 88 -22.86 26.56 42.89
CA VAL R 88 -22.68 25.79 41.66
C VAL R 88 -23.19 24.39 41.93
N ALA R 89 -24.20 23.96 41.17
CA ALA R 89 -24.82 22.64 41.32
C ALA R 89 -24.99 22.05 39.92
N ILE R 90 -23.99 21.29 39.48
CA ILE R 90 -23.99 20.66 38.17
C ILE R 90 -24.20 19.16 38.37
N GLU R 91 -25.16 18.59 37.64
CA GLU R 91 -25.42 17.17 37.71
C GLU R 91 -24.40 16.41 36.87
N ASP R 92 -24.37 15.09 37.05
CA ASP R 92 -23.42 14.26 36.32
C ASP R 92 -23.73 14.24 34.82
N SER R 93 -24.99 14.44 34.45
CA SER R 93 -25.37 14.47 33.04
C SER R 93 -24.93 15.73 32.34
N GLY R 94 -24.42 16.73 33.07
CA GLY R 94 -24.04 18.00 32.51
C GLY R 94 -25.03 19.11 32.75
N ALA R 95 -26.26 18.79 33.12
CA ALA R 95 -27.26 19.80 33.43
C ALA R 95 -26.99 20.40 34.81
N GLY R 96 -27.20 21.70 34.92
CA GLY R 96 -26.97 22.39 36.17
C GLY R 96 -27.19 23.87 36.00
N ASP R 97 -27.00 24.59 37.10
CA ASP R 97 -27.18 26.04 37.12
C ASP R 97 -26.20 26.67 38.08
N ILE R 98 -25.88 27.93 37.82
CA ILE R 98 -25.05 28.75 38.71
C ILE R 98 -25.91 29.90 39.18
N THR R 99 -26.09 30.01 40.49
CA THR R 99 -27.00 30.98 41.07
C THR R 99 -26.25 32.01 41.91
N PHE R 100 -26.70 33.25 41.85
CA PHE R 100 -26.20 34.33 42.69
C PHE R 100 -27.41 34.89 43.44
N THR R 101 -27.53 34.56 44.72
CA THR R 101 -28.65 35.00 45.55
C THR R 101 -28.20 36.16 46.42
N PHE R 102 -28.81 37.33 46.21
CA PHE R 102 -28.49 38.49 47.03
C PHE R 102 -28.97 38.26 48.46
N GLN R 103 -28.14 38.63 49.42
CA GLN R 103 -28.42 38.41 50.83
C GLN R 103 -28.84 39.72 51.50
N THR R 104 -29.87 39.62 52.34
CA THR R 104 -30.32 40.78 53.10
C THR R 104 -29.25 41.19 54.11
N GLY R 105 -29.04 42.50 54.24
CA GLY R 105 -28.02 43.03 55.09
C GLY R 105 -26.76 43.49 54.36
N THR R 106 -26.59 43.08 53.11
CA THR R 106 -25.46 43.51 52.30
C THR R 106 -25.84 43.91 50.89
N SER R 107 -27.12 43.86 50.52
CA SER R 107 -27.58 44.24 49.20
C SER R 107 -28.75 45.21 49.33
N SER R 108 -28.98 45.98 48.28
CA SER R 108 -30.04 46.98 48.29
C SER R 108 -31.40 46.29 48.46
N PRO R 109 -32.37 46.96 49.08
CA PRO R 109 -33.67 46.33 49.32
C PRO R 109 -34.37 45.88 48.04
N LYS R 110 -34.16 46.59 46.93
CA LYS R 110 -34.80 46.19 45.68
C LYS R 110 -34.28 44.84 45.19
N ASN R 111 -32.99 44.60 45.31
CA ASN R 111 -32.37 43.37 44.82
C ASN R 111 -32.25 42.29 45.89
N ALA R 112 -32.68 42.55 47.12
CA ALA R 112 -32.52 41.58 48.19
C ALA R 112 -33.34 40.33 47.91
N THR R 113 -32.74 39.17 48.23
CA THR R 113 -33.36 37.85 48.06
C THR R 113 -33.72 37.55 46.61
N LYS R 114 -33.05 38.18 45.66
CA LYS R 114 -33.23 37.87 44.25
C LYS R 114 -32.12 36.95 43.77
N VAL R 115 -32.45 36.12 42.77
CA VAL R 115 -31.55 35.08 42.28
C VAL R 115 -31.31 35.30 40.80
N ILE R 116 -30.05 35.26 40.40
CA ILE R 116 -29.65 35.26 38.99
C ILE R 116 -29.11 33.86 38.68
N THR R 117 -29.80 33.15 37.78
CA THR R 117 -29.52 31.76 37.51
C THR R 117 -28.96 31.59 36.09
N LEU R 118 -27.81 30.94 35.98
CA LEU R 118 -27.23 30.58 34.69
C LEU R 118 -27.49 29.09 34.47
N ASN R 119 -28.69 28.79 33.97
CA ASN R 119 -29.10 27.41 33.78
C ASN R 119 -28.43 26.79 32.57
N ARG R 120 -27.91 25.57 32.73
CA ARG R 120 -27.31 24.81 31.64
C ARG R 120 -28.09 23.52 31.45
N THR R 121 -28.53 23.26 30.23
CA THR R 121 -29.24 22.04 29.93
C THR R 121 -28.26 20.90 29.66
N ALA R 122 -28.81 19.69 29.57
CA ALA R 122 -27.98 18.52 29.29
C ALA R 122 -27.38 18.56 27.89
N ASP R 123 -27.93 19.38 27.00
CA ASP R 123 -27.42 19.53 25.65
C ASP R 123 -26.36 20.61 25.53
N GLY R 124 -26.00 21.28 26.62
CA GLY R 124 -24.96 22.29 26.59
C GLY R 124 -25.42 23.68 26.24
N VAL R 125 -26.70 23.99 26.40
CA VAL R 125 -27.22 25.31 26.07
C VAL R 125 -27.29 26.15 27.34
N TRP R 126 -26.65 27.31 27.31
CA TRP R 126 -26.59 28.21 28.47
C TRP R 126 -27.67 29.26 28.35
N ALA R 127 -28.39 29.51 29.45
CA ALA R 127 -29.40 30.54 29.52
C ALA R 127 -29.32 31.25 30.85
N CYS R 128 -29.62 32.55 30.86
CA CYS R 128 -29.61 33.35 32.07
C CYS R 128 -31.03 33.75 32.44
N LYS R 129 -31.41 33.47 33.68
CA LYS R 129 -32.73 33.81 34.20
C LYS R 129 -32.56 34.60 35.49
N SER R 130 -33.33 35.68 35.61
CA SER R 130 -33.24 36.56 36.77
C SER R 130 -34.62 36.81 37.34
N THR R 131 -34.72 36.81 38.66
CA THR R 131 -35.98 37.07 39.35
C THR R 131 -36.13 38.52 39.80
N GLN R 132 -35.19 39.40 39.44
CA GLN R 132 -35.27 40.80 39.82
C GLN R 132 -36.37 41.50 39.01
N ASP R 133 -36.49 42.80 39.24
CA ASP R 133 -37.41 43.61 38.45
C ASP R 133 -36.90 43.71 37.02
N PRO R 134 -37.81 43.82 36.04
CA PRO R 134 -37.37 43.93 34.65
C PRO R 134 -36.48 45.13 34.39
N MET R 135 -36.69 46.24 35.09
CA MET R 135 -35.83 47.41 34.90
C MET R 135 -34.42 47.15 35.41
N PHE R 136 -34.28 46.41 36.51
CA PHE R 136 -32.98 46.13 37.10
C PHE R 136 -32.30 44.91 36.50
N THR R 137 -33.00 44.15 35.67
CA THR R 137 -32.41 42.94 35.10
C THR R 137 -31.34 43.31 34.08
N PRO R 138 -30.13 42.78 34.22
CA PRO R 138 -29.08 43.10 33.24
C PRO R 138 -29.40 42.51 31.87
N LYS R 139 -28.79 43.12 30.86
CA LYS R 139 -29.00 42.67 29.49
C LYS R 139 -28.49 41.24 29.30
N GLY R 140 -29.20 40.49 28.46
CA GLY R 140 -28.86 39.12 28.17
C GLY R 140 -29.44 38.10 29.12
N CYS R 141 -30.12 38.54 30.18
CA CYS R 141 -30.77 37.64 31.12
C CYS R 141 -32.28 37.85 31.04
N ASP R 142 -33.01 36.77 30.78
CA ASP R 142 -34.46 36.85 30.73
C ASP R 142 -35.04 37.03 32.14
N ASN R 143 -36.23 37.61 32.19
CA ASN R 143 -36.86 37.89 33.48
C ASN R 143 -38.11 37.03 33.67
N PHE S 1 -32.64 102.40 66.00
CA PHE S 1 -32.49 101.03 66.49
C PHE S 1 -33.21 100.84 67.82
N THR S 2 -34.03 99.79 67.90
CA THR S 2 -34.80 99.48 69.09
C THR S 2 -34.28 98.19 69.71
N LEU S 3 -34.54 98.04 71.01
CA LEU S 3 -34.10 96.83 71.70
C LEU S 3 -34.85 95.60 71.21
N ILE S 4 -36.11 95.78 70.78
CA ILE S 4 -36.84 94.64 70.21
C ILE S 4 -36.20 94.20 68.90
N GLU S 5 -35.70 95.15 68.10
CA GLU S 5 -35.00 94.81 66.87
C GLU S 5 -33.78 93.95 67.15
N LEU S 6 -32.98 94.34 68.13
CA LEU S 6 -31.76 93.61 68.46
C LEU S 6 -32.04 92.28 69.12
N MET S 7 -33.09 92.21 69.95
CA MET S 7 -33.44 90.95 70.59
C MET S 7 -33.97 89.94 69.58
N ILE S 8 -34.73 90.41 68.57
CA ILE S 8 -35.14 89.51 67.50
C ILE S 8 -33.93 89.00 66.74
N VAL S 9 -32.96 89.88 66.49
CA VAL S 9 -31.73 89.45 65.81
C VAL S 9 -30.99 88.41 66.63
N VAL S 10 -30.90 88.61 67.94
CA VAL S 10 -30.21 87.64 68.81
C VAL S 10 -30.95 86.30 68.79
N ALA S 11 -32.29 86.34 68.86
CA ALA S 11 -33.07 85.11 68.83
C ALA S 11 -32.89 84.37 67.52
N ILE S 12 -32.88 85.09 66.40
CA ILE S 12 -32.71 84.44 65.10
C ILE S 12 -31.28 83.92 64.95
N ILE S 13 -30.30 84.60 65.55
CA ILE S 13 -28.94 84.09 65.56
C ILE S 13 -28.88 82.77 66.31
N GLY S 14 -29.52 82.70 67.47
CA GLY S 14 -29.54 81.46 68.22
C GLY S 14 -30.28 80.35 67.50
N ILE S 15 -31.38 80.69 66.83
CA ILE S 15 -32.14 79.69 66.07
C ILE S 15 -31.33 79.20 64.88
N LEU S 16 -30.63 80.10 64.19
CA LEU S 16 -29.83 79.72 63.04
C LEU S 16 -28.63 78.87 63.45
N ALA S 17 -28.20 79.00 64.70
CA ALA S 17 -27.26 78.05 65.27
C ALA S 17 -28.04 76.81 65.69
N ALA S 18 -27.43 75.94 66.49
CA ALA S 18 -28.06 74.73 67.00
C ALA S 18 -28.44 73.74 65.91
N ILE S 19 -28.03 73.99 64.67
CA ILE S 19 -28.29 73.04 63.59
C ILE S 19 -27.41 71.82 63.81
N ALA S 20 -28.04 70.66 64.00
CA ALA S 20 -27.29 69.44 64.32
C ALA S 20 -26.38 69.06 63.16
N ILE S 21 -25.14 68.72 63.48
CA ILE S 21 -24.15 68.30 62.51
C ILE S 21 -23.98 66.79 62.64
N PRO S 22 -24.43 66.01 61.66
CA PRO S 22 -24.29 64.55 61.76
C PRO S 22 -22.84 64.11 61.59
N GLN S 23 -22.62 62.82 61.83
CA GLN S 23 -21.29 62.24 61.67
C GLN S 23 -20.88 62.27 60.20
N TYR S 24 -19.62 62.60 59.96
CA TYR S 24 -19.09 62.67 58.60
C TYR S 24 -17.77 61.93 58.38
N GLN S 25 -17.08 61.54 59.45
CA GLN S 25 -15.81 60.83 59.27
C GLN S 25 -16.02 59.43 58.70
N ASN S 26 -17.18 58.83 58.94
CA ASN S 26 -17.46 57.53 58.36
C ASN S 26 -17.49 57.59 56.84
N TYR S 27 -18.09 58.66 56.29
CA TYR S 27 -18.13 58.82 54.84
C TYR S 27 -16.74 58.94 54.26
N VAL S 28 -15.88 59.74 54.92
CA VAL S 28 -14.52 59.92 54.45
C VAL S 28 -13.74 58.61 54.52
N ALA S 29 -13.91 57.86 55.61
CA ALA S 29 -13.21 56.59 55.74
C ALA S 29 -13.66 55.59 54.67
N ARG S 30 -14.97 55.52 54.42
CA ARG S 30 -15.47 54.62 53.39
C ARG S 30 -14.96 55.01 52.00
N SER S 31 -14.95 56.31 51.71
CA SER S 31 -14.44 56.76 50.42
C SER S 31 -12.95 56.47 50.29
N GLU S 32 -12.19 56.63 51.37
CA GLU S 32 -10.77 56.30 51.34
C GLU S 32 -10.54 54.82 51.07
N GLY S 33 -11.32 53.96 51.74
CA GLY S 33 -11.21 52.53 51.48
C GLY S 33 -11.55 52.17 50.05
N ALA S 34 -12.62 52.76 49.51
CA ALA S 34 -12.99 52.50 48.13
C ALA S 34 -11.90 52.98 47.16
N SER S 35 -11.33 54.16 47.43
CA SER S 35 -10.28 54.68 46.57
C SER S 35 -9.04 53.79 46.60
N ALA S 36 -8.66 53.32 47.80
CA ALA S 36 -7.51 52.43 47.90
C ALA S 36 -7.76 51.12 47.14
N LEU S 37 -8.94 50.54 47.31
CA LEU S 37 -9.25 49.29 46.63
C LEU S 37 -9.25 49.48 45.11
N ALA S 38 -9.83 50.58 44.64
CA ALA S 38 -9.82 50.87 43.20
C ALA S 38 -8.42 51.18 42.70
N THR S 39 -7.53 51.67 43.56
CA THR S 39 -6.16 51.92 43.15
C THR S 39 -5.38 50.61 42.98
N ILE S 40 -5.52 49.69 43.94
CA ILE S 40 -4.73 48.46 43.89
C ILE S 40 -5.41 47.32 43.13
N ASN S 41 -6.68 47.47 42.76
CA ASN S 41 -7.36 46.40 42.01
C ASN S 41 -6.74 46.15 40.64
N PRO S 42 -6.47 47.16 39.80
CA PRO S 42 -5.89 46.87 38.48
C PRO S 42 -4.52 46.23 38.54
N LEU S 43 -3.81 46.32 39.67
CA LEU S 43 -2.50 45.67 39.78
C LEU S 43 -2.61 44.16 39.77
N LYS S 44 -3.80 43.61 40.01
CA LYS S 44 -3.99 42.17 39.88
C LYS S 44 -3.80 41.73 38.43
N THR S 45 -4.30 42.53 37.49
CA THR S 45 -4.13 42.20 36.07
C THR S 45 -2.67 42.17 35.67
N THR S 46 -1.89 43.15 36.14
CA THR S 46 -0.48 43.21 35.78
C THR S 46 0.27 41.99 36.29
N VAL S 47 0.07 41.63 37.56
CA VAL S 47 0.78 40.51 38.14
C VAL S 47 0.40 39.20 37.45
N GLU S 48 -0.91 38.99 37.24
CA GLU S 48 -1.37 37.75 36.61
C GLU S 48 -0.87 37.64 35.18
N GLU S 49 -0.92 38.74 34.42
CA GLU S 49 -0.43 38.70 33.05
C GLU S 49 1.07 38.45 32.99
N SER S 50 1.83 39.11 33.86
CA SER S 50 3.28 38.90 33.87
C SER S 50 3.64 37.47 34.24
N LEU S 51 2.92 36.90 35.22
CA LEU S 51 3.16 35.51 35.58
C LEU S 51 2.76 34.57 34.45
N SER S 52 1.71 34.90 33.71
CA SER S 52 1.28 34.06 32.59
C SER S 52 2.33 34.04 31.49
N ARG S 53 2.98 35.18 31.24
CA ARG S 53 3.98 35.27 30.19
C ARG S 53 5.34 34.76 30.62
N GLY S 54 5.49 34.31 31.86
CA GLY S 54 6.74 33.73 32.33
C GLY S 54 7.65 34.68 33.07
N ILE S 55 7.30 35.96 33.19
CA ILE S 55 8.13 36.90 33.92
C ILE S 55 8.21 36.47 35.38
N ALA S 56 9.42 36.46 35.93
CA ALA S 56 9.62 36.03 37.30
C ALA S 56 8.89 36.95 38.27
N GLY S 57 8.36 36.37 39.34
CA GLY S 57 7.63 37.15 40.32
C GLY S 57 8.48 38.22 40.97
N SER S 58 9.76 37.92 41.20
CA SER S 58 10.67 38.90 41.78
C SER S 58 10.94 40.06 40.82
N LYS S 59 10.65 39.89 39.54
CA LYS S 59 10.87 40.93 38.55
C LYS S 59 9.66 41.83 38.36
N ILE S 60 8.55 41.56 39.03
CA ILE S 60 7.35 42.39 38.95
C ILE S 60 7.46 43.42 40.07
N LYS S 61 7.81 44.65 39.70
CA LYS S 61 7.99 45.73 40.66
C LYS S 61 6.97 46.84 40.38
N ILE S 62 7.02 47.88 41.20
CA ILE S 62 6.12 49.02 41.10
C ILE S 62 6.95 50.26 40.78
N GLY S 63 6.55 50.98 39.73
CA GLY S 63 7.26 52.17 39.33
C GLY S 63 6.91 52.53 37.91
N THR S 64 7.37 53.71 37.50
CA THR S 64 7.13 54.20 36.14
C THR S 64 8.27 53.85 35.18
N THR S 65 9.26 53.10 35.62
CA THR S 65 10.33 52.66 34.74
C THR S 65 9.77 51.81 33.62
N ALA S 66 10.26 52.04 32.39
CA ALA S 66 9.79 51.31 31.22
C ALA S 66 10.01 49.81 31.38
N SER S 67 8.93 49.04 31.34
CA SER S 67 9.05 47.59 31.50
C SER S 67 9.71 46.97 30.28
N THR S 68 10.69 46.10 30.52
CA THR S 68 11.40 45.42 29.46
C THR S 68 10.77 44.05 29.21
N ALA S 69 11.43 43.24 28.39
CA ALA S 69 10.91 41.91 28.09
C ALA S 69 11.02 40.98 29.30
N THR S 70 11.92 41.28 30.23
CA THR S 70 12.11 40.45 31.41
C THR S 70 11.58 41.08 32.70
N GLU S 71 11.51 42.40 32.76
CA GLU S 71 11.02 43.11 33.93
C GLU S 71 9.71 43.81 33.61
N THR S 72 8.80 43.82 34.58
CA THR S 72 7.50 44.46 34.43
C THR S 72 7.30 45.46 35.56
N TYR S 73 6.90 46.68 35.20
CA TYR S 73 6.57 47.71 36.16
C TYR S 73 5.11 48.10 35.99
N VAL S 74 4.42 48.32 37.11
CA VAL S 74 2.99 48.59 37.07
C VAL S 74 2.67 49.92 36.42
N GLY S 75 3.65 50.81 36.29
CA GLY S 75 3.45 52.09 35.63
C GLY S 75 3.04 53.24 36.52
N VAL S 76 2.90 53.02 37.82
CA VAL S 76 2.55 54.08 38.76
C VAL S 76 3.59 54.12 39.86
N GLU S 77 3.76 55.31 40.44
CA GLU S 77 4.67 55.48 41.56
C GLU S 77 4.08 54.82 42.81
N PRO S 78 4.93 54.43 43.76
CA PRO S 78 4.40 53.90 45.03
C PRO S 78 3.51 54.90 45.76
N ASP S 79 3.82 56.19 45.65
CA ASP S 79 3.04 57.25 46.29
C ASP S 79 2.11 57.95 45.30
N ALA S 80 1.70 57.25 44.24
CA ALA S 80 0.80 57.87 43.26
C ALA S 80 -0.51 58.28 43.90
N ASN S 81 -1.07 57.43 44.75
CA ASN S 81 -2.22 57.80 45.56
C ASN S 81 -1.71 58.36 46.89
N LYS S 82 -2.06 59.62 47.17
CA LYS S 82 -1.51 60.29 48.35
C LYS S 82 -1.99 59.67 49.66
N LEU S 83 -3.05 58.85 49.61
CA LEU S 83 -3.56 58.22 50.82
C LEU S 83 -2.52 57.30 51.45
N GLY S 84 -1.80 56.54 50.63
CA GLY S 84 -0.79 55.65 51.15
C GLY S 84 0.06 55.09 50.01
N VAL S 85 1.08 54.34 50.40
CA VAL S 85 2.00 53.75 49.43
C VAL S 85 1.49 52.39 49.02
N ILE S 86 1.94 51.93 47.85
CA ILE S 86 1.59 50.62 47.30
C ILE S 86 2.87 49.80 47.19
N ALA S 87 2.82 48.57 47.69
CA ALA S 87 3.96 47.67 47.66
C ALA S 87 3.56 46.37 46.96
N VAL S 88 4.35 45.96 45.99
CA VAL S 88 4.15 44.71 45.27
C VAL S 88 5.33 43.80 45.60
N ALA S 89 5.05 42.64 46.19
CA ALA S 89 6.06 41.67 46.59
C ALA S 89 5.58 40.30 46.17
N ILE S 90 5.97 39.88 44.97
CA ILE S 90 5.59 38.58 44.41
C ILE S 90 6.81 37.68 44.41
N GLU S 91 6.66 36.48 44.96
CA GLU S 91 7.74 35.51 44.97
C GLU S 91 7.87 34.83 43.61
N ASP S 92 8.98 34.13 43.43
CA ASP S 92 9.22 33.45 42.16
C ASP S 92 8.23 32.31 41.93
N SER S 93 7.70 31.72 43.00
CA SER S 93 6.72 30.65 42.87
C SER S 93 5.36 31.15 42.43
N GLY S 94 5.14 32.46 42.39
CA GLY S 94 3.87 33.04 42.06
C GLY S 94 3.08 33.55 43.24
N ALA S 95 3.44 33.15 44.46
CA ALA S 95 2.78 33.64 45.65
C ALA S 95 3.26 35.05 45.98
N GLY S 96 2.33 35.88 46.44
CA GLY S 96 2.65 37.24 46.78
C GLY S 96 1.40 38.00 47.17
N ASP S 97 1.62 39.27 47.50
CA ASP S 97 0.52 40.14 47.91
C ASP S 97 0.79 41.57 47.44
N ILE S 98 -0.30 42.32 47.26
CA ILE S 98 -0.25 43.73 46.94
C ILE S 98 -0.89 44.48 48.09
N THR S 99 -0.14 45.36 48.72
CA THR S 99 -0.57 46.04 49.94
C THR S 99 -0.72 47.54 49.70
N PHE S 100 -1.74 48.13 50.31
CA PHE S 100 -1.94 49.58 50.33
C PHE S 100 -2.01 50.00 51.79
N THR S 101 -0.93 50.60 52.28
CA THR S 101 -0.84 51.03 53.67
C THR S 101 -1.09 52.52 53.76
N PHE S 102 -2.16 52.90 54.44
CA PHE S 102 -2.46 54.32 54.63
C PHE S 102 -1.40 54.96 55.53
N GLN S 103 -0.96 56.15 55.15
CA GLN S 103 0.09 56.86 55.86
C GLN S 103 -0.49 57.99 56.69
N THR S 104 0.01 58.12 57.92
CA THR S 104 -0.39 59.21 58.79
C THR S 104 0.07 60.54 58.22
N GLY S 105 -0.81 61.54 58.29
CA GLY S 105 -0.55 62.84 57.72
C GLY S 105 -1.23 63.10 56.40
N THR S 106 -1.73 62.05 55.74
CA THR S 106 -2.46 62.20 54.48
C THR S 106 -3.72 61.36 54.42
N SER S 107 -4.06 60.62 55.47
CA SER S 107 -5.26 59.79 55.51
C SER S 107 -6.01 60.08 56.80
N SER S 108 -7.31 59.78 56.78
CA SER S 108 -8.15 60.04 57.94
C SER S 108 -7.68 59.21 59.13
N PRO S 109 -7.88 59.70 60.35
CA PRO S 109 -7.38 58.97 61.54
C PRO S 109 -7.95 57.57 61.66
N LYS S 110 -9.19 57.35 61.21
CA LYS S 110 -9.78 56.01 61.31
C LYS S 110 -9.03 55.01 60.43
N ASN S 111 -8.63 55.42 59.23
CA ASN S 111 -7.97 54.53 58.29
C ASN S 111 -6.46 54.60 58.36
N ALA S 112 -5.89 55.43 59.23
CA ALA S 112 -4.45 55.60 59.27
C ALA S 112 -3.77 54.31 59.72
N THR S 113 -2.63 54.00 59.09
CA THR S 113 -1.82 52.83 59.38
C THR S 113 -2.57 51.51 59.16
N LYS S 114 -3.60 51.51 58.32
CA LYS S 114 -4.31 50.30 57.96
C LYS S 114 -3.81 49.80 56.61
N VAL S 115 -3.89 48.48 56.43
CA VAL S 115 -3.33 47.80 55.26
C VAL S 115 -4.44 47.03 54.56
N ILE S 116 -4.55 47.21 53.24
CA ILE S 116 -5.42 46.40 52.40
C ILE S 116 -4.52 45.49 51.56
N THR S 117 -4.65 44.19 51.76
CA THR S 117 -3.75 43.21 51.17
C THR S 117 -4.49 42.35 50.15
N LEU S 118 -3.96 42.29 48.93
CA LEU S 118 -4.47 41.40 47.89
C LEU S 118 -3.52 40.20 47.81
N ASN S 119 -3.76 39.23 48.69
CA ASN S 119 -2.88 38.06 48.78
C ASN S 119 -3.15 37.10 47.63
N ARG S 120 -2.07 36.62 47.00
CA ARG S 120 -2.15 35.62 45.94
C ARG S 120 -1.39 34.37 46.38
N THR S 121 -2.05 33.23 46.32
CA THR S 121 -1.40 31.97 46.67
C THR S 121 -0.62 31.43 45.49
N ALA S 122 0.18 30.39 45.75
CA ALA S 122 0.96 29.76 44.68
C ALA S 122 0.07 29.06 43.66
N ASP S 123 -1.19 28.78 44.01
CA ASP S 123 -2.13 28.16 43.09
C ASP S 123 -2.91 29.16 42.26
N GLY S 124 -2.65 30.45 42.41
CA GLY S 124 -3.32 31.46 41.62
C GLY S 124 -4.64 31.94 42.15
N VAL S 125 -4.91 31.77 43.44
CA VAL S 125 -6.17 32.21 44.04
C VAL S 125 -5.96 33.58 44.67
N TRP S 126 -6.79 34.55 44.28
CA TRP S 126 -6.70 35.91 44.77
C TRP S 126 -7.68 36.12 45.91
N ALA S 127 -7.21 36.75 46.98
CA ALA S 127 -8.05 37.08 48.13
C ALA S 127 -7.69 38.48 48.62
N CYS S 128 -8.69 39.19 49.12
CA CYS S 128 -8.51 40.53 49.67
C CYS S 128 -8.71 40.51 51.17
N LYS S 129 -7.73 41.02 51.91
CA LYS S 129 -7.79 41.11 53.36
C LYS S 129 -7.52 42.55 53.78
N SER S 130 -8.33 43.05 54.71
CA SER S 130 -8.23 44.42 55.17
C SER S 130 -8.18 44.45 56.69
N THR S 131 -7.33 45.31 57.24
CA THR S 131 -7.21 45.48 58.68
C THR S 131 -8.02 46.65 59.21
N GLN S 132 -8.81 47.32 58.37
CA GLN S 132 -9.61 48.44 58.81
C GLN S 132 -10.78 47.94 59.67
N ASP S 133 -11.62 48.89 60.09
CA ASP S 133 -12.84 48.53 60.80
C ASP S 133 -13.80 47.81 59.85
N PRO S 134 -14.62 46.90 60.38
CA PRO S 134 -15.56 46.19 59.51
C PRO S 134 -16.54 47.10 58.80
N MET S 135 -16.93 48.22 59.43
CA MET S 135 -17.84 49.15 58.77
C MET S 135 -17.17 49.85 57.60
N PHE S 136 -15.89 50.17 57.72
CA PHE S 136 -15.15 50.86 56.68
C PHE S 136 -14.55 49.92 55.63
N THR S 137 -14.60 48.62 55.87
CA THR S 137 -14.01 47.68 54.93
C THR S 137 -14.84 47.63 53.65
N PRO S 138 -14.23 47.81 52.48
CA PRO S 138 -14.99 47.75 51.23
C PRO S 138 -15.48 46.33 50.96
N LYS S 139 -16.54 46.26 50.15
CA LYS S 139 -17.12 44.97 49.80
C LYS S 139 -16.12 44.12 49.03
N GLY S 140 -16.18 42.81 49.27
CA GLY S 140 -15.30 41.86 48.62
C GLY S 140 -13.98 41.64 49.31
N CYS S 141 -13.68 42.38 50.37
CA CYS S 141 -12.47 42.20 51.15
C CYS S 141 -12.84 41.73 52.54
N ASP S 142 -12.27 40.60 52.95
CA ASP S 142 -12.52 40.08 54.29
C ASP S 142 -11.80 40.93 55.33
N ASN S 143 -12.32 40.91 56.55
CA ASN S 143 -11.75 41.71 57.62
C ASN S 143 -11.12 40.83 58.69
N PHE T 1 -38.39 106.40 75.90
CA PHE T 1 -37.04 105.90 75.69
C PHE T 1 -36.10 106.41 76.79
N THR T 2 -35.35 105.49 77.39
CA THR T 2 -34.42 105.81 78.46
C THR T 2 -32.99 105.60 77.98
N LEU T 3 -32.05 106.29 78.64
CA LEU T 3 -30.64 106.14 78.27
C LEU T 3 -30.13 104.74 78.58
N ILE T 4 -30.67 104.10 79.62
CA ILE T 4 -30.27 102.73 79.91
C ILE T 4 -30.73 101.79 78.79
N GLU T 5 -31.91 102.05 78.22
CA GLU T 5 -32.39 101.25 77.09
C GLU T 5 -31.43 101.34 75.91
N LEU T 6 -30.99 102.56 75.57
CA LEU T 6 -30.11 102.77 74.44
C LEU T 6 -28.70 102.26 74.70
N MET T 7 -28.22 102.39 75.94
CA MET T 7 -26.90 101.87 76.26
C MET T 7 -26.86 100.35 76.24
N ILE T 8 -27.94 99.70 76.68
CA ILE T 8 -28.02 98.25 76.54
C ILE T 8 -28.01 97.84 75.06
N VAL T 9 -28.71 98.61 74.22
CA VAL T 9 -28.71 98.32 72.79
C VAL T 9 -27.32 98.48 72.21
N VAL T 10 -26.61 99.53 72.61
CA VAL T 10 -25.24 99.74 72.12
C VAL T 10 -24.33 98.61 72.56
N ALA T 11 -24.45 98.18 73.82
CA ALA T 11 -23.63 97.09 74.33
C ALA T 11 -23.92 95.79 73.57
N ILE T 12 -25.19 95.51 73.31
CA ILE T 12 -25.53 94.28 72.60
C ILE T 12 -25.09 94.38 71.13
N ILE T 13 -25.10 95.58 70.56
CA ILE T 13 -24.57 95.75 69.21
C ILE T 13 -23.08 95.44 69.18
N GLY T 14 -22.34 95.95 70.17
CA GLY T 14 -20.93 95.65 70.25
C GLY T 14 -20.64 94.17 70.47
N ILE T 15 -21.45 93.53 71.32
CA ILE T 15 -21.28 92.11 71.60
C ILE T 15 -21.60 91.28 70.36
N LEU T 16 -22.65 91.66 69.62
CA LEU T 16 -23.04 90.94 68.42
C LEU T 16 -22.01 91.11 67.31
N ALA T 17 -21.24 92.19 67.35
CA ALA T 17 -20.05 92.32 66.53
C ALA T 17 -18.93 91.51 67.19
N ALA T 18 -17.70 91.73 66.74
CA ALA T 18 -16.52 91.07 67.30
C ALA T 18 -16.53 89.56 67.11
N ILE T 19 -17.48 89.03 66.35
CA ILE T 19 -17.51 87.60 66.04
C ILE T 19 -16.35 87.30 65.11
N ALA T 20 -15.43 86.45 65.55
CA ALA T 20 -14.24 86.17 64.76
C ALA T 20 -14.61 85.46 63.46
N ILE T 21 -14.01 85.93 62.38
CA ILE T 21 -14.22 85.37 61.05
C ILE T 21 -12.99 84.56 60.68
N PRO T 22 -13.09 83.24 60.61
CA PRO T 22 -11.92 82.41 60.28
C PRO T 22 -11.54 82.56 58.81
N GLN T 23 -10.40 81.98 58.47
CA GLN T 23 -9.93 81.98 57.08
C GLN T 23 -10.87 81.18 56.21
N TYR T 24 -11.14 81.67 55.01
CA TYR T 24 -12.03 81.01 54.07
C TYR T 24 -11.47 80.88 52.66
N GLN T 25 -10.41 81.60 52.31
CA GLN T 25 -9.86 81.50 50.96
C GLN T 25 -9.21 80.14 50.72
N ASN T 26 -8.73 79.49 51.77
CA ASN T 26 -8.16 78.15 51.61
C ASN T 26 -9.21 77.16 51.13
N TYR T 27 -10.42 77.25 51.67
CA TYR T 27 -11.50 76.37 51.24
C TYR T 27 -11.81 76.58 49.77
N VAL T 28 -11.89 77.84 49.34
CA VAL T 28 -12.19 78.14 47.95
C VAL T 28 -11.08 77.63 47.03
N ALA T 29 -9.82 77.83 47.43
CA ALA T 29 -8.71 77.36 46.61
C ALA T 29 -8.72 75.84 46.49
N ARG T 30 -8.97 75.14 47.60
CA ARG T 30 -9.02 73.68 47.56
C ARG T 30 -10.15 73.19 46.68
N SER T 31 -11.32 73.83 46.79
CA SER T 31 -12.46 73.44 45.94
C SER T 31 -12.16 73.71 44.48
N GLU T 32 -11.49 74.82 44.17
CA GLU T 32 -11.12 75.12 42.79
C GLU T 32 -10.16 74.08 42.25
N GLY T 33 -9.17 73.68 43.05
CA GLY T 33 -8.25 72.64 42.61
C GLY T 33 -8.95 71.31 42.36
N ALA T 34 -9.86 70.93 43.27
CA ALA T 34 -10.61 69.70 43.09
C ALA T 34 -11.48 69.76 41.85
N SER T 35 -12.13 70.90 41.60
CA SER T 35 -12.97 71.05 40.43
C SER T 35 -12.15 70.97 39.15
N ALA T 36 -10.98 71.60 39.12
CA ALA T 36 -10.12 71.52 37.94
C ALA T 36 -9.66 70.10 37.69
N LEU T 37 -9.24 69.39 38.74
CA LEU T 37 -8.78 68.02 38.57
C LEU T 37 -9.92 67.12 38.09
N ALA T 38 -11.11 67.29 38.65
CA ALA T 38 -12.26 66.52 38.19
C ALA T 38 -12.68 66.88 36.78
N THR T 39 -12.39 68.11 36.34
CA THR T 39 -12.70 68.50 34.96
C THR T 39 -11.75 67.84 33.98
N ILE T 40 -10.45 67.84 34.28
CA ILE T 40 -9.48 67.31 33.32
C ILE T 40 -9.20 65.83 33.49
N ASN T 41 -9.67 65.20 34.56
CA ASN T 41 -9.44 63.76 34.75
C ASN T 41 -10.09 62.91 33.66
N PRO T 42 -11.37 63.09 33.29
CA PRO T 42 -11.95 62.22 32.24
C PRO T 42 -11.27 62.36 30.89
N LEU T 43 -10.55 63.44 30.64
CA LEU T 43 -9.85 63.58 29.37
C LEU T 43 -8.72 62.57 29.21
N LYS T 44 -8.27 61.95 30.30
CA LYS T 44 -7.31 60.86 30.18
C LYS T 44 -7.90 59.67 29.44
N THR T 45 -9.17 59.37 29.69
CA THR T 45 -9.83 58.26 29.01
C THR T 45 -9.92 58.52 27.51
N THR T 46 -10.27 59.74 27.12
CA THR T 46 -10.39 60.06 25.70
C THR T 46 -9.07 59.91 24.97
N VAL T 47 -7.99 60.45 25.55
CA VAL T 47 -6.68 60.39 24.89
C VAL T 47 -6.21 58.95 24.79
N GLU T 48 -6.32 58.19 25.88
CA GLU T 48 -5.85 56.81 25.87
C GLU T 48 -6.65 55.96 24.90
N GLU T 49 -7.98 56.13 24.88
CA GLU T 49 -8.80 55.36 23.96
C GLU T 49 -8.48 55.72 22.50
N SER T 50 -8.32 57.01 22.21
CA SER T 50 -8.02 57.41 20.84
C SER T 50 -6.66 56.88 20.40
N LEU T 51 -5.66 56.91 21.29
CA LEU T 51 -4.36 56.35 20.97
C LEU T 51 -4.44 54.83 20.78
N SER T 52 -5.28 54.16 21.56
CA SER T 52 -5.43 52.72 21.42
C SER T 52 -6.04 52.34 20.07
N ARG T 53 -6.98 53.14 19.58
CA ARG T 53 -7.63 52.87 18.30
C ARG T 53 -6.81 53.34 17.11
N GLY T 54 -5.65 53.94 17.32
CA GLY T 54 -4.79 54.35 16.24
C GLY T 54 -4.92 55.79 15.81
N ILE T 55 -5.83 56.55 16.39
CA ILE T 55 -5.96 57.96 16.04
C ILE T 55 -4.68 58.70 16.40
N ALA T 56 -4.19 59.50 15.46
CA ALA T 56 -2.95 60.23 15.68
C ALA T 56 -3.09 61.20 16.85
N GLY T 57 -2.00 61.35 17.60
CA GLY T 57 -2.03 62.25 18.75
C GLY T 57 -2.31 63.69 18.37
N SER T 58 -1.80 64.12 17.22
CA SER T 58 -2.07 65.47 16.75
C SER T 58 -3.52 65.67 16.36
N LYS T 59 -4.28 64.59 16.16
CA LYS T 59 -5.68 64.66 15.79
C LYS T 59 -6.60 64.67 17.00
N ILE T 60 -6.07 64.54 18.21
CA ILE T 60 -6.87 64.57 19.43
C ILE T 60 -6.91 66.02 19.88
N LYS T 61 -8.03 66.69 19.65
CA LYS T 61 -8.20 68.10 20.00
C LYS T 61 -9.31 68.24 21.02
N ILE T 62 -9.56 69.48 21.45
CA ILE T 62 -10.58 69.80 22.43
C ILE T 62 -11.63 70.69 21.77
N GLY T 63 -12.89 70.30 21.90
CA GLY T 63 -13.97 71.05 21.32
C GLY T 63 -15.20 70.19 21.20
N THR T 64 -16.30 70.84 20.84
CA THR T 64 -17.59 70.16 20.67
C THR T 64 -17.84 69.70 19.24
N THR T 65 -16.87 69.89 18.35
CA THR T 65 -17.01 69.41 16.98
C THR T 65 -17.17 67.89 16.96
N ALA T 66 -18.08 67.40 16.13
CA ALA T 66 -18.35 65.98 16.03
C ALA T 66 -17.11 65.20 15.63
N SER T 67 -16.66 64.29 16.48
CA SER T 67 -15.47 63.51 16.18
C SER T 67 -15.73 62.54 15.04
N THR T 68 -14.82 62.50 14.08
CA THR T 68 -14.93 61.61 12.94
C THR T 68 -14.13 60.34 13.19
N ALA T 69 -13.98 59.50 12.17
CA ALA T 69 -13.24 58.27 12.33
C ALA T 69 -11.74 58.52 12.48
N THR T 70 -11.26 59.68 12.02
CA THR T 70 -9.85 60.02 12.10
C THR T 70 -9.53 61.08 13.13
N GLU T 71 -10.49 61.95 13.46
CA GLU T 71 -10.30 63.01 14.43
C GLU T 71 -11.17 62.76 15.65
N THR T 72 -10.65 63.08 16.83
CA THR T 72 -11.37 62.91 18.09
C THR T 72 -11.40 64.23 18.83
N TYR T 73 -12.58 64.62 19.28
CA TYR T 73 -12.77 65.81 20.10
C TYR T 73 -13.34 65.41 21.45
N VAL T 74 -12.83 66.04 22.51
CA VAL T 74 -13.21 65.66 23.87
C VAL T 74 -14.68 65.95 24.16
N GLY T 75 -15.33 66.80 23.36
CA GLY T 75 -16.73 67.08 23.54
C GLY T 75 -17.05 68.27 24.42
N VAL T 76 -16.04 68.96 24.96
CA VAL T 76 -16.26 70.14 25.78
C VAL T 76 -15.47 71.30 25.21
N GLU T 77 -15.96 72.51 25.46
CA GLU T 77 -15.26 73.71 25.04
C GLU T 77 -14.01 73.92 25.90
N PRO T 78 -13.00 74.62 25.38
CA PRO T 78 -11.84 74.95 26.22
C PRO T 78 -12.21 75.73 27.46
N ASP T 79 -13.21 76.61 27.36
CA ASP T 79 -13.67 77.42 28.47
C ASP T 79 -14.94 76.87 29.11
N ALA T 80 -15.16 75.55 29.00
CA ALA T 80 -16.36 74.95 29.60
C ALA T 80 -16.38 75.16 31.10
N ASN T 81 -15.25 75.00 31.77
CA ASN T 81 -15.12 75.35 33.17
C ASN T 81 -14.62 76.78 33.25
N LYS T 82 -15.41 77.65 33.89
CA LYS T 82 -15.08 79.08 33.90
C LYS T 82 -13.82 79.38 34.69
N LEU T 83 -13.33 78.43 35.50
CA LEU T 83 -12.13 78.67 36.28
C LEU T 83 -10.92 78.89 35.39
N GLY T 84 -10.82 78.11 34.32
CA GLY T 84 -9.70 78.26 33.40
C GLY T 84 -9.92 77.46 32.14
N VAL T 85 -9.00 77.62 31.20
CA VAL T 85 -9.11 76.93 29.92
C VAL T 85 -8.40 75.57 30.02
N ILE T 86 -8.78 74.67 29.11
CA ILE T 86 -8.19 73.34 29.03
C ILE T 86 -7.52 73.21 27.68
N ALA T 87 -6.28 72.74 27.68
CA ALA T 87 -5.50 72.56 26.46
C ALA T 87 -5.03 71.11 26.37
N VAL T 88 -5.27 70.50 25.23
CA VAL T 88 -4.83 69.13 24.96
C VAL T 88 -3.81 69.20 23.82
N ALA T 89 -2.58 68.76 24.10
CA ALA T 89 -1.48 68.79 23.13
C ALA T 89 -0.78 67.44 23.19
N ILE T 90 -1.21 66.50 22.35
CA ILE T 90 -0.65 65.16 22.29
C ILE T 90 0.17 65.04 21.00
N GLU T 91 1.41 64.58 21.14
CA GLU T 91 2.26 64.37 19.98
C GLU T 91 1.89 63.07 19.27
N ASP T 92 2.41 62.91 18.06
CA ASP T 92 2.12 61.70 17.28
C ASP T 92 2.71 60.46 17.93
N SER T 93 3.80 60.60 18.68
CA SER T 93 4.42 59.47 19.36
C SER T 93 3.61 58.99 20.55
N GLY T 94 2.58 59.72 20.96
CA GLY T 94 1.79 59.39 22.12
C GLY T 94 2.09 60.23 23.34
N ALA T 95 3.24 60.92 23.35
CA ALA T 95 3.57 61.80 24.46
C ALA T 95 2.79 63.10 24.38
N GLY T 96 2.37 63.58 25.53
CA GLY T 96 1.60 64.81 25.58
C GLY T 96 1.16 65.10 26.99
N ASP T 97 0.44 66.21 27.14
CA ASP T 97 -0.06 66.64 28.43
C ASP T 97 -1.41 67.34 28.27
N ILE T 98 -2.19 67.30 29.35
CA ILE T 98 -3.47 68.00 29.42
C ILE T 98 -3.33 69.01 30.54
N THR T 99 -3.51 70.29 30.22
CA THR T 99 -3.27 71.38 31.15
C THR T 99 -4.57 72.13 31.46
N PHE T 100 -4.71 72.54 32.71
CA PHE T 100 -5.80 73.40 33.15
C PHE T 100 -5.18 74.63 33.78
N THR T 101 -5.19 75.74 33.06
CA THR T 101 -4.59 76.99 33.53
C THR T 101 -5.68 77.91 34.05
N PHE T 102 -5.64 78.21 35.34
CA PHE T 102 -6.60 79.14 35.92
C PHE T 102 -6.39 80.54 35.37
N GLN T 103 -7.48 81.22 35.03
CA GLN T 103 -7.44 82.54 34.43
C GLN T 103 -7.80 83.60 35.45
N THR T 104 -7.04 84.70 35.42
CA THR T 104 -7.32 85.84 36.29
C THR T 104 -8.65 86.48 35.90
N GLY T 105 -9.45 86.83 36.89
CA GLY T 105 -10.77 87.38 36.68
C GLY T 105 -11.90 86.40 36.90
N THR T 106 -11.60 85.11 36.95
CA THR T 106 -12.61 84.08 37.22
C THR T 106 -12.15 83.04 38.22
N SER T 107 -10.95 83.15 38.77
CA SER T 107 -10.43 82.20 39.74
C SER T 107 -9.88 82.97 40.94
N SER T 108 -9.80 82.29 42.07
CA SER T 108 -9.33 82.92 43.29
C SER T 108 -7.88 83.37 43.13
N PRO T 109 -7.47 84.44 43.82
CA PRO T 109 -6.09 84.94 43.64
C PRO T 109 -5.02 83.93 43.98
N LYS T 110 -5.29 83.02 44.92
CA LYS T 110 -4.29 82.01 45.28
C LYS T 110 -4.03 81.06 44.11
N ASN T 111 -5.07 80.66 43.40
CA ASN T 111 -4.95 79.70 42.31
C ASN T 111 -4.80 80.35 40.94
N ALA T 112 -4.80 81.68 40.87
CA ALA T 112 -4.74 82.35 39.58
C ALA T 112 -3.41 82.07 38.89
N THR T 113 -3.47 81.88 37.57
CA THR T 113 -2.31 81.61 36.71
C THR T 113 -1.56 80.35 37.11
N LYS T 114 -2.22 79.41 37.77
CA LYS T 114 -1.62 78.13 38.10
C LYS T 114 -2.06 77.08 37.09
N VAL T 115 -1.20 76.08 36.86
CA VAL T 115 -1.41 75.07 35.84
C VAL T 115 -1.40 73.69 36.48
N ILE T 116 -2.40 72.89 36.16
CA ILE T 116 -2.45 71.47 36.53
C ILE T 116 -2.21 70.67 35.27
N THR T 117 -1.12 69.92 35.23
CA THR T 117 -0.68 69.23 34.03
C THR T 117 -0.78 67.72 34.22
N LEU T 118 -1.47 67.05 33.29
CA LEU T 118 -1.54 65.59 33.25
C LEU T 118 -0.59 65.12 32.16
N ASN T 119 0.68 64.99 32.50
CA ASN T 119 1.71 64.64 31.53
C ASN T 119 1.65 63.15 31.21
N ARG T 120 1.72 62.82 29.92
CA ARG T 120 1.77 61.44 29.46
C ARG T 120 3.06 61.22 28.69
N THR T 121 3.81 60.19 29.08
CA THR T 121 5.05 59.87 28.39
C THR T 121 4.76 59.02 27.17
N ALA T 122 5.80 58.82 26.34
CA ALA T 122 5.66 57.99 25.16
C ALA T 122 5.41 56.53 25.51
N ASP T 123 5.71 56.12 26.74
CA ASP T 123 5.50 54.75 27.18
C ASP T 123 4.11 54.53 27.78
N GLY T 124 3.27 55.57 27.82
CA GLY T 124 1.93 55.43 28.33
C GLY T 124 1.77 55.61 29.82
N VAL T 125 2.71 56.28 30.48
CA VAL T 125 2.65 56.49 31.93
C VAL T 125 2.06 57.87 32.18
N TRP T 126 0.99 57.91 32.97
CA TRP T 126 0.29 59.15 33.29
C TRP T 126 0.78 59.68 34.64
N ALA T 127 1.06 60.99 34.68
CA ALA T 127 1.47 61.66 35.91
C ALA T 127 0.79 63.01 35.98
N CYS T 128 0.48 63.45 37.21
CA CYS T 128 -0.16 64.74 37.44
C CYS T 128 0.82 65.66 38.15
N LYS T 129 1.02 66.85 37.59
CA LYS T 129 1.90 67.86 38.16
C LYS T 129 1.13 69.16 38.29
N SER T 130 1.27 69.81 39.44
CA SER T 130 0.56 71.04 39.74
C SER T 130 1.53 72.10 40.24
N THR T 131 1.33 73.33 39.79
CA THR T 131 2.16 74.46 40.20
C THR T 131 1.55 75.27 41.33
N GLN T 132 0.43 74.83 41.88
CA GLN T 132 -0.21 75.55 42.97
C GLN T 132 0.59 75.38 44.26
N ASP T 133 0.06 75.95 45.33
CA ASP T 133 0.67 75.76 46.64
C ASP T 133 0.49 74.30 47.09
N PRO T 134 1.44 73.77 47.86
CA PRO T 134 1.30 72.38 48.32
C PRO T 134 0.04 72.13 49.13
N MET T 135 -0.42 73.11 49.90
CA MET T 135 -1.65 72.93 50.67
C MET T 135 -2.87 72.83 49.76
N PHE T 136 -2.89 73.60 48.67
CA PHE T 136 -4.02 73.61 47.75
C PHE T 136 -3.93 72.53 46.69
N THR T 137 -2.81 71.84 46.59
CA THR T 137 -2.66 70.82 45.55
C THR T 137 -3.54 69.62 45.87
N PRO T 138 -4.38 69.19 44.94
CA PRO T 138 -5.22 68.01 45.20
C PRO T 138 -4.40 66.74 45.32
N LYS T 139 -4.98 65.76 46.00
CA LYS T 139 -4.31 64.49 46.20
C LYS T 139 -4.07 63.79 44.86
N GLY T 140 -2.93 63.09 44.77
CA GLY T 140 -2.56 62.38 43.58
C GLY T 140 -1.80 63.18 42.56
N CYS T 141 -1.63 64.48 42.78
CA CYS T 141 -0.85 65.34 41.90
C CYS T 141 0.38 65.84 42.63
N ASP T 142 1.54 65.60 42.06
CA ASP T 142 2.78 66.08 42.66
C ASP T 142 2.89 67.60 42.50
N ASN T 143 3.66 68.20 43.40
CA ASN T 143 3.81 69.66 43.39
C ASN T 143 5.24 70.05 43.02
N PHE U 1 -35.57 113.47 85.33
CA PHE U 1 -35.19 113.51 83.93
C PHE U 1 -34.75 114.92 83.52
N THR U 2 -33.59 115.01 82.89
CA THR U 2 -33.03 116.29 82.45
C THR U 2 -33.03 116.35 80.93
N LEU U 3 -33.01 117.59 80.41
CA LEU U 3 -32.99 117.76 78.96
C LEU U 3 -31.69 117.27 78.36
N ILE U 4 -30.59 117.35 79.10
CA ILE U 4 -29.33 116.82 78.60
C ILE U 4 -29.41 115.29 78.48
N GLU U 5 -30.10 114.63 79.42
CA GLU U 5 -30.30 113.19 79.33
C GLU U 5 -31.03 112.81 78.05
N LEU U 6 -32.12 113.53 77.75
CA LEU U 6 -32.92 113.22 76.57
C LEU U 6 -32.21 113.59 75.28
N MET U 7 -31.44 114.69 75.28
CA MET U 7 -30.71 115.06 74.08
C MET U 7 -29.58 114.09 73.78
N ILE U 8 -28.93 113.56 74.82
CA ILE U 8 -27.93 112.52 74.59
C ILE U 8 -28.59 111.27 74.02
N VAL U 9 -29.79 110.93 74.49
CA VAL U 9 -30.52 109.79 73.95
C VAL U 9 -30.85 110.01 72.49
N VAL U 10 -31.31 111.22 72.15
CA VAL U 10 -31.64 111.53 70.76
C VAL U 10 -30.40 111.44 69.87
N ALA U 11 -29.28 111.97 70.36
CA ALA U 11 -28.05 111.92 69.59
C ALA U 11 -27.59 110.48 69.37
N ILE U 12 -27.69 109.64 70.40
CA ILE U 12 -27.27 108.25 70.26
C ILE U 12 -28.25 107.48 69.37
N ILE U 13 -29.53 107.86 69.38
CA ILE U 13 -30.49 107.27 68.46
C ILE U 13 -30.11 107.60 67.02
N GLY U 14 -29.77 108.86 66.76
CA GLY U 14 -29.34 109.24 65.43
C GLY U 14 -28.05 108.56 65.00
N ILE U 15 -27.11 108.42 65.93
CA ILE U 15 -25.84 107.75 65.62
C ILE U 15 -26.07 106.28 65.35
N LEU U 16 -26.95 105.63 66.13
CA LEU U 16 -27.24 104.22 65.94
C LEU U 16 -27.98 103.97 64.64
N ALA U 17 -28.68 104.98 64.14
CA ALA U 17 -29.18 104.94 62.78
C ALA U 17 -28.04 105.28 61.84
N ALA U 18 -28.34 105.58 60.57
CA ALA U 18 -27.36 105.97 59.57
C ALA U 18 -26.36 104.87 59.26
N ILE U 19 -26.56 103.66 59.78
CA ILE U 19 -25.69 102.53 59.46
C ILE U 19 -25.96 102.14 58.01
N ALA U 20 -24.93 102.23 57.17
CA ALA U 20 -25.10 101.97 55.76
C ALA U 20 -25.47 100.50 55.52
N ILE U 21 -26.46 100.29 54.68
CA ILE U 21 -26.95 98.96 54.32
C ILE U 21 -26.44 98.65 52.91
N PRO U 22 -25.49 97.72 52.76
CA PRO U 22 -24.98 97.40 51.42
C PRO U 22 -26.01 96.65 50.59
N GLN U 23 -25.67 96.47 49.32
CA GLN U 23 -26.53 95.72 48.41
C GLN U 23 -26.60 94.26 48.83
N TYR U 24 -27.79 93.68 48.75
CA TYR U 24 -28.00 92.29 49.13
C TYR U 24 -28.77 91.46 48.11
N GLN U 25 -29.42 92.08 47.12
CA GLN U 25 -30.17 91.31 46.14
C GLN U 25 -29.24 90.52 45.22
N ASN U 26 -28.01 90.99 45.03
CA ASN U 26 -27.05 90.23 44.22
C ASN U 26 -26.73 88.89 44.86
N TYR U 27 -26.58 88.86 46.18
CA TYR U 27 -26.32 87.61 46.87
C TYR U 27 -27.47 86.64 46.69
N VAL U 28 -28.70 87.12 46.82
CA VAL U 28 -29.87 86.27 46.68
C VAL U 28 -29.97 85.75 45.25
N ALA U 29 -29.72 86.61 44.25
CA ALA U 29 -29.78 86.17 42.86
C ALA U 29 -28.72 85.11 42.57
N ARG U 30 -27.50 85.32 43.07
CA ARG U 30 -26.44 84.33 42.85
C ARG U 30 -26.77 83.00 43.52
N SER U 31 -27.31 83.05 44.74
CA SER U 31 -27.68 81.82 45.42
C SER U 31 -28.82 81.11 44.69
N GLU U 32 -29.78 81.87 44.15
CA GLU U 32 -30.86 81.27 43.39
C GLU U 32 -30.34 80.59 42.13
N GLY U 33 -29.41 81.24 41.42
CA GLY U 33 -28.81 80.62 40.26
C GLY U 33 -28.06 79.35 40.59
N ALA U 34 -27.28 79.38 41.67
CA ALA U 34 -26.56 78.19 42.10
C ALA U 34 -27.51 77.07 42.48
N SER U 35 -28.59 77.40 43.19
CA SER U 35 -29.57 76.39 43.58
C SER U 35 -30.25 75.77 42.36
N ALA U 36 -30.62 76.60 41.38
CA ALA U 36 -31.24 76.07 40.17
C ALA U 36 -30.29 75.15 39.41
N LEU U 37 -29.02 75.58 39.27
CA LEU U 37 -28.05 74.74 38.56
C LEU U 37 -27.82 73.43 39.28
N ALA U 38 -27.71 73.47 40.62
CA ALA U 38 -27.55 72.23 41.38
C ALA U 38 -28.80 71.37 41.34
N THR U 39 -29.98 71.97 41.13
CA THR U 39 -31.20 71.18 41.01
C THR U 39 -31.25 70.45 39.67
N ILE U 40 -30.91 71.13 38.57
CA ILE U 40 -31.04 70.51 37.25
C ILE U 40 -29.79 69.77 36.80
N ASN U 41 -28.67 69.92 37.52
CA ASN U 41 -27.45 69.21 37.12
C ASN U 41 -27.58 67.69 37.20
N PRO U 42 -28.10 67.09 38.26
CA PRO U 42 -28.19 65.61 38.30
C PRO U 42 -29.11 65.04 37.23
N LEU U 43 -30.00 65.83 36.66
CA LEU U 43 -30.87 65.33 35.60
C LEU U 43 -30.10 64.98 34.33
N LYS U 44 -28.86 65.49 34.19
CA LYS U 44 -28.03 65.06 33.07
C LYS U 44 -27.69 63.59 33.16
N THR U 45 -27.43 63.09 34.37
CA THR U 45 -27.12 61.68 34.55
C THR U 45 -28.30 60.80 34.15
N THR U 46 -29.51 61.20 34.55
CA THR U 46 -30.69 60.40 34.23
C THR U 46 -30.90 60.30 32.73
N VAL U 47 -30.83 61.43 32.02
CA VAL U 47 -31.06 61.44 30.59
C VAL U 47 -30.01 60.62 29.87
N GLU U 48 -28.74 60.83 30.21
CA GLU U 48 -27.65 60.12 29.55
C GLU U 48 -27.73 58.62 29.81
N GLU U 49 -28.02 58.23 31.05
CA GLU U 49 -28.14 56.80 31.35
C GLU U 49 -29.32 56.17 30.63
N SER U 50 -30.47 56.86 30.59
CA SER U 50 -31.63 56.31 29.91
C SER U 50 -31.38 56.18 28.41
N LEU U 51 -30.70 57.17 27.81
CA LEU U 51 -30.36 57.07 26.40
C LEU U 51 -29.35 55.95 26.15
N SER U 52 -28.43 55.73 27.08
CA SER U 52 -27.46 54.66 26.93
C SER U 52 -28.12 53.28 26.95
N ARG U 53 -29.15 53.12 27.78
CA ARG U 53 -29.85 51.84 27.89
C ARG U 53 -30.89 51.64 26.80
N GLY U 54 -31.07 52.60 25.91
CA GLY U 54 -31.99 52.46 24.80
C GLY U 54 -33.37 53.04 25.02
N ILE U 55 -33.66 53.59 26.20
CA ILE U 55 -34.96 54.19 26.44
C ILE U 55 -35.13 55.39 25.51
N ALA U 56 -36.31 55.46 24.87
CA ALA U 56 -36.57 56.53 23.92
C ALA U 56 -36.55 57.88 24.62
N GLY U 57 -36.05 58.89 23.90
CA GLY U 57 -35.97 60.23 24.48
C GLY U 57 -37.32 60.79 24.85
N SER U 58 -38.35 60.48 24.05
CA SER U 58 -39.70 60.94 24.37
C SER U 58 -40.26 60.26 25.62
N LYS U 59 -39.67 59.15 26.05
CA LYS U 59 -40.11 58.44 27.23
C LYS U 59 -39.42 58.90 28.51
N ILE U 60 -38.48 59.83 28.41
CA ILE U 60 -37.79 60.38 29.58
C ILE U 60 -38.58 61.61 30.02
N LYS U 61 -39.36 61.46 31.07
CA LYS U 61 -40.20 62.53 31.60
C LYS U 61 -39.75 62.89 33.01
N ILE U 62 -40.44 63.88 33.59
CA ILE U 62 -40.15 64.37 34.92
C ILE U 62 -41.36 64.10 35.81
N GLY U 63 -41.11 63.48 36.95
CA GLY U 63 -42.18 63.17 37.88
C GLY U 63 -41.74 62.08 38.83
N THR U 64 -42.57 61.84 39.84
CA THR U 64 -42.32 60.82 40.84
C THR U 64 -42.93 59.47 40.50
N THR U 65 -43.56 59.35 39.32
CA THR U 65 -44.11 58.07 38.90
C THR U 65 -43.00 57.03 38.78
N ALA U 66 -43.28 55.82 39.26
CA ALA U 66 -42.30 54.74 39.23
C ALA U 66 -41.86 54.43 37.81
N SER U 67 -40.56 54.58 37.53
CA SER U 67 -40.05 54.32 36.20
C SER U 67 -40.09 52.83 35.88
N THR U 68 -40.59 52.51 34.70
CA THR U 68 -40.69 51.13 34.25
C THR U 68 -39.48 50.78 33.39
N ALA U 69 -39.52 49.61 32.76
CA ALA U 69 -38.40 49.20 31.91
C ALA U 69 -38.34 50.02 30.63
N THR U 70 -39.45 50.63 30.22
CA THR U 70 -39.49 51.42 29.00
C THR U 70 -39.58 52.92 29.26
N GLU U 71 -40.12 53.34 30.40
CA GLU U 71 -40.26 54.74 30.74
C GLU U 71 -39.37 55.07 31.93
N THR U 72 -38.78 56.27 31.90
CA THR U 72 -37.90 56.74 32.97
C THR U 72 -38.42 58.08 33.48
N TYR U 73 -38.54 58.20 34.81
CA TYR U 73 -38.92 59.44 35.46
C TYR U 73 -37.79 59.88 36.38
N VAL U 74 -37.52 61.19 36.39
CA VAL U 74 -36.39 61.70 37.15
C VAL U 74 -36.57 61.55 38.65
N GLY U 75 -37.80 61.32 39.12
CA GLY U 75 -38.05 61.10 40.52
C GLY U 75 -38.40 62.34 41.32
N VAL U 76 -38.45 63.51 40.70
CA VAL U 76 -38.82 64.74 41.39
C VAL U 76 -39.97 65.39 40.65
N GLU U 77 -40.77 66.15 41.40
CA GLU U 77 -41.87 66.89 40.81
C GLU U 77 -41.32 68.06 39.99
N PRO U 78 -42.09 68.55 39.00
CA PRO U 78 -41.66 69.74 38.28
C PRO U 78 -41.47 70.95 39.18
N ASP U 79 -42.31 71.08 40.21
CA ASP U 79 -42.24 72.17 41.17
C ASP U 79 -41.54 71.77 42.47
N ALA U 80 -40.65 70.78 42.41
CA ALA U 80 -39.93 70.35 43.60
C ALA U 80 -39.11 71.48 44.20
N ASN U 81 -38.43 72.24 43.35
CA ASN U 81 -37.76 73.47 43.78
C ASN U 81 -38.73 74.63 43.59
N LYS U 82 -39.05 75.31 44.68
CA LYS U 82 -40.07 76.36 44.63
C LYS U 82 -39.65 77.56 43.79
N LEU U 83 -38.35 77.67 43.47
CA LEU U 83 -37.89 78.79 42.66
C LEU U 83 -38.51 78.78 41.28
N GLY U 84 -38.62 77.60 40.67
CA GLY U 84 -39.21 77.49 39.35
C GLY U 84 -39.45 76.05 38.99
N VAL U 85 -40.09 75.86 37.84
CA VAL U 85 -40.42 74.52 37.37
C VAL U 85 -39.27 73.97 36.53
N ILE U 86 -39.22 72.65 36.41
CA ILE U 86 -38.22 71.95 35.62
C ILE U 86 -38.94 71.21 34.50
N ALA U 87 -38.45 71.38 33.27
CA ALA U 87 -39.02 70.73 32.10
C ALA U 87 -37.95 69.92 31.39
N VAL U 88 -38.26 68.66 31.11
CA VAL U 88 -37.36 67.77 30.38
C VAL U 88 -38.05 67.44 29.06
N ALA U 89 -37.40 67.79 27.94
CA ALA U 89 -37.94 67.57 26.61
C ALA U 89 -36.82 67.01 25.74
N ILE U 90 -36.72 65.68 25.69
CA ILE U 90 -35.69 64.98 24.92
C ILE U 90 -36.35 64.35 23.71
N GLU U 91 -35.79 64.60 22.53
CA GLU U 91 -36.30 64.01 21.31
C GLU U 91 -35.82 62.55 21.18
N ASP U 92 -36.43 61.83 20.25
CA ASP U 92 -36.07 60.43 20.04
C ASP U 92 -34.65 60.28 19.52
N SER U 93 -34.16 61.29 18.79
CA SER U 93 -32.80 61.25 18.27
C SER U 93 -31.74 61.44 19.35
N GLY U 94 -32.13 61.80 20.56
CA GLY U 94 -31.22 62.08 21.64
C GLY U 94 -31.01 63.56 21.92
N ALA U 95 -31.40 64.42 20.99
CA ALA U 95 -31.30 65.85 21.21
C ALA U 95 -32.41 66.34 22.13
N GLY U 96 -32.06 67.27 23.00
CA GLY U 96 -33.04 67.81 23.94
C GLY U 96 -32.37 68.78 24.88
N ASP U 97 -33.19 69.32 25.78
CA ASP U 97 -32.71 70.28 26.77
C ASP U 97 -33.48 70.12 28.07
N ILE U 98 -32.85 70.52 29.16
CA ILE U 98 -33.46 70.56 30.48
C ILE U 98 -33.47 72.02 30.92
N THR U 99 -34.65 72.54 31.18
CA THR U 99 -34.83 73.96 31.48
C THR U 99 -35.33 74.16 32.90
N PHE U 100 -34.84 75.21 33.54
CA PHE U 100 -35.31 75.66 34.85
C PHE U 100 -35.75 77.11 34.70
N THR U 101 -37.06 77.33 34.65
CA THR U 101 -37.62 78.66 34.47
C THR U 101 -38.09 79.20 35.81
N PHE U 102 -37.47 80.28 36.27
CA PHE U 102 -37.88 80.91 37.51
C PHE U 102 -39.28 81.51 37.36
N GLN U 103 -40.11 81.30 38.38
CA GLN U 103 -41.49 81.76 38.36
C GLN U 103 -41.66 83.00 39.21
N THR U 104 -42.42 83.96 38.70
CA THR U 104 -42.74 85.17 39.44
C THR U 104 -43.62 84.82 40.65
N GLY U 105 -43.32 85.43 41.79
CA GLY U 105 -44.01 85.15 43.02
C GLY U 105 -43.25 84.25 43.98
N THR U 106 -42.22 83.56 43.50
CA THR U 106 -41.38 82.71 44.35
C THR U 106 -39.89 82.89 44.09
N SER U 107 -39.49 83.77 43.19
CA SER U 107 -38.09 84.02 42.89
C SER U 107 -37.83 85.51 42.93
N SER U 108 -36.56 85.87 43.14
CA SER U 108 -36.18 87.27 43.23
C SER U 108 -36.47 87.98 41.91
N PRO U 109 -36.77 89.28 41.95
CA PRO U 109 -37.12 90.00 40.72
C PRO U 109 -36.03 89.97 39.66
N LYS U 110 -34.76 89.92 40.08
CA LYS U 110 -33.67 89.89 39.11
C LYS U 110 -33.68 88.59 38.30
N ASN U 111 -33.97 87.47 38.95
CA ASN U 111 -33.95 86.16 38.30
C ASN U 111 -35.31 85.72 37.81
N ALA U 112 -36.35 86.52 38.01
CA ALA U 112 -37.70 86.10 37.61
C ALA U 112 -37.80 85.96 36.10
N THR U 113 -38.51 84.92 35.66
CA THR U 113 -38.76 84.61 34.26
C THR U 113 -37.47 84.35 33.48
N LYS U 114 -36.41 83.94 34.16
CA LYS U 114 -35.16 83.56 33.50
C LYS U 114 -35.08 82.04 33.38
N VAL U 115 -34.40 81.58 32.34
CA VAL U 115 -34.34 80.16 32.01
C VAL U 115 -32.87 79.72 31.98
N ILE U 116 -32.59 78.61 32.67
CA ILE U 116 -31.30 77.95 32.59
C ILE U 116 -31.50 76.65 31.80
N THR U 117 -30.84 76.55 30.66
CA THR U 117 -31.06 75.47 29.71
C THR U 117 -29.82 74.60 29.62
N LEU U 118 -30.00 73.28 29.82
CA LEU U 118 -28.93 72.29 29.62
C LEU U 118 -29.20 71.61 28.29
N ASN U 119 -28.75 72.24 27.21
CA ASN U 119 -29.00 71.73 25.86
C ASN U 119 -28.10 70.55 25.56
N ARG U 120 -28.68 69.49 24.98
CA ARG U 120 -27.96 68.31 24.55
C ARG U 120 -28.15 68.13 23.05
N THR U 121 -27.05 68.03 22.32
CA THR U 121 -27.13 67.82 20.89
C THR U 121 -27.31 66.33 20.58
N ALA U 122 -27.59 66.04 19.31
CA ALA U 122 -27.77 64.65 18.88
C ALA U 122 -26.47 63.86 18.97
N ASP U 123 -25.32 64.53 19.06
CA ASP U 123 -24.03 63.88 19.18
C ASP U 123 -23.63 63.63 20.63
N GLY U 124 -24.47 64.01 21.59
CA GLY U 124 -24.18 63.77 22.99
C GLY U 124 -23.35 64.82 23.68
N VAL U 125 -23.31 66.05 23.15
CA VAL U 125 -22.55 67.12 23.75
C VAL U 125 -23.46 67.97 24.62
N TRP U 126 -23.09 68.14 25.89
CA TRP U 126 -23.89 68.88 26.85
C TRP U 126 -23.36 70.31 26.96
N ALA U 127 -24.28 71.28 26.94
CA ALA U 127 -23.93 72.68 27.10
C ALA U 127 -24.97 73.35 27.98
N CYS U 128 -24.53 74.33 28.77
CA CYS U 128 -25.41 75.08 29.65
C CYS U 128 -25.53 76.51 29.15
N LYS U 129 -26.77 76.96 28.97
CA LYS U 129 -27.06 78.32 28.54
C LYS U 129 -28.03 78.97 29.51
N SER U 130 -27.74 80.21 29.89
CA SER U 130 -28.54 80.94 30.86
C SER U 130 -28.91 82.30 30.31
N THR U 131 -30.15 82.72 30.54
CA THR U 131 -30.64 84.02 30.11
C THR U 131 -30.57 85.07 31.21
N GLN U 132 -30.00 84.75 32.37
CA GLN U 132 -29.90 85.71 33.46
C GLN U 132 -28.85 86.76 33.13
N ASP U 133 -28.61 87.66 34.09
CA ASP U 133 -27.56 88.63 33.94
C ASP U 133 -26.19 87.94 34.03
N PRO U 134 -25.18 88.47 33.33
CA PRO U 134 -23.85 87.83 33.38
C PRO U 134 -23.27 87.75 34.77
N MET U 135 -23.57 88.73 35.64
CA MET U 135 -23.06 88.67 37.00
C MET U 135 -23.70 87.54 37.80
N PHE U 136 -25.00 87.30 37.57
CA PHE U 136 -25.73 86.27 38.29
C PHE U 136 -25.60 84.89 37.66
N THR U 137 -25.03 84.79 36.47
CA THR U 137 -24.93 83.51 35.80
C THR U 137 -23.92 82.62 36.51
N PRO U 138 -24.29 81.41 36.90
CA PRO U 138 -23.34 80.52 37.57
C PRO U 138 -22.22 80.09 36.64
N LYS U 139 -21.10 79.70 37.24
CA LYS U 139 -19.94 79.27 36.47
C LYS U 139 -20.26 78.02 35.67
N GLY U 140 -19.68 77.93 34.48
CA GLY U 140 -19.88 76.81 33.59
C GLY U 140 -21.07 76.92 32.67
N CYS U 141 -21.88 77.97 32.81
CA CYS U 141 -23.02 78.21 31.95
C CYS U 141 -22.78 79.48 31.16
N ASP U 142 -22.86 79.37 29.83
CA ASP U 142 -22.69 80.54 28.98
C ASP U 142 -23.91 81.44 29.07
N ASN U 143 -23.70 82.72 28.79
CA ASN U 143 -24.77 83.70 28.88
C ASN U 143 -25.15 84.24 27.51
N PHE V 1 -34.46 125.56 87.18
CA PHE V 1 -35.38 124.79 86.36
C PHE V 1 -36.64 125.59 86.05
N THR V 2 -37.01 125.64 84.78
CA THR V 2 -38.18 126.37 84.33
C THR V 2 -39.23 125.39 83.83
N LEU V 3 -40.50 125.84 83.84
CA LEU V 3 -41.57 124.98 83.35
C LEU V 3 -41.46 124.75 81.85
N ILE V 4 -40.92 125.71 81.11
CA ILE V 4 -40.71 125.49 79.68
C ILE V 4 -39.67 124.40 79.45
N GLU V 5 -38.64 124.35 80.30
CA GLU V 5 -37.63 123.29 80.21
C GLU V 5 -38.27 121.92 80.38
N LEU V 6 -39.11 121.77 81.40
CA LEU V 6 -39.74 120.49 81.69
C LEU V 6 -40.79 120.12 80.65
N MET V 7 -41.52 121.10 80.13
CA MET V 7 -42.52 120.81 79.11
C MET V 7 -41.86 120.41 77.80
N ILE V 8 -40.72 121.00 77.45
CA ILE V 8 -39.99 120.55 76.28
C ILE V 8 -39.51 119.12 76.48
N VAL V 9 -39.06 118.77 77.70
CA VAL V 9 -38.62 117.41 77.99
C VAL V 9 -39.80 116.45 77.84
N VAL V 10 -40.97 116.82 78.34
CA VAL V 10 -42.15 115.97 78.23
C VAL V 10 -42.54 115.77 76.76
N ALA V 11 -42.50 116.85 75.99
CA ALA V 11 -42.83 116.75 74.57
C ALA V 11 -41.85 115.85 73.83
N ILE V 12 -40.56 115.97 74.13
CA ILE V 12 -39.56 115.14 73.46
C ILE V 12 -39.68 113.69 73.93
N ILE V 13 -40.09 113.47 75.18
CA ILE V 13 -40.35 112.10 75.64
C ILE V 13 -41.50 111.50 74.86
N GLY V 14 -42.58 112.26 74.67
CA GLY V 14 -43.70 111.77 73.88
C GLY V 14 -43.33 111.51 72.44
N ILE V 15 -42.51 112.39 71.86
CA ILE V 15 -42.09 112.23 70.47
C ILE V 15 -41.18 111.02 70.32
N LEU V 16 -40.28 110.80 71.29
CA LEU V 16 -39.37 109.66 71.26
C LEU V 16 -40.12 108.35 71.45
N ALA V 17 -41.28 108.39 72.10
CA ALA V 17 -42.20 107.27 72.10
C ALA V 17 -42.95 107.28 70.77
N ALA V 18 -44.03 106.52 70.67
CA ALA V 18 -44.88 106.44 69.48
C ALA V 18 -44.15 105.90 68.26
N ILE V 19 -42.93 105.41 68.42
CA ILE V 19 -42.21 104.78 67.32
C ILE V 19 -42.89 103.46 67.00
N ALA V 20 -43.40 103.34 65.78
CA ALA V 20 -44.15 102.14 65.40
C ALA V 20 -43.26 100.92 65.42
N ILE V 21 -43.75 99.84 66.00
CA ILE V 21 -43.04 98.57 66.09
C ILE V 21 -43.67 97.61 65.09
N PRO V 22 -42.99 97.25 64.01
CA PRO V 22 -43.57 96.35 63.02
C PRO V 22 -43.66 94.93 63.56
N GLN V 23 -44.32 94.08 62.77
CA GLN V 23 -44.45 92.67 63.13
C GLN V 23 -43.08 92.00 63.09
N TYR V 24 -42.83 91.12 64.06
CA TYR V 24 -41.56 90.41 64.15
C TYR V 24 -41.69 88.92 64.36
N GLN V 25 -42.87 88.41 64.74
CA GLN V 25 -43.02 86.98 64.96
C GLN V 25 -42.93 86.19 63.65
N ASN V 26 -43.28 86.82 62.53
CA ASN V 26 -43.15 86.14 61.24
C ASN V 26 -41.69 85.82 60.94
N TYR V 27 -40.79 86.75 61.25
CA TYR V 27 -39.37 86.52 61.02
C TYR V 27 -38.88 85.34 61.85
N VAL V 28 -39.28 85.29 63.12
CA VAL V 28 -38.87 84.21 64.01
C VAL V 28 -39.42 82.87 63.53
N ALA V 29 -40.69 82.86 63.10
CA ALA V 29 -41.28 81.62 62.60
C ALA V 29 -40.57 81.13 61.34
N ARG V 30 -40.26 82.04 60.42
CA ARG V 30 -39.57 81.66 59.20
C ARG V 30 -38.17 81.13 59.51
N SER V 31 -37.46 81.79 60.43
CA SER V 31 -36.13 81.32 60.81
C SER V 31 -36.20 79.96 61.48
N GLU V 32 -37.22 79.73 62.31
CA GLU V 32 -37.39 78.43 62.94
C GLU V 32 -37.65 77.34 61.91
N GLY V 33 -38.50 77.63 60.92
CA GLY V 33 -38.74 76.65 59.87
C GLY V 33 -37.49 76.34 59.06
N ALA V 34 -36.73 77.39 58.72
CA ALA V 34 -35.48 77.17 57.99
C ALA V 34 -34.49 76.35 58.81
N SER V 35 -34.39 76.64 60.11
CA SER V 35 -33.47 75.90 60.98
C SER V 35 -33.88 74.44 61.08
N ALA V 36 -35.19 74.17 61.23
CA ALA V 36 -35.64 72.79 61.29
C ALA V 36 -35.36 72.05 60.00
N LEU V 37 -35.64 72.69 58.85
CA LEU V 37 -35.38 72.03 57.57
C LEU V 37 -33.89 71.75 57.38
N ALA V 38 -33.04 72.72 57.74
CA ALA V 38 -31.60 72.50 57.65
C ALA V 38 -31.12 71.46 58.64
N THR V 39 -31.81 71.27 59.75
CA THR V 39 -31.44 70.23 60.70
C THR V 39 -31.77 68.84 60.17
N ILE V 40 -32.96 68.67 59.60
CA ILE V 40 -33.38 67.33 59.16
C ILE V 40 -32.99 67.03 57.72
N ASN V 41 -32.51 68.00 56.95
CA ASN V 41 -32.12 67.72 55.57
C ASN V 41 -30.95 66.76 55.46
N PRO V 42 -29.84 66.90 56.20
CA PRO V 42 -28.73 65.95 56.05
C PRO V 42 -29.10 64.52 56.43
N LEU V 43 -30.16 64.31 57.20
CA LEU V 43 -30.57 62.96 57.55
C LEU V 43 -31.07 62.17 56.34
N LYS V 44 -31.40 62.85 55.23
CA LYS V 44 -31.73 62.14 54.01
C LYS V 44 -30.53 61.37 53.47
N THR V 45 -29.34 61.97 53.56
CA THR V 45 -28.14 61.30 53.10
C THR V 45 -27.87 60.03 53.90
N THR V 46 -28.02 60.10 55.23
CA THR V 46 -27.76 58.94 56.07
C THR V 46 -28.70 57.79 55.74
N VAL V 47 -29.99 58.07 55.62
CA VAL V 47 -30.97 57.03 55.34
C VAL V 47 -30.72 56.40 53.98
N GLU V 48 -30.51 57.24 52.96
CA GLU V 48 -30.31 56.73 51.61
C GLU V 48 -29.02 55.91 51.52
N GLU V 49 -27.94 56.39 52.14
CA GLU V 49 -26.70 55.64 52.11
C GLU V 49 -26.82 54.31 52.85
N SER V 50 -27.48 54.31 54.01
CA SER V 50 -27.64 53.06 54.75
C SER V 50 -28.50 52.07 53.98
N LEU V 51 -29.56 52.55 53.33
CA LEU V 51 -30.37 51.66 52.50
C LEU V 51 -29.60 51.15 51.30
N SER V 52 -28.72 51.97 50.73
CA SER V 52 -27.91 51.53 49.59
C SER V 52 -26.95 50.43 49.99
N ARG V 53 -26.39 50.50 51.19
CA ARG V 53 -25.43 49.51 51.65
C ARG V 53 -26.10 48.25 52.21
N GLY V 54 -27.43 48.20 52.23
CA GLY V 54 -28.14 47.03 52.68
C GLY V 54 -28.58 47.04 54.13
N ILE V 55 -28.24 48.08 54.89
CA ILE V 55 -28.68 48.15 56.28
C ILE V 55 -30.20 48.22 56.32
N ALA V 56 -30.80 47.40 57.20
CA ALA V 56 -32.25 47.36 57.30
C ALA V 56 -32.79 48.70 57.75
N GLY V 57 -33.97 49.05 57.22
CA GLY V 57 -34.58 50.33 57.57
C GLY V 57 -34.89 50.44 59.05
N SER V 58 -35.30 49.33 59.67
CA SER V 58 -35.57 49.33 61.10
C SER V 58 -34.31 49.53 61.92
N LYS V 59 -33.13 49.33 61.34
CA LYS V 59 -31.87 49.49 62.04
C LYS V 59 -31.31 50.91 61.92
N ILE V 60 -31.97 51.79 61.17
CA ILE V 60 -31.55 53.18 61.03
C ILE V 60 -32.26 53.96 62.12
N LYS V 61 -31.53 54.31 63.18
CA LYS V 61 -32.08 55.04 64.31
C LYS V 61 -31.37 56.38 64.45
N ILE V 62 -31.81 57.14 65.44
CA ILE V 62 -31.27 58.47 65.72
C ILE V 62 -30.62 58.45 67.10
N GLY V 63 -29.37 58.90 67.15
CA GLY V 63 -28.64 58.93 68.40
C GLY V 63 -27.16 59.04 68.13
N THR V 64 -26.41 59.26 69.22
CA THR V 64 -24.96 59.38 69.14
C THR V 64 -24.25 58.06 69.36
N THR V 65 -24.98 56.95 69.52
CA THR V 65 -24.36 55.64 69.66
C THR V 65 -23.55 55.31 68.42
N ALA V 66 -22.36 54.74 68.63
CA ALA V 66 -21.46 54.40 67.53
C ALA V 66 -22.13 53.41 66.58
N SER V 67 -22.27 53.80 65.32
CA SER V 67 -22.91 52.92 64.34
C SER V 67 -22.01 51.74 64.02
N THR V 68 -22.59 50.55 64.03
CA THR V 68 -21.87 49.32 63.72
C THR V 68 -22.04 48.97 62.25
N ALA V 69 -21.58 47.78 61.86
CA ALA V 69 -21.72 47.35 60.48
C ALA V 69 -23.16 47.05 60.12
N THR V 70 -24.00 46.75 61.10
CA THR V 70 -25.40 46.42 60.87
C THR V 70 -26.36 47.52 61.29
N GLU V 71 -25.98 48.36 62.25
CA GLU V 71 -26.82 49.44 62.74
C GLU V 71 -26.21 50.78 62.38
N THR V 72 -27.06 51.75 62.03
CA THR V 72 -26.61 53.09 61.68
C THR V 72 -27.32 54.10 62.55
N TYR V 73 -26.56 55.02 63.14
CA TYR V 73 -27.10 56.12 63.92
C TYR V 73 -26.70 57.44 63.27
N VAL V 74 -27.64 58.38 63.25
CA VAL V 74 -27.42 59.65 62.55
C VAL V 74 -26.34 60.48 63.21
N GLY V 75 -25.99 60.20 64.46
CA GLY V 75 -24.93 60.91 65.14
C GLY V 75 -25.37 62.11 65.95
N VAL V 76 -26.66 62.44 65.98
CA VAL V 76 -27.16 63.55 66.77
C VAL V 76 -28.26 63.04 67.70
N GLU V 77 -28.42 63.74 68.82
CA GLU V 77 -29.49 63.41 69.76
C GLU V 77 -30.83 63.82 69.18
N PRO V 78 -31.91 63.17 69.63
CA PRO V 78 -33.25 63.61 69.18
C PRO V 78 -33.54 65.06 69.53
N ASP V 79 -33.04 65.53 70.67
CA ASP V 79 -33.23 66.90 71.12
C ASP V 79 -32.01 67.78 70.86
N ALA V 80 -31.21 67.43 69.84
CA ALA V 80 -30.03 68.22 69.52
C ALA V 80 -30.40 69.66 69.16
N ASN V 81 -31.46 69.83 68.37
CA ASN V 81 -32.02 71.14 68.10
C ASN V 81 -33.11 71.40 69.14
N LYS V 82 -32.94 72.46 69.93
CA LYS V 82 -33.86 72.72 71.03
C LYS V 82 -35.26 73.08 70.55
N LEU V 83 -35.42 73.41 69.27
CA LEU V 83 -36.74 73.76 68.75
C LEU V 83 -37.71 72.59 68.86
N GLY V 84 -37.23 71.39 68.55
CA GLY V 84 -38.08 70.21 68.62
C GLY V 84 -37.26 68.95 68.47
N VAL V 85 -37.94 67.82 68.64
CA VAL V 85 -37.28 66.52 68.55
C VAL V 85 -37.31 66.04 67.11
N ILE V 86 -36.39 65.12 66.80
CA ILE V 86 -36.29 64.51 65.47
C ILE V 86 -36.54 63.02 65.62
N ALA V 87 -37.42 62.48 64.79
CA ALA V 87 -37.76 61.07 64.81
C ALA V 87 -37.50 60.47 63.43
N VAL V 88 -36.78 59.35 63.40
CA VAL V 88 -36.51 58.62 62.18
C VAL V 88 -37.18 57.27 62.30
N ALA V 89 -38.11 56.98 61.39
CA ALA V 89 -38.88 55.73 61.38
C ALA V 89 -38.91 55.21 59.94
N ILE V 90 -37.94 54.36 59.61
CA ILE V 90 -37.82 53.77 58.28
C ILE V 90 -38.21 52.31 58.37
N GLU V 91 -39.10 51.89 57.48
CA GLU V 91 -39.51 50.50 57.44
C GLU V 91 -38.46 49.66 56.70
N ASP V 92 -38.60 48.33 56.82
CA ASP V 92 -37.64 47.43 56.18
C ASP V 92 -37.74 47.51 54.66
N SER V 93 -38.91 47.85 54.14
CA SER V 93 -39.08 47.97 52.69
C SER V 93 -38.41 49.21 52.12
N GLY V 94 -37.92 50.11 52.96
CA GLY V 94 -37.33 51.36 52.53
C GLY V 94 -38.23 52.56 52.69
N ALA V 95 -39.53 52.36 52.87
CA ALA V 95 -40.44 53.46 53.10
C ALA V 95 -40.32 53.98 54.52
N GLY V 96 -40.41 55.29 54.67
CA GLY V 96 -40.30 55.91 55.98
C GLY V 96 -40.33 57.40 55.85
N ASP V 97 -40.24 58.06 57.00
CA ASP V 97 -40.26 59.51 57.07
C ASP V 97 -39.37 60.00 58.20
N ILE V 98 -38.89 61.23 58.05
CA ILE V 98 -38.11 61.91 59.07
C ILE V 98 -38.91 63.14 59.48
N THR V 99 -39.25 63.22 60.76
CA THR V 99 -40.15 64.26 61.27
C THR V 99 -39.42 65.16 62.25
N PHE V 100 -39.73 66.45 62.20
CA PHE V 100 -39.25 67.44 63.16
C PHE V 100 -40.48 68.10 63.76
N THR V 101 -40.82 67.74 64.99
CA THR V 101 -41.99 68.26 65.67
C THR V 101 -41.56 69.34 66.66
N PHE V 102 -42.00 70.57 66.43
CA PHE V 102 -41.70 71.65 67.35
C PHE V 102 -42.39 71.42 68.68
N GLN V 103 -41.67 71.67 69.77
CA GLN V 103 -42.16 71.44 71.12
C GLN V 103 -42.54 72.75 71.78
N THR V 104 -43.68 72.75 72.47
CA THR V 104 -44.12 73.90 73.23
C THR V 104 -43.17 74.16 74.39
N GLY V 105 -42.85 75.44 74.61
CA GLY V 105 -41.89 75.83 75.63
C GLY V 105 -40.52 76.16 75.10
N THR V 106 -40.21 75.78 73.86
CA THR V 106 -38.94 76.12 73.24
C THR V 106 -39.07 76.62 71.81
N SER V 107 -40.29 76.72 71.27
CA SER V 107 -40.51 77.19 69.92
C SER V 107 -41.59 78.28 69.94
N SER V 108 -41.58 79.11 68.91
CA SER V 108 -42.53 80.21 68.83
C SER V 108 -43.96 79.67 68.77
N PRO V 109 -44.94 80.42 69.28
CA PRO V 109 -46.31 79.92 69.30
C PRO V 109 -46.87 79.60 67.93
N LYS V 110 -46.43 80.32 66.88
CA LYS V 110 -46.93 80.04 65.55
C LYS V 110 -46.49 78.66 65.06
N ASN V 111 -45.25 78.28 65.34
CA ASN V 111 -44.70 77.02 64.89
C ASN V 111 -44.84 75.89 65.90
N ALA V 112 -45.42 76.15 67.07
CA ALA V 112 -45.51 75.12 68.11
C ALA V 112 -46.40 73.98 67.65
N THR V 113 -45.98 72.75 67.99
CA THR V 113 -46.69 71.51 67.67
C THR V 113 -46.87 71.30 66.17
N LYS V 114 -46.01 71.88 65.35
CA LYS V 114 -46.03 71.66 63.91
C LYS V 114 -44.97 70.63 63.55
N VAL V 115 -45.23 69.90 62.47
CA VAL V 115 -44.38 68.78 62.05
C VAL V 115 -43.91 69.02 60.62
N ILE V 116 -42.61 68.87 60.40
CA ILE V 116 -42.02 68.87 59.07
C ILE V 116 -41.59 67.44 58.76
N THR V 117 -42.20 66.84 57.74
CA THR V 117 -42.03 65.43 57.44
C THR V 117 -41.30 65.27 56.11
N LEU V 118 -40.23 64.49 56.12
CA LEU V 118 -39.50 64.12 54.91
C LEU V 118 -39.89 62.68 54.57
N ASN V 119 -41.02 62.53 53.89
CA ASN V 119 -41.54 61.21 53.58
C ASN V 119 -40.76 60.57 52.44
N ARG V 120 -40.41 59.30 52.61
CA ARG V 120 -39.74 58.52 51.58
C ARG V 120 -40.61 57.32 51.22
N THR V 121 -40.89 57.16 49.92
CA THR V 121 -41.69 56.04 49.47
C THR V 121 -40.79 54.81 49.28
N ALA V 122 -41.44 53.66 49.06
CA ALA V 122 -40.70 52.43 48.83
C ALA V 122 -39.91 52.45 47.53
N ASP V 123 -40.24 53.37 46.62
CA ASP V 123 -39.54 53.51 45.36
C ASP V 123 -38.36 54.47 45.44
N GLY V 124 -38.10 55.05 46.60
CA GLY V 124 -36.96 55.94 46.77
C GLY V 124 -37.23 57.39 46.43
N VAL V 125 -38.48 57.83 46.42
CA VAL V 125 -38.81 59.21 46.10
C VAL V 125 -38.97 60.00 47.40
N TRP V 126 -38.23 61.09 47.51
CA TRP V 126 -38.23 61.93 48.71
C TRP V 126 -39.18 63.10 48.50
N ALA V 127 -40.01 63.38 49.50
CA ALA V 127 -40.92 64.51 49.48
C ALA V 127 -40.94 65.16 50.86
N CYS V 128 -41.12 66.47 50.90
CA CYS V 128 -41.19 67.23 52.13
C CYS V 128 -42.60 67.76 52.32
N LYS V 129 -43.19 67.48 53.48
CA LYS V 129 -44.52 67.94 53.83
C LYS V 129 -44.46 68.66 55.17
N SER V 130 -45.12 69.82 55.25
CA SER V 130 -45.11 70.63 56.45
C SER V 130 -46.53 71.01 56.83
N THR V 131 -46.82 70.98 58.13
CA THR V 131 -48.12 71.35 58.66
C THR V 131 -48.19 72.79 59.15
N GLN V 132 -47.12 73.57 58.96
CA GLN V 132 -47.10 74.95 59.40
C GLN V 132 -48.00 75.80 58.50
N ASP V 133 -48.02 77.10 58.77
CA ASP V 133 -48.74 78.02 57.91
C ASP V 133 -48.02 78.12 56.56
N PRO V 134 -48.77 78.37 55.49
CA PRO V 134 -48.13 78.49 54.16
C PRO V 134 -47.09 79.59 54.09
N MET V 135 -47.28 80.69 54.82
CA MET V 135 -46.29 81.76 54.80
C MET V 135 -44.99 81.34 55.49
N PHE V 136 -45.10 80.54 56.56
CA PHE V 136 -43.93 80.11 57.31
C PHE V 136 -43.30 78.84 56.75
N THR V 137 -43.95 78.19 55.79
CA THR V 137 -43.42 76.94 55.24
C THR V 137 -42.17 77.23 54.40
N PRO V 138 -41.06 76.57 54.67
CA PRO V 138 -39.85 76.81 53.86
C PRO V 138 -40.03 76.32 52.44
N LYS V 139 -39.22 76.89 51.55
CA LYS V 139 -39.28 76.51 50.14
C LYS V 139 -38.90 75.06 49.95
N GLY V 140 -39.56 74.41 48.98
CA GLY V 140 -39.31 73.02 48.67
C GLY V 140 -40.13 72.03 49.48
N CYS V 141 -40.90 72.51 50.45
CA CYS V 141 -41.77 71.65 51.25
C CYS V 141 -43.22 72.02 50.97
N ASP V 142 -44.01 71.04 50.57
CA ASP V 142 -45.43 71.28 50.33
C ASP V 142 -46.17 71.47 51.64
N ASN V 143 -47.29 72.18 51.57
CA ASN V 143 -48.07 72.47 52.76
C ASN V 143 -49.41 71.75 52.73
N PHE W 1 -42.09 134.73 88.80
CA PHE W 1 -42.14 133.33 89.22
C PHE W 1 -43.07 133.16 90.42
N THR W 2 -43.98 132.21 90.33
CA THR W 2 -44.95 131.93 91.38
C THR W 2 -44.65 130.57 92.00
N LEU W 3 -45.11 130.40 93.25
CA LEU W 3 -44.90 129.12 93.93
C LEU W 3 -45.69 128.00 93.26
N ILE W 4 -46.85 128.32 92.67
CA ILE W 4 -47.59 127.29 91.94
C ILE W 4 -46.81 126.84 90.71
N GLU W 5 -46.11 127.76 90.06
CA GLU W 5 -45.28 127.40 88.91
C GLU W 5 -44.21 126.40 89.31
N LEU W 6 -43.52 126.67 90.42
CA LEU W 6 -42.43 125.81 90.88
C LEU W 6 -42.95 124.49 91.43
N MET W 7 -44.10 124.49 92.09
CA MET W 7 -44.65 123.24 92.60
C MET W 7 -45.13 122.34 91.47
N ILE W 8 -45.69 122.92 90.41
CA ILE W 8 -46.04 122.12 89.23
C ILE W 8 -44.78 121.52 88.61
N VAL W 9 -43.69 122.29 88.56
CA VAL W 9 -42.43 121.76 88.04
C VAL W 9 -41.93 120.62 88.89
N VAL W 10 -42.00 120.76 90.22
CA VAL W 10 -41.55 119.70 91.12
C VAL W 10 -42.41 118.44 90.92
N ALA W 11 -43.73 118.62 90.81
CA ALA W 11 -44.61 117.48 90.61
C ALA W 11 -44.32 116.78 89.29
N ILE W 12 -44.07 117.54 88.22
CA ILE W 12 -43.78 116.92 86.93
C ILE W 12 -42.41 116.26 86.94
N ILE W 13 -41.46 116.81 87.72
CA ILE W 13 -40.17 116.16 87.89
C ILE W 13 -40.34 114.81 88.57
N GLY W 14 -41.16 114.77 89.62
CA GLY W 14 -41.41 113.51 90.30
C GLY W 14 -42.14 112.51 89.41
N ILE W 15 -43.09 112.99 88.61
CA ILE W 15 -43.83 112.11 87.71
C ILE W 15 -42.91 111.57 86.61
N LEU W 16 -42.03 112.43 86.09
CA LEU W 16 -41.11 112.01 85.04
C LEU W 16 -40.07 111.03 85.57
N ALA W 17 -39.81 111.05 86.86
CA ALA W 17 -39.06 109.99 87.52
C ALA W 17 -40.01 108.83 87.75
N ALA W 18 -39.61 107.87 88.58
CA ALA W 18 -40.43 106.71 88.94
C ALA W 18 -40.74 105.82 87.75
N ILE W 19 -40.14 106.06 86.60
CA ILE W 19 -40.32 105.19 85.44
C ILE W 19 -39.61 103.88 85.73
N ALA W 20 -40.36 102.78 85.76
CA ALA W 20 -39.81 101.49 86.11
C ALA W 20 -38.78 101.05 85.07
N ILE W 21 -37.63 100.58 85.54
CA ILE W 21 -36.55 100.09 84.71
C ILE W 21 -36.56 98.56 84.77
N PRO W 22 -36.93 97.87 83.70
CA PRO W 22 -36.95 96.41 83.74
C PRO W 22 -35.54 95.82 83.76
N GLN W 23 -35.48 94.51 83.95
CA GLN W 23 -34.22 93.81 83.94
C GLN W 23 -33.59 93.85 82.56
N TYR W 24 -32.28 94.04 82.51
CA TYR W 24 -31.55 94.12 81.25
C TYR W 24 -30.31 93.26 81.19
N GLN W 25 -29.81 92.75 82.31
CA GLN W 25 -28.60 91.93 82.27
C GLN W 25 -28.86 90.58 81.60
N ASN W 26 -30.10 90.09 81.63
CA ASN W 26 -30.42 88.85 80.96
C ASN W 26 -30.23 88.97 79.45
N TYR W 27 -30.63 90.12 78.89
CA TYR W 27 -30.45 90.35 77.46
C TYR W 27 -28.97 90.34 77.10
N VAL W 28 -28.15 91.02 77.90
CA VAL W 28 -26.71 91.07 77.64
C VAL W 28 -26.09 89.69 77.75
N ALA W 29 -26.49 88.91 78.76
CA ALA W 29 -25.95 87.57 78.92
C ALA W 29 -26.33 86.67 77.75
N ARG W 30 -27.58 86.75 77.31
CA ARG W 30 -28.02 85.94 76.17
C ARG W 30 -27.28 86.33 74.89
N SER W 31 -27.10 87.64 74.68
CA SER W 31 -26.36 88.09 73.50
C SER W 31 -24.91 87.64 73.56
N GLU W 32 -24.30 87.68 74.75
CA GLU W 32 -22.93 87.20 74.90
C GLU W 32 -22.82 85.72 74.59
N GLY W 33 -23.76 84.92 75.08
CA GLY W 33 -23.76 83.50 74.77
C GLY W 33 -23.91 83.23 73.29
N ALA W 34 -24.83 83.95 72.64
CA ALA W 34 -25.01 83.79 71.20
C ALA W 34 -23.77 84.19 70.43
N SER W 35 -23.12 85.28 70.84
CA SER W 35 -21.91 85.73 70.16
C SER W 35 -20.78 84.72 70.33
N ALA W 36 -20.62 84.16 71.53
CA ALA W 36 -19.60 83.14 71.74
C ALA W 36 -19.86 81.91 70.90
N LEU W 37 -21.11 81.44 70.87
CA LEU W 37 -21.43 80.25 70.07
C LEU W 37 -21.20 80.51 68.59
N ALA W 38 -21.59 81.68 68.10
CA ALA W 38 -21.34 82.02 66.70
C ALA W 38 -19.86 82.20 66.41
N THR W 39 -19.06 82.57 67.42
CA THR W 39 -17.62 82.69 67.22
C THR W 39 -16.96 81.32 67.10
N ILE W 40 -17.34 80.37 67.96
CA ILE W 40 -16.67 79.07 67.96
C ILE W 40 -17.33 78.04 67.05
N ASN W 41 -18.51 78.34 66.52
CA ASN W 41 -19.18 77.39 65.63
C ASN W 41 -18.39 77.12 64.34
N PRO W 42 -17.90 78.13 63.60
CA PRO W 42 -17.17 77.83 62.36
C PRO W 42 -15.89 77.04 62.58
N LEU W 43 -15.35 77.02 63.79
CA LEU W 43 -14.15 76.24 64.06
C LEU W 43 -14.39 74.74 63.95
N LYS W 44 -15.66 74.31 64.00
CA LYS W 44 -15.97 72.91 63.76
C LYS W 44 -15.62 72.51 62.34
N THR W 45 -15.89 73.39 61.37
CA THR W 45 -15.56 73.10 59.98
C THR W 45 -14.05 72.93 59.79
N THR W 46 -13.26 73.80 60.42
CA THR W 46 -11.81 73.73 60.26
C THR W 46 -11.26 72.42 60.80
N VAL W 47 -11.68 72.04 62.01
CA VAL W 47 -11.18 70.82 62.63
C VAL W 47 -11.58 69.60 61.81
N GLU W 48 -12.86 69.53 61.42
CA GLU W 48 -13.34 68.37 60.66
C GLU W 48 -12.65 68.26 59.32
N GLU W 49 -12.48 69.40 58.62
CA GLU W 49 -11.81 69.36 57.33
C GLU W 49 -10.34 68.96 57.47
N SER W 50 -9.65 69.49 58.48
CA SER W 50 -8.26 69.13 58.67
C SER W 50 -8.10 67.66 59.02
N LEU W 51 -8.99 67.13 59.85
CA LEU W 51 -8.96 65.70 60.16
C LEU W 51 -9.28 64.85 58.95
N SER W 52 -10.17 65.33 58.08
CA SER W 52 -10.51 64.58 56.86
C SER W 52 -9.32 64.50 55.92
N ARG W 53 -8.53 65.57 55.83
CA ARG W 53 -7.38 65.60 54.94
C ARG W 53 -6.15 64.93 55.53
N GLY W 54 -6.24 64.41 56.76
CA GLY W 54 -5.14 63.70 57.36
C GLY W 54 -4.24 64.51 58.27
N ILE W 55 -4.49 65.81 58.41
CA ILE W 55 -3.68 66.63 59.30
C ILE W 55 -3.86 66.14 60.73
N ALA W 56 -2.74 65.98 61.44
CA ALA W 56 -2.79 65.48 62.80
C ALA W 56 -3.57 66.44 63.70
N GLY W 57 -4.29 65.87 64.67
CA GLY W 57 -5.09 66.69 65.57
C GLY W 57 -4.24 67.63 66.39
N SER W 58 -3.04 67.19 66.78
CA SER W 58 -2.14 68.05 67.54
C SER W 58 -1.61 69.21 66.69
N LYS W 59 -1.72 69.12 65.36
CA LYS W 59 -1.26 70.17 64.47
C LYS W 59 -2.34 71.21 64.17
N ILE W 60 -3.56 71.01 64.66
CA ILE W 60 -4.64 71.97 64.46
C ILE W 60 -4.60 72.94 65.63
N LYS W 61 -4.09 74.14 65.39
CA LYS W 61 -3.94 75.15 66.42
C LYS W 61 -4.78 76.37 66.05
N ILE W 62 -4.76 77.38 66.93
CA ILE W 62 -5.51 78.60 66.76
C ILE W 62 -4.54 79.77 66.63
N GLY W 63 -4.71 80.56 65.58
CA GLY W 63 -3.84 81.69 65.34
C GLY W 63 -3.93 82.13 63.91
N THR W 64 -3.31 83.28 63.63
CA THR W 64 -3.30 83.85 62.29
C THR W 64 -2.08 83.42 61.48
N THR W 65 -1.24 82.53 62.02
CA THR W 65 -0.09 82.03 61.27
C THR W 65 -0.56 81.29 60.03
N ALA W 66 0.12 81.51 58.91
CA ALA W 66 -0.25 80.88 57.65
C ALA W 66 -0.20 79.37 57.75
N SER W 67 -1.33 78.71 57.52
CA SER W 67 -1.38 77.26 57.62
C SER W 67 -0.61 76.63 56.47
N THR W 68 0.23 75.64 56.80
CA THR W 68 1.02 74.94 55.82
C THR W 68 0.31 73.65 55.40
N ALA W 69 0.99 72.80 54.64
CA ALA W 69 0.40 71.55 54.20
C ALA W 69 0.24 70.57 55.35
N THR W 70 1.01 70.74 56.42
CA THR W 70 0.95 69.84 57.58
C THR W 70 0.31 70.47 58.81
N GLU W 71 0.35 71.79 58.93
CA GLU W 71 -0.22 72.50 60.06
C GLU W 71 -1.41 73.34 59.59
N THR W 72 -2.44 73.41 60.43
CA THR W 72 -3.64 74.19 60.13
C THR W 72 -3.90 75.16 61.27
N TYR W 73 -4.12 76.42 60.92
CA TYR W 73 -4.49 77.45 61.88
C TYR W 73 -5.86 78.00 61.52
N VAL W 74 -6.68 78.24 62.55
CA VAL W 74 -8.06 78.67 62.31
C VAL W 74 -8.14 80.05 61.70
N GLY W 75 -7.07 80.84 61.76
CA GLY W 75 -7.06 82.15 61.14
C GLY W 75 -7.47 83.29 62.04
N VAL W 76 -7.82 83.04 63.29
CA VAL W 76 -8.20 84.10 64.22
C VAL W 76 -7.33 83.98 65.47
N GLU W 77 -7.13 85.12 66.13
CA GLU W 77 -6.39 85.15 67.37
C GLU W 77 -7.21 84.52 68.48
N PRO W 78 -6.55 84.00 69.53
CA PRO W 78 -7.32 83.48 70.68
C PRO W 78 -8.20 84.53 71.32
N ASP W 79 -7.75 85.79 71.33
CA ASP W 79 -8.50 86.90 71.90
C ASP W 79 -9.20 87.74 70.83
N ALA W 80 -9.52 87.13 69.69
CA ALA W 80 -10.20 87.87 68.63
C ALA W 80 -11.55 88.40 69.10
N ASN W 81 -12.31 87.58 69.82
CA ASN W 81 -13.52 88.03 70.48
C ASN W 81 -13.16 88.48 71.88
N LYS W 82 -13.42 89.75 72.19
CA LYS W 82 -12.99 90.31 73.47
C LYS W 82 -13.72 89.70 74.65
N LEU W 83 -14.82 88.99 74.42
CA LEU W 83 -15.56 88.38 75.52
C LEU W 83 -14.73 87.34 76.23
N GLY W 84 -13.97 86.54 75.48
CA GLY W 84 -13.13 85.52 76.08
C GLY W 84 -12.20 84.91 75.06
N VAL W 85 -11.32 84.05 75.54
CA VAL W 85 -10.34 83.42 74.68
C VAL W 85 -10.91 82.12 74.12
N ILE W 86 -10.33 81.67 73.01
CA ILE W 86 -10.73 80.44 72.35
C ILE W 86 -9.54 79.48 72.37
N ALA W 87 -9.78 78.24 72.80
CA ALA W 87 -8.74 77.23 72.87
C ALA W 87 -9.17 76.02 72.06
N VAL W 88 -8.27 75.56 71.19
CA VAL W 88 -8.49 74.36 70.37
C VAL W 88 -7.47 73.33 70.81
N ALA W 89 -7.95 72.18 71.30
CA ALA W 89 -7.10 71.10 71.79
C ALA W 89 -7.65 69.79 71.22
N ILE W 90 -7.13 69.38 70.07
CA ILE W 90 -7.55 68.16 69.40
C ILE W 90 -6.43 67.13 69.53
N GLU W 91 -6.79 65.93 69.98
CA GLU W 91 -5.82 64.86 70.10
C GLU W 91 -5.56 64.23 68.73
N ASP W 92 -4.50 63.41 68.66
CA ASP W 92 -4.15 62.76 67.41
C ASP W 92 -5.20 61.75 66.99
N SER W 93 -5.94 61.17 67.94
CA SER W 93 -6.98 60.22 67.62
C SER W 93 -8.22 60.88 67.01
N GLY W 94 -8.30 62.20 67.01
CA GLY W 94 -9.44 62.93 66.53
C GLY W 94 -10.34 63.48 67.62
N ALA W 95 -10.20 62.98 68.84
CA ALA W 95 -10.98 63.49 69.96
C ALA W 95 -10.42 64.83 70.44
N GLY W 96 -11.32 65.73 70.79
CA GLY W 96 -10.91 67.04 71.25
C GLY W 96 -12.12 67.90 71.51
N ASP W 97 -11.84 69.14 71.93
CA ASP W 97 -12.89 70.10 72.23
C ASP W 97 -12.42 71.51 71.88
N ILE W 98 -13.39 72.37 71.60
CA ILE W 98 -13.16 73.79 71.35
C ILE W 98 -13.89 74.54 72.44
N THR W 99 -13.15 75.33 73.23
CA THR W 99 -13.69 75.99 74.40
C THR W 99 -13.65 77.51 74.23
N PHE W 100 -14.68 78.18 74.71
CA PHE W 100 -14.74 79.63 74.78
C PHE W 100 -14.98 80.00 76.24
N THR W 101 -13.94 80.47 76.91
CA THR W 101 -14.01 80.83 78.32
C THR W 101 -14.12 82.34 78.46
N PHE W 102 -15.24 82.81 79.00
CA PHE W 102 -15.42 84.24 79.22
C PHE W 102 -14.45 84.73 80.29
N GLN W 103 -13.84 85.88 80.04
CA GLN W 103 -12.85 86.45 80.92
C GLN W 103 -13.43 87.60 81.73
N THR W 104 -13.10 87.62 83.03
CA THR W 104 -13.52 88.71 83.89
C THR W 104 -12.85 90.02 83.46
N GLY W 105 -13.62 91.10 83.46
CA GLY W 105 -13.15 92.38 83.01
C GLY W 105 -13.61 92.76 81.61
N THR W 106 -14.10 91.80 80.83
CA THR W 106 -14.63 92.08 79.50
C THR W 106 -15.95 91.37 79.21
N SER W 107 -16.51 90.63 80.17
CA SER W 107 -17.77 89.94 79.99
C SER W 107 -18.68 90.25 81.17
N SER W 108 -19.98 90.08 80.96
CA SER W 108 -20.95 90.39 81.99
C SER W 108 -20.74 89.46 83.19
N PRO W 109 -21.07 89.93 84.41
CA PRO W 109 -20.82 89.10 85.60
C PRO W 109 -21.54 87.76 85.57
N LYS W 110 -22.72 87.69 84.93
CA LYS W 110 -23.44 86.42 84.87
C LYS W 110 -22.68 85.38 84.06
N ASN W 111 -22.06 85.79 82.95
CA ASN W 111 -21.37 84.88 82.07
C ASN W 111 -19.87 84.78 82.36
N ALA W 112 -19.37 85.53 83.34
CA ALA W 112 -17.93 85.53 83.60
C ALA W 112 -17.46 84.16 84.07
N THR W 113 -16.28 83.77 83.58
CA THR W 113 -15.63 82.49 83.92
C THR W 113 -16.47 81.28 83.52
N LYS W 114 -17.35 81.42 82.55
CA LYS W 114 -18.12 80.30 82.03
C LYS W 114 -17.49 79.80 80.74
N VAL W 115 -17.66 78.51 80.48
CA VAL W 115 -17.02 77.84 79.36
C VAL W 115 -18.08 77.20 78.47
N ILE W 116 -17.97 77.44 77.17
CA ILE W 116 -18.78 76.77 76.16
C ILE W 116 -17.87 75.80 75.41
N THR W 117 -18.15 74.51 75.52
CA THR W 117 -17.28 73.47 75.01
C THR W 117 -17.95 72.74 73.86
N LEU W 118 -17.24 72.65 72.73
CA LEU W 118 -17.69 71.87 71.58
C LEU W 118 -16.86 70.58 71.57
N ASN W 119 -17.31 69.61 72.34
CA ASN W 119 -16.58 68.36 72.49
C ASN W 119 -16.76 67.47 71.26
N ARG W 120 -15.67 66.90 70.78
CA ARG W 120 -15.68 65.96 69.66
C ARG W 120 -15.12 64.63 70.13
N THR W 121 -15.87 63.56 69.92
CA THR W 121 -15.41 62.23 70.29
C THR W 121 -14.52 61.66 69.20
N ALA W 122 -13.87 60.52 69.51
CA ALA W 122 -13.02 59.87 68.54
C ALA W 122 -13.81 59.31 67.37
N ASP W 123 -15.12 59.15 67.51
CA ASP W 123 -15.98 58.66 66.45
C ASP W 123 -16.52 59.76 65.56
N GLY W 124 -16.17 61.02 65.82
CA GLY W 124 -16.61 62.12 64.99
C GLY W 124 -17.95 62.73 65.36
N VAL W 125 -18.41 62.53 66.60
CA VAL W 125 -19.69 63.07 67.03
C VAL W 125 -19.44 64.39 67.76
N TRP W 126 -20.12 65.44 67.31
CA TRP W 126 -19.96 66.78 67.87
C TRP W 126 -21.07 67.04 68.88
N ALA W 127 -20.71 67.57 70.04
CA ALA W 127 -21.67 67.95 71.06
C ALA W 127 -21.25 69.28 71.68
N CYS W 128 -22.24 70.07 72.08
CA CYS W 128 -22.00 71.36 72.71
C CYS W 128 -22.43 71.31 74.17
N LYS W 129 -21.51 71.68 75.06
CA LYS W 129 -21.78 71.71 76.49
C LYS W 129 -21.43 73.10 77.03
N SER W 130 -22.31 73.64 77.86
CA SER W 130 -22.15 74.98 78.40
C SER W 130 -22.33 74.95 79.92
N THR W 131 -21.48 75.69 80.62
CA THR W 131 -21.55 75.79 82.08
C THR W 131 -22.31 77.03 82.55
N GLN W 132 -22.91 77.78 81.64
CA GLN W 132 -23.65 78.97 82.02
C GLN W 132 -24.97 78.58 82.68
N ASP W 133 -25.78 79.58 83.02
CA ASP W 133 -27.10 79.33 83.54
C ASP W 133 -27.99 78.75 82.43
N PRO W 134 -28.96 77.90 82.79
CA PRO W 134 -29.83 77.33 81.76
C PRO W 134 -30.61 78.38 80.96
N MET W 135 -30.97 79.50 81.59
CA MET W 135 -31.68 80.55 80.86
C MET W 135 -30.78 81.21 79.83
N PHE W 136 -29.50 81.40 80.16
CA PHE W 136 -28.55 82.05 79.26
C PHE W 136 -27.91 81.09 78.27
N THR W 137 -28.11 79.79 78.42
CA THR W 137 -27.48 78.83 77.52
C THR W 137 -28.12 78.91 76.14
N PRO W 138 -27.33 79.09 75.08
CA PRO W 138 -27.90 79.16 73.73
C PRO W 138 -28.48 77.81 73.32
N LYS W 139 -29.41 77.88 72.37
CA LYS W 139 -30.06 76.67 71.86
C LYS W 139 -29.05 75.75 71.21
N GLY W 140 -29.27 74.45 71.36
CA GLY W 140 -28.40 73.44 70.79
C GLY W 140 -27.22 73.05 71.64
N CYS W 141 -27.02 73.71 72.78
CA CYS W 141 -25.95 73.38 73.71
C CYS W 141 -26.57 72.89 75.00
N ASP W 142 -26.17 71.69 75.44
CA ASP W 142 -26.67 71.15 76.69
C ASP W 142 -26.02 71.89 77.87
N ASN W 143 -26.72 71.87 78.99
CA ASN W 143 -26.24 72.56 80.18
C ASN W 143 -25.86 71.57 81.28
#